data_9CI2
#
_entry.id   9CI2
#
_cell.length_a   1.00
_cell.length_b   1.00
_cell.length_c   1.00
_cell.angle_alpha   90.00
_cell.angle_beta   90.00
_cell.angle_gamma   90.00
#
_symmetry.space_group_name_H-M   'P 1'
#
loop_
_entity.id
_entity.type
_entity.pdbx_description
1 polymer 'Protein BUNDLE SHEATH DEFECTIVE 2, chloroplastic'
2 polymer 'Rubisco large subunit'
3 polymer 'Rubisco small subunit'
4 non-polymer 'MAGNESIUM ION'
5 non-polymer 2-CARBOXYARABINITOL-1,5-DIPHOSPHATE
#
loop_
_entity_poly.entity_id
_entity_poly.type
_entity_poly.pdbx_seq_one_letter_code
_entity_poly.pdbx_strand_id
1 'polypeptide(L)'
;MANSLCFFSSPPTFCFQSPSKNPKPSHFFSTNDNTSSLVQKRELLQTSRSQSFEVKAANNNPQGTKPNSLVCANCEGEGC
VACSQCKGGGVNLIDHFNGQFKAGALCWLCRGKKEVLCGDCNGAGFIGGFLSTFDE
;
1,2,3,4
2 'polypeptide(L)'
;MSPQTETKAGVGFKAGVKDYRLTYYTPDYETKDTDILAAFRMTPQPGVPPEEAGAAVAAESSTGTWTTVWTDGLTSLDRY
KGRCYDIEPVAGEENQYIAYVAYPLDLFEEGSVTNMFTSIVGNVFGFKALRALRLEDLRIPPAYSKTFQGPPHGIQVERD
KLNKYGRPLLGCTIKPKLGLSAKNYGRAVYECLRGGLDFT(KCX)DDENVNSQPFMRWRDRFLFVAEAIFKSQAETGEIK
GHYLNATAGTCEEMMKRAQFARELGMPIVMHDYLTGGFTANTTLAHYCRDNGLLLHIHRAMHAVIDRQRNHGIHFRVLAK
ALRMSGGDHIHSGTVVGKLEGEREVTLGFVDLLRDDYIEKDRSRGIYFTQDWVSMPGVLPVASGGIHVWHMPALTEIFGD
DSVLQFGGGTLGHPWGNAPGAVANRVALEACVQARNEGRDLAREGNDIIREASKWSPELAAACEVWKEIKFVFETIDTL
;
A,B,C,D,E,F,G,H
3 'polypeptide(L)'
;MQVWNPIDNPKFETLSYLPPLTDNQIAREIDYMLRNKWIPCLEFDPSGTITTLPGQPGYYGGRYWTMWKLPMFGCNNAGY
VLREIEHCKNAYPGCFIRVLGFDNIRQVQCCAFIVHKPQHHHHHH
;
I,J,K,L
#
# COMPACT_ATOMS: atom_id res chain seq x y z
N GLY A 64 -35.01 47.04 -31.26
CA GLY A 64 -36.21 47.06 -30.41
C GLY A 64 -35.97 47.79 -29.10
N THR A 65 -35.23 48.90 -29.16
CA THR A 65 -34.92 49.68 -27.93
C THR A 65 -35.47 51.10 -28.08
N LYS A 66 -35.88 51.71 -26.97
CA LYS A 66 -36.42 53.10 -27.01
C LYS A 66 -35.31 54.08 -27.35
N PRO A 67 -35.60 55.27 -27.93
CA PRO A 67 -34.56 56.21 -28.34
C PRO A 67 -33.48 56.38 -27.26
N ASN A 68 -32.24 55.99 -27.57
CA ASN A 68 -31.13 56.11 -26.60
C ASN A 68 -31.53 55.45 -25.28
N SER A 69 -31.88 54.17 -25.32
CA SER A 69 -32.28 53.43 -24.09
C SER A 69 -32.45 51.95 -24.42
N LEU A 70 -31.56 51.10 -23.90
CA LEU A 70 -31.67 49.64 -24.15
C LEU A 70 -32.88 49.08 -23.39
N VAL A 71 -34.09 49.41 -23.84
CA VAL A 71 -35.33 48.88 -23.20
C VAL A 71 -36.24 48.33 -24.30
N CYS A 72 -36.61 47.05 -24.22
CA CYS A 72 -37.51 46.44 -25.23
C CYS A 72 -38.68 47.40 -25.49
N ALA A 73 -38.83 47.86 -26.74
CA ALA A 73 -39.91 48.82 -27.09
C ALA A 73 -41.29 48.16 -26.95
N ASN A 74 -41.36 46.83 -27.13
CA ASN A 74 -42.65 46.11 -27.03
C ASN A 74 -43.06 45.99 -25.56
N CYS A 75 -42.48 45.03 -24.84
CA CYS A 75 -42.84 44.80 -23.41
C CYS A 75 -42.68 46.11 -22.61
N GLU A 76 -41.86 47.04 -23.10
CA GLU A 76 -41.64 48.33 -22.40
C GLU A 76 -41.11 48.09 -21.00
N GLY A 77 -40.30 47.03 -20.82
CA GLY A 77 -39.70 46.75 -19.51
C GLY A 77 -40.53 45.78 -18.69
N GLU A 78 -41.51 45.12 -19.30
CA GLU A 78 -42.42 44.22 -18.55
C GLU A 78 -41.97 42.76 -18.73
N GLY A 79 -41.71 42.35 -19.97
CA GLY A 79 -41.30 40.96 -20.25
C GLY A 79 -42.46 40.14 -20.78
N CYS A 80 -43.69 40.43 -20.31
CA CYS A 80 -44.87 39.65 -20.74
C CYS A 80 -45.89 40.58 -21.43
N VAL A 81 -46.50 40.10 -22.51
CA VAL A 81 -47.47 40.94 -23.28
C VAL A 81 -48.89 40.35 -23.14
N ALA A 82 -49.89 40.96 -23.78
CA ALA A 82 -51.29 40.50 -23.62
C ALA A 82 -51.66 39.44 -24.66
N CYS A 83 -52.63 38.57 -24.35
CA CYS A 83 -53.08 37.53 -25.30
C CYS A 83 -53.99 38.19 -26.35
N SER A 84 -53.85 37.77 -27.61
CA SER A 84 -54.70 38.34 -28.70
C SER A 84 -55.89 37.42 -28.96
N GLN A 85 -55.64 36.12 -29.13
CA GLN A 85 -56.74 35.17 -29.44
C GLN A 85 -57.97 35.51 -28.58
N CYS A 86 -57.77 35.69 -27.27
CA CYS A 86 -58.91 36.02 -26.36
C CYS A 86 -59.04 37.54 -26.25
N LYS A 87 -57.96 38.28 -26.55
CA LYS A 87 -57.97 39.75 -26.41
C LYS A 87 -58.56 40.12 -25.04
N GLY A 88 -57.75 40.00 -23.98
CA GLY A 88 -58.22 40.29 -22.61
C GLY A 88 -59.59 39.69 -22.35
N GLY A 89 -59.65 38.37 -22.15
CA GLY A 89 -60.94 37.69 -21.90
C GLY A 89 -60.74 36.32 -21.30
N GLY A 90 -59.82 35.52 -21.88
CA GLY A 90 -59.58 34.15 -21.38
C GLY A 90 -60.71 33.21 -21.77
N VAL A 91 -61.39 33.51 -22.89
CA VAL A 91 -62.49 32.62 -23.38
C VAL A 91 -62.48 32.61 -24.90
N ASN A 92 -62.46 31.42 -25.51
CA ASN A 92 -62.49 31.31 -26.99
C ASN A 92 -63.66 32.14 -27.53
N LEU A 93 -63.41 32.97 -28.53
CA LEU A 93 -64.48 33.82 -29.13
C LEU A 93 -64.98 33.18 -30.43
N ILE A 94 -64.40 32.05 -30.84
CA ILE A 94 -64.85 31.32 -32.06
C ILE A 94 -64.46 29.85 -31.93
N ASP A 95 -64.62 29.06 -32.99
CA ASP A 95 -64.18 27.64 -32.97
C ASP A 95 -62.83 27.56 -33.68
N HIS A 96 -61.73 27.64 -32.93
CA HIS A 96 -60.38 27.67 -33.55
C HIS A 96 -60.05 26.34 -34.23
N PHE A 97 -59.06 26.34 -35.12
CA PHE A 97 -58.61 25.10 -35.80
C PHE A 97 -59.78 24.53 -36.61
N ASN A 98 -60.33 23.40 -36.18
CA ASN A 98 -61.49 22.79 -36.89
C ASN A 98 -62.09 21.69 -36.02
N GLY A 99 -63.14 22.01 -35.25
CA GLY A 99 -63.74 21.03 -34.34
C GLY A 99 -62.79 20.63 -33.22
N GLN A 100 -61.61 21.26 -33.18
CA GLN A 100 -60.61 20.97 -32.12
C GLN A 100 -60.74 22.02 -31.01
N PHE A 101 -61.39 23.15 -31.29
CA PHE A 101 -61.60 24.20 -30.27
C PHE A 101 -62.97 24.84 -30.50
N LYS A 102 -63.76 25.03 -29.44
CA LYS A 102 -65.13 25.59 -29.59
C LYS A 102 -65.16 27.05 -29.11
N ALA A 103 -66.34 27.67 -29.11
CA ALA A 103 -66.45 29.09 -28.71
C ALA A 103 -67.06 29.18 -27.31
N GLY A 104 -66.21 29.17 -26.27
CA GLY A 104 -66.71 29.29 -24.89
C GLY A 104 -65.62 28.96 -23.86
N ALA A 105 -64.88 27.89 -24.09
CA ALA A 105 -63.84 27.45 -23.11
C ALA A 105 -62.72 28.48 -23.04
N LEU A 106 -61.72 28.24 -22.18
CA LEU A 106 -60.60 29.19 -22.03
C LEU A 106 -59.92 29.41 -23.39
N CYS A 107 -59.24 30.55 -23.55
CA CYS A 107 -58.50 30.82 -24.82
C CYS A 107 -57.62 29.62 -25.14
N TRP A 108 -57.47 29.29 -26.42
CA TRP A 108 -56.68 28.09 -26.82
C TRP A 108 -55.18 28.33 -26.59
N LEU A 109 -54.78 29.59 -26.37
CA LEU A 109 -53.35 29.92 -26.17
C LEU A 109 -53.07 30.15 -24.68
N CYS A 110 -53.46 31.32 -24.15
CA CYS A 110 -53.15 31.65 -22.72
C CYS A 110 -53.83 30.66 -21.79
N ARG A 111 -54.94 30.06 -22.22
CA ARG A 111 -55.66 29.05 -21.39
C ARG A 111 -56.02 29.66 -20.03
N GLY A 112 -56.58 30.88 -20.03
CA GLY A 112 -57.00 31.52 -18.77
C GLY A 112 -55.86 32.24 -18.07
N LYS A 113 -55.26 33.23 -18.73
CA LYS A 113 -54.15 34.01 -18.11
C LYS A 113 -54.02 35.36 -18.83
N LYS A 114 -54.47 35.42 -20.08
CA LYS A 114 -54.42 36.69 -20.86
C LYS A 114 -52.99 37.24 -20.87
N GLU A 115 -51.98 36.38 -20.98
CA GLU A 115 -50.56 36.84 -20.93
C GLU A 115 -49.70 35.97 -21.83
N VAL A 116 -48.54 36.49 -22.26
CA VAL A 116 -47.60 35.74 -23.15
C VAL A 116 -46.21 36.37 -22.99
N LEU A 117 -45.14 35.57 -23.15
CA LEU A 117 -43.76 36.11 -23.07
C LEU A 117 -43.52 37.06 -24.25
N CYS A 118 -42.58 38.00 -24.09
CA CYS A 118 -42.24 38.92 -25.22
C CYS A 118 -41.25 38.20 -26.15
N GLY A 119 -41.52 38.18 -27.46
CA GLY A 119 -40.66 37.45 -28.41
C GLY A 119 -39.29 38.08 -28.52
N ASP A 120 -39.22 39.42 -28.52
CA ASP A 120 -37.93 40.13 -28.61
C ASP A 120 -37.07 39.77 -27.39
N CYS A 121 -37.33 40.40 -26.25
CA CYS A 121 -36.60 40.05 -25.00
C CYS A 121 -37.29 38.86 -24.36
N ASN A 122 -36.60 37.73 -24.23
CA ASN A 122 -37.24 36.51 -23.67
C ASN A 122 -37.46 36.69 -22.17
N GLY A 123 -37.86 37.89 -21.74
CA GLY A 123 -38.13 38.15 -20.31
C GLY A 123 -37.07 39.04 -19.68
N ALA A 124 -36.13 39.56 -20.46
CA ALA A 124 -35.02 40.36 -19.91
C ALA A 124 -35.47 41.80 -19.64
N GLY A 125 -36.24 42.39 -20.55
CA GLY A 125 -36.65 43.80 -20.41
C GLY A 125 -35.70 44.70 -21.17
N PHE A 126 -34.43 44.29 -21.26
CA PHE A 126 -33.42 45.06 -22.03
C PHE A 126 -33.05 44.24 -23.28
N ILE A 127 -32.19 44.79 -24.13
CA ILE A 127 -31.86 44.09 -25.42
C ILE A 127 -30.58 43.26 -25.24
N GLY A 128 -29.42 43.80 -25.67
CA GLY A 128 -28.16 43.05 -25.58
C GLY A 128 -28.09 42.15 -24.37
N GLY A 129 -27.61 40.91 -24.53
CA GLY A 129 -27.55 39.96 -23.42
C GLY A 129 -27.76 38.53 -23.90
N PHE A 130 -27.19 37.55 -23.19
CA PHE A 130 -27.28 36.14 -23.63
C PHE A 130 -28.72 35.77 -24.03
N LEU A 131 -29.70 36.07 -23.17
CA LEU A 131 -31.11 35.67 -23.42
C LEU A 131 -31.64 36.24 -24.73
N SER A 132 -31.25 37.47 -25.11
CA SER A 132 -31.85 38.12 -26.30
C SER A 132 -30.88 38.14 -27.50
N THR A 133 -29.57 38.07 -27.25
CA THR A 133 -28.58 38.18 -28.35
C THR A 133 -28.30 36.82 -28.97
N PHE A 134 -27.57 36.81 -30.09
CA PHE A 134 -27.18 35.53 -30.74
C PHE A 134 -26.00 34.95 -29.96
N ASP A 135 -24.79 35.18 -30.46
CA ASP A 135 -23.55 34.69 -29.79
C ASP A 135 -22.37 35.37 -30.46
N GLU A 136 -21.57 34.64 -31.23
CA GLU A 136 -20.46 35.24 -32.01
C GLU A 136 -20.18 36.66 -31.51
N GLY B 64 -3.22 -24.82 -61.73
CA GLY B 64 -4.16 -23.80 -62.23
C GLY B 64 -3.45 -22.50 -62.54
N THR B 65 -2.25 -22.57 -63.13
CA THR B 65 -1.46 -21.35 -63.42
C THR B 65 -1.09 -21.33 -64.90
N LYS B 66 -1.04 -20.13 -65.50
CA LYS B 66 -0.73 -20.00 -66.96
C LYS B 66 0.75 -20.32 -67.17
N PRO B 67 1.18 -20.78 -68.36
CA PRO B 67 2.57 -21.16 -68.60
C PRO B 67 3.57 -20.17 -67.99
N ASN B 68 4.38 -20.61 -67.03
CA ASN B 68 5.41 -19.74 -66.40
C ASN B 68 4.76 -18.44 -65.94
N SER B 69 3.75 -18.53 -65.07
CA SER B 69 3.07 -17.32 -64.54
C SER B 69 2.10 -17.72 -63.43
N LEU B 70 2.39 -17.33 -62.19
CA LEU B 70 1.49 -17.65 -61.05
C LEU B 70 0.19 -16.86 -61.19
N VAL B 71 -0.66 -17.23 -62.16
CA VAL B 71 -1.97 -16.55 -62.35
C VAL B 71 -3.05 -17.62 -62.53
N CYS B 72 -4.15 -17.53 -61.77
CA CYS B 72 -5.24 -18.54 -61.85
C CYS B 72 -5.74 -18.63 -63.30
N ALA B 73 -5.63 -19.81 -63.92
CA ALA B 73 -6.05 -20.00 -65.32
C ALA B 73 -7.55 -19.74 -65.49
N ASN B 74 -8.37 -20.13 -64.51
CA ASN B 74 -9.84 -19.98 -64.64
C ASN B 74 -10.20 -18.50 -64.66
N CYS B 75 -10.13 -17.84 -63.50
CA CYS B 75 -10.52 -16.40 -63.40
C CYS B 75 -9.60 -15.53 -64.26
N GLU B 76 -8.47 -16.09 -64.72
CA GLU B 76 -7.50 -15.31 -65.55
C GLU B 76 -7.21 -13.97 -64.85
N GLY B 77 -6.97 -14.00 -63.54
CA GLY B 77 -6.72 -12.77 -62.78
C GLY B 77 -7.97 -11.92 -62.66
N GLU B 78 -8.96 -12.38 -61.91
CA GLU B 78 -10.24 -11.65 -61.74
C GLU B 78 -10.87 -12.02 -60.41
N GLY B 79 -10.91 -13.32 -60.08
CA GLY B 79 -11.48 -13.77 -58.79
C GLY B 79 -12.93 -14.19 -58.91
N CYS B 80 -13.67 -13.60 -59.85
CA CYS B 80 -15.12 -13.89 -60.00
C CYS B 80 -15.39 -14.48 -61.39
N VAL B 81 -16.23 -15.52 -61.46
CA VAL B 81 -16.56 -16.17 -62.77
C VAL B 81 -18.04 -15.90 -63.09
N ALA B 82 -18.57 -16.54 -64.15
CA ALA B 82 -19.96 -16.26 -64.58
C ALA B 82 -20.93 -17.33 -64.03
N CYS B 83 -22.19 -16.95 -63.78
CA CYS B 83 -23.20 -17.93 -63.29
C CYS B 83 -23.58 -18.85 -64.45
N SER B 84 -23.74 -20.14 -64.18
CA SER B 84 -24.15 -21.10 -65.24
C SER B 84 -25.66 -21.32 -65.19
N GLN B 85 -26.21 -21.59 -64.00
CA GLN B 85 -27.67 -21.87 -63.88
C GLN B 85 -28.46 -20.89 -64.75
N CYS B 86 -28.08 -19.60 -64.73
CA CYS B 86 -28.79 -18.58 -65.54
C CYS B 86 -28.00 -18.31 -66.82
N LYS B 87 -26.72 -18.67 -66.84
CA LYS B 87 -25.85 -18.41 -68.02
C LYS B 87 -26.14 -16.99 -68.54
N GLY B 88 -25.63 -15.96 -67.84
CA GLY B 88 -25.86 -14.57 -68.24
C GLY B 88 -27.33 -14.27 -68.44
N GLY B 89 -28.06 -14.04 -67.36
CA GLY B 89 -29.51 -13.78 -67.45
C GLY B 89 -30.11 -13.34 -66.12
N GLY B 90 -29.78 -14.06 -65.04
CA GLY B 90 -30.34 -13.73 -63.71
C GLY B 90 -31.81 -14.09 -63.64
N VAL B 91 -32.22 -15.11 -64.41
CA VAL B 91 -33.65 -15.55 -64.39
C VAL B 91 -33.70 -17.07 -64.53
N ASN B 92 -34.38 -17.76 -63.60
CA ASN B 92 -34.51 -19.23 -63.67
C ASN B 92 -35.00 -19.60 -65.07
N LEU B 93 -34.34 -20.57 -65.72
CA LEU B 93 -34.77 -21.02 -67.07
C LEU B 93 -35.60 -22.29 -66.96
N ILE B 94 -35.74 -22.85 -65.74
CA ILE B 94 -36.57 -24.07 -65.51
C ILE B 94 -37.04 -24.06 -64.05
N ASP B 95 -37.79 -25.09 -63.64
CA ASP B 95 -38.20 -25.21 -62.22
C ASP B 95 -37.16 -26.04 -61.49
N HIS B 96 -36.17 -25.39 -60.87
CA HIS B 96 -35.05 -26.13 -60.23
C HIS B 96 -35.54 -26.93 -59.02
N PHE B 97 -34.73 -27.91 -58.60
CA PHE B 97 -35.06 -28.72 -57.39
C PHE B 97 -36.36 -29.50 -57.65
N ASN B 98 -37.45 -29.12 -57.00
CA ASN B 98 -38.76 -29.80 -57.21
C ASN B 98 -39.87 -28.96 -56.58
N GLY B 99 -40.47 -28.05 -57.35
CA GLY B 99 -41.52 -27.17 -56.81
C GLY B 99 -40.94 -26.15 -55.84
N GLN B 100 -39.64 -26.24 -55.58
CA GLN B 100 -38.95 -25.28 -54.67
C GLN B 100 -38.43 -24.10 -55.49
N PHE B 101 -38.40 -24.23 -56.82
CA PHE B 101 -37.96 -23.12 -57.69
C PHE B 101 -38.78 -23.13 -58.98
N LYS B 102 -39.14 -21.95 -59.50
CA LYS B 102 -39.99 -21.87 -60.72
C LYS B 102 -39.14 -21.42 -61.91
N ALA B 103 -39.76 -21.18 -63.06
CA ALA B 103 -39.03 -20.77 -64.27
C ALA B 103 -39.36 -19.33 -64.64
N GLY B 104 -38.80 -18.36 -63.90
CA GLY B 104 -39.04 -16.94 -64.20
C GLY B 104 -38.34 -16.01 -63.22
N ALA B 105 -38.32 -16.39 -61.93
CA ALA B 105 -37.71 -15.51 -60.90
C ALA B 105 -36.19 -15.45 -61.09
N LEU B 106 -35.49 -14.74 -60.21
CA LEU B 106 -34.03 -14.58 -60.32
C LEU B 106 -33.36 -15.97 -60.30
N CYS B 107 -32.16 -16.10 -60.87
CA CYS B 107 -31.44 -17.39 -60.82
C CYS B 107 -31.40 -17.90 -59.38
N TRP B 108 -31.52 -19.21 -59.18
CA TRP B 108 -31.56 -19.78 -57.81
C TRP B 108 -30.20 -19.66 -57.13
N LEU B 109 -29.14 -19.36 -57.90
CA LEU B 109 -27.76 -19.26 -57.33
C LEU B 109 -27.35 -17.79 -57.21
N CYS B 110 -26.94 -17.16 -58.32
CA CYS B 110 -26.45 -15.76 -58.28
C CYS B 110 -27.54 -14.83 -57.75
N ARG B 111 -28.81 -15.23 -57.90
CA ARG B 111 -29.94 -14.40 -57.43
C ARG B 111 -29.83 -12.99 -58.05
N GLY B 112 -29.63 -12.92 -59.36
CA GLY B 112 -29.54 -11.62 -60.06
C GLY B 112 -28.17 -10.99 -59.92
N LYS B 113 -27.15 -11.61 -60.53
CA LYS B 113 -25.77 -11.06 -60.47
C LYS B 113 -24.91 -11.66 -61.59
N LYS B 114 -25.19 -12.90 -62.00
CA LYS B 114 -24.36 -13.56 -63.04
C LYS B 114 -22.90 -13.58 -62.57
N GLU B 115 -22.67 -13.81 -61.28
CA GLU B 115 -21.29 -13.78 -60.72
C GLU B 115 -21.10 -14.91 -59.71
N VAL B 116 -19.86 -15.35 -59.53
CA VAL B 116 -19.54 -16.44 -58.56
C VAL B 116 -18.05 -16.39 -58.23
N LEU B 117 -17.68 -16.63 -56.96
CA LEU B 117 -16.25 -16.65 -56.57
C LEU B 117 -15.53 -17.76 -57.36
N CYS B 118 -14.24 -17.57 -57.65
CA CYS B 118 -13.47 -18.64 -58.34
C CYS B 118 -13.08 -19.72 -57.32
N GLY B 119 -13.30 -20.99 -57.65
CA GLY B 119 -13.04 -22.08 -56.70
C GLY B 119 -11.56 -22.21 -56.37
N ASP B 120 -10.70 -22.20 -57.38
CA ASP B 120 -9.24 -22.35 -57.16
C ASP B 120 -8.75 -21.19 -56.30
N CYS B 121 -8.52 -20.02 -56.91
CA CYS B 121 -8.11 -18.83 -56.14
C CYS B 121 -9.37 -18.24 -55.48
N ASN B 122 -9.41 -18.21 -54.15
CA ASN B 122 -10.60 -17.66 -53.44
C ASN B 122 -10.59 -16.13 -53.54
N GLY B 123 -10.39 -15.59 -54.75
CA GLY B 123 -10.40 -14.13 -54.96
C GLY B 123 -9.01 -13.52 -54.97
N ALA B 124 -7.98 -14.34 -55.15
CA ALA B 124 -6.59 -13.84 -55.07
C ALA B 124 -6.07 -13.47 -56.47
N GLY B 125 -6.41 -14.26 -57.49
CA GLY B 125 -5.88 -14.00 -58.84
C GLY B 125 -4.63 -14.81 -59.08
N PHE B 126 -3.84 -15.07 -58.02
CA PHE B 126 -2.61 -15.89 -58.12
C PHE B 126 -2.81 -17.17 -57.33
N ILE B 127 -1.84 -18.09 -57.38
CA ILE B 127 -2.00 -19.41 -56.70
C ILE B 127 -1.35 -19.36 -55.30
N GLY B 128 -0.17 -19.95 -55.14
CA GLY B 128 0.50 -20.01 -53.82
C GLY B 128 0.12 -18.84 -52.91
N GLY B 129 -0.34 -19.13 -51.69
CA GLY B 129 -0.73 -18.06 -50.74
C GLY B 129 -1.56 -18.61 -49.60
N PHE B 130 -1.88 -17.77 -48.61
CA PHE B 130 -2.65 -18.22 -47.42
C PHE B 130 -4.15 -18.14 -47.70
N LEU B 131 -4.56 -18.42 -48.94
CA LEU B 131 -5.99 -18.35 -49.30
C LEU B 131 -6.28 -19.39 -50.39
N SER B 132 -5.23 -19.91 -51.03
CA SER B 132 -5.41 -20.89 -52.14
C SER B 132 -4.66 -22.19 -51.81
N THR B 133 -3.60 -22.11 -51.01
CA THR B 133 -2.78 -23.31 -50.71
C THR B 133 -3.23 -23.94 -49.40
N PHE B 134 -2.72 -25.14 -49.09
CA PHE B 134 -3.06 -25.83 -47.83
C PHE B 134 -2.38 -25.12 -46.66
N ASP B 135 -1.44 -25.81 -46.01
CA ASP B 135 -0.68 -25.19 -44.88
C ASP B 135 0.70 -25.84 -44.83
N GLU B 136 0.93 -26.71 -43.85
CA GLU B 136 2.23 -27.44 -43.75
C GLU B 136 3.32 -26.65 -44.47
N GLY C 64 -18.71 -62.83 11.93
CA GLY C 64 -18.90 -63.16 10.50
C GLY C 64 -17.57 -63.42 9.81
N THR C 65 -16.66 -64.10 10.50
CA THR C 65 -15.31 -64.35 9.93
C THR C 65 -15.03 -65.86 9.93
N LYS C 66 -14.33 -66.37 8.91
CA LYS C 66 -14.03 -67.82 8.82
C LYS C 66 -13.01 -68.19 9.90
N PRO C 67 -12.96 -69.46 10.36
CA PRO C 67 -12.06 -69.86 11.44
C PRO C 67 -10.64 -69.30 11.26
N ASN C 68 -10.18 -68.46 12.18
CA ASN C 68 -8.81 -67.89 12.12
C ASN C 68 -8.60 -67.26 10.74
N SER C 69 -9.47 -66.34 10.34
CA SER C 69 -9.35 -65.66 9.03
C SER C 69 -10.34 -64.50 8.94
N LEU C 70 -9.85 -63.26 8.87
CA LEU C 70 -10.73 -62.08 8.77
C LEU C 70 -11.38 -62.05 7.38
N VAL C 71 -12.30 -62.98 7.11
CA VAL C 71 -13.00 -63.02 5.79
C VAL C 71 -14.51 -63.16 6.05
N CYS C 72 -15.32 -62.26 5.46
CA CYS C 72 -16.80 -62.31 5.66
C CYS C 72 -17.31 -63.71 5.31
N ALA C 73 -17.84 -64.44 6.30
CA ALA C 73 -18.32 -65.83 6.07
C ALA C 73 -19.43 -65.86 5.01
N ASN C 74 -20.28 -64.83 4.96
CA ASN C 74 -21.41 -64.81 4.00
C ASN C 74 -20.88 -64.69 2.58
N CYS C 75 -20.45 -63.48 2.18
CA CYS C 75 -19.98 -63.27 0.79
C CYS C 75 -18.77 -64.16 0.48
N GLU C 76 -18.09 -64.67 1.51
CA GLU C 76 -16.87 -65.51 1.31
C GLU C 76 -15.89 -64.75 0.41
N GLY C 77 -15.64 -63.48 0.72
CA GLY C 77 -14.72 -62.67 -0.10
C GLY C 77 -15.33 -62.34 -1.45
N GLU C 78 -16.34 -61.46 -1.47
CA GLU C 78 -17.03 -61.11 -2.74
C GLU C 78 -17.73 -59.75 -2.57
N GLY C 79 -18.48 -59.58 -1.49
CA GLY C 79 -19.20 -58.30 -1.25
C GLY C 79 -20.60 -58.33 -1.84
N CYS C 80 -20.85 -59.24 -2.79
CA CYS C 80 -22.17 -59.31 -3.46
C CYS C 80 -22.78 -60.71 -3.31
N VAL C 81 -24.08 -60.78 -3.01
CA VAL C 81 -24.76 -62.10 -2.81
C VAL C 81 -25.85 -62.26 -3.88
N ALA C 82 -26.68 -63.32 -3.77
CA ALA C 82 -27.69 -63.60 -4.82
C ALA C 82 -29.06 -63.04 -4.41
N CYS C 83 -29.89 -62.67 -5.40
CA CYS C 83 -31.25 -62.17 -5.10
C CYS C 83 -32.13 -63.35 -4.70
N SER C 84 -33.00 -63.16 -3.70
CA SER C 84 -33.91 -64.24 -3.25
C SER C 84 -35.27 -64.08 -3.94
N GLN C 85 -35.85 -62.88 -3.89
CA GLN C 85 -37.19 -62.64 -4.49
C GLN C 85 -37.29 -63.36 -5.83
N CYS C 86 -36.25 -63.26 -6.66
CA CYS C 86 -36.26 -63.90 -8.01
C CYS C 86 -35.53 -65.25 -7.93
N LYS C 87 -34.70 -65.44 -6.90
CA LYS C 87 -33.91 -66.69 -6.76
C LYS C 87 -33.30 -67.05 -8.12
N GLY C 88 -32.24 -66.34 -8.53
CA GLY C 88 -31.59 -66.60 -9.82
C GLY C 88 -32.62 -66.68 -10.95
N GLY C 89 -33.15 -65.53 -11.38
CA GLY C 89 -34.17 -65.52 -12.44
C GLY C 89 -34.36 -64.13 -13.03
N GLY C 90 -34.52 -63.12 -12.17
CA GLY C 90 -34.73 -61.74 -12.65
C GLY C 90 -36.14 -61.53 -13.15
N VAL C 91 -37.10 -62.32 -12.64
CA VAL C 91 -38.53 -62.17 -13.06
C VAL C 91 -39.43 -62.41 -11.84
N ASN C 92 -40.32 -61.46 -11.53
CA ASN C 92 -41.26 -61.63 -10.39
C ASN C 92 -41.94 -62.99 -10.52
N LEU C 93 -41.96 -63.77 -9.43
CA LEU C 93 -42.62 -65.10 -9.46
C LEU C 93 -44.02 -64.98 -8.84
N ILE C 94 -44.41 -63.78 -8.39
CA ILE C 94 -45.77 -63.54 -7.83
C ILE C 94 -46.13 -62.06 -8.00
N ASP C 95 -47.19 -61.60 -7.34
CA ASP C 95 -47.57 -60.17 -7.38
C ASP C 95 -47.21 -59.55 -6.02
N HIS C 96 -45.99 -59.06 -5.86
CA HIS C 96 -45.53 -58.52 -4.55
C HIS C 96 -46.41 -57.35 -4.10
N PHE C 97 -46.37 -57.03 -2.81
CA PHE C 97 -47.16 -55.89 -2.27
C PHE C 97 -48.65 -56.18 -2.47
N ASN C 98 -49.35 -55.34 -3.21
CA ASN C 98 -50.79 -55.58 -3.51
C ASN C 98 -51.17 -54.78 -4.76
N GLY C 99 -51.03 -55.38 -5.94
CA GLY C 99 -51.30 -54.64 -7.19
C GLY C 99 -50.15 -53.70 -7.53
N GLN C 100 -49.19 -53.57 -6.61
CA GLN C 100 -48.00 -52.71 -6.88
C GLN C 100 -47.04 -53.48 -7.78
N PHE C 101 -46.98 -54.81 -7.64
CA PHE C 101 -46.10 -55.64 -8.51
C PHE C 101 -46.91 -56.79 -9.10
N LYS C 102 -46.48 -57.30 -10.26
CA LYS C 102 -47.20 -58.42 -10.93
C LYS C 102 -46.25 -59.60 -11.12
N ALA C 103 -46.73 -60.71 -11.69
CA ALA C 103 -45.90 -61.92 -11.87
C ALA C 103 -45.43 -62.02 -13.32
N GLY C 104 -44.24 -61.51 -13.63
CA GLY C 104 -43.68 -61.59 -15.00
C GLY C 104 -42.56 -60.61 -15.23
N ALA C 105 -42.71 -59.37 -14.76
CA ALA C 105 -41.69 -58.33 -15.00
C ALA C 105 -40.42 -58.65 -14.21
N LEU C 106 -39.40 -57.80 -14.34
CA LEU C 106 -38.11 -58.05 -13.63
C LEU C 106 -38.36 -58.15 -12.12
N CYS C 107 -37.47 -58.83 -11.39
CA CYS C 107 -37.62 -58.94 -9.92
C CYS C 107 -37.83 -57.53 -9.33
N TRP C 108 -38.66 -57.43 -8.29
CA TRP C 108 -38.97 -56.10 -7.70
C TRP C 108 -37.77 -55.56 -6.91
N LEU C 109 -36.74 -56.37 -6.71
CA LEU C 109 -35.54 -55.95 -5.94
C LEU C 109 -34.35 -55.74 -6.88
N CYS C 110 -33.70 -56.83 -7.32
CA CYS C 110 -32.51 -56.71 -8.19
C CYS C 110 -32.87 -56.03 -9.51
N ARG C 111 -34.14 -56.10 -9.91
CA ARG C 111 -34.60 -55.46 -11.16
C ARG C 111 -33.75 -55.97 -12.33
N GLY C 112 -33.55 -57.28 -12.42
CA GLY C 112 -32.78 -57.87 -13.54
C GLY C 112 -31.28 -57.77 -13.30
N LYS C 113 -30.76 -58.48 -12.30
CA LYS C 113 -29.31 -58.47 -12.00
C LYS C 113 -28.95 -59.68 -11.12
N LYS C 114 -29.90 -60.16 -10.33
CA LYS C 114 -29.64 -61.30 -9.42
C LYS C 114 -28.43 -60.99 -8.54
N GLU C 115 -28.37 -59.79 -7.97
CA GLU C 115 -27.19 -59.38 -7.16
C GLU C 115 -27.63 -58.51 -5.99
N VAL C 116 -26.85 -58.47 -4.91
CA VAL C 116 -27.20 -57.64 -3.71
C VAL C 116 -25.93 -57.42 -2.89
N LEU C 117 -25.74 -56.21 -2.36
CA LEU C 117 -24.57 -55.92 -1.48
C LEU C 117 -24.64 -56.85 -0.26
N CYS C 118 -23.49 -57.29 0.27
CA CYS C 118 -23.48 -58.12 1.49
C CYS C 118 -23.70 -57.23 2.72
N GLY C 119 -24.77 -57.48 3.48
CA GLY C 119 -25.10 -56.62 4.64
C GLY C 119 -23.96 -56.56 5.64
N ASP C 120 -23.28 -57.68 5.87
CA ASP C 120 -22.17 -57.73 6.85
C ASP C 120 -21.05 -56.81 6.38
N CYS C 121 -20.20 -57.28 5.46
CA CYS C 121 -19.14 -56.41 4.89
C CYS C 121 -19.75 -55.59 3.75
N ASN C 122 -19.78 -54.27 3.87
CA ASN C 122 -20.43 -53.42 2.83
C ASN C 122 -19.58 -53.41 1.56
N GLY C 123 -19.10 -54.58 1.11
CA GLY C 123 -18.30 -54.68 -0.12
C GLY C 123 -16.80 -54.78 0.17
N ALA C 124 -16.42 -55.07 1.42
CA ALA C 124 -14.99 -55.09 1.79
C ALA C 124 -14.41 -56.50 1.62
N GLY C 125 -15.14 -57.53 2.03
CA GLY C 125 -14.61 -58.91 1.98
C GLY C 125 -14.03 -59.30 3.33
N PHE C 126 -13.47 -58.34 4.07
CA PHE C 126 -12.92 -58.60 5.42
C PHE C 126 -13.90 -58.06 6.47
N ILE C 127 -13.73 -58.42 7.74
CA ILE C 127 -14.72 -58.03 8.78
C ILE C 127 -14.31 -56.70 9.44
N GLY C 128 -13.08 -56.58 9.92
CA GLY C 128 -12.63 -55.29 10.50
C GLY C 128 -12.63 -54.18 9.46
N GLY C 129 -12.31 -52.95 9.87
CA GLY C 129 -12.22 -51.84 8.90
C GLY C 129 -13.32 -50.81 9.10
N PHE C 130 -13.14 -49.61 8.55
CA PHE C 130 -14.13 -48.52 8.73
C PHE C 130 -15.48 -48.87 8.14
N LEU C 131 -15.51 -49.37 6.89
CA LEU C 131 -16.80 -49.64 6.19
C LEU C 131 -17.63 -50.69 6.94
N SER C 132 -17.03 -51.47 7.84
CA SER C 132 -17.77 -52.58 8.49
C SER C 132 -17.87 -52.41 10.01
N THR C 133 -16.99 -51.59 10.60
CA THR C 133 -16.97 -51.44 12.08
C THR C 133 -17.77 -50.22 12.52
N PHE C 134 -17.94 -50.04 13.82
CA PHE C 134 -18.64 -48.84 14.34
C PHE C 134 -17.68 -47.66 14.33
N ASP C 135 -17.12 -47.32 15.49
CA ASP C 135 -16.15 -46.20 15.59
C ASP C 135 -15.32 -46.38 16.86
N GLU C 136 -15.96 -46.28 18.04
CA GLU C 136 -15.26 -46.50 19.33
C GLU C 136 -13.77 -46.20 19.17
N GLY D 64 -50.66 9.06 42.29
CA GLY D 64 -51.08 7.65 42.34
C GLY D 64 -50.16 6.82 43.22
N THR D 65 -49.79 7.35 44.38
CA THR D 65 -48.85 6.63 45.28
C THR D 65 -49.47 6.50 46.67
N LYS D 66 -49.25 5.38 47.35
CA LYS D 66 -49.82 5.15 48.71
C LYS D 66 -49.16 6.13 49.69
N PRO D 67 -49.82 6.51 50.81
CA PRO D 67 -49.26 7.49 51.73
C PRO D 67 -47.77 7.25 52.03
N ASN D 68 -46.92 8.22 51.68
CA ASN D 68 -45.46 8.09 51.96
C ASN D 68 -44.95 6.75 51.44
N SER D 69 -45.14 6.47 50.16
CA SER D 69 -44.67 5.19 49.56
C SER D 69 -44.84 5.23 48.04
N LEU D 70 -43.75 5.23 47.29
CA LEU D 70 -43.81 5.25 45.80
C LEU D 70 -44.37 3.92 45.31
N VAL D 71 -45.66 3.68 45.49
CA VAL D 71 -46.31 2.43 45.00
C VAL D 71 -47.62 2.80 44.30
N CYS D 72 -47.79 2.36 43.05
CA CYS D 72 -49.02 2.69 42.27
C CYS D 72 -50.25 2.29 43.09
N ALA D 73 -51.07 3.27 43.50
CA ALA D 73 -52.27 2.98 44.32
C ALA D 73 -53.20 1.99 43.62
N ASN D 74 -53.37 2.13 42.30
CA ASN D 74 -54.30 1.24 41.55
C ASN D 74 -53.81 -0.20 41.60
N CYS D 75 -52.78 -0.55 40.83
CA CYS D 75 -52.29 -1.94 40.76
C CYS D 75 -51.79 -2.42 42.13
N GLU D 76 -51.58 -1.49 43.08
CA GLU D 76 -51.07 -1.85 44.42
C GLU D 76 -49.84 -2.74 44.27
N GLY D 77 -48.93 -2.39 43.35
CA GLY D 77 -47.71 -3.19 43.12
C GLY D 77 -48.03 -4.48 42.39
N GLU D 78 -48.46 -4.39 41.12
CA GLU D 78 -48.82 -5.59 40.32
C GLU D 78 -48.61 -5.29 38.84
N GLY D 79 -49.13 -4.15 38.36
CA GLY D 79 -48.93 -3.75 36.95
C GLY D 79 -50.06 -4.23 36.06
N CYS D 80 -50.98 -5.03 36.59
CA CYS D 80 -52.09 -5.59 35.78
C CYS D 80 -53.39 -5.58 36.59
N VAL D 81 -54.45 -5.01 36.04
CA VAL D 81 -55.76 -4.93 36.76
C VAL D 81 -56.75 -5.93 36.14
N ALA D 82 -58.02 -5.90 36.56
CA ALA D 82 -59.02 -6.87 36.06
C ALA D 82 -59.81 -6.30 34.88
N CYS D 83 -60.37 -7.18 34.03
CA CYS D 83 -61.20 -6.71 32.89
C CYS D 83 -62.57 -6.29 33.41
N SER D 84 -63.02 -5.09 33.05
CA SER D 84 -64.36 -4.61 33.48
C SER D 84 -65.44 -5.26 32.60
N GLN D 85 -65.29 -5.16 31.27
CA GLN D 85 -66.31 -5.71 30.34
C GLN D 85 -66.76 -7.10 30.82
N CYS D 86 -65.88 -8.10 30.68
CA CYS D 86 -66.23 -9.49 31.09
C CYS D 86 -66.47 -9.54 32.59
N LYS D 87 -65.91 -8.58 33.35
CA LYS D 87 -66.05 -8.61 34.83
C LYS D 87 -65.73 -10.01 35.34
N GLY D 88 -64.44 -10.38 35.37
CA GLY D 88 -64.04 -11.72 35.81
C GLY D 88 -64.93 -12.79 35.20
N GLY D 89 -64.82 -13.01 33.89
CA GLY D 89 -65.67 -14.00 33.19
C GLY D 89 -65.05 -14.47 31.90
N GLY D 90 -64.55 -13.54 31.08
CA GLY D 90 -63.96 -13.90 29.78
C GLY D 90 -65.02 -14.27 28.77
N VAL D 91 -66.23 -13.71 28.91
CA VAL D 91 -67.34 -14.01 27.96
C VAL D 91 -68.19 -12.75 27.77
N ASN D 92 -68.40 -12.34 26.53
CA ASN D 92 -69.25 -11.15 26.24
C ASN D 92 -70.59 -11.32 26.96
N LEU D 93 -71.02 -10.29 27.69
CA LEU D 93 -72.32 -10.36 28.41
C LEU D 93 -73.40 -9.63 27.59
N ILE D 94 -73.02 -9.03 26.45
CA ILE D 94 -74.00 -8.34 25.55
C ILE D 94 -73.44 -8.35 24.13
N ASP D 95 -74.06 -7.58 23.22
CA ASP D 95 -73.54 -7.47 21.84
C ASP D 95 -72.86 -6.10 21.69
N HIS D 96 -71.55 -6.04 21.94
CA HIS D 96 -70.83 -4.74 21.92
C HIS D 96 -70.86 -4.12 20.51
N PHE D 97 -70.57 -2.82 20.43
CA PHE D 97 -70.54 -2.12 19.12
C PHE D 97 -71.94 -2.19 18.49
N ASN D 98 -72.07 -2.85 17.34
CA ASN D 98 -73.39 -3.03 16.69
C ASN D 98 -73.29 -4.17 15.67
N GLY D 99 -73.60 -5.39 16.09
CA GLY D 99 -73.44 -6.55 15.18
C GLY D 99 -71.99 -6.94 15.05
N GLN D 100 -71.08 -6.12 15.59
CA GLN D 100 -69.63 -6.43 15.54
C GLN D 100 -69.32 -7.49 16.60
N PHE D 101 -69.99 -7.42 17.76
CA PHE D 101 -69.77 -8.41 18.83
C PHE D 101 -71.12 -8.99 19.26
N LYS D 102 -71.12 -10.22 19.78
CA LYS D 102 -72.38 -10.89 20.22
C LYS D 102 -72.25 -11.25 21.70
N ALA D 103 -73.31 -11.84 22.28
CA ALA D 103 -73.30 -12.18 23.73
C ALA D 103 -73.00 -13.67 23.92
N GLY D 104 -71.73 -14.02 24.12
CA GLY D 104 -71.37 -15.43 24.34
C GLY D 104 -69.88 -15.67 24.16
N ALA D 105 -69.29 -15.15 23.08
CA ALA D 105 -67.86 -15.40 22.80
C ALA D 105 -66.99 -14.74 23.87
N LEU D 106 -65.66 -14.89 23.74
CA LEU D 106 -64.73 -14.32 24.75
C LEU D 106 -64.96 -12.81 24.85
N CYS D 107 -64.59 -12.20 25.99
CA CYS D 107 -64.73 -10.74 26.15
C CYS D 107 -64.10 -10.04 24.94
N TRP D 108 -64.72 -8.94 24.48
CA TRP D 108 -64.23 -8.22 23.28
C TRP D 108 -62.88 -7.54 23.55
N LEU D 109 -62.48 -7.45 24.82
CA LEU D 109 -61.20 -6.77 25.19
C LEU D 109 -60.16 -7.81 25.61
N CYS D 110 -60.26 -8.33 26.84
CA CYS D 110 -59.25 -9.28 27.36
C CYS D 110 -59.18 -10.52 26.47
N ARG D 111 -60.27 -10.81 25.75
CA ARG D 111 -60.31 -12.01 24.87
C ARG D 111 -59.94 -13.25 25.69
N GLY D 112 -60.57 -13.43 26.85
CA GLY D 112 -60.30 -14.60 27.70
C GLY D 112 -59.03 -14.46 28.51
N LYS D 113 -58.99 -13.51 29.44
CA LYS D 113 -57.80 -13.34 30.32
C LYS D 113 -58.19 -12.62 31.61
N LYS D 114 -59.24 -11.79 31.55
CA LYS D 114 -59.64 -11.00 32.74
C LYS D 114 -58.42 -10.23 33.27
N GLU D 115 -57.61 -9.67 32.36
CA GLU D 115 -56.38 -8.96 32.77
C GLU D 115 -56.16 -7.74 31.89
N VAL D 116 -55.51 -6.69 32.42
CA VAL D 116 -55.27 -5.43 31.65
C VAL D 116 -54.14 -4.66 32.34
N LEU D 117 -53.09 -4.30 31.60
CA LEU D 117 -52.01 -3.48 32.16
C LEU D 117 -52.51 -2.26 32.92
N CYS D 118 -51.93 -1.98 34.09
CA CYS D 118 -52.32 -0.80 34.84
C CYS D 118 -52.05 0.44 34.00
N GLY D 119 -53.08 1.25 33.78
CA GLY D 119 -52.93 2.44 32.96
C GLY D 119 -51.82 3.36 33.41
N ASP D 120 -51.71 3.55 34.73
CA ASP D 120 -50.69 4.48 35.29
C ASP D 120 -49.31 3.83 35.13
N CYS D 121 -48.80 3.19 36.19
CA CYS D 121 -47.51 2.46 36.07
C CYS D 121 -47.68 1.38 35.00
N ASN D 122 -46.90 1.45 33.92
CA ASN D 122 -46.99 0.45 32.84
C ASN D 122 -46.19 -0.80 33.26
N GLY D 123 -46.59 -1.46 34.35
CA GLY D 123 -45.89 -2.64 34.82
C GLY D 123 -44.82 -2.30 35.83
N ALA D 124 -44.50 -1.02 35.97
CA ALA D 124 -43.41 -0.61 36.89
C ALA D 124 -43.76 -1.01 38.32
N GLY D 125 -44.96 -0.67 38.79
CA GLY D 125 -45.33 -0.94 40.20
C GLY D 125 -45.07 0.31 41.03
N PHE D 126 -44.06 1.10 40.66
CA PHE D 126 -43.75 2.37 41.37
C PHE D 126 -44.21 3.54 40.50
N ILE D 127 -44.22 4.76 41.04
CA ILE D 127 -44.77 5.92 40.27
C ILE D 127 -43.66 6.62 39.49
N GLY D 128 -42.58 7.04 40.13
CA GLY D 128 -41.45 7.65 39.41
C GLY D 128 -40.86 6.69 38.38
N GLY D 129 -39.91 7.16 37.57
CA GLY D 129 -39.24 6.27 36.59
C GLY D 129 -39.45 6.71 35.16
N PHE D 130 -38.81 6.03 34.21
CA PHE D 130 -38.89 6.45 32.79
C PHE D 130 -40.20 5.95 32.15
N LEU D 131 -40.65 4.75 32.49
CA LEU D 131 -41.85 4.17 31.84
C LEU D 131 -43.14 4.75 32.42
N SER D 132 -43.04 5.63 33.43
CA SER D 132 -44.28 6.13 34.09
C SER D 132 -44.35 7.65 34.08
N THR D 133 -43.22 8.35 33.98
CA THR D 133 -43.24 9.84 34.08
C THR D 133 -42.78 10.46 32.76
N PHE D 134 -42.98 11.78 32.62
CA PHE D 134 -42.56 12.50 31.39
C PHE D 134 -41.04 12.62 31.35
N ASP D 135 -40.50 13.10 30.22
CA ASP D 135 -39.04 13.27 30.09
C ASP D 135 -38.58 14.43 30.98
N GLU D 136 -38.47 15.63 30.41
CA GLU D 136 -38.06 16.84 31.19
C GLU D 136 -37.00 16.44 32.22
N LEU E 22 -33.01 51.08 -12.32
CA LEU E 22 -34.25 51.27 -11.54
C LEU E 22 -34.42 50.10 -10.56
N THR E 23 -33.90 48.93 -10.94
CA THR E 23 -34.06 47.71 -10.10
C THR E 23 -32.65 47.18 -9.76
N TYR E 24 -31.90 46.80 -10.78
CA TYR E 24 -30.50 46.32 -10.56
C TYR E 24 -29.63 47.52 -10.22
N TYR E 25 -30.23 48.70 -10.07
CA TYR E 25 -29.46 49.90 -9.64
C TYR E 25 -30.12 50.48 -8.39
N THR E 26 -29.71 50.00 -7.20
CA THR E 26 -30.26 50.51 -5.92
C THR E 26 -29.36 51.65 -5.41
N PRO E 27 -29.68 52.93 -5.66
CA PRO E 27 -28.78 54.03 -5.28
C PRO E 27 -28.87 54.42 -3.80
N ASP E 28 -28.96 53.43 -2.90
CA ASP E 28 -28.99 53.72 -1.45
C ASP E 28 -28.63 52.45 -0.67
N TYR E 29 -28.57 51.32 -1.37
CA TYR E 29 -28.23 50.02 -0.72
C TYR E 29 -27.13 50.22 0.31
N GLU E 30 -27.34 49.72 1.53
CA GLU E 30 -26.27 49.81 2.57
C GLU E 30 -25.47 48.51 2.54
N THR E 31 -24.32 48.51 1.87
CA THR E 31 -23.53 47.26 1.72
C THR E 31 -23.36 46.60 3.10
N LYS E 32 -23.44 45.26 3.15
CA LYS E 32 -23.30 44.53 4.44
C LYS E 32 -21.83 44.15 4.65
N ASP E 33 -21.52 43.45 5.75
CA ASP E 33 -20.11 43.12 6.07
C ASP E 33 -19.77 41.74 5.51
N THR E 34 -20.76 41.00 5.02
CA THR E 34 -20.53 39.71 4.40
C THR E 34 -20.79 39.78 2.90
N ASP E 35 -20.30 40.84 2.26
CA ASP E 35 -20.52 41.05 0.84
C ASP E 35 -19.17 41.21 0.13
N ILE E 36 -19.14 40.80 -1.15
CA ILE E 36 -17.91 40.96 -1.96
C ILE E 36 -18.14 42.14 -2.91
N LEU E 37 -17.24 43.12 -2.92
CA LEU E 37 -17.45 44.34 -3.74
C LEU E 37 -16.46 44.39 -4.90
N ALA E 38 -16.86 44.96 -6.04
CA ALA E 38 -15.98 45.06 -7.23
C ALA E 38 -16.13 46.45 -7.88
N ALA E 39 -15.13 46.87 -8.66
CA ALA E 39 -15.18 48.17 -9.32
C ALA E 39 -14.66 48.03 -10.74
N PHE E 40 -15.51 48.35 -11.72
CA PHE E 40 -15.14 48.33 -13.13
C PHE E 40 -15.02 49.75 -13.66
N ARG E 41 -14.24 49.88 -14.73
CA ARG E 41 -14.23 51.10 -15.55
C ARG E 41 -14.77 50.76 -16.92
N MET E 42 -15.67 51.59 -17.43
CA MET E 42 -16.46 51.24 -18.60
C MET E 42 -16.39 52.34 -19.66
N THR E 43 -16.56 51.92 -20.91
CA THR E 43 -16.55 52.83 -22.07
C THR E 43 -17.81 52.58 -22.88
N PRO E 44 -18.90 53.27 -22.57
CA PRO E 44 -20.16 53.02 -23.27
C PRO E 44 -20.11 53.50 -24.72
N GLN E 45 -20.98 52.91 -25.53
CA GLN E 45 -21.18 53.38 -26.89
C GLN E 45 -21.88 54.73 -26.88
N PRO E 46 -21.76 55.51 -27.95
CA PRO E 46 -22.40 56.84 -27.97
C PRO E 46 -23.91 56.73 -27.90
N GLY E 47 -24.52 57.44 -26.95
CA GLY E 47 -25.99 57.43 -26.82
C GLY E 47 -26.45 56.79 -25.52
N VAL E 48 -25.88 55.63 -25.16
CA VAL E 48 -26.33 54.90 -23.94
C VAL E 48 -26.00 55.73 -22.69
N PRO E 49 -26.97 56.00 -21.80
CA PRO E 49 -26.70 56.71 -20.54
C PRO E 49 -25.96 55.79 -19.56
N PRO E 50 -25.15 56.28 -18.61
CA PRO E 50 -24.35 55.40 -17.75
C PRO E 50 -25.18 54.50 -16.82
N GLU E 51 -26.10 55.10 -16.03
CA GLU E 51 -26.91 54.34 -15.05
C GLU E 51 -27.61 53.16 -15.73
N GLU E 52 -27.81 53.23 -17.05
CA GLU E 52 -28.42 52.11 -17.79
C GLU E 52 -27.39 51.00 -17.96
N ALA E 53 -26.15 51.36 -18.32
CA ALA E 53 -25.09 50.36 -18.55
C ALA E 53 -24.65 49.76 -17.21
N GLY E 54 -24.59 50.58 -16.16
CA GLY E 54 -24.22 50.07 -14.82
C GLY E 54 -25.16 48.96 -14.38
N ALA E 55 -26.45 49.09 -14.66
CA ALA E 55 -27.46 48.08 -14.24
C ALA E 55 -27.34 46.83 -15.11
N ALA E 56 -26.79 46.97 -16.32
CA ALA E 56 -26.66 45.81 -17.25
C ALA E 56 -25.49 44.92 -16.82
N VAL E 57 -24.39 45.53 -16.36
CA VAL E 57 -23.21 44.74 -15.87
C VAL E 57 -23.64 43.89 -14.66
N ALA E 58 -24.36 44.49 -13.71
CA ALA E 58 -24.82 43.75 -12.52
C ALA E 58 -25.64 42.53 -12.92
N ALA E 59 -26.63 42.70 -13.78
CA ALA E 59 -27.52 41.58 -14.18
C ALA E 59 -26.75 40.58 -15.04
N GLU E 60 -26.01 41.06 -16.05
CA GLU E 60 -25.28 40.17 -16.98
C GLU E 60 -24.13 39.44 -16.26
N SER E 61 -23.87 39.79 -15.00
CA SER E 61 -22.83 39.08 -14.20
C SER E 61 -23.51 38.14 -13.20
N SER E 62 -24.84 38.20 -13.11
CA SER E 62 -25.59 37.35 -12.13
C SER E 62 -26.73 36.60 -12.81
N THR E 63 -27.94 37.16 -12.80
CA THR E 63 -29.13 36.43 -13.35
C THR E 63 -29.29 36.69 -14.85
N GLY E 64 -29.32 37.96 -15.27
CA GLY E 64 -29.45 38.30 -16.70
C GLY E 64 -30.79 38.95 -17.01
N THR E 65 -31.51 39.44 -15.99
CA THR E 65 -32.86 40.00 -16.23
C THR E 65 -33.15 41.15 -15.27
N TRP E 66 -34.11 42.01 -15.62
CA TRP E 66 -34.53 43.12 -14.71
C TRP E 66 -36.00 42.89 -14.34
N THR E 67 -36.69 42.02 -15.09
CA THR E 67 -38.12 41.72 -14.82
C THR E 67 -38.21 40.54 -13.85
N THR E 68 -39.44 40.05 -13.61
CA THR E 68 -39.66 38.92 -12.66
C THR E 68 -40.56 37.88 -13.31
N VAL E 69 -40.48 37.73 -14.64
CA VAL E 69 -41.34 36.76 -15.37
C VAL E 69 -40.78 35.34 -15.19
N TRP E 70 -39.57 35.21 -14.64
CA TRP E 70 -38.92 33.88 -14.53
C TRP E 70 -38.90 33.41 -13.07
N THR E 71 -39.09 34.32 -12.12
CA THR E 71 -38.99 33.94 -10.68
C THR E 71 -40.34 33.37 -10.22
N ASP E 72 -40.90 33.91 -9.15
CA ASP E 72 -42.18 33.39 -8.61
C ASP E 72 -42.09 31.87 -8.59
N GLY E 73 -41.02 31.33 -8.01
CA GLY E 73 -40.83 29.87 -7.94
C GLY E 73 -40.57 29.39 -6.52
N SER E 76 -38.38 31.94 -2.68
CA SER E 76 -38.09 33.40 -2.79
C SER E 76 -36.73 33.63 -3.45
N LEU E 77 -36.70 34.41 -4.52
CA LEU E 77 -35.39 34.74 -5.15
C LEU E 77 -34.96 36.12 -4.63
N ASP E 78 -34.43 36.98 -5.50
CA ASP E 78 -33.95 38.32 -5.09
C ASP E 78 -32.66 38.18 -4.28
N ARG E 79 -32.62 37.24 -3.32
CA ARG E 79 -31.43 37.07 -2.46
C ARG E 79 -30.35 36.32 -3.25
N TYR E 80 -30.37 36.41 -4.58
CA TYR E 80 -29.35 35.75 -5.42
C TYR E 80 -29.02 36.66 -6.60
N LYS E 81 -29.04 37.98 -6.37
CA LYS E 81 -28.81 38.94 -7.48
C LYS E 81 -27.83 40.03 -7.03
N GLY E 82 -27.01 40.54 -7.95
CA GLY E 82 -26.09 41.65 -7.62
C GLY E 82 -26.73 42.98 -7.95
N ARG E 83 -26.30 44.06 -7.29
CA ARG E 83 -26.97 45.38 -7.50
C ARG E 83 -25.92 46.49 -7.59
N CYS E 84 -26.15 47.47 -8.47
CA CYS E 84 -25.24 48.64 -8.56
C CYS E 84 -25.67 49.65 -7.49
N TYR E 85 -24.73 50.27 -6.80
CA TYR E 85 -25.08 51.17 -5.68
C TYR E 85 -24.31 52.49 -5.75
N ASP E 86 -23.48 52.69 -6.77
CA ASP E 86 -22.77 53.98 -6.92
C ASP E 86 -22.18 54.15 -8.32
N ILE E 87 -22.01 55.40 -8.77
CA ILE E 87 -21.44 55.70 -10.08
C ILE E 87 -20.68 57.03 -9.98
N GLU E 88 -19.48 57.06 -10.54
CA GLU E 88 -18.65 58.26 -10.53
C GLU E 88 -18.10 58.53 -11.92
N PRO E 89 -17.85 59.80 -12.25
CA PRO E 89 -17.18 60.13 -13.52
C PRO E 89 -15.67 60.26 -13.34
N VAL E 90 -14.95 59.81 -14.35
CA VAL E 90 -13.49 59.85 -14.33
C VAL E 90 -13.03 61.24 -14.74
N ALA E 91 -12.20 61.86 -13.90
CA ALA E 91 -11.74 63.22 -14.17
C ALA E 91 -10.73 63.22 -15.32
N GLY E 92 -10.94 64.11 -16.28
CA GLY E 92 -10.05 64.28 -17.40
C GLY E 92 -10.50 63.61 -18.69
N GLU E 93 -11.41 62.64 -18.61
CA GLU E 93 -11.92 61.95 -19.78
C GLU E 93 -13.41 62.14 -19.89
N GLU E 94 -13.89 62.41 -21.10
CA GLU E 94 -15.30 62.70 -21.30
C GLU E 94 -16.16 61.44 -21.37
N ASN E 95 -15.56 60.28 -21.64
CA ASN E 95 -16.29 59.02 -21.73
C ASN E 95 -15.58 57.97 -20.89
N GLN E 96 -15.85 57.95 -19.60
CA GLN E 96 -15.25 57.01 -18.67
C GLN E 96 -15.97 57.11 -17.34
N TYR E 97 -16.28 55.96 -16.73
CA TYR E 97 -17.02 55.94 -15.49
C TYR E 97 -16.55 54.78 -14.63
N ILE E 98 -16.88 54.85 -13.34
CA ILE E 98 -16.58 53.80 -12.38
C ILE E 98 -17.89 53.30 -11.80
N ALA E 99 -18.06 51.99 -11.78
CA ALA E 99 -19.28 51.35 -11.29
C ALA E 99 -18.96 50.41 -10.14
N TYR E 100 -19.82 50.39 -9.13
CA TYR E 100 -19.65 49.56 -7.95
C TYR E 100 -20.77 48.54 -7.87
N VAL E 101 -20.42 47.28 -7.63
CA VAL E 101 -21.38 46.18 -7.59
C VAL E 101 -21.14 45.38 -6.33
N ALA E 102 -22.23 44.89 -5.72
CA ALA E 102 -22.17 44.09 -4.50
C ALA E 102 -22.81 42.73 -4.74
N TYR E 103 -22.18 41.68 -4.20
CA TYR E 103 -22.65 40.32 -4.37
C TYR E 103 -22.94 39.66 -3.03
N PRO E 104 -23.97 38.82 -2.95
CA PRO E 104 -24.23 38.09 -1.70
C PRO E 104 -23.18 37.03 -1.45
N LEU E 105 -23.12 36.57 -0.19
CA LEU E 105 -22.11 35.60 0.21
C LEU E 105 -22.44 34.18 -0.25
N ASP E 106 -23.72 33.83 -0.37
CA ASP E 106 -24.11 32.46 -0.63
C ASP E 106 -23.93 32.04 -2.08
N LEU E 107 -23.28 32.85 -2.91
CA LEU E 107 -23.10 32.53 -4.32
C LEU E 107 -21.80 31.80 -4.60
N PHE E 108 -20.94 31.61 -3.61
CA PHE E 108 -19.59 31.11 -3.84
C PHE E 108 -19.34 29.85 -3.03
N GLU E 109 -18.48 28.98 -3.57
CA GLU E 109 -18.06 27.77 -2.89
C GLU E 109 -16.81 28.02 -2.08
N GLU E 110 -16.76 27.46 -0.87
CA GLU E 110 -15.67 27.73 0.05
C GLU E 110 -14.38 27.06 -0.42
N GLY E 111 -13.29 27.81 -0.41
CA GLY E 111 -11.99 27.26 -0.73
C GLY E 111 -11.72 27.02 -2.20
N SER E 112 -12.33 27.80 -3.10
CA SER E 112 -12.17 27.60 -4.53
C SER E 112 -12.03 28.95 -5.22
N VAL E 113 -10.86 29.20 -5.81
CA VAL E 113 -10.61 30.46 -6.57
C VAL E 113 -11.17 30.30 -7.97
N THR E 114 -11.11 29.08 -8.53
CA THR E 114 -11.68 28.82 -9.88
C THR E 114 -13.13 29.30 -9.93
N ASN E 115 -13.95 28.89 -8.96
CA ASN E 115 -15.39 29.27 -8.94
C ASN E 115 -15.51 30.79 -8.92
N MET E 116 -14.88 31.45 -7.94
CA MET E 116 -15.01 32.89 -7.82
C MET E 116 -14.72 33.58 -9.15
N PHE E 117 -13.63 33.18 -9.81
CA PHE E 117 -13.28 33.81 -11.08
C PHE E 117 -14.33 33.51 -12.15
N THR E 118 -14.87 32.28 -12.17
CA THR E 118 -15.89 31.95 -13.15
C THR E 118 -17.18 32.72 -12.90
N SER E 119 -17.57 32.87 -11.63
CA SER E 119 -18.84 33.53 -11.33
C SER E 119 -18.76 35.03 -11.59
N ILE E 120 -17.67 35.70 -11.23
CA ILE E 120 -17.67 37.18 -11.41
C ILE E 120 -17.37 37.53 -12.88
N VAL E 121 -16.36 36.92 -13.49
CA VAL E 121 -15.97 37.29 -14.88
C VAL E 121 -16.00 36.05 -15.78
N GLY E 122 -16.97 35.97 -16.69
CA GLY E 122 -17.11 34.81 -17.59
C GLY E 122 -18.17 35.04 -18.66
N ASN E 123 -18.64 36.28 -18.80
CA ASN E 123 -19.69 36.60 -19.81
C ASN E 123 -19.81 38.13 -19.99
N VAL E 124 -19.33 38.91 -19.03
CA VAL E 124 -19.53 40.40 -19.09
C VAL E 124 -18.56 41.06 -20.07
N PHE E 125 -17.60 40.32 -20.64
CA PHE E 125 -16.58 40.96 -21.50
C PHE E 125 -16.93 40.78 -22.99
N GLY E 126 -18.14 40.34 -23.29
CA GLY E 126 -18.59 40.20 -24.71
C GLY E 126 -19.81 41.08 -24.97
N PHE E 127 -20.31 41.75 -23.94
CA PHE E 127 -21.47 42.66 -24.09
C PHE E 127 -21.18 43.64 -25.23
N LYS E 128 -22.09 43.75 -26.19
CA LYS E 128 -21.84 44.60 -27.38
C LYS E 128 -22.18 46.06 -27.06
N ALA E 129 -23.17 46.29 -26.21
CA ALA E 129 -23.59 47.67 -25.88
C ALA E 129 -22.43 48.46 -25.28
N LEU E 130 -21.28 47.80 -25.08
CA LEU E 130 -20.09 48.48 -24.49
C LEU E 130 -18.91 48.35 -25.45
N ARG E 131 -17.85 49.12 -25.23
CA ARG E 131 -16.68 49.07 -26.09
C ARG E 131 -15.45 48.51 -25.40
N ALA E 132 -15.41 48.55 -24.07
CA ALA E 132 -14.25 48.09 -23.32
C ALA E 132 -14.65 47.93 -21.87
N LEU E 133 -13.85 47.16 -21.12
CA LEU E 133 -14.11 46.93 -19.71
C LEU E 133 -12.83 46.49 -19.02
N ARG E 134 -12.63 46.94 -17.79
CA ARG E 134 -11.45 46.61 -17.02
C ARG E 134 -11.78 46.51 -15.55
N LEU E 135 -11.48 45.37 -14.94
CA LEU E 135 -11.65 45.19 -13.51
C LEU E 135 -10.45 45.76 -12.76
N GLU E 136 -10.72 46.47 -11.67
CA GLU E 136 -9.69 47.23 -10.97
C GLU E 136 -9.39 46.70 -9.56
N ASP E 137 -10.40 46.39 -8.76
CA ASP E 137 -10.16 46.01 -7.38
C ASP E 137 -11.28 45.12 -6.87
N LEU E 138 -10.99 44.44 -5.76
CA LEU E 138 -11.95 43.58 -5.07
C LEU E 138 -11.77 43.74 -3.57
N ARG E 139 -12.84 43.46 -2.82
CA ARG E 139 -12.79 43.43 -1.36
C ARG E 139 -13.30 42.09 -0.89
N ILE E 140 -12.51 41.38 -0.11
CA ILE E 140 -12.83 40.04 0.36
C ILE E 140 -13.09 40.11 1.86
N PRO E 141 -14.29 39.80 2.32
CA PRO E 141 -14.60 39.93 3.76
C PRO E 141 -13.91 38.84 4.56
N PRO E 142 -13.70 39.08 5.85
CA PRO E 142 -13.06 38.05 6.70
C PRO E 142 -13.88 36.78 6.84
N ALA E 143 -15.20 36.83 6.65
CA ALA E 143 -16.02 35.63 6.76
C ALA E 143 -15.79 34.67 5.60
N TYR E 144 -15.14 35.13 4.53
CA TYR E 144 -14.84 34.29 3.38
C TYR E 144 -13.36 33.92 3.29
N SER E 145 -12.47 34.73 3.88
CA SER E 145 -11.05 34.44 3.84
C SER E 145 -10.64 33.31 4.78
N LYS E 146 -11.42 33.06 5.83
CA LYS E 146 -11.04 32.07 6.83
C LYS E 146 -11.14 30.64 6.33
N THR E 147 -11.76 30.42 5.17
CA THR E 147 -11.92 29.07 4.63
C THR E 147 -10.75 28.66 3.73
N PHE E 148 -9.75 29.53 3.55
CA PHE E 148 -8.57 29.21 2.76
C PHE E 148 -7.38 28.95 3.68
N GLN E 149 -6.38 28.27 3.14
CA GLN E 149 -5.20 27.93 3.93
C GLN E 149 -4.18 29.05 3.94
N GLY E 150 -3.87 29.62 2.77
CA GLY E 150 -2.93 30.71 2.68
C GLY E 150 -1.52 30.26 2.36
N PRO E 151 -0.54 31.14 2.57
CA PRO E 151 0.84 30.76 2.29
C PRO E 151 1.27 29.61 3.16
N PRO E 152 2.14 28.74 2.66
CA PRO E 152 2.62 27.62 3.48
C PRO E 152 3.33 28.04 4.76
N HIS E 153 4.33 28.92 4.64
CA HIS E 153 5.10 29.33 5.82
C HIS E 153 4.99 30.81 6.12
N GLY E 154 5.26 31.69 5.16
CA GLY E 154 5.16 33.12 5.36
C GLY E 154 6.51 33.81 5.24
N ILE E 155 6.68 34.86 6.03
CA ILE E 155 7.88 35.68 5.99
C ILE E 155 8.78 35.41 7.20
N GLN E 156 8.23 35.50 8.42
CA GLN E 156 9.05 35.32 9.60
C GLN E 156 9.61 33.90 9.69
N VAL E 157 8.78 32.90 9.37
CA VAL E 157 9.21 31.52 9.52
C VAL E 157 10.36 31.22 8.57
N GLU E 158 10.30 31.75 7.35
CA GLU E 158 11.37 31.48 6.39
C GLU E 158 12.68 32.13 6.84
N ARG E 159 12.62 33.36 7.35
CA ARG E 159 13.82 34.00 7.85
C ARG E 159 14.40 33.24 9.04
N ASP E 160 13.54 32.75 9.92
CA ASP E 160 14.02 31.95 11.05
C ASP E 160 14.66 30.65 10.58
N LYS E 161 14.08 30.02 9.56
CA LYS E 161 14.64 28.77 9.04
C LYS E 161 16.00 29.00 8.41
N LEU E 162 16.14 30.06 7.61
CA LEU E 162 17.40 30.29 6.89
C LEU E 162 18.47 30.99 7.72
N ASN E 163 18.09 31.59 8.85
CA ASN E 163 19.04 32.26 9.75
C ASN E 163 19.78 33.40 9.05
N LYS E 164 18.99 34.35 8.52
CA LYS E 164 19.56 35.52 7.81
C LYS E 164 18.75 36.76 8.18
N TYR E 165 19.37 37.73 8.88
CA TYR E 165 18.64 38.93 9.34
C TYR E 165 19.48 40.20 9.14
N GLY E 166 18.88 41.28 8.64
CA GLY E 166 19.62 42.55 8.55
C GLY E 166 19.69 43.18 7.16
N ARG E 167 19.63 42.38 6.09
CA ARG E 167 19.82 42.95 4.73
C ARG E 167 18.95 42.20 3.71
N PRO E 168 18.77 42.72 2.48
CA PRO E 168 18.04 42.00 1.43
C PRO E 168 18.84 40.78 0.94
N LEU E 169 18.16 39.76 0.42
CA LEU E 169 18.83 38.57 -0.10
C LEU E 169 19.18 38.76 -1.57
N LEU E 170 20.06 37.90 -2.06
CA LEU E 170 20.60 38.00 -3.41
C LEU E 170 20.41 36.67 -4.14
N GLY E 171 20.38 36.74 -5.47
CA GLY E 171 20.18 35.56 -6.27
C GLY E 171 20.68 35.76 -7.69
N CYS E 172 20.58 34.71 -8.52
CA CYS E 172 21.03 34.78 -9.93
C CYS E 172 20.40 33.67 -10.78
N THR E 173 20.12 33.94 -12.06
CA THR E 173 19.56 32.91 -12.99
C THR E 173 20.67 32.43 -13.93
N ILE E 174 20.57 31.21 -14.46
CA ILE E 174 21.67 30.63 -15.30
C ILE E 174 21.40 30.87 -16.79
N LYS E 175 22.44 31.20 -17.55
CA LYS E 175 22.31 31.45 -19.02
C LYS E 175 23.52 30.81 -19.72
N PRO E 176 23.41 30.27 -20.96
CA PRO E 176 22.27 30.53 -21.85
C PRO E 176 21.04 29.67 -21.53
N LYS E 177 19.86 30.13 -21.93
CA LYS E 177 18.62 29.33 -21.73
C LYS E 177 18.51 28.30 -22.87
N LEU E 178 18.37 27.02 -22.55
CA LEU E 178 18.23 25.94 -23.56
C LEU E 178 19.52 25.78 -24.36
N GLY E 179 20.20 24.63 -24.21
CA GLY E 179 21.42 24.37 -24.99
C GLY E 179 22.54 23.74 -24.17
N LEU E 180 22.47 23.79 -22.84
CA LEU E 180 23.59 23.29 -22.00
C LEU E 180 23.31 21.87 -21.49
N SER E 181 24.37 21.14 -21.12
CA SER E 181 24.23 19.75 -20.59
C SER E 181 24.01 19.80 -19.08
N ALA E 182 24.06 18.65 -18.40
CA ALA E 182 23.79 18.59 -16.95
C ALA E 182 25.09 18.80 -16.16
N LYS E 183 26.20 18.19 -16.60
CA LYS E 183 27.51 18.40 -15.93
C LYS E 183 27.89 19.88 -15.99
N ASN E 184 27.75 20.50 -17.18
CA ASN E 184 28.13 21.92 -17.36
C ASN E 184 27.21 22.80 -16.49
N TYR E 185 25.91 22.55 -16.50
CA TYR E 185 24.95 23.32 -15.68
C TYR E 185 25.39 23.33 -14.22
N GLY E 186 25.86 22.19 -13.70
CA GLY E 186 26.26 22.08 -12.28
C GLY E 186 27.60 22.74 -12.00
N ARG E 187 28.49 22.80 -12.99
CA ARG E 187 29.83 23.41 -12.81
C ARG E 187 29.70 24.92 -12.63
N ALA E 188 28.66 25.53 -13.19
CA ALA E 188 28.44 26.99 -13.09
C ALA E 188 27.78 27.33 -11.75
N VAL E 189 26.82 26.52 -11.30
CA VAL E 189 26.15 26.75 -9.99
C VAL E 189 27.21 26.86 -8.89
N TYR E 190 28.16 25.93 -8.85
CA TYR E 190 29.21 25.92 -7.79
C TYR E 190 29.99 27.23 -7.83
N GLU E 191 30.57 27.58 -8.97
CA GLU E 191 31.42 28.80 -9.07
C GLU E 191 30.58 30.02 -8.69
N CYS E 192 29.34 30.09 -9.15
CA CYS E 192 28.45 31.21 -8.76
C CYS E 192 28.17 31.11 -7.26
N LEU E 193 27.78 29.94 -6.77
CA LEU E 193 27.44 29.87 -5.36
C LEU E 193 28.64 30.09 -4.45
N ARG E 194 29.83 29.65 -4.85
CA ARG E 194 30.98 29.80 -3.97
C ARG E 194 31.44 31.25 -3.84
N GLY E 195 30.89 32.18 -4.62
CA GLY E 195 31.38 33.55 -4.62
C GLY E 195 30.75 34.46 -3.59
N GLY E 196 29.56 34.13 -3.09
CA GLY E 196 28.94 34.98 -2.09
C GLY E 196 27.44 35.18 -2.22
N LEU E 197 26.83 34.58 -3.23
CA LEU E 197 25.38 34.70 -3.39
C LEU E 197 24.65 33.75 -2.43
N ASP E 198 23.33 33.81 -2.48
CA ASP E 198 22.48 32.99 -1.62
C ASP E 198 21.66 31.96 -2.38
N PHE E 199 21.11 32.35 -3.52
CA PHE E 199 20.21 31.42 -4.25
C PHE E 199 20.56 31.35 -5.74
N THR E 200 20.08 30.30 -6.42
CA THR E 200 20.26 30.16 -7.89
C THR E 200 18.92 29.65 -8.44
N ASP E 202 16.44 28.02 -12.03
CA ASP E 202 16.38 27.47 -13.41
C ASP E 202 15.47 28.39 -14.23
N ASP E 203 15.75 28.57 -15.51
CA ASP E 203 14.83 29.39 -16.36
C ASP E 203 13.44 28.75 -16.32
N GLU E 204 12.39 29.55 -16.56
CA GLU E 204 10.99 29.04 -16.44
C GLU E 204 10.67 28.03 -17.55
N ASN E 205 11.43 28.04 -18.65
CA ASN E 205 11.13 27.14 -19.80
C ASN E 205 12.00 25.88 -19.72
N VAL E 206 12.70 25.68 -18.61
CA VAL E 206 13.55 24.47 -18.41
C VAL E 206 12.74 23.42 -17.65
N ASN E 207 12.31 22.35 -18.34
CA ASN E 207 11.50 21.28 -17.70
C ASN E 207 12.19 19.94 -17.96
N SER E 208 11.97 19.35 -19.14
CA SER E 208 12.64 18.10 -19.52
C SER E 208 12.72 18.08 -21.03
N GLN E 209 13.94 18.10 -21.57
CA GLN E 209 14.16 18.27 -23.00
C GLN E 209 15.17 17.23 -23.48
N PRO E 210 15.24 16.94 -24.80
CA PRO E 210 16.15 15.92 -25.31
C PRO E 210 17.62 16.20 -24.96
N PHE E 211 17.97 17.47 -24.76
CA PHE E 211 19.39 17.85 -24.51
C PHE E 211 19.73 17.71 -23.01
N MET E 212 18.72 17.70 -22.14
CA MET E 212 18.95 17.55 -20.68
C MET E 212 17.68 17.04 -20.01
N ARG E 213 17.75 15.87 -19.35
CA ARG E 213 16.58 15.34 -18.59
C ARG E 213 16.66 15.89 -17.17
N TRP E 214 15.60 15.72 -16.37
CA TRP E 214 15.55 16.34 -15.04
C TRP E 214 16.26 15.54 -13.95
N ARG E 215 16.23 14.21 -14.01
CA ARG E 215 16.74 13.43 -12.90
C ARG E 215 18.26 13.50 -12.75
N ASP E 216 18.93 13.88 -13.85
CA ASP E 216 20.40 14.04 -13.83
C ASP E 216 20.72 15.46 -13.38
N ARG E 217 19.90 16.43 -13.80
CA ARG E 217 20.09 17.84 -13.36
C ARG E 217 19.98 17.89 -11.83
N PHE E 218 18.95 17.25 -11.26
CA PHE E 218 18.71 17.30 -9.80
C PHE E 218 19.93 16.77 -9.04
N LEU E 219 20.53 15.66 -9.49
CA LEU E 219 21.66 15.06 -8.78
C LEU E 219 22.89 15.95 -8.82
N PHE E 220 23.22 16.47 -10.02
CA PHE E 220 24.40 17.32 -10.14
C PHE E 220 24.24 18.60 -9.33
N VAL E 221 23.04 19.18 -9.34
CA VAL E 221 22.79 20.39 -8.54
C VAL E 221 22.96 20.10 -7.06
N ALA E 222 22.46 18.95 -6.59
CA ALA E 222 22.61 18.61 -5.18
C ALA E 222 24.07 18.48 -4.80
N GLU E 223 24.87 17.82 -5.65
CA GLU E 223 26.29 17.67 -5.34
C GLU E 223 26.98 19.03 -5.27
N ALA E 224 26.69 19.90 -6.23
CA ALA E 224 27.28 21.23 -6.21
C ALA E 224 26.89 22.01 -4.97
N ILE E 225 25.62 21.89 -4.56
CA ILE E 225 25.16 22.62 -3.37
C ILE E 225 25.90 22.15 -2.13
N PHE E 226 26.05 20.84 -1.96
CA PHE E 226 26.76 20.33 -0.79
C PHE E 226 28.21 20.80 -0.79
N LYS E 227 28.89 20.70 -1.93
CA LYS E 227 30.29 21.10 -1.98
C LYS E 227 30.45 22.59 -1.67
N SER E 228 29.57 23.42 -2.20
CA SER E 228 29.66 24.86 -1.94
C SER E 228 29.36 25.18 -0.48
N GLN E 229 28.38 24.49 0.11
CA GLN E 229 28.03 24.76 1.50
C GLN E 229 29.17 24.41 2.44
N ALA E 230 29.87 23.31 2.17
CA ALA E 230 30.94 22.89 3.07
C ALA E 230 32.08 23.90 3.11
N GLU E 231 32.20 24.76 2.09
CA GLU E 231 33.38 25.67 2.02
C GLU E 231 33.13 27.01 2.72
N THR E 232 32.16 27.80 2.27
CA THR E 232 31.91 29.15 2.84
C THR E 232 31.58 29.06 4.33
N GLY E 233 30.53 28.31 4.70
CA GLY E 233 30.10 28.23 6.10
C GLY E 233 28.70 28.80 6.28
N GLU E 234 27.91 28.85 5.21
CA GLU E 234 26.57 29.42 5.27
C GLU E 234 25.61 28.55 4.49
N ILE E 235 24.31 28.78 4.71
CA ILE E 235 23.27 27.96 4.10
C ILE E 235 22.98 28.48 2.69
N LYS E 236 22.90 27.56 1.73
CA LYS E 236 22.66 27.89 0.34
C LYS E 236 21.48 27.07 -0.19
N GLY E 237 20.94 27.48 -1.34
CA GLY E 237 19.80 26.77 -1.96
C GLY E 237 19.68 27.03 -3.45
N HIS E 238 18.76 26.34 -4.13
CA HIS E 238 18.53 26.51 -5.59
C HIS E 238 17.07 26.12 -5.92
N TYR E 239 16.38 26.90 -6.74
CA TYR E 239 14.95 26.63 -7.05
C TYR E 239 14.82 25.62 -8.20
N LEU E 240 14.11 24.51 -7.96
CA LEU E 240 13.98 23.45 -8.99
C LEU E 240 12.57 23.50 -9.60
N ASN E 241 12.49 23.58 -10.93
CA ASN E 241 11.17 23.72 -11.62
C ASN E 241 10.38 22.42 -11.53
N ALA E 242 9.12 22.51 -11.11
CA ALA E 242 8.27 21.30 -11.01
C ALA E 242 7.06 21.43 -11.93
N THR E 243 7.13 22.28 -12.96
CA THR E 243 6.02 22.34 -13.90
C THR E 243 6.04 21.13 -14.82
N ALA E 244 4.86 20.57 -15.10
CA ALA E 244 4.75 19.38 -15.92
C ALA E 244 3.45 19.43 -16.71
N GLY E 245 3.23 18.42 -17.55
CA GLY E 245 2.05 18.37 -18.39
C GLY E 245 0.89 17.61 -17.79
N THR E 246 1.15 16.84 -16.75
CA THR E 246 0.10 16.10 -16.05
C THR E 246 0.36 16.17 -14.55
N CYS E 247 -0.69 15.95 -13.78
CA CYS E 247 -0.58 16.08 -12.32
C CYS E 247 0.31 15.00 -11.74
N GLU E 248 0.25 13.78 -12.28
CA GLU E 248 1.05 12.68 -11.74
C GLU E 248 2.55 12.97 -11.87
N GLU E 249 2.98 13.47 -13.03
CA GLU E 249 4.38 13.81 -13.20
C GLU E 249 4.79 14.95 -12.27
N MET E 250 3.93 15.95 -12.12
CA MET E 250 4.23 17.07 -11.24
C MET E 250 4.42 16.61 -9.80
N MET E 251 3.58 15.68 -9.34
CA MET E 251 3.75 15.17 -7.99
C MET E 251 4.93 14.22 -7.87
N LYS E 252 5.31 13.55 -8.96
CA LYS E 252 6.50 12.71 -8.92
C LYS E 252 7.77 13.53 -8.79
N ARG E 253 7.82 14.69 -9.45
CA ARG E 253 9.04 15.49 -9.42
C ARG E 253 9.28 16.20 -8.09
N ALA E 254 8.34 16.17 -7.17
CA ALA E 254 8.55 16.81 -5.87
C ALA E 254 8.98 15.83 -4.78
N GLN E 255 8.57 14.57 -4.89
CA GLN E 255 8.97 13.58 -3.89
C GLN E 255 10.47 13.32 -3.95
N PHE E 256 11.05 13.37 -5.15
CA PHE E 256 12.51 13.22 -5.26
C PHE E 256 13.23 14.37 -4.57
N ALA E 257 12.76 15.59 -4.76
CA ALA E 257 13.36 16.74 -4.08
C ALA E 257 13.21 16.61 -2.57
N ARG E 258 12.09 16.08 -2.11
CA ARG E 258 11.94 15.83 -0.67
C ARG E 258 12.94 14.78 -0.21
N GLU E 259 13.16 13.73 -1.01
CA GLU E 259 14.10 12.69 -0.64
C GLU E 259 15.52 13.22 -0.51
N LEU E 260 15.96 14.04 -1.47
CA LEU E 260 17.33 14.53 -1.43
C LEU E 260 17.59 15.54 -0.32
N GLY E 261 16.55 16.17 0.22
CA GLY E 261 16.72 17.15 1.26
C GLY E 261 16.82 18.58 0.81
N MET E 262 16.44 18.88 -0.44
CA MET E 262 16.50 20.25 -0.91
C MET E 262 15.43 21.10 -0.25
N PRO E 263 15.67 22.40 -0.08
CA PRO E 263 14.76 23.23 0.71
C PRO E 263 13.67 23.99 -0.04
N ILE E 264 13.67 24.03 -1.38
CA ILE E 264 12.79 24.94 -2.10
C ILE E 264 12.51 24.40 -3.49
N VAL E 265 11.34 24.76 -4.03
CA VAL E 265 10.96 24.33 -5.41
C VAL E 265 10.31 25.53 -6.11
N MET E 266 9.95 25.40 -7.39
CA MET E 266 9.39 26.54 -8.16
C MET E 266 8.17 26.07 -8.97
N HIS E 267 7.24 26.96 -9.28
CA HIS E 267 6.06 26.59 -10.10
C HIS E 267 5.46 27.81 -10.81
N ASP E 268 5.00 27.63 -12.04
CA ASP E 268 4.32 28.68 -12.78
C ASP E 268 2.82 28.49 -12.65
N TYR E 269 2.12 29.53 -12.21
CA TYR E 269 0.74 29.39 -11.77
C TYR E 269 -0.28 29.94 -12.76
N LEU E 270 0.15 30.55 -13.87
CA LEU E 270 -0.79 31.08 -14.83
C LEU E 270 -0.92 30.22 -16.09
N THR E 271 0.16 29.56 -16.51
CA THR E 271 0.08 28.59 -17.60
C THR E 271 -0.15 27.18 -17.11
N GLY E 272 -0.03 26.96 -15.80
CA GLY E 272 -0.27 25.62 -15.23
C GLY E 272 -1.72 25.48 -14.80
N GLY E 273 -2.20 26.40 -13.96
CA GLY E 273 -3.59 26.38 -13.50
C GLY E 273 -3.71 26.71 -12.03
N PHE E 274 -4.91 27.08 -11.58
CA PHE E 274 -5.15 27.39 -10.15
C PHE E 274 -5.42 26.07 -9.41
N THR E 275 -6.03 25.10 -10.08
CA THR E 275 -6.35 23.80 -9.46
C THR E 275 -5.05 23.07 -9.09
N ALA E 276 -4.07 23.07 -10.00
CA ALA E 276 -2.78 22.39 -9.76
C ALA E 276 -1.97 23.14 -8.69
N ASN E 277 -1.96 24.48 -8.75
CA ASN E 277 -1.22 25.29 -7.74
C ASN E 277 -1.74 24.99 -6.34
N THR E 278 -3.06 24.87 -6.16
CA THR E 278 -3.65 24.62 -4.83
C THR E 278 -3.25 23.23 -4.33
N THR E 279 -3.26 22.23 -5.22
CA THR E 279 -2.84 20.86 -4.83
C THR E 279 -1.39 20.88 -4.35
N LEU E 280 -0.52 21.61 -5.05
CA LEU E 280 0.92 21.65 -4.69
C LEU E 280 1.10 22.38 -3.36
N ALA E 281 0.46 23.54 -3.19
CA ALA E 281 0.55 24.26 -1.92
C ALA E 281 0.19 23.37 -0.74
N HIS E 282 -0.86 22.56 -0.89
CA HIS E 282 -1.22 21.63 0.18
C HIS E 282 -0.10 20.65 0.45
N TYR E 283 0.49 20.08 -0.61
CA TYR E 283 1.58 19.14 -0.42
C TYR E 283 2.78 19.79 0.25
N CYS E 284 3.13 21.01 -0.17
CA CYS E 284 4.29 21.69 0.41
C CYS E 284 4.06 22.01 1.88
N ARG E 285 2.85 22.41 2.24
CA ARG E 285 2.56 22.62 3.67
C ARG E 285 2.67 21.31 4.44
N ASP E 286 2.23 20.21 3.83
CA ASP E 286 2.29 18.93 4.52
C ASP E 286 3.73 18.44 4.73
N ASN E 287 4.62 18.68 3.77
CA ASN E 287 5.95 18.08 3.83
C ASN E 287 7.07 19.10 4.06
N GLY E 288 6.75 20.34 4.44
CA GLY E 288 7.76 21.29 4.86
C GLY E 288 8.73 21.76 3.80
N LEU E 289 8.24 22.23 2.65
CA LEU E 289 9.06 22.82 1.61
C LEU E 289 8.67 24.28 1.42
N LEU E 290 9.48 25.00 0.65
CA LEU E 290 9.22 26.39 0.31
C LEU E 290 8.86 26.51 -1.16
N LEU E 291 7.94 27.41 -1.48
CA LEU E 291 7.38 27.54 -2.81
C LEU E 291 7.72 28.91 -3.40
N HIS E 292 8.23 28.91 -4.63
CA HIS E 292 8.54 30.12 -5.37
C HIS E 292 7.65 30.18 -6.61
N ILE E 293 7.00 31.33 -6.84
CA ILE E 293 6.03 31.43 -7.98
C ILE E 293 6.55 32.36 -9.08
N HIS E 294 6.26 32.03 -10.34
CA HIS E 294 6.67 32.86 -11.50
C HIS E 294 5.42 33.33 -12.26
N ARG E 295 5.37 34.60 -12.69
CA ARG E 295 4.14 35.14 -13.34
C ARG E 295 4.33 35.17 -14.85
N ALA E 296 4.03 34.06 -15.53
CA ALA E 296 4.25 33.99 -17.00
C ALA E 296 2.93 34.22 -17.74
N MET E 297 2.99 34.94 -18.88
CA MET E 297 1.83 35.20 -19.73
C MET E 297 0.94 36.29 -19.14
N HIS E 298 1.27 36.83 -17.97
CA HIS E 298 0.44 37.85 -17.34
C HIS E 298 0.32 39.10 -18.19
N ALA E 299 1.33 39.40 -19.02
CA ALA E 299 1.29 40.63 -19.81
C ALA E 299 0.24 40.58 -20.90
N VAL E 300 -0.31 39.41 -21.21
CA VAL E 300 -1.40 39.31 -22.17
C VAL E 300 -2.72 39.83 -21.63
N ILE E 301 -2.83 40.00 -20.30
CA ILE E 301 -4.08 40.36 -19.66
C ILE E 301 -4.04 41.78 -19.11
N ASP E 302 -2.89 42.20 -18.59
CA ASP E 302 -2.80 43.52 -17.92
C ASP E 302 -1.67 44.38 -18.50
N ARG E 303 -1.88 45.01 -19.66
CA ARG E 303 -0.87 45.96 -20.20
C ARG E 303 -1.63 47.16 -20.75
N GLN E 304 -2.75 46.90 -21.43
CA GLN E 304 -3.59 47.99 -21.98
C GLN E 304 -4.34 48.65 -20.81
N ARG E 305 -4.66 49.94 -20.91
CA ARG E 305 -5.29 50.65 -19.77
C ARG E 305 -6.80 50.74 -19.96
N ASN E 306 -7.38 49.87 -20.80
CA ASN E 306 -8.84 49.96 -21.07
C ASN E 306 -9.42 48.58 -21.36
N HIS E 307 -8.68 47.51 -21.11
CA HIS E 307 -9.25 46.18 -21.30
C HIS E 307 -8.40 45.16 -20.55
N GLY E 308 -9.06 44.29 -19.79
CA GLY E 308 -8.37 43.23 -19.09
C GLY E 308 -8.60 43.24 -17.59
N ILE E 309 -7.65 42.68 -16.84
CA ILE E 309 -7.73 42.67 -15.35
C ILE E 309 -6.40 43.17 -14.80
N HIS E 310 -6.42 44.12 -13.86
CA HIS E 310 -5.18 44.65 -13.25
C HIS E 310 -4.45 43.55 -12.48
N PHE E 311 -3.16 43.74 -12.20
CA PHE E 311 -2.35 42.71 -11.50
C PHE E 311 -2.65 42.73 -9.99
N ARG E 312 -3.09 43.87 -9.48
CA ARG E 312 -3.43 43.99 -8.03
C ARG E 312 -4.49 42.96 -7.66
N VAL E 313 -5.26 42.46 -8.64
CA VAL E 313 -6.33 41.45 -8.38
C VAL E 313 -5.71 40.05 -8.40
N LEU E 314 -4.84 39.76 -9.38
CA LEU E 314 -4.16 38.47 -9.46
C LEU E 314 -3.23 38.27 -8.27
N ALA E 315 -2.61 39.35 -7.78
CA ALA E 315 -1.77 39.24 -6.59
C ALA E 315 -2.59 38.83 -5.37
N LYS E 316 -3.76 39.44 -5.19
CA LYS E 316 -4.62 39.04 -4.09
C LYS E 316 -5.07 37.60 -4.23
N ALA E 317 -5.42 37.19 -5.44
CA ALA E 317 -5.84 35.81 -5.66
C ALA E 317 -4.73 34.83 -5.32
N LEU E 318 -3.49 35.14 -5.72
CA LEU E 318 -2.39 34.25 -5.39
C LEU E 318 -2.14 34.20 -3.88
N ARG E 319 -2.19 35.36 -3.21
CA ARG E 319 -2.01 35.35 -1.76
C ARG E 319 -3.05 34.46 -1.09
N MET E 320 -4.28 34.47 -1.60
CA MET E 320 -5.31 33.59 -1.06
C MET E 320 -5.00 32.12 -1.38
N SER E 321 -4.51 31.84 -2.60
CA SER E 321 -4.32 30.46 -3.02
C SER E 321 -3.14 29.81 -2.31
N GLY E 322 -2.00 30.51 -2.24
CA GLY E 322 -0.84 29.99 -1.54
C GLY E 322 0.48 30.18 -2.24
N GLY E 323 1.46 30.74 -1.53
CA GLY E 323 2.78 30.94 -2.09
C GLY E 323 3.65 31.68 -1.09
N ASP E 324 4.95 31.64 -1.34
CA ASP E 324 5.93 32.30 -0.48
C ASP E 324 6.61 33.48 -1.14
N HIS E 325 7.06 33.34 -2.39
CA HIS E 325 7.65 34.43 -3.15
C HIS E 325 6.74 34.75 -4.33
N ILE E 326 6.99 35.91 -4.94
CA ILE E 326 6.22 36.32 -6.16
C ILE E 326 7.01 37.43 -6.86
N HIS E 327 7.06 37.40 -8.20
CA HIS E 327 7.75 38.47 -8.96
C HIS E 327 6.91 39.75 -8.92
N SER E 328 7.54 40.90 -8.65
CA SER E 328 6.80 42.18 -8.56
C SER E 328 7.33 43.17 -9.60
N GLY E 329 8.44 42.85 -10.26
CA GLY E 329 9.00 43.72 -11.32
C GLY E 329 9.86 44.84 -10.77
N THR E 330 10.74 45.41 -11.60
CA THR E 330 11.58 46.56 -11.17
C THR E 330 10.92 47.84 -11.69
N VAL E 331 11.62 48.98 -11.64
CA VAL E 331 11.06 50.22 -12.23
C VAL E 331 12.14 50.85 -13.12
N VAL E 332 13.31 50.23 -13.18
CA VAL E 332 14.46 50.80 -13.95
C VAL E 332 15.06 49.71 -14.86
N GLY E 333 14.27 48.72 -15.27
CA GLY E 333 14.81 47.60 -16.06
C GLY E 333 14.32 47.61 -17.50
N LYS E 334 14.19 46.43 -18.12
CA LYS E 334 13.81 46.34 -19.56
C LYS E 334 12.31 46.08 -19.73
N LEU E 335 11.54 46.06 -18.64
CA LEU E 335 10.08 45.75 -18.73
C LEU E 335 9.27 46.86 -18.05
N GLU E 336 8.05 47.12 -18.52
CA GLU E 336 7.22 48.25 -18.00
C GLU E 336 6.99 48.18 -16.48
N GLY E 337 6.63 49.32 -15.87
CA GLY E 337 6.37 49.38 -14.41
C GLY E 337 6.38 50.81 -13.90
N GLU E 338 5.42 51.19 -13.05
CA GLU E 338 5.31 52.58 -12.54
C GLU E 338 5.52 52.59 -11.02
N ARG E 339 6.11 53.66 -10.47
CA ARG E 339 6.46 53.70 -9.02
C ARG E 339 5.21 53.64 -8.13
N GLU E 340 4.40 54.70 -8.09
CA GLU E 340 3.23 54.75 -7.18
C GLU E 340 2.45 53.42 -7.22
N VAL E 341 2.00 53.01 -8.42
CA VAL E 341 1.22 51.74 -8.55
C VAL E 341 1.93 50.62 -7.80
N THR E 342 3.23 50.42 -8.07
CA THR E 342 4.00 49.33 -7.42
C THR E 342 3.98 49.52 -5.90
N LEU E 343 4.32 50.72 -5.42
CA LEU E 343 4.39 50.98 -3.96
C LEU E 343 3.07 50.59 -3.29
N GLY E 344 1.95 50.69 -4.01
CA GLY E 344 0.63 50.38 -3.43
C GLY E 344 0.38 48.89 -3.30
N PHE E 345 0.73 48.09 -4.31
CA PHE E 345 0.41 46.64 -4.27
C PHE E 345 1.50 45.84 -3.56
N VAL E 346 2.62 46.46 -3.19
CA VAL E 346 3.67 45.76 -2.41
C VAL E 346 3.22 45.71 -0.94
N ASP E 347 2.39 46.68 -0.53
CA ASP E 347 1.84 46.71 0.86
C ASP E 347 0.65 45.77 0.96
N LEU E 348 -0.16 45.68 -0.09
CA LEU E 348 -1.35 44.78 -0.10
C LEU E 348 -0.88 43.32 -0.09
N LEU E 349 0.41 43.07 -0.29
CA LEU E 349 0.94 41.68 -0.37
C LEU E 349 1.77 41.40 0.87
N ARG E 350 2.15 42.43 1.62
CA ARG E 350 3.03 42.24 2.80
C ARG E 350 2.36 42.78 4.07
N ASP E 351 1.53 43.83 3.97
CA ASP E 351 1.01 44.34 5.23
C ASP E 351 -0.12 43.48 5.76
N ASP E 352 -0.76 43.96 6.83
CA ASP E 352 -1.88 43.29 7.48
C ASP E 352 -3.15 44.12 7.51
N TYR E 353 -3.05 45.45 7.43
CA TYR E 353 -4.22 46.32 7.42
C TYR E 353 -3.90 47.52 6.53
N ILE E 354 -4.70 47.71 5.48
CA ILE E 354 -4.43 48.71 4.46
C ILE E 354 -5.62 49.66 4.37
N GLU E 355 -5.34 50.95 4.38
CA GLU E 355 -6.37 51.98 4.31
C GLU E 355 -6.58 52.43 2.87
N LYS E 356 -7.74 53.05 2.63
CA LYS E 356 -8.07 53.52 1.29
C LYS E 356 -7.20 54.69 0.89
N ASP E 357 -6.69 54.64 -0.34
CA ASP E 357 -5.81 55.70 -0.86
C ASP E 357 -5.91 55.68 -2.38
N ARG E 358 -6.60 56.67 -2.93
CA ARG E 358 -6.83 56.72 -4.37
C ARG E 358 -5.65 57.27 -5.15
N SER E 359 -4.65 57.84 -4.46
CA SER E 359 -3.45 58.39 -5.13
C SER E 359 -2.45 57.28 -5.48
N ARG E 360 -2.76 56.03 -5.13
CA ARG E 360 -1.83 54.90 -5.38
C ARG E 360 -2.61 53.73 -6.01
N GLY E 361 -3.92 53.90 -6.21
CA GLY E 361 -4.72 52.86 -6.90
C GLY E 361 -5.39 51.91 -5.94
N ILE E 362 -5.78 52.39 -4.75
CA ILE E 362 -6.47 51.54 -3.79
C ILE E 362 -7.89 52.07 -3.64
N TYR E 363 -8.88 51.19 -3.84
CA TYR E 363 -10.28 51.59 -3.83
C TYR E 363 -11.04 51.16 -2.59
N PHE E 364 -10.61 50.10 -1.91
CA PHE E 364 -11.32 49.58 -0.76
C PHE E 364 -10.35 49.34 0.39
N THR E 365 -10.88 49.41 1.60
CA THR E 365 -10.11 49.06 2.80
C THR E 365 -10.07 47.55 2.96
N GLN E 366 -8.90 47.01 3.26
CA GLN E 366 -8.69 45.57 3.30
C GLN E 366 -8.22 45.14 4.69
N ASP E 367 -8.75 44.02 5.16
CA ASP E 367 -8.39 43.43 6.45
C ASP E 367 -8.09 41.96 6.25
N TRP E 368 -6.93 41.52 6.73
CA TRP E 368 -6.47 40.16 6.48
C TRP E 368 -6.55 39.24 7.69
N VAL E 369 -7.05 39.74 8.83
CA VAL E 369 -7.22 39.00 10.09
C VAL E 369 -6.13 37.95 10.32
N SER E 370 -4.87 38.41 10.42
CA SER E 370 -3.74 37.57 10.81
C SER E 370 -3.49 36.45 9.80
N MET E 371 -3.16 36.85 8.58
CA MET E 371 -2.68 35.96 7.54
C MET E 371 -1.23 36.33 7.18
N PRO E 372 -0.37 35.35 6.93
CA PRO E 372 1.03 35.65 6.67
C PRO E 372 1.23 36.42 5.38
N GLY E 373 2.43 36.98 5.23
CA GLY E 373 2.77 37.80 4.09
C GLY E 373 3.58 37.06 3.04
N VAL E 374 3.89 37.77 1.95
CA VAL E 374 4.58 37.21 0.79
C VAL E 374 5.74 38.13 0.43
N LEU E 375 6.91 37.54 0.17
CA LEU E 375 8.10 38.31 -0.19
C LEU E 375 8.04 38.72 -1.65
N PRO E 376 8.29 39.98 -1.98
CA PRO E 376 8.39 40.39 -3.38
C PRO E 376 9.79 40.22 -3.95
N VAL E 377 9.85 40.06 -5.27
CA VAL E 377 11.09 39.81 -6.00
C VAL E 377 11.18 40.77 -7.17
N ALA E 378 12.40 41.27 -7.43
CA ALA E 378 12.65 42.21 -8.56
C ALA E 378 13.73 41.65 -9.49
N SER E 379 13.48 41.63 -10.80
CA SER E 379 14.44 41.07 -11.79
C SER E 379 14.12 41.56 -13.20
N GLY E 380 15.14 41.71 -14.07
CA GLY E 380 14.88 42.08 -15.49
C GLY E 380 15.79 43.17 -16.02
N GLY E 381 17.08 42.87 -16.25
CA GLY E 381 18.01 43.85 -16.86
C GLY E 381 18.49 44.90 -15.87
N ILE E 382 19.29 44.52 -14.87
CA ILE E 382 19.76 45.47 -13.82
C ILE E 382 21.24 45.23 -13.52
N HIS E 383 21.96 46.23 -13.00
CA HIS E 383 23.41 46.10 -12.74
C HIS E 383 23.82 46.89 -11.48
N VAL E 384 25.13 47.05 -11.24
CA VAL E 384 25.65 47.72 -10.01
C VAL E 384 25.13 49.16 -9.88
N TRP E 385 25.06 49.91 -10.99
CA TRP E 385 24.65 51.34 -10.93
C TRP E 385 23.15 51.46 -10.68
N HIS E 386 22.56 50.50 -9.94
CA HIS E 386 21.11 50.51 -9.66
C HIS E 386 20.88 50.19 -8.18
N MET E 387 21.92 49.80 -7.45
CA MET E 387 21.70 49.35 -6.05
C MET E 387 21.07 50.49 -5.23
N PRO E 388 21.67 51.70 -5.15
CA PRO E 388 21.12 52.78 -4.31
C PRO E 388 19.59 52.91 -4.44
N ALA E 389 19.06 52.88 -5.66
CA ALA E 389 17.61 53.06 -5.89
C ALA E 389 16.83 51.83 -5.38
N LEU E 390 17.14 50.65 -5.91
CA LEU E 390 16.47 49.43 -5.46
C LEU E 390 16.42 49.35 -3.94
N THR E 391 17.50 49.73 -3.28
CA THR E 391 17.57 49.63 -1.79
C THR E 391 16.62 50.64 -1.13
N GLU E 392 16.09 51.60 -1.89
CA GLU E 392 15.22 52.65 -1.29
C GLU E 392 13.75 52.35 -1.61
N ILE E 393 13.44 51.99 -2.86
CA ILE E 393 12.03 51.66 -3.25
C ILE E 393 11.57 50.46 -2.41
N PHE E 394 12.43 49.46 -2.24
CA PHE E 394 12.09 48.30 -1.38
C PHE E 394 13.00 48.28 -0.15
N GLY E 395 12.44 47.95 1.02
CA GLY E 395 13.22 47.88 2.24
C GLY E 395 14.14 46.68 2.25
N ASP E 396 14.48 46.18 3.43
CA ASP E 396 15.27 44.96 3.53
C ASP E 396 14.38 43.73 3.68
N ASP E 397 13.33 43.70 2.86
CA ASP E 397 12.32 42.64 2.91
C ASP E 397 11.99 42.17 1.50
N SER E 398 13.02 41.97 0.70
CA SER E 398 12.84 41.60 -0.70
C SER E 398 14.03 40.76 -1.14
N VAL E 399 13.97 40.32 -2.39
CA VAL E 399 15.03 39.54 -3.02
C VAL E 399 15.37 40.21 -4.35
N LEU E 400 16.66 40.38 -4.62
CA LEU E 400 17.14 41.00 -5.86
C LEU E 400 17.83 39.92 -6.69
N GLN E 401 17.54 39.90 -8.00
CA GLN E 401 18.12 38.85 -8.88
C GLN E 401 18.95 39.48 -10.01
N PHE E 402 20.05 38.83 -10.40
CA PHE E 402 20.95 39.34 -11.47
C PHE E 402 21.49 38.18 -12.30
N GLY E 403 21.09 38.09 -13.57
CA GLY E 403 21.53 36.97 -14.44
C GLY E 403 22.71 37.35 -15.32
N GLY E 404 22.54 38.35 -16.19
CA GLY E 404 23.62 38.81 -17.07
C GLY E 404 24.64 39.67 -16.34
N GLY E 405 24.30 40.17 -15.15
CA GLY E 405 25.21 41.02 -14.36
C GLY E 405 26.29 40.21 -13.66
N THR E 406 26.18 38.88 -13.66
CA THR E 406 27.18 38.00 -13.00
C THR E 406 27.95 37.22 -14.06
N LEU E 407 27.27 36.68 -15.07
CA LEU E 407 27.94 35.82 -16.08
C LEU E 407 28.50 36.66 -17.23
N GLY E 408 28.35 38.00 -17.15
CA GLY E 408 28.91 38.88 -18.19
C GLY E 408 30.06 39.73 -17.65
N HIS E 409 30.62 39.33 -16.51
CA HIS E 409 31.77 40.06 -15.92
C HIS E 409 33.05 39.71 -16.69
N PRO E 410 33.94 40.68 -16.98
CA PRO E 410 35.14 40.42 -17.79
C PRO E 410 35.97 39.22 -17.31
N TRP E 411 35.94 38.90 -16.01
CA TRP E 411 36.74 37.78 -15.46
C TRP E 411 35.91 36.49 -15.44
N GLY E 412 35.12 36.25 -14.39
CA GLY E 412 34.36 34.99 -14.28
C GLY E 412 33.09 35.12 -13.46
N ASN E 413 32.62 34.00 -12.89
CA ASN E 413 31.32 34.01 -12.15
C ASN E 413 31.55 34.31 -10.67
N ALA E 414 32.67 33.85 -10.10
CA ALA E 414 32.99 34.17 -8.69
C ALA E 414 33.35 35.65 -8.56
N PRO E 415 34.28 36.22 -9.38
CA PRO E 415 34.52 37.66 -9.37
C PRO E 415 33.26 38.50 -9.58
N GLY E 416 32.31 38.01 -10.38
CA GLY E 416 31.04 38.73 -10.61
C GLY E 416 30.18 38.78 -9.37
N ALA E 417 30.05 37.65 -8.67
CA ALA E 417 29.23 37.58 -7.44
C ALA E 417 29.81 38.49 -6.36
N VAL E 418 31.13 38.49 -6.17
CA VAL E 418 31.76 39.30 -5.08
C VAL E 418 31.44 40.78 -5.31
N ALA E 419 31.52 41.25 -6.56
CA ALA E 419 31.27 42.68 -6.87
C ALA E 419 29.84 43.07 -6.48
N ASN E 420 28.88 42.16 -6.66
CA ASN E 420 27.45 42.46 -6.37
C ASN E 420 27.21 42.46 -4.85
N ARG E 421 28.04 41.74 -4.09
CA ARG E 421 27.85 41.63 -2.62
C ARG E 421 28.48 42.85 -1.93
N VAL E 422 29.63 43.30 -2.40
CA VAL E 422 30.34 44.46 -1.79
C VAL E 422 29.45 45.71 -1.94
N ALA E 423 28.83 45.90 -3.10
CA ALA E 423 27.97 47.08 -3.36
C ALA E 423 26.81 47.13 -2.35
N LEU E 424 26.11 46.01 -2.16
CA LEU E 424 24.91 46.00 -1.25
C LEU E 424 25.33 46.33 0.18
N GLU E 425 26.39 45.68 0.68
CA GLU E 425 26.82 45.89 2.09
C GLU E 425 27.25 47.36 2.29
N ALA E 426 27.69 48.03 1.23
CA ALA E 426 28.11 49.44 1.32
C ALA E 426 26.87 50.35 1.42
N CYS E 427 25.85 50.07 0.61
CA CYS E 427 24.59 50.87 0.64
C CYS E 427 23.92 50.77 2.01
N VAL E 428 23.97 49.59 2.64
CA VAL E 428 23.30 49.39 3.96
C VAL E 428 24.04 50.20 5.03
N GLN E 429 25.35 49.99 5.18
CA GLN E 429 26.14 50.80 6.14
C GLN E 429 25.82 52.28 5.92
N ALA E 430 25.97 52.76 4.70
CA ALA E 430 25.64 54.18 4.38
C ALA E 430 24.21 54.47 4.82
N ARG E 431 23.24 53.64 4.41
CA ARG E 431 21.90 53.91 4.89
C ARG E 431 21.85 53.96 6.42
N ASN E 432 22.57 53.07 7.11
CA ASN E 432 22.42 53.05 8.59
C ASN E 432 23.13 54.23 9.26
N GLU E 433 24.06 54.89 8.57
CA GLU E 433 24.84 56.02 9.16
C GLU E 433 24.04 57.33 9.02
N GLY E 434 22.92 57.29 8.31
CA GLY E 434 22.06 58.49 8.19
C GLY E 434 22.46 59.36 7.02
N ARG E 435 22.81 58.77 5.88
CA ARG E 435 23.11 59.61 4.68
C ARG E 435 22.01 59.39 3.64
N ASP E 436 21.80 60.36 2.75
CA ASP E 436 20.78 60.24 1.68
C ASP E 436 21.24 59.18 0.68
N LEU E 437 20.32 58.68 -0.15
CA LEU E 437 20.66 57.66 -1.16
C LEU E 437 20.30 58.18 -2.54
N ALA E 438 19.16 58.85 -2.67
CA ALA E 438 18.77 59.45 -3.97
C ALA E 438 19.78 60.52 -4.38
N ARG E 439 20.05 61.48 -3.49
CA ARG E 439 21.02 62.57 -3.78
C ARG E 439 22.43 62.00 -3.92
N GLU E 440 22.95 61.35 -2.88
CA GLU E 440 24.34 60.85 -2.91
C GLU E 440 24.36 59.33 -3.13
N GLY E 441 24.43 58.89 -4.39
CA GLY E 441 24.48 57.44 -4.70
C GLY E 441 25.74 57.06 -5.46
N ASN E 442 26.08 57.84 -6.50
CA ASN E 442 27.28 57.55 -7.32
C ASN E 442 28.53 57.62 -6.43
N ASP E 443 28.58 58.60 -5.53
CA ASP E 443 29.73 58.72 -4.60
C ASP E 443 29.91 57.38 -3.87
N ILE E 444 28.86 56.89 -3.21
CA ILE E 444 28.93 55.61 -2.46
C ILE E 444 29.64 54.55 -3.32
N ILE E 445 29.12 54.29 -4.52
CA ILE E 445 29.70 53.23 -5.38
C ILE E 445 31.17 53.53 -5.66
N ARG E 446 31.50 54.77 -6.03
CA ARG E 446 32.90 55.14 -6.35
C ARG E 446 33.81 54.90 -5.14
N GLU E 447 33.50 55.51 -4.00
CA GLU E 447 34.37 55.39 -2.79
C GLU E 447 34.62 53.92 -2.43
N ALA E 448 33.76 53.01 -2.90
CA ALA E 448 33.90 51.57 -2.55
C ALA E 448 34.81 50.87 -3.57
N SER E 449 34.84 51.36 -4.80
CA SER E 449 35.66 50.73 -5.87
C SER E 449 37.14 51.06 -5.66
N LYS E 450 37.46 51.79 -4.59
CA LYS E 450 38.86 52.19 -4.34
C LYS E 450 39.59 51.10 -3.55
N TRP E 451 38.84 50.14 -2.99
CA TRP E 451 39.46 49.04 -2.20
C TRP E 451 38.95 47.68 -2.70
N SER E 452 38.16 47.67 -3.77
CA SER E 452 37.65 46.40 -4.34
C SER E 452 38.05 46.28 -5.81
N PRO E 453 39.06 45.46 -6.15
CA PRO E 453 39.53 45.37 -7.53
C PRO E 453 38.51 44.69 -8.46
N GLU E 454 37.52 44.01 -7.89
CA GLU E 454 36.47 43.32 -8.71
C GLU E 454 35.38 44.33 -9.05
N LEU E 455 35.03 45.22 -8.12
CA LEU E 455 33.94 46.21 -8.36
C LEU E 455 34.39 47.20 -9.43
N ALA E 456 35.66 47.58 -9.43
CA ALA E 456 36.20 48.56 -10.41
C ALA E 456 35.93 48.07 -11.85
N ALA E 457 36.24 46.80 -12.14
CA ALA E 457 36.06 46.26 -13.50
C ALA E 457 34.60 46.37 -13.94
N ALA E 458 33.66 45.92 -13.10
CA ALA E 458 32.22 45.95 -13.47
C ALA E 458 31.78 47.37 -13.80
N CYS E 459 32.18 48.35 -12.98
CA CYS E 459 31.72 49.74 -13.18
C CYS E 459 32.18 50.26 -14.54
N GLU E 460 33.35 49.82 -15.01
CA GLU E 460 33.91 50.31 -16.30
C GLU E 460 33.15 49.71 -17.48
N VAL E 461 32.56 48.54 -17.30
CA VAL E 461 31.86 47.84 -18.42
C VAL E 461 30.49 48.45 -18.67
N TRP E 462 29.67 48.65 -17.63
CA TRP E 462 28.28 49.14 -17.83
C TRP E 462 28.09 50.52 -17.22
N LYS E 463 28.63 51.57 -17.84
CA LYS E 463 28.54 52.94 -17.25
C LYS E 463 27.36 53.70 -17.87
N GLU E 464 27.09 53.52 -19.16
CA GLU E 464 26.03 54.30 -19.84
C GLU E 464 25.01 53.36 -20.48
N ILE E 465 24.29 52.57 -19.67
CA ILE E 465 23.29 51.61 -20.21
C ILE E 465 21.99 51.73 -19.40
N LYS E 466 21.02 52.48 -19.94
CA LYS E 466 19.74 52.71 -19.21
C LYS E 466 18.56 52.42 -20.12
N PHE E 467 17.33 52.45 -19.59
CA PHE E 467 16.12 52.13 -20.39
C PHE E 467 15.03 53.16 -20.09
N VAL E 468 14.72 54.04 -21.05
CA VAL E 468 13.70 55.11 -20.82
C VAL E 468 12.78 55.20 -22.05
N PHE E 469 11.48 54.92 -21.86
CA PHE E 469 10.50 55.02 -22.97
C PHE E 469 9.20 55.58 -22.39
N GLU E 470 8.20 55.83 -23.24
CA GLU E 470 6.90 56.38 -22.76
C GLU E 470 6.05 55.26 -22.15
N THR E 471 5.43 55.50 -21.00
CA THR E 471 4.59 54.48 -20.33
C THR E 471 3.23 54.41 -21.02
N ILE E 472 2.72 53.20 -21.25
CA ILE E 472 1.40 53.03 -21.95
C ILE E 472 0.31 52.80 -20.89
N ASP E 473 0.68 52.29 -19.72
CA ASP E 473 -0.30 52.09 -18.63
C ASP E 473 -0.05 53.15 -17.56
N THR E 474 -0.12 54.43 -17.94
CA THR E 474 0.17 55.54 -17.00
C THR E 474 -0.59 55.31 -15.68
N LEU E 475 -1.92 55.46 -15.70
CA LEU E 475 -2.74 55.29 -14.47
C LEU E 475 -4.22 55.45 -14.81
N GLY F 12 38.19 35.57 -27.35
CA GLY F 12 36.91 34.91 -27.70
C GLY F 12 35.75 35.55 -26.95
N PHE F 13 35.96 35.94 -25.69
CA PHE F 13 34.90 36.62 -24.91
C PHE F 13 35.14 38.13 -24.95
N LYS F 14 34.11 38.90 -25.31
CA LYS F 14 34.21 40.39 -25.29
C LYS F 14 33.04 40.93 -24.47
N ALA F 15 33.30 41.28 -23.20
CA ALA F 15 32.23 41.78 -22.31
C ALA F 15 31.63 43.06 -22.88
N GLY F 16 30.30 43.21 -22.85
CA GLY F 16 29.64 44.42 -23.35
C GLY F 16 28.27 44.15 -23.95
N VAL F 17 27.59 45.18 -24.44
CA VAL F 17 26.21 45.04 -25.03
C VAL F 17 26.28 45.23 -26.54
N LYS F 18 25.42 44.53 -27.29
CA LYS F 18 25.40 44.65 -28.78
C LYS F 18 23.95 44.66 -29.28
N ASP F 19 23.76 44.67 -30.60
CA ASP F 19 22.39 44.71 -31.20
C ASP F 19 21.89 43.27 -31.39
N TYR F 20 20.57 43.11 -31.59
CA TYR F 20 19.98 41.77 -31.78
C TYR F 20 19.97 41.40 -33.27
N ARG F 21 19.81 42.39 -34.14
CA ARG F 21 19.70 42.12 -35.60
C ARG F 21 21.03 41.66 -36.18
N LEU F 22 21.97 41.25 -35.33
CA LEU F 22 23.33 40.85 -35.80
C LEU F 22 23.47 39.33 -35.72
N THR F 23 22.45 38.63 -35.20
CA THR F 23 22.54 37.16 -35.02
C THR F 23 21.14 36.54 -35.07
N TYR F 24 20.08 37.34 -35.10
CA TYR F 24 18.71 36.77 -35.03
C TYR F 24 17.86 37.23 -36.22
N TYR F 25 18.47 37.83 -37.23
CA TYR F 25 17.71 38.21 -38.45
C TYR F 25 18.34 37.48 -39.66
N THR F 26 17.63 36.49 -40.21
CA THR F 26 18.18 35.69 -41.34
C THR F 26 17.29 35.85 -42.58
N PRO F 27 17.37 37.00 -43.30
CA PRO F 27 16.52 37.24 -44.46
C PRO F 27 16.38 36.03 -45.40
N ASP F 28 17.48 35.33 -45.66
CA ASP F 28 17.45 34.16 -46.58
C ASP F 28 17.61 32.87 -45.78
N TYR F 29 16.50 32.28 -45.32
CA TYR F 29 16.55 31.00 -44.59
C TYR F 29 15.51 30.05 -45.18
N GLU F 30 15.88 28.80 -45.42
CA GLU F 30 14.89 27.80 -45.94
C GLU F 30 14.39 26.94 -44.77
N THR F 31 13.11 27.04 -44.44
CA THR F 31 12.54 26.30 -43.28
C THR F 31 12.58 24.79 -43.54
N LYS F 32 12.59 23.98 -42.48
CA LYS F 32 12.61 22.51 -42.61
C LYS F 32 11.20 21.96 -42.33
N ASP F 33 11.02 20.64 -42.41
CA ASP F 33 9.67 20.04 -42.24
C ASP F 33 9.43 19.65 -40.78
N THR F 34 10.41 19.86 -39.91
CA THR F 34 10.27 19.54 -38.47
C THR F 34 10.37 20.84 -37.65
N ASP F 35 9.91 21.95 -38.19
CA ASP F 35 10.04 23.27 -37.50
C ASP F 35 8.67 23.79 -37.08
N ILE F 36 8.61 24.59 -36.01
CA ILE F 36 7.32 25.22 -35.60
C ILE F 36 7.36 26.67 -36.08
N LEU F 37 6.28 27.15 -36.70
CA LEU F 37 6.28 28.52 -37.28
C LEU F 37 5.18 29.37 -36.63
N ALA F 38 5.40 30.67 -36.47
CA ALA F 38 4.43 31.56 -35.85
C ALA F 38 4.31 32.83 -36.69
N ALA F 39 3.32 33.66 -36.34
CA ALA F 39 3.07 34.90 -37.08
C ALA F 39 2.39 35.89 -36.17
N PHE F 40 3.13 36.90 -35.70
CA PHE F 40 2.56 38.01 -34.94
C PHE F 40 2.46 39.26 -35.80
N ARG F 41 1.53 40.13 -35.41
CA ARG F 41 1.45 41.48 -35.94
C ARG F 41 1.89 42.45 -34.85
N MET F 42 2.75 43.40 -35.20
CA MET F 42 3.43 44.22 -34.22
C MET F 42 3.28 45.69 -34.56
N THR F 43 3.47 46.54 -33.54
CA THR F 43 3.46 47.98 -33.70
C THR F 43 4.48 48.59 -32.76
N PRO F 44 5.73 48.86 -33.23
CA PRO F 44 6.80 49.31 -32.33
C PRO F 44 6.75 50.77 -31.88
N GLN F 45 7.69 51.16 -31.01
CA GLN F 45 7.72 52.55 -30.47
C GLN F 45 8.56 53.45 -31.38
N PRO F 46 8.35 54.78 -31.39
CA PRO F 46 9.10 55.70 -32.26
C PRO F 46 10.60 55.68 -31.96
N GLY F 47 11.45 55.35 -32.94
CA GLY F 47 12.86 55.26 -32.63
C GLY F 47 13.53 53.97 -33.08
N VAL F 48 12.77 52.86 -33.00
CA VAL F 48 13.35 51.52 -33.30
C VAL F 48 13.01 51.10 -34.73
N PRO F 49 13.99 50.59 -35.51
CA PRO F 49 13.71 50.08 -36.85
C PRO F 49 13.00 48.72 -36.76
N PRO F 50 12.06 48.39 -37.67
CA PRO F 50 11.31 47.14 -37.58
C PRO F 50 12.21 45.91 -37.40
N GLU F 51 13.31 45.83 -38.16
CA GLU F 51 14.21 44.65 -38.11
C GLU F 51 14.64 44.38 -36.67
N GLU F 52 15.11 45.40 -35.96
CA GLU F 52 15.57 45.22 -34.55
C GLU F 52 14.42 44.66 -33.71
N ALA F 53 13.22 45.21 -33.87
CA ALA F 53 12.04 44.73 -33.09
C ALA F 53 11.83 43.23 -33.31
N GLY F 54 11.60 42.81 -34.56
CA GLY F 54 11.39 41.39 -34.88
C GLY F 54 12.47 40.51 -34.28
N ALA F 55 13.75 40.89 -34.45
CA ALA F 55 14.88 40.10 -33.93
C ALA F 55 14.79 39.97 -32.41
N ALA F 56 14.37 41.03 -31.72
CA ALA F 56 14.27 41.02 -30.24
C ALA F 56 13.24 39.99 -29.78
N VAL F 57 12.09 39.91 -30.48
CA VAL F 57 11.05 38.89 -30.13
C VAL F 57 11.69 37.50 -30.21
N ALA F 58 12.19 37.11 -31.38
CA ALA F 58 12.83 35.78 -31.56
C ALA F 58 13.86 35.51 -30.46
N ALA F 59 14.69 36.50 -30.11
CA ALA F 59 15.77 36.28 -29.13
C ALA F 59 15.23 35.96 -27.73
N GLU F 60 14.43 36.84 -27.14
CA GLU F 60 13.95 36.65 -25.75
C GLU F 60 12.81 35.63 -25.70
N SER F 61 12.81 34.64 -26.60
CA SER F 61 11.78 33.58 -26.59
C SER F 61 12.45 32.23 -26.86
N SER F 62 13.74 32.26 -27.24
CA SER F 62 14.49 31.02 -27.54
C SER F 62 15.74 30.95 -26.66
N THR F 63 16.79 31.70 -27.00
CA THR F 63 18.06 31.69 -26.24
C THR F 63 18.77 33.04 -26.40
N GLY F 64 18.69 33.93 -25.41
CA GLY F 64 19.29 35.27 -25.52
C GLY F 64 19.05 36.15 -24.31
N THR F 65 19.96 37.08 -24.02
CA THR F 65 19.83 37.99 -22.84
C THR F 65 20.03 39.45 -23.29
N TRP F 66 21.02 40.15 -22.72
CA TRP F 66 21.18 41.60 -23.03
C TRP F 66 22.64 42.07 -22.89
N THR F 67 23.59 41.20 -22.53
CA THR F 67 24.97 41.72 -22.28
C THR F 67 26.09 40.72 -22.61
N THR F 68 25.84 39.68 -23.43
CA THR F 68 26.92 38.75 -23.86
C THR F 68 27.47 37.91 -22.69
N VAL F 69 27.30 36.58 -22.76
CA VAL F 69 27.78 35.67 -21.68
C VAL F 69 28.87 34.76 -22.25
N TRP F 70 29.69 34.14 -21.39
CA TRP F 70 30.83 33.32 -21.88
C TRP F 70 30.46 31.84 -22.01
N THR F 71 29.42 31.40 -21.28
CA THR F 71 29.07 29.95 -21.27
C THR F 71 28.43 29.53 -22.59
N ASP F 72 28.49 30.37 -23.61
CA ASP F 72 27.83 30.06 -24.92
C ASP F 72 28.85 29.44 -25.88
N GLY F 73 30.14 29.63 -25.61
CA GLY F 73 31.19 29.03 -26.46
C GLY F 73 31.49 27.60 -26.07
N LEU F 74 30.50 26.89 -25.53
CA LEU F 74 30.68 25.46 -25.14
C LEU F 74 29.40 24.68 -25.45
N THR F 75 28.44 25.30 -26.13
CA THR F 75 27.13 24.64 -26.39
C THR F 75 26.83 24.62 -27.89
N SER F 76 27.44 25.53 -28.66
CA SER F 76 27.22 25.62 -30.13
C SER F 76 25.79 26.05 -30.43
N LEU F 77 25.56 27.35 -30.68
CA LEU F 77 24.22 27.83 -31.09
C LEU F 77 24.02 27.44 -32.56
N ASP F 78 23.23 28.21 -33.31
CA ASP F 78 22.92 27.84 -34.73
C ASP F 78 22.06 26.57 -34.73
N ARG F 79 22.39 25.59 -33.90
CA ARG F 79 21.56 24.37 -33.78
C ARG F 79 20.32 24.71 -32.93
N TYR F 80 20.51 25.47 -31.85
CA TYR F 80 19.36 25.92 -31.02
C TYR F 80 19.26 27.44 -31.07
N LYS F 81 18.24 27.98 -31.74
CA LYS F 81 18.06 29.45 -31.84
C LYS F 81 16.86 29.76 -32.74
N GLY F 82 16.03 30.75 -32.36
CA GLY F 82 14.91 31.17 -33.21
C GLY F 82 15.38 32.18 -34.25
N ARG F 83 14.63 32.35 -35.33
CA ARG F 83 15.12 33.24 -36.42
C ARG F 83 13.96 33.97 -37.10
N CYS F 84 14.03 35.29 -37.21
CA CYS F 84 13.01 36.05 -37.99
C CYS F 84 13.46 36.01 -39.45
N TYR F 85 12.59 35.59 -40.37
CA TYR F 85 13.03 35.40 -41.78
C TYR F 85 12.12 36.15 -42.76
N ASP F 86 11.23 37.02 -42.27
CA ASP F 86 10.38 37.83 -43.19
C ASP F 86 9.58 38.88 -42.40
N ILE F 87 9.43 40.08 -42.98
CA ILE F 87 8.61 41.16 -42.35
C ILE F 87 7.79 41.82 -43.45
N GLU F 88 6.47 41.98 -43.24
CA GLU F 88 5.58 42.57 -44.28
C GLU F 88 4.74 43.69 -43.66
N PRO F 89 4.67 44.88 -44.29
CA PRO F 89 3.88 46.00 -43.76
C PRO F 89 2.36 45.78 -43.90
N VAL F 90 1.59 46.23 -42.91
CA VAL F 90 0.10 46.07 -42.92
C VAL F 90 -0.50 47.28 -43.63
N ALA F 91 -1.17 47.07 -44.77
CA ALA F 91 -1.77 48.19 -45.54
C ALA F 91 -2.73 48.98 -44.67
N GLY F 92 -3.03 50.23 -45.05
CA GLY F 92 -3.91 51.06 -44.26
C GLY F 92 -3.24 51.65 -43.04
N GLU F 93 -2.80 50.78 -42.13
CA GLU F 93 -2.11 51.24 -40.93
C GLU F 93 -0.74 51.81 -41.27
N GLU F 94 -0.26 52.73 -40.43
CA GLU F 94 1.01 53.39 -40.67
C GLU F 94 2.17 52.75 -39.93
N ASN F 95 1.90 52.06 -38.82
CA ASN F 95 2.95 51.50 -37.97
C ASN F 95 2.62 50.07 -37.59
N GLN F 96 2.24 49.26 -38.58
CA GLN F 96 1.87 47.85 -38.32
C GLN F 96 2.60 46.94 -39.30
N TYR F 97 3.10 45.79 -38.82
CA TYR F 97 3.86 44.87 -39.69
C TYR F 97 3.58 43.42 -39.29
N ILE F 98 3.80 42.47 -40.21
CA ILE F 98 3.64 41.03 -39.86
C ILE F 98 5.02 40.38 -39.85
N ALA F 99 5.38 39.70 -38.76
CA ALA F 99 6.70 39.03 -38.65
C ALA F 99 6.52 37.51 -38.74
N TYR F 100 7.62 36.78 -38.98
CA TYR F 100 7.56 35.30 -39.11
C TYR F 100 8.78 34.68 -38.43
N VAL F 101 8.57 33.87 -37.38
CA VAL F 101 9.72 33.28 -36.62
C VAL F 101 9.71 31.76 -36.76
N ALA F 102 10.90 31.13 -36.77
CA ALA F 102 11.02 29.66 -36.88
C ALA F 102 11.64 29.10 -35.61
N TYR F 103 11.16 27.94 -35.13
CA TYR F 103 11.66 27.37 -33.85
C TYR F 103 12.14 25.93 -34.08
N PRO F 104 13.39 25.58 -33.70
CA PRO F 104 13.87 24.19 -33.81
C PRO F 104 12.97 23.22 -33.02
N LEU F 105 13.02 21.93 -33.32
CA LEU F 105 12.11 20.94 -32.67
C LEU F 105 12.67 20.45 -31.34
N ASP F 106 13.99 20.60 -31.10
CA ASP F 106 14.60 20.03 -29.87
C ASP F 106 14.43 20.97 -28.68
N LEU F 107 13.51 21.93 -28.76
CA LEU F 107 13.36 22.93 -27.67
C LEU F 107 12.08 22.64 -26.87
N PHE F 108 11.27 21.66 -27.30
CA PHE F 108 10.00 21.42 -26.65
C PHE F 108 9.97 20.03 -26.02
N GLU F 109 9.16 19.89 -24.97
CA GLU F 109 8.95 18.62 -24.30
C GLU F 109 7.75 17.92 -24.89
N GLU F 110 7.87 16.61 -25.09
CA GLU F 110 6.84 15.84 -25.76
C GLU F 110 5.60 15.71 -24.90
N GLY F 111 4.43 15.95 -25.51
CA GLY F 111 3.17 15.73 -24.83
C GLY F 111 2.75 16.79 -23.85
N SER F 112 3.33 17.99 -23.92
CA SER F 112 3.04 19.07 -22.98
C SER F 112 2.61 20.31 -23.75
N VAL F 113 1.39 20.77 -23.51
CA VAL F 113 0.95 22.03 -24.09
C VAL F 113 1.45 23.20 -23.25
N THR F 114 1.59 22.98 -21.93
CA THR F 114 2.08 24.04 -21.04
C THR F 114 3.46 24.52 -21.45
N ASN F 115 4.35 23.59 -21.79
CA ASN F 115 5.71 23.97 -22.16
C ASN F 115 5.72 24.81 -23.44
N MET F 116 4.98 24.39 -24.45
CA MET F 116 4.93 25.16 -25.69
C MET F 116 4.38 26.55 -25.45
N PHE F 117 3.29 26.64 -24.68
CA PHE F 117 2.69 27.95 -24.42
C PHE F 117 3.63 28.84 -23.62
N THR F 118 4.31 28.30 -22.62
CA THR F 118 5.20 29.11 -21.82
C THR F 118 6.49 29.47 -22.56
N SER F 119 6.85 28.73 -23.60
CA SER F 119 8.01 29.09 -24.39
C SER F 119 7.69 30.16 -25.43
N ILE F 120 6.62 29.95 -26.20
CA ILE F 120 6.34 30.85 -27.32
C ILE F 120 5.90 32.22 -26.83
N VAL F 121 5.01 32.26 -25.84
CA VAL F 121 4.54 33.51 -25.26
C VAL F 121 4.73 33.43 -23.74
N GLY F 122 5.82 34.02 -23.27
CA GLY F 122 6.10 34.02 -21.82
C GLY F 122 6.39 35.40 -21.28
N ASN F 123 7.26 36.18 -21.94
CA ASN F 123 7.66 37.50 -21.39
C ASN F 123 7.84 38.54 -22.49
N VAL F 124 7.50 38.24 -23.75
CA VAL F 124 7.77 39.19 -24.86
C VAL F 124 6.65 40.22 -24.99
N PHE F 125 5.47 39.93 -24.43
CA PHE F 125 4.29 40.84 -24.50
C PHE F 125 4.41 42.02 -23.52
N GLY F 126 5.56 42.19 -22.87
CA GLY F 126 5.69 43.25 -21.85
C GLY F 126 7.00 44.00 -21.91
N PHE F 127 7.63 44.07 -23.09
CA PHE F 127 8.90 44.82 -23.25
C PHE F 127 8.58 46.31 -23.45
N LYS F 128 9.42 47.19 -22.90
CA LYS F 128 9.16 48.65 -22.99
C LYS F 128 9.65 49.21 -24.33
N ALA F 129 9.75 48.36 -25.36
CA ALA F 129 10.15 48.83 -26.71
C ALA F 129 9.01 48.57 -27.70
N LEU F 130 7.93 47.94 -27.24
CA LEU F 130 6.73 47.72 -28.10
C LEU F 130 5.54 48.44 -27.46
N ARG F 131 4.44 48.55 -28.20
CA ARG F 131 3.22 49.18 -27.63
C ARG F 131 2.05 48.20 -27.75
N ALA F 132 2.20 47.14 -28.55
CA ALA F 132 1.13 46.13 -28.72
C ALA F 132 1.65 44.89 -29.46
N LEU F 133 1.00 43.73 -29.27
CA LEU F 133 1.38 42.50 -29.92
C LEU F 133 0.15 41.60 -30.01
N ARG F 134 0.15 40.70 -30.99
CA ARG F 134 -0.98 39.79 -31.19
C ARG F 134 -0.53 38.58 -31.98
N LEU F 135 -0.79 37.39 -31.45
CA LEU F 135 -0.46 36.14 -32.14
C LEU F 135 -1.63 35.73 -33.03
N GLU F 136 -1.32 35.24 -34.22
CA GLU F 136 -2.35 34.97 -35.23
C GLU F 136 -2.48 33.50 -35.61
N ASP F 137 -1.37 32.79 -35.81
CA ASP F 137 -1.46 31.42 -36.28
C ASP F 137 -0.22 30.63 -35.87
N LEU F 138 -0.30 29.31 -35.98
CA LEU F 138 0.86 28.44 -35.63
C LEU F 138 0.85 27.23 -36.58
N ARG F 139 2.02 26.71 -36.94
CA ARG F 139 2.09 25.48 -37.79
C ARG F 139 2.79 24.37 -37.01
N ILE F 140 2.06 23.30 -36.68
CA ILE F 140 2.61 22.18 -35.88
C ILE F 140 3.10 21.08 -36.83
N PRO F 141 4.41 20.73 -36.84
CA PRO F 141 4.91 19.65 -37.69
C PRO F 141 4.26 18.31 -37.33
N PRO F 142 4.15 17.34 -38.27
CA PRO F 142 3.56 16.03 -37.99
C PRO F 142 4.44 15.10 -37.14
N ALA F 143 5.52 15.63 -36.54
CA ALA F 143 6.43 14.82 -35.71
C ALA F 143 6.28 15.23 -34.24
N TYR F 144 5.62 16.36 -33.98
CA TYR F 144 5.36 16.79 -32.59
C TYR F 144 3.94 16.38 -32.20
N SER F 145 3.04 16.28 -33.17
CA SER F 145 1.63 15.93 -32.90
C SER F 145 1.48 14.44 -32.58
N LYS F 146 2.35 13.59 -33.13
CA LYS F 146 2.22 12.12 -32.95
C LYS F 146 2.51 11.73 -31.50
N THR F 147 3.02 12.66 -30.69
CA THR F 147 3.30 12.38 -29.30
C THR F 147 2.13 12.70 -28.37
N PHE F 148 1.03 13.21 -28.92
CA PHE F 148 -0.18 13.51 -28.14
C PHE F 148 -1.21 12.41 -28.33
N GLN F 149 -2.24 12.45 -27.50
CA GLN F 149 -3.30 11.46 -27.59
C GLN F 149 -4.49 11.95 -28.40
N GLY F 150 -4.87 13.21 -28.23
CA GLY F 150 -5.98 13.77 -28.98
C GLY F 150 -7.31 13.57 -28.29
N PRO F 151 -8.40 13.70 -29.05
CA PRO F 151 -9.72 13.49 -28.46
C PRO F 151 -9.87 12.06 -27.98
N PRO F 152 -10.65 11.84 -26.92
CA PRO F 152 -10.82 10.46 -26.42
C PRO F 152 -11.46 9.53 -27.44
N HIS F 153 -12.58 9.92 -28.03
CA HIS F 153 -13.30 9.06 -28.96
C HIS F 153 -13.33 9.60 -30.38
N GLY F 154 -13.84 10.82 -30.59
CA GLY F 154 -13.91 11.41 -31.91
C GLY F 154 -15.35 11.69 -32.31
N ILE F 155 -15.63 11.52 -33.60
CA ILE F 155 -16.94 11.81 -34.17
C ILE F 155 -17.69 10.52 -34.52
N GLN F 156 -17.07 9.64 -35.30
CA GLN F 156 -17.75 8.42 -35.73
C GLN F 156 -18.05 7.50 -34.55
N VAL F 157 -17.11 7.36 -33.63
CA VAL F 157 -17.28 6.46 -32.50
C VAL F 157 -18.42 6.92 -31.62
N GLU F 158 -18.54 8.23 -31.40
CA GLU F 158 -19.63 8.75 -30.58
C GLU F 158 -20.97 8.49 -31.22
N ARG F 159 -21.07 8.68 -32.53
CA ARG F 159 -22.32 8.41 -33.23
C ARG F 159 -22.68 6.94 -33.17
N ASP F 160 -21.69 6.05 -33.29
CA ASP F 160 -21.94 4.63 -33.13
C ASP F 160 -22.43 4.31 -31.71
N LYS F 161 -21.83 4.95 -30.71
CA LYS F 161 -22.24 4.71 -29.33
C LYS F 161 -23.66 5.16 -29.07
N LEU F 162 -24.06 6.30 -29.62
CA LEU F 162 -25.39 6.84 -29.38
C LEU F 162 -26.44 6.30 -30.33
N ASN F 163 -26.04 5.75 -31.48
CA ASN F 163 -26.96 5.19 -32.47
C ASN F 163 -27.94 6.26 -32.98
N LYS F 164 -27.38 7.31 -33.57
CA LYS F 164 -28.16 8.41 -34.13
C LYS F 164 -27.49 8.86 -35.42
N TYR F 165 -28.20 8.76 -36.54
CA TYR F 165 -27.64 9.10 -37.84
C TYR F 165 -28.58 10.01 -38.61
N GLY F 166 -27.99 10.90 -39.41
CA GLY F 166 -28.70 11.64 -40.42
C GLY F 166 -29.07 13.06 -40.08
N ARG F 167 -29.10 13.43 -38.80
CA ARG F 167 -29.60 14.73 -38.42
C ARG F 167 -28.78 15.30 -37.26
N PRO F 168 -28.74 16.62 -37.11
CA PRO F 168 -28.07 17.21 -35.95
C PRO F 168 -28.78 16.87 -34.66
N LEU F 169 -28.01 16.86 -33.58
CA LEU F 169 -28.55 16.57 -32.26
C LEU F 169 -29.12 17.82 -31.61
N LEU F 170 -29.97 17.61 -30.61
CA LEU F 170 -30.67 18.69 -29.93
C LEU F 170 -30.34 18.70 -28.45
N GLY F 171 -30.49 19.86 -27.83
CA GLY F 171 -30.22 19.99 -26.41
C GLY F 171 -30.84 21.26 -25.85
N CYS F 172 -30.78 21.39 -24.53
CA CYS F 172 -31.32 22.58 -23.87
C CYS F 172 -30.58 22.82 -22.56
N THR F 173 -30.65 24.05 -22.05
CA THR F 173 -29.95 24.36 -20.81
C THR F 173 -30.89 24.92 -19.76
N ILE F 174 -30.70 24.51 -18.51
CA ILE F 174 -31.52 25.03 -17.44
C ILE F 174 -31.34 26.53 -17.34
N LYS F 175 -32.42 27.28 -17.57
CA LYS F 175 -32.35 28.74 -17.56
C LYS F 175 -32.23 29.27 -16.12
N PRO F 176 -32.33 30.62 -15.94
CA PRO F 176 -32.12 31.11 -14.58
C PRO F 176 -33.17 30.63 -13.61
N LYS F 177 -32.92 29.46 -13.02
CA LYS F 177 -33.86 28.93 -11.99
C LYS F 177 -33.02 28.57 -10.75
N LEU F 178 -32.13 29.48 -10.33
CA LEU F 178 -31.24 29.21 -9.16
C LEU F 178 -32.06 29.20 -7.87
N GLY F 179 -31.41 28.89 -6.74
CA GLY F 179 -32.15 28.78 -5.46
C GLY F 179 -33.21 27.70 -5.54
N LEU F 180 -32.95 26.64 -6.31
CA LEU F 180 -33.95 25.54 -6.48
C LEU F 180 -33.42 24.28 -5.79
N SER F 181 -34.31 23.53 -5.13
CA SER F 181 -33.91 22.29 -4.48
C SER F 181 -33.63 21.22 -5.53
N ALA F 182 -33.03 20.12 -5.08
CA ALA F 182 -32.64 19.05 -6.00
C ALA F 182 -33.86 18.40 -6.65
N LYS F 183 -34.92 18.17 -5.87
CA LYS F 183 -36.09 17.50 -6.41
C LYS F 183 -36.74 18.30 -7.53
N ASN F 184 -36.85 19.61 -7.35
CA ASN F 184 -37.41 20.47 -8.39
C ASN F 184 -36.51 20.49 -9.63
N TYR F 185 -35.20 20.39 -9.44
CA TYR F 185 -34.29 20.28 -10.57
C TYR F 185 -34.53 19.01 -11.35
N GLY F 186 -34.64 17.88 -10.64
CA GLY F 186 -34.86 16.61 -11.30
C GLY F 186 -36.19 16.54 -12.02
N ARG F 187 -37.23 17.16 -11.44
CA ARG F 187 -38.54 17.15 -12.10
C ARG F 187 -38.48 17.86 -13.45
N ALA F 188 -37.85 19.04 -13.49
CA ALA F 188 -37.72 19.77 -14.75
C ALA F 188 -36.88 18.99 -15.75
N VAL F 189 -35.80 18.37 -15.28
CA VAL F 189 -34.96 17.58 -16.19
C VAL F 189 -35.77 16.44 -16.79
N TYR F 190 -36.57 15.75 -15.97
CA TYR F 190 -37.37 14.66 -16.49
C TYR F 190 -38.40 15.15 -17.50
N GLU F 191 -39.06 16.26 -17.20
CA GLU F 191 -40.06 16.79 -18.15
C GLU F 191 -39.41 17.11 -19.49
N CYS F 192 -38.28 17.82 -19.47
CA CYS F 192 -37.62 18.19 -20.71
C CYS F 192 -37.17 16.96 -21.48
N LEU F 193 -36.61 15.96 -20.79
CA LEU F 193 -36.15 14.76 -21.48
C LEU F 193 -37.31 13.98 -22.09
N ARG F 194 -38.43 13.87 -21.36
CA ARG F 194 -39.59 13.19 -21.90
C ARG F 194 -40.21 13.95 -23.07
N GLY F 195 -39.98 15.26 -23.15
CA GLY F 195 -40.51 16.04 -24.26
C GLY F 195 -40.06 15.53 -25.61
N GLY F 196 -38.80 15.11 -25.72
CA GLY F 196 -38.30 14.61 -26.98
C GLY F 196 -36.89 15.02 -27.34
N LEU F 197 -36.22 15.78 -26.47
CA LEU F 197 -34.86 16.23 -26.72
C LEU F 197 -33.88 15.08 -26.52
N ASP F 198 -32.59 15.39 -26.65
CA ASP F 198 -31.52 14.41 -26.50
C ASP F 198 -30.64 14.69 -25.29
N PHE F 199 -30.09 15.89 -25.18
CA PHE F 199 -29.17 16.24 -24.10
C PHE F 199 -29.78 17.32 -23.22
N THR F 200 -29.15 17.55 -22.08
CA THR F 200 -29.62 18.58 -21.16
C THR F 200 -28.41 19.08 -20.39
N ASP F 202 -26.17 21.96 -17.77
CA ASP F 202 -26.28 22.44 -16.40
C ASP F 202 -26.05 23.94 -16.42
N ASP F 203 -25.26 24.44 -15.46
CA ASP F 203 -24.93 25.89 -15.41
C ASP F 203 -23.48 26.02 -14.95
N GLU F 204 -22.62 26.66 -15.76
CA GLU F 204 -21.17 26.75 -15.45
C GLU F 204 -20.95 27.26 -14.03
N ASN F 205 -21.83 28.10 -13.50
CA ASN F 205 -21.61 28.71 -12.16
C ASN F 205 -22.30 27.88 -11.08
N VAL F 206 -22.24 26.54 -11.17
CA VAL F 206 -22.91 25.69 -10.21
C VAL F 206 -22.02 24.50 -9.90
N ASN F 207 -21.28 24.56 -8.79
CA ASN F 207 -20.43 23.45 -8.39
C ASN F 207 -20.88 22.82 -7.08
N SER F 208 -20.90 23.58 -5.99
CA SER F 208 -21.40 23.10 -4.70
C SER F 208 -21.62 24.32 -3.82
N GLN F 209 -22.87 24.56 -3.44
CA GLN F 209 -23.25 25.77 -2.73
C GLN F 209 -24.17 25.40 -1.58
N PRO F 210 -24.34 26.29 -0.59
CA PRO F 210 -25.18 25.95 0.56
C PRO F 210 -26.60 25.56 0.20
N PHE F 211 -27.17 26.10 -0.88
CA PHE F 211 -28.53 25.76 -1.24
C PHE F 211 -28.63 24.42 -1.98
N MET F 212 -27.52 23.89 -2.47
CA MET F 212 -27.56 22.60 -3.18
C MET F 212 -26.16 22.03 -3.24
N ARG F 213 -25.96 20.86 -2.64
CA ARG F 213 -24.71 20.14 -2.74
C ARG F 213 -24.75 19.21 -3.96
N TRP F 214 -23.63 18.57 -4.25
CA TRP F 214 -23.51 17.90 -5.54
C TRP F 214 -23.97 16.44 -5.52
N ARG F 215 -23.79 15.72 -4.42
CA ARG F 215 -24.08 14.29 -4.42
C ARG F 215 -25.56 14.01 -4.63
N ASP F 216 -26.43 14.73 -3.91
CA ASP F 216 -27.86 14.51 -4.07
C ASP F 216 -28.38 14.99 -5.42
N ARG F 217 -27.81 16.06 -5.97
CA ARG F 217 -28.16 16.46 -7.32
C ARG F 217 -27.81 15.37 -8.33
N PHE F 218 -26.62 14.78 -8.19
CA PHE F 218 -26.26 13.65 -9.03
C PHE F 218 -27.27 12.51 -8.90
N LEU F 219 -27.65 12.20 -7.65
CA LEU F 219 -28.58 11.09 -7.41
C LEU F 219 -29.91 11.34 -8.09
N PHE F 220 -30.47 12.54 -7.93
CA PHE F 220 -31.78 12.83 -8.50
C PHE F 220 -31.74 12.86 -10.03
N VAL F 221 -30.67 13.42 -10.61
CA VAL F 221 -30.57 13.43 -12.07
C VAL F 221 -30.47 12.01 -12.61
N ALA F 222 -29.67 11.16 -11.95
CA ALA F 222 -29.56 9.78 -12.38
C ALA F 222 -30.89 9.04 -12.26
N GLU F 223 -31.66 9.34 -11.21
CA GLU F 223 -32.98 8.73 -11.09
C GLU F 223 -33.90 9.16 -12.21
N ALA F 224 -33.85 10.43 -12.58
CA ALA F 224 -34.74 10.93 -13.65
C ALA F 224 -34.38 10.36 -15.01
N ILE F 225 -33.10 10.17 -15.29
CA ILE F 225 -32.68 9.76 -16.64
C ILE F 225 -33.26 8.40 -17.00
N PHE F 226 -33.17 7.43 -16.09
CA PHE F 226 -33.66 6.08 -16.41
C PHE F 226 -35.16 6.08 -16.64
N LYS F 227 -35.91 6.75 -15.78
CA LYS F 227 -37.37 6.72 -15.90
C LYS F 227 -37.83 7.45 -17.15
N SER F 228 -37.10 8.50 -17.56
CA SER F 228 -37.43 9.12 -18.85
C SER F 228 -37.06 8.23 -20.01
N GLN F 229 -35.95 7.47 -19.89
CA GLN F 229 -35.51 6.59 -20.96
C GLN F 229 -36.45 5.41 -21.19
N ALA F 230 -37.07 4.89 -20.14
CA ALA F 230 -37.87 3.68 -20.27
C ALA F 230 -39.07 3.88 -21.19
N GLU F 231 -39.71 5.04 -21.13
CA GLU F 231 -40.97 5.26 -21.84
C GLU F 231 -40.80 5.50 -23.33
N THR F 232 -39.61 5.86 -23.80
CA THR F 232 -39.42 6.23 -25.19
C THR F 232 -38.53 5.29 -25.98
N GLY F 233 -37.68 4.51 -25.32
CA GLY F 233 -36.78 3.61 -26.02
C GLY F 233 -35.70 4.30 -26.82
N GLU F 234 -35.14 5.38 -26.30
CA GLU F 234 -34.02 6.06 -26.93
C GLU F 234 -33.00 6.43 -25.87
N ILE F 235 -31.75 6.61 -26.29
CA ILE F 235 -30.66 6.89 -25.36
C ILE F 235 -30.65 8.38 -25.04
N LYS F 236 -30.62 8.69 -23.74
CA LYS F 236 -30.66 10.07 -23.25
C LYS F 236 -29.51 10.28 -22.27
N GLY F 237 -29.10 11.53 -22.12
CA GLY F 237 -27.99 11.87 -21.26
C GLY F 237 -28.12 13.27 -20.69
N HIS F 238 -27.17 13.63 -19.84
CA HIS F 238 -27.17 14.93 -19.17
C HIS F 238 -25.75 15.24 -18.72
N TYR F 239 -25.27 16.45 -19.00
CA TYR F 239 -23.91 16.83 -18.65
C TYR F 239 -23.83 17.17 -17.16
N LEU F 240 -22.83 16.60 -16.48
CA LEU F 240 -22.60 16.84 -15.07
C LEU F 240 -21.29 17.60 -14.89
N ASN F 241 -21.35 18.73 -14.20
CA ASN F 241 -20.18 19.58 -14.04
C ASN F 241 -19.20 18.95 -13.08
N ALA F 242 -17.92 18.93 -13.47
CA ALA F 242 -16.87 18.27 -12.68
C ALA F 242 -15.75 19.22 -12.28
N THR F 243 -15.91 20.52 -12.53
CA THR F 243 -14.85 21.52 -12.19
C THR F 243 -14.78 21.69 -10.67
N ALA F 244 -13.58 21.76 -10.09
CA ALA F 244 -13.44 21.84 -8.62
C ALA F 244 -12.23 22.70 -8.24
N GLY F 245 -11.82 22.66 -6.96
CA GLY F 245 -10.70 23.51 -6.48
C GLY F 245 -9.37 22.76 -6.43
N THR F 246 -9.40 21.46 -6.14
CA THR F 246 -8.16 20.64 -6.15
C THR F 246 -8.33 19.49 -7.15
N CYS F 247 -7.34 18.61 -7.25
CA CYS F 247 -7.40 17.48 -8.23
C CYS F 247 -8.04 16.25 -7.59
N GLU F 248 -8.17 16.24 -6.26
CA GLU F 248 -8.74 15.08 -5.54
C GLU F 248 -10.27 15.13 -5.59
N GLU F 249 -10.86 16.34 -5.59
CA GLU F 249 -12.30 16.51 -5.69
C GLU F 249 -12.79 16.20 -7.10
N MET F 250 -12.07 16.68 -8.11
CA MET F 250 -12.46 16.41 -9.49
C MET F 250 -12.45 14.92 -9.78
N MET F 251 -11.40 14.22 -9.34
CA MET F 251 -11.35 12.78 -9.56
C MET F 251 -12.47 12.05 -8.82
N LYS F 252 -12.80 12.51 -7.61
CA LYS F 252 -13.88 11.87 -6.86
C LYS F 252 -15.22 12.03 -7.58
N ARG F 253 -15.50 13.23 -8.08
CA ARG F 253 -16.75 13.44 -8.79
C ARG F 253 -16.81 12.62 -10.07
N ALA F 254 -15.70 12.55 -10.81
CA ALA F 254 -15.68 11.73 -12.02
C ALA F 254 -15.90 10.25 -11.70
N GLN F 255 -15.30 9.76 -10.62
CA GLN F 255 -15.46 8.35 -10.25
C GLN F 255 -16.91 8.05 -9.86
N PHE F 256 -17.54 8.95 -9.10
CA PHE F 256 -18.94 8.72 -8.75
C PHE F 256 -19.83 8.75 -9.99
N ALA F 257 -19.57 9.68 -10.91
CA ALA F 257 -20.35 9.74 -12.15
C ALA F 257 -20.21 8.45 -12.94
N ARG F 258 -19.00 7.89 -12.99
CA ARG F 258 -18.84 6.58 -13.63
C ARG F 258 -19.58 5.48 -12.88
N GLU F 259 -19.56 5.52 -11.55
CA GLU F 259 -20.21 4.48 -10.76
C GLU F 259 -21.71 4.44 -11.01
N LEU F 260 -22.35 5.60 -11.14
CA LEU F 260 -23.79 5.62 -11.42
C LEU F 260 -24.12 5.18 -12.85
N GLY F 261 -23.12 5.05 -13.71
CA GLY F 261 -23.36 4.65 -15.09
C GLY F 261 -23.85 5.75 -16.01
N MET F 262 -23.36 6.97 -15.82
CA MET F 262 -23.71 8.07 -16.70
C MET F 262 -22.78 8.12 -17.91
N PRO F 263 -23.24 8.66 -19.04
CA PRO F 263 -22.45 8.61 -20.28
C PRO F 263 -21.56 9.81 -20.58
N ILE F 264 -21.66 10.92 -19.85
CA ILE F 264 -20.97 12.14 -20.28
C ILE F 264 -20.74 13.05 -19.06
N VAL F 265 -19.64 13.82 -19.11
CA VAL F 265 -19.31 14.81 -18.10
C VAL F 265 -18.95 16.12 -18.81
N MET F 266 -18.52 17.11 -18.04
CA MET F 266 -18.29 18.45 -18.56
C MET F 266 -17.20 19.14 -17.73
N HIS F 267 -16.38 19.95 -18.41
CA HIS F 267 -15.27 20.61 -17.74
C HIS F 267 -15.05 21.99 -18.33
N ASP F 268 -14.41 22.86 -17.55
CA ASP F 268 -14.02 24.20 -17.95
C ASP F 268 -12.51 24.26 -18.02
N TYR F 269 -11.96 24.67 -19.16
CA TYR F 269 -10.54 24.50 -19.41
C TYR F 269 -9.73 25.79 -19.44
N LEU F 270 -10.38 26.95 -19.46
CA LEU F 270 -9.64 28.20 -19.46
C LEU F 270 -9.35 28.72 -18.06
N THR F 271 -10.29 28.48 -17.14
CA THR F 271 -10.15 28.96 -15.74
C THR F 271 -9.68 27.80 -14.84
N GLY F 272 -9.71 26.57 -15.35
CA GLY F 272 -9.25 25.40 -14.57
C GLY F 272 -7.78 25.09 -14.85
N GLY F 273 -7.37 25.13 -16.12
CA GLY F 273 -5.96 24.91 -16.47
C GLY F 273 -5.78 23.82 -17.51
N PHE F 274 -4.58 23.71 -18.09
CA PHE F 274 -4.32 22.64 -19.06
C PHE F 274 -3.98 21.32 -18.39
N THR F 275 -3.29 21.35 -17.25
CA THR F 275 -2.84 20.12 -16.60
C THR F 275 -4.02 19.26 -16.16
N ALA F 276 -4.98 19.88 -15.46
CA ALA F 276 -6.17 19.15 -15.04
C ALA F 276 -6.97 18.65 -16.23
N ASN F 277 -7.06 19.45 -17.29
CA ASN F 277 -7.78 19.01 -18.48
C ASN F 277 -7.14 17.78 -19.09
N THR F 278 -5.80 17.76 -19.17
CA THR F 278 -5.12 16.59 -19.72
C THR F 278 -5.34 15.36 -18.85
N THR F 279 -5.27 15.53 -17.53
CA THR F 279 -5.51 14.40 -16.63
C THR F 279 -6.93 13.85 -16.81
N LEU F 280 -7.91 14.75 -16.89
CA LEU F 280 -9.30 14.31 -17.08
C LEU F 280 -9.48 13.61 -18.42
N ALA F 281 -8.83 14.11 -19.47
CA ALA F 281 -8.93 13.45 -20.77
C ALA F 281 -8.35 12.05 -20.73
N HIS F 282 -7.20 11.88 -20.06
CA HIS F 282 -6.62 10.54 -19.94
C HIS F 282 -7.57 9.61 -19.20
N TYR F 283 -8.15 10.07 -18.10
CA TYR F 283 -9.08 9.23 -17.35
C TYR F 283 -10.30 8.86 -18.19
N CYS F 284 -10.85 9.84 -18.92
CA CYS F 284 -12.04 9.58 -19.74
C CYS F 284 -11.74 8.56 -20.84
N ARG F 285 -10.56 8.66 -21.46
CA ARG F 285 -10.19 7.64 -22.44
C ARG F 285 -10.05 6.28 -21.79
N ASP F 286 -9.49 6.23 -20.58
CA ASP F 286 -9.28 4.95 -19.93
C ASP F 286 -10.59 4.26 -19.54
N ASN F 287 -11.58 5.04 -19.09
CA ASN F 287 -12.78 4.45 -18.51
C ASN F 287 -14.01 4.53 -19.40
N GLY F 288 -13.91 5.12 -20.58
CA GLY F 288 -15.02 5.10 -21.53
C GLY F 288 -16.12 6.10 -21.25
N LEU F 289 -15.79 7.39 -21.27
CA LEU F 289 -16.76 8.46 -21.07
C LEU F 289 -16.60 9.50 -22.16
N LEU F 290 -17.57 10.39 -22.26
CA LEU F 290 -17.52 11.49 -23.21
C LEU F 290 -17.25 12.80 -22.48
N LEU F 291 -16.55 13.71 -23.15
CA LEU F 291 -16.10 14.97 -22.56
C LEU F 291 -16.72 16.14 -23.31
N HIS F 292 -17.31 17.07 -22.57
CA HIS F 292 -17.88 18.30 -23.12
C HIS F 292 -17.10 19.47 -22.56
N ILE F 293 -16.68 20.38 -23.44
CA ILE F 293 -15.79 21.48 -23.08
C ILE F 293 -16.53 22.79 -23.23
N HIS F 294 -16.49 23.61 -22.17
CA HIS F 294 -17.12 24.95 -22.19
C HIS F 294 -16.00 26.01 -22.13
N ARG F 295 -16.13 27.12 -22.86
CA ARG F 295 -15.05 28.13 -22.92
C ARG F 295 -15.47 29.40 -22.17
N ALA F 296 -14.97 29.58 -20.94
CA ALA F 296 -15.38 30.75 -20.12
C ALA F 296 -14.20 31.71 -19.95
N MET F 297 -14.46 33.01 -19.91
CA MET F 297 -13.45 34.04 -19.73
C MET F 297 -12.65 34.27 -21.03
N HIS F 298 -13.01 33.58 -22.11
CA HIS F 298 -12.27 33.71 -23.36
C HIS F 298 -12.30 35.14 -23.91
N ALA F 299 -13.35 35.90 -23.62
CA ALA F 299 -13.49 37.23 -24.19
C ALA F 299 -12.47 38.21 -23.64
N VAL F 300 -11.80 37.87 -22.54
CA VAL F 300 -10.78 38.75 -21.97
C VAL F 300 -9.50 38.75 -22.80
N ILE F 301 -9.38 37.84 -23.76
CA ILE F 301 -8.14 37.64 -24.50
C ILE F 301 -8.31 37.96 -25.98
N ASP F 302 -9.37 37.46 -26.60
CA ASP F 302 -9.48 37.40 -28.06
C ASP F 302 -10.47 38.40 -28.64
N ARG F 303 -10.78 39.47 -27.93
CA ARG F 303 -11.75 40.44 -28.43
C ARG F 303 -11.10 41.59 -29.20
N GLN F 304 -10.16 42.30 -28.58
CA GLN F 304 -9.56 43.45 -29.22
C GLN F 304 -8.69 43.02 -30.40
N ARG F 305 -8.57 43.92 -31.38
CA ARG F 305 -7.93 43.61 -32.65
C ARG F 305 -6.43 43.84 -32.66
N ASN F 306 -5.88 44.58 -31.69
CA ASN F 306 -4.46 44.90 -31.70
C ASN F 306 -3.71 44.35 -30.49
N HIS F 307 -4.32 43.46 -29.70
CA HIS F 307 -3.64 42.89 -28.54
C HIS F 307 -4.38 41.64 -28.09
N GLY F 308 -3.64 40.57 -27.84
CA GLY F 308 -4.20 39.33 -27.32
C GLY F 308 -3.80 38.15 -28.17
N ILE F 309 -4.64 37.12 -28.15
CA ILE F 309 -4.43 35.89 -28.90
C ILE F 309 -5.74 35.53 -29.60
N HIS F 310 -5.67 35.21 -30.88
CA HIS F 310 -6.87 34.85 -31.63
C HIS F 310 -7.38 33.48 -31.19
N PHE F 311 -8.69 33.26 -31.39
CA PHE F 311 -9.33 32.04 -30.92
C PHE F 311 -8.91 30.82 -31.72
N ARG F 312 -8.49 30.99 -32.98
CA ARG F 312 -8.12 29.86 -33.81
C ARG F 312 -6.88 29.14 -33.31
N VAL F 313 -6.10 29.77 -32.43
CA VAL F 313 -4.96 29.09 -31.82
C VAL F 313 -5.40 28.27 -30.62
N LEU F 314 -6.30 28.83 -29.80
CA LEU F 314 -6.85 28.08 -28.68
C LEU F 314 -7.63 26.87 -29.16
N ALA F 315 -8.27 26.96 -30.33
CA ALA F 315 -8.95 25.79 -30.87
C ALA F 315 -7.98 24.66 -31.17
N LYS F 316 -6.84 24.97 -31.80
CA LYS F 316 -5.84 23.95 -32.07
C LYS F 316 -5.28 23.37 -30.77
N ALA F 317 -5.05 24.23 -29.78
CA ALA F 317 -4.56 23.75 -28.49
C ALA F 317 -5.55 22.80 -27.85
N LEU F 318 -6.84 23.11 -27.90
CA LEU F 318 -7.85 22.22 -27.34
C LEU F 318 -7.92 20.91 -28.10
N ARG F 319 -7.82 20.96 -29.43
CA ARG F 319 -7.85 19.72 -30.19
C ARG F 319 -6.67 18.82 -29.83
N MET F 320 -5.49 19.42 -29.65
CA MET F 320 -4.32 18.62 -29.29
C MET F 320 -4.43 18.08 -27.86
N SER F 321 -4.97 18.87 -26.94
CA SER F 321 -5.05 18.43 -25.55
C SER F 321 -6.08 17.32 -25.38
N GLY F 322 -7.28 17.50 -25.92
CA GLY F 322 -8.31 16.47 -25.86
C GLY F 322 -9.69 16.97 -25.52
N GLY F 323 -10.68 16.60 -26.34
CA GLY F 323 -12.06 16.99 -26.12
C GLY F 323 -12.98 16.46 -27.20
N ASP F 324 -14.29 16.48 -26.96
CA ASP F 324 -15.25 15.97 -27.92
C ASP F 324 -16.23 17.02 -28.42
N HIS F 325 -16.71 17.90 -27.55
CA HIS F 325 -17.56 19.02 -27.95
C HIS F 325 -16.88 20.32 -27.56
N ILE F 326 -17.19 21.38 -28.30
CA ILE F 326 -16.65 22.70 -27.99
C ILE F 326 -17.62 23.76 -28.51
N HIS F 327 -17.71 24.86 -27.77
CA HIS F 327 -18.59 25.96 -28.15
C HIS F 327 -17.96 26.79 -29.26
N SER F 328 -18.77 27.33 -30.17
CA SER F 328 -18.18 28.07 -31.31
C SER F 328 -19.02 29.31 -31.64
N GLY F 329 -20.18 29.46 -30.99
CA GLY F 329 -21.04 30.64 -31.22
C GLY F 329 -21.81 30.54 -32.53
N THR F 330 -22.88 31.33 -32.66
CA THR F 330 -23.70 31.33 -33.92
C THR F 330 -22.95 32.11 -35.00
N VAL F 331 -23.43 32.05 -36.24
CA VAL F 331 -22.77 32.77 -37.38
C VAL F 331 -23.85 33.36 -38.28
N VAL F 332 -25.13 33.03 -38.02
CA VAL F 332 -26.23 33.49 -38.91
C VAL F 332 -26.25 35.02 -38.98
N GLY F 333 -26.20 35.70 -37.83
CA GLY F 333 -26.28 37.18 -37.81
C GLY F 333 -24.97 37.85 -38.16
N LYS F 334 -24.12 37.21 -38.97
CA LYS F 334 -22.83 37.80 -39.39
C LYS F 334 -22.96 38.31 -40.83
N LEU F 335 -22.37 39.46 -41.15
CA LEU F 335 -22.50 40.08 -42.50
C LEU F 335 -21.49 39.44 -43.45
N GLU F 336 -21.58 39.72 -44.76
CA GLU F 336 -20.55 39.19 -45.64
C GLU F 336 -19.18 39.75 -45.23
N GLY F 337 -18.14 39.14 -45.79
CA GLY F 337 -16.78 39.44 -45.36
C GLY F 337 -16.45 38.70 -44.08
N GLU F 338 -17.21 38.98 -43.03
CA GLU F 338 -17.12 38.19 -41.81
C GLU F 338 -17.82 36.85 -42.03
N ARG F 339 -17.75 35.99 -41.00
CA ARG F 339 -18.28 34.63 -40.98
C ARG F 339 -17.42 33.72 -41.85
N GLU F 340 -16.54 34.31 -42.65
CA GLU F 340 -15.54 33.54 -43.36
C GLU F 340 -14.49 33.00 -42.39
N VAL F 341 -14.12 33.82 -41.40
CA VAL F 341 -13.19 33.36 -40.37
C VAL F 341 -13.80 32.22 -39.58
N THR F 342 -15.08 32.33 -39.23
CA THR F 342 -15.74 31.27 -38.48
C THR F 342 -15.83 29.99 -39.30
N LEU F 343 -16.18 30.11 -40.59
CA LEU F 343 -16.22 28.92 -41.43
C LEU F 343 -14.85 28.30 -41.60
N GLY F 344 -13.80 29.12 -41.60
CA GLY F 344 -12.46 28.58 -41.70
C GLY F 344 -12.02 27.84 -40.45
N PHE F 345 -12.26 28.42 -39.28
CA PHE F 345 -11.79 27.75 -38.08
C PHE F 345 -12.72 26.64 -37.61
N VAL F 346 -13.91 26.53 -38.19
CA VAL F 346 -14.68 25.29 -38.03
C VAL F 346 -14.05 24.17 -38.83
N ASP F 347 -13.62 24.47 -40.07
CA ASP F 347 -12.93 23.47 -40.88
C ASP F 347 -11.63 23.04 -40.22
N LEU F 348 -10.94 23.98 -39.58
CA LEU F 348 -9.74 23.62 -38.82
C LEU F 348 -10.05 22.64 -37.70
N LEU F 349 -11.29 22.61 -37.22
CA LEU F 349 -11.68 21.70 -36.16
C LEU F 349 -12.16 20.35 -36.66
N ARG F 350 -12.82 20.31 -37.82
CA ARG F 350 -13.47 19.09 -38.28
C ARG F 350 -12.69 18.31 -39.33
N ASP F 351 -11.94 18.97 -40.20
CA ASP F 351 -11.37 18.33 -41.38
C ASP F 351 -10.06 17.60 -41.04
N ASP F 352 -9.38 17.16 -42.10
CA ASP F 352 -8.12 16.44 -41.98
C ASP F 352 -6.96 17.07 -42.75
N TYR F 353 -7.24 17.91 -43.74
CA TYR F 353 -6.20 18.56 -44.52
C TYR F 353 -6.72 19.91 -44.99
N ILE F 354 -6.09 20.99 -44.55
CA ILE F 354 -6.55 22.34 -44.83
C ILE F 354 -5.45 23.07 -45.61
N GLU F 355 -5.83 23.69 -46.72
CA GLU F 355 -4.89 24.41 -47.55
C GLU F 355 -4.83 25.89 -47.17
N LYS F 356 -3.84 26.59 -47.71
CA LYS F 356 -3.64 27.99 -47.39
C LYS F 356 -4.67 28.86 -48.07
N ASP F 357 -5.22 29.82 -47.31
CA ASP F 357 -6.22 30.77 -47.86
C ASP F 357 -6.30 31.99 -46.95
N ARG F 358 -5.79 33.14 -47.41
CA ARG F 358 -5.76 34.37 -46.56
C ARG F 358 -7.15 35.00 -46.53
N SER F 359 -7.91 34.89 -47.63
CA SER F 359 -9.30 35.42 -47.66
C SER F 359 -10.10 34.87 -46.47
N ARG F 360 -9.69 33.72 -45.93
CA ARG F 360 -10.37 33.12 -44.80
C ARG F 360 -9.55 33.17 -43.52
N GLY F 361 -8.43 33.89 -43.53
CA GLY F 361 -7.60 34.00 -42.33
C GLY F 361 -6.75 32.80 -42.02
N ILE F 362 -6.30 32.06 -43.04
CA ILE F 362 -5.43 30.91 -42.87
C ILE F 362 -4.04 31.29 -43.38
N TYR F 363 -3.03 31.12 -42.53
CA TYR F 363 -1.67 31.55 -42.85
C TYR F 363 -0.75 30.42 -43.27
N PHE F 364 -0.99 29.19 -42.79
CA PHE F 364 -0.13 28.05 -43.07
C PHE F 364 -0.97 26.85 -43.48
N THR F 365 -0.35 25.96 -44.24
CA THR F 365 -0.99 24.69 -44.60
C THR F 365 -0.81 23.69 -43.47
N GLN F 366 -1.91 23.04 -43.06
CA GLN F 366 -1.92 22.18 -41.90
C GLN F 366 -2.34 20.77 -42.27
N ASP F 367 -1.66 19.78 -41.72
CA ASP F 367 -1.97 18.37 -41.92
C ASP F 367 -2.01 17.66 -40.58
N TRP F 368 -3.04 16.85 -40.37
CA TRP F 368 -3.32 16.27 -39.06
C TRP F 368 -3.01 14.78 -38.95
N VAL F 369 -2.56 14.14 -40.04
CA VAL F 369 -2.19 12.72 -40.11
C VAL F 369 -3.09 11.84 -39.25
N SER F 370 -4.36 11.74 -39.62
CA SER F 370 -5.30 10.78 -39.03
C SER F 370 -5.53 11.04 -37.54
N MET F 371 -6.06 12.22 -37.24
CA MET F 371 -6.55 12.54 -35.92
C MET F 371 -8.06 12.77 -35.98
N PRO F 372 -8.80 12.34 -34.95
CA PRO F 372 -10.26 12.49 -35.00
C PRO F 372 -10.69 13.96 -34.92
N GLY F 373 -11.97 14.18 -35.18
CA GLY F 373 -12.52 15.52 -35.20
C GLY F 373 -13.26 15.87 -33.92
N VAL F 374 -13.80 17.10 -33.90
CA VAL F 374 -14.53 17.64 -32.77
C VAL F 374 -15.84 18.24 -33.25
N LEU F 375 -16.92 17.96 -32.53
CA LEU F 375 -18.24 18.47 -32.90
C LEU F 375 -18.41 19.91 -32.40
N PRO F 376 -18.76 20.85 -33.28
CA PRO F 376 -19.02 22.22 -32.82
C PRO F 376 -20.43 22.39 -32.27
N VAL F 377 -20.58 23.39 -31.41
CA VAL F 377 -21.82 23.65 -30.71
C VAL F 377 -22.21 25.12 -30.93
N ALA F 378 -23.48 25.36 -31.24
CA ALA F 378 -23.97 26.75 -31.45
C ALA F 378 -25.09 27.04 -30.44
N SER F 379 -25.15 28.24 -29.88
CA SER F 379 -26.15 28.53 -28.82
C SER F 379 -26.40 30.04 -28.70
N GLY F 380 -27.23 30.44 -27.73
CA GLY F 380 -27.47 31.88 -27.49
C GLY F 380 -28.66 32.43 -28.27
N GLY F 381 -29.80 32.65 -27.62
CA GLY F 381 -30.97 33.28 -28.28
C GLY F 381 -31.32 32.70 -29.63
N ILE F 382 -32.14 31.63 -29.68
CA ILE F 382 -32.58 31.03 -30.97
C ILE F 382 -33.97 30.41 -30.79
N HIS F 383 -34.85 30.56 -31.78
CA HIS F 383 -36.19 29.99 -31.72
C HIS F 383 -36.46 29.21 -33.01
N VAL F 384 -37.73 28.85 -33.23
CA VAL F 384 -38.06 27.87 -34.26
C VAL F 384 -37.77 28.41 -35.65
N TRP F 385 -37.97 29.70 -35.87
CA TRP F 385 -37.86 30.27 -37.21
C TRP F 385 -36.45 30.25 -37.77
N HIS F 386 -35.44 29.96 -36.94
CA HIS F 386 -34.05 29.94 -37.37
C HIS F 386 -33.58 28.57 -37.83
N MET F 387 -34.46 27.56 -37.80
CA MET F 387 -34.01 26.18 -38.02
C MET F 387 -33.43 25.93 -39.41
N PRO F 388 -34.10 26.31 -40.51
CA PRO F 388 -33.51 26.00 -41.83
C PRO F 388 -32.17 26.67 -42.08
N ALA F 389 -31.96 27.88 -41.57
CA ALA F 389 -30.68 28.56 -41.77
C ALA F 389 -29.54 27.80 -41.09
N LEU F 390 -29.74 27.42 -39.82
CA LEU F 390 -28.71 26.66 -39.12
C LEU F 390 -28.50 25.30 -39.74
N THR F 391 -29.57 24.69 -40.25
CA THR F 391 -29.42 23.39 -40.94
C THR F 391 -28.60 23.54 -42.21
N GLU F 392 -28.78 24.66 -42.93
CA GLU F 392 -28.10 24.83 -44.21
C GLU F 392 -26.67 25.32 -44.06
N ILE F 393 -26.34 25.98 -42.93
CA ILE F 393 -24.99 26.50 -42.76
C ILE F 393 -24.05 25.41 -42.27
N PHE F 394 -24.33 24.85 -41.09
CA PHE F 394 -23.40 23.91 -40.48
C PHE F 394 -23.46 22.54 -41.13
N GLY F 395 -24.64 22.08 -41.51
CA GLY F 395 -24.82 20.70 -41.92
C GLY F 395 -25.22 19.82 -40.77
N ASP F 396 -25.33 18.53 -41.04
CA ASP F 396 -25.75 17.57 -40.01
C ASP F 396 -24.56 17.00 -39.25
N ASP F 397 -23.71 17.87 -38.73
CA ASP F 397 -22.56 17.46 -37.92
C ASP F 397 -22.34 18.45 -36.79
N SER F 398 -23.41 18.84 -36.08
CA SER F 398 -23.29 19.83 -35.02
C SER F 398 -24.33 19.55 -33.95
N VAL F 399 -24.29 20.36 -32.90
CA VAL F 399 -25.26 20.30 -31.80
C VAL F 399 -25.90 21.67 -31.66
N LEU F 400 -27.22 21.72 -31.61
CA LEU F 400 -27.97 22.96 -31.46
C LEU F 400 -28.56 23.03 -30.06
N GLN F 401 -28.25 24.10 -29.34
CA GLN F 401 -28.67 24.28 -27.97
C GLN F 401 -29.70 25.41 -27.89
N PHE F 402 -30.84 25.12 -27.27
CA PHE F 402 -31.91 26.09 -27.12
C PHE F 402 -32.04 26.51 -25.66
N GLY F 403 -32.29 27.79 -25.44
CA GLY F 403 -32.44 28.31 -24.10
C GLY F 403 -33.86 28.66 -23.77
N GLY F 404 -34.20 29.94 -23.84
CA GLY F 404 -35.56 30.38 -23.56
C GLY F 404 -36.58 29.95 -24.59
N GLY F 405 -36.15 29.37 -25.71
CA GLY F 405 -37.05 28.87 -26.72
C GLY F 405 -37.71 27.56 -26.39
N THR F 406 -37.37 26.95 -25.26
CA THR F 406 -37.98 25.72 -24.80
C THR F 406 -38.78 25.90 -23.51
N LEU F 407 -38.22 26.63 -22.55
CA LEU F 407 -38.89 26.81 -21.24
C LEU F 407 -39.72 28.10 -21.27
N GLY F 408 -40.12 28.55 -22.45
CA GLY F 408 -40.97 29.76 -22.56
C GLY F 408 -42.36 29.42 -23.09
N HIS F 409 -42.54 28.21 -23.61
CA HIS F 409 -43.85 27.80 -24.19
C HIS F 409 -44.98 28.12 -23.22
N PRO F 410 -46.14 28.63 -23.67
CA PRO F 410 -47.26 28.99 -22.80
C PRO F 410 -48.02 27.78 -22.26
N TRP F 411 -47.60 26.57 -22.61
CA TRP F 411 -48.34 25.35 -22.19
C TRP F 411 -47.47 24.51 -21.25
N GLY F 412 -46.18 24.83 -21.14
CA GLY F 412 -45.30 24.10 -20.21
C GLY F 412 -43.98 23.68 -20.83
N ASN F 413 -43.23 22.81 -20.15
CA ASN F 413 -41.93 22.37 -20.61
C ASN F 413 -42.01 21.22 -21.61
N ALA F 414 -42.85 20.23 -21.33
CA ALA F 414 -42.94 19.06 -22.20
C ALA F 414 -43.43 19.41 -23.60
N PRO F 415 -44.51 20.17 -23.80
CA PRO F 415 -44.89 20.54 -25.18
C PRO F 415 -43.87 21.42 -25.87
N GLY F 416 -42.97 22.07 -25.14
CA GLY F 416 -42.01 22.95 -25.78
C GLY F 416 -41.04 22.22 -26.69
N ALA F 417 -40.63 21.01 -26.31
CA ALA F 417 -39.68 20.25 -27.10
C ALA F 417 -40.31 19.65 -28.35
N VAL F 418 -41.61 19.38 -28.32
CA VAL F 418 -42.27 18.76 -29.48
C VAL F 418 -42.22 19.70 -30.68
N ALA F 419 -42.40 21.00 -30.45
CA ALA F 419 -42.34 21.95 -31.55
C ALA F 419 -40.97 21.95 -32.22
N ASN F 420 -39.91 21.97 -31.42
CA ASN F 420 -38.56 21.96 -31.97
C ASN F 420 -38.29 20.66 -32.74
N ARG F 421 -38.71 19.53 -32.17
CA ARG F 421 -38.50 18.26 -32.85
C ARG F 421 -39.22 18.23 -34.20
N VAL F 422 -40.48 18.67 -34.22
CA VAL F 422 -41.25 18.67 -35.46
C VAL F 422 -40.62 19.58 -36.50
N ALA F 423 -40.20 20.78 -36.08
CA ALA F 423 -39.59 21.71 -37.03
C ALA F 423 -38.30 21.14 -37.61
N LEU F 424 -37.47 20.53 -36.77
CA LEU F 424 -36.22 19.96 -37.27
C LEU F 424 -36.48 18.83 -38.26
N GLU F 425 -37.43 17.94 -37.93
CA GLU F 425 -37.72 16.84 -38.85
C GLU F 425 -38.26 17.37 -40.18
N ALA F 426 -39.12 18.40 -40.12
CA ALA F 426 -39.65 18.98 -41.36
C ALA F 426 -38.54 19.58 -42.20
N CYS F 427 -37.61 20.30 -41.57
CA CYS F 427 -36.51 20.89 -42.33
C CYS F 427 -35.64 19.83 -42.97
N VAL F 428 -35.33 18.76 -42.25
CA VAL F 428 -34.50 17.70 -42.81
C VAL F 428 -35.22 17.04 -43.99
N GLN F 429 -36.52 16.75 -43.83
CA GLN F 429 -37.28 16.14 -44.92
C GLN F 429 -37.30 17.04 -46.14
N ALA F 430 -37.48 18.35 -45.94
CA ALA F 430 -37.49 19.28 -47.06
C ALA F 430 -36.14 19.30 -47.77
N ARG F 431 -35.04 19.27 -47.00
CA ARG F 431 -33.73 19.24 -47.63
C ARG F 431 -33.51 17.96 -48.43
N ASN F 432 -34.01 16.83 -47.95
CA ASN F 432 -33.80 15.56 -48.63
C ASN F 432 -34.67 15.39 -49.88
N GLU F 433 -35.31 16.46 -50.36
CA GLU F 433 -36.19 16.36 -51.51
C GLU F 433 -35.76 17.24 -52.68
N GLY F 434 -34.76 18.10 -52.51
CA GLY F 434 -34.32 19.00 -53.55
C GLY F 434 -34.75 20.44 -53.38
N ARG F 435 -35.71 20.71 -52.50
CA ARG F 435 -36.12 22.09 -52.24
C ARG F 435 -34.96 22.86 -51.60
N ASP F 436 -34.88 24.14 -51.92
CA ASP F 436 -33.81 24.99 -51.38
C ASP F 436 -34.20 25.49 -50.00
N LEU F 437 -33.31 25.32 -49.03
CA LEU F 437 -33.59 25.72 -47.66
C LEU F 437 -33.29 27.19 -47.39
N ALA F 438 -32.76 27.93 -48.36
CA ALA F 438 -32.41 29.31 -48.13
C ALA F 438 -33.49 30.28 -48.61
N ARG F 439 -34.10 30.00 -49.77
CA ARG F 439 -35.10 30.91 -50.31
C ARG F 439 -36.50 30.60 -49.78
N GLU F 440 -36.87 29.32 -49.75
CA GLU F 440 -38.20 28.95 -49.27
C GLU F 440 -38.38 29.35 -47.81
N GLY F 441 -37.58 28.75 -46.92
CA GLY F 441 -37.47 29.27 -45.56
C GLY F 441 -38.77 29.33 -44.77
N ASN F 442 -39.31 30.54 -44.65
CA ASN F 442 -40.49 30.76 -43.83
C ASN F 442 -41.68 29.95 -44.29
N ASP F 443 -41.68 29.50 -45.56
CA ASP F 443 -42.86 28.86 -46.12
C ASP F 443 -43.04 27.44 -45.60
N ILE F 444 -41.94 26.68 -45.47
CA ILE F 444 -42.06 25.27 -45.10
C ILE F 444 -42.56 25.13 -43.66
N ILE F 445 -42.16 26.05 -42.78
CA ILE F 445 -42.60 25.96 -41.38
C ILE F 445 -44.11 26.09 -41.27
N ARG F 446 -44.70 26.97 -42.08
CA ARG F 446 -46.14 27.19 -42.00
C ARG F 446 -46.92 25.94 -42.35
N GLU F 447 -46.50 25.22 -43.40
CA GLU F 447 -47.21 24.01 -43.79
C GLU F 447 -47.16 22.96 -42.69
N ALA F 448 -45.99 22.77 -42.07
CA ALA F 448 -45.89 21.81 -40.98
C ALA F 448 -46.70 22.24 -39.77
N SER F 449 -46.87 23.55 -39.57
CA SER F 449 -47.65 24.04 -38.44
C SER F 449 -49.13 23.73 -38.57
N LYS F 450 -49.60 23.29 -39.74
CA LYS F 450 -51.03 23.10 -39.96
C LYS F 450 -51.59 21.90 -39.20
N TRP F 451 -50.83 20.82 -39.07
CA TRP F 451 -51.35 19.59 -38.49
C TRP F 451 -50.66 19.25 -37.18
N SER F 452 -50.15 20.25 -36.48
CA SER F 452 -49.51 20.06 -35.18
C SER F 452 -49.88 21.24 -34.28
N PRO F 453 -50.80 21.04 -33.34
CA PRO F 453 -51.24 22.16 -32.50
C PRO F 453 -50.15 22.77 -31.64
N GLU F 454 -49.07 22.03 -31.34
CA GLU F 454 -48.01 22.58 -30.51
C GLU F 454 -47.11 23.54 -31.30
N LEU F 455 -46.86 23.21 -32.57
CA LEU F 455 -46.05 24.12 -33.44
C LEU F 455 -46.84 25.42 -33.56
N ALA F 456 -48.17 25.32 -33.67
CA ALA F 456 -48.99 26.55 -33.62
C ALA F 456 -48.88 27.07 -32.19
N ALA F 457 -49.36 28.28 -31.91
CA ALA F 457 -49.16 28.87 -30.56
C ALA F 457 -47.69 29.26 -30.44
N ALA F 458 -46.77 28.33 -30.72
CA ALA F 458 -45.34 28.67 -30.73
C ALA F 458 -45.07 29.63 -31.89
N CYS F 459 -45.69 29.39 -33.05
CA CYS F 459 -45.50 30.30 -34.16
C CYS F 459 -46.23 31.63 -33.95
N GLU F 460 -47.00 31.73 -32.85
CA GLU F 460 -47.71 32.99 -32.53
C GLU F 460 -46.84 33.88 -31.65
N VAL F 461 -46.22 33.31 -30.61
CA VAL F 461 -45.34 34.09 -29.68
C VAL F 461 -44.11 34.60 -30.43
N TRP F 462 -43.45 33.73 -31.20
CA TRP F 462 -42.25 34.12 -31.98
C TRP F 462 -42.67 34.48 -33.39
N LYS F 463 -42.34 35.70 -33.84
CA LYS F 463 -42.77 36.17 -35.19
C LYS F 463 -41.79 35.65 -36.25
N GLU F 464 -42.02 36.00 -37.51
CA GLU F 464 -41.18 35.49 -38.62
C GLU F 464 -39.86 36.28 -38.68
N ILE F 465 -39.11 36.11 -39.77
CA ILE F 465 -37.82 36.79 -39.91
C ILE F 465 -37.99 38.13 -40.58
N LYS F 466 -38.51 38.14 -41.81
CA LYS F 466 -38.66 39.38 -42.56
C LYS F 466 -39.70 39.23 -43.66
N LEU G 22 1.50 -5.81 -61.80
CA LEU G 22 0.59 -4.93 -62.59
C LEU G 22 -0.16 -4.01 -61.63
N THR G 23 -0.36 -4.46 -60.39
CA THR G 23 -1.14 -3.67 -59.40
C THR G 23 -0.32 -3.52 -58.12
N TYR G 24 0.04 -4.65 -57.49
CA TYR G 24 0.91 -4.58 -56.28
C TYR G 24 2.32 -4.23 -56.73
N TYR G 25 2.51 -3.94 -58.02
CA TYR G 25 3.83 -3.48 -58.53
C TYR G 25 3.62 -2.13 -59.24
N THR G 26 3.92 -1.03 -58.55
CA THR G 26 3.73 0.33 -59.13
C THR G 26 5.10 0.90 -59.53
N PRO G 27 5.61 0.64 -60.75
CA PRO G 27 6.96 1.08 -61.15
C PRO G 27 7.08 2.60 -61.36
N ASP G 28 6.56 3.40 -60.43
CA ASP G 28 6.62 4.88 -60.55
C ASP G 28 6.20 5.53 -59.23
N TYR G 29 5.53 4.75 -58.36
CA TYR G 29 5.06 5.28 -57.06
C TYR G 29 6.10 6.22 -56.47
N GLU G 30 5.69 7.42 -56.05
CA GLU G 30 6.62 8.37 -55.40
C GLU G 30 6.57 8.16 -53.88
N THR G 31 7.53 7.42 -53.33
CA THR G 31 7.50 7.10 -51.88
C THR G 31 7.29 8.38 -51.07
N LYS G 32 6.42 8.34 -50.06
CA LYS G 32 6.15 9.53 -49.21
C LYS G 32 7.21 9.62 -48.12
N ASP G 33 7.03 10.52 -47.14
CA ASP G 33 8.07 10.73 -46.11
C ASP G 33 7.59 10.18 -44.76
N THR G 34 6.45 9.51 -44.74
CA THR G 34 5.94 8.88 -43.49
C THR G 34 5.71 7.39 -43.75
N ASP G 35 6.45 6.80 -44.70
CA ASP G 35 6.26 5.37 -45.06
C ASP G 35 7.43 4.55 -44.53
N ILE G 36 7.24 3.24 -44.35
CA ILE G 36 8.36 2.34 -43.93
C ILE G 36 8.82 1.54 -45.15
N LEU G 37 10.13 1.50 -45.42
CA LEU G 37 10.65 0.81 -46.58
C LEU G 37 11.50 -0.39 -46.15
N ALA G 38 11.51 -1.42 -46.99
CA ALA G 38 12.26 -2.63 -46.72
C ALA G 38 12.86 -3.16 -48.02
N ALA G 39 13.88 -4.00 -47.88
CA ALA G 39 14.56 -4.56 -49.04
C ALA G 39 14.86 -6.03 -48.80
N PHE G 40 14.32 -6.90 -49.64
CA PHE G 40 14.56 -8.34 -49.56
C PHE G 40 15.46 -8.78 -50.71
N ARG G 41 16.14 -9.91 -50.50
CA ARG G 41 16.81 -10.62 -51.57
C ARG G 41 16.13 -11.97 -51.75
N MET G 42 15.85 -12.34 -52.99
CA MET G 42 14.96 -13.46 -53.27
C MET G 42 15.61 -14.43 -54.24
N THR G 43 15.20 -15.70 -54.14
CA THR G 43 15.69 -16.78 -54.99
C THR G 43 14.48 -17.51 -55.59
N PRO G 44 13.98 -17.05 -56.74
CA PRO G 44 12.78 -17.66 -57.31
C PRO G 44 13.05 -19.07 -57.83
N GLN G 45 11.97 -19.84 -57.91
CA GLN G 45 12.03 -21.14 -58.56
C GLN G 45 12.22 -20.96 -60.06
N PRO G 46 12.72 -22.00 -60.79
CA PRO G 46 12.92 -21.90 -62.24
C PRO G 46 11.60 -21.67 -62.98
N GLY G 47 11.56 -20.68 -63.88
CA GLY G 47 10.32 -20.37 -64.62
C GLY G 47 9.65 -19.11 -64.11
N VAL G 48 9.39 -19.04 -62.80
CA VAL G 48 8.69 -17.86 -62.21
C VAL G 48 9.40 -16.57 -62.66
N PRO G 49 8.74 -15.64 -63.36
CA PRO G 49 9.35 -14.36 -63.73
C PRO G 49 9.57 -13.47 -62.51
N PRO G 50 10.62 -12.62 -62.48
CA PRO G 50 10.94 -11.82 -61.29
C PRO G 50 9.87 -10.78 -60.91
N GLU G 51 9.43 -9.96 -61.86
CA GLU G 51 8.45 -8.87 -61.56
C GLU G 51 7.11 -9.46 -61.12
N GLU G 52 6.96 -10.78 -61.18
CA GLU G 52 5.71 -11.44 -60.72
C GLU G 52 5.89 -11.89 -59.27
N ALA G 53 7.12 -12.21 -58.88
CA ALA G 53 7.40 -12.69 -57.50
C ALA G 53 7.41 -11.50 -56.54
N GLY G 54 7.99 -10.37 -56.94
CA GLY G 54 7.95 -9.19 -56.10
C GLY G 54 6.54 -8.76 -55.74
N ALA G 55 5.64 -8.78 -56.72
CA ALA G 55 4.25 -8.45 -56.45
C ALA G 55 3.64 -9.44 -55.46
N ALA G 56 3.96 -10.72 -55.61
CA ALA G 56 3.46 -11.73 -54.68
C ALA G 56 3.97 -11.50 -53.28
N VAL G 57 5.25 -11.13 -53.15
CA VAL G 57 5.82 -10.86 -51.83
C VAL G 57 5.11 -9.68 -51.18
N ALA G 58 4.90 -8.61 -51.93
CA ALA G 58 4.21 -7.45 -51.38
C ALA G 58 2.78 -7.79 -50.96
N ALA G 59 2.05 -8.51 -51.81
CA ALA G 59 0.64 -8.85 -51.47
C ALA G 59 0.60 -9.77 -50.25
N GLU G 60 1.37 -10.87 -50.29
CA GLU G 60 1.36 -11.87 -49.19
C GLU G 60 1.88 -11.25 -47.88
N SER G 61 2.44 -10.04 -47.94
CA SER G 61 2.90 -9.33 -46.71
C SER G 61 1.81 -8.38 -46.23
N SER G 62 1.10 -7.72 -47.15
CA SER G 62 0.07 -6.76 -46.75
C SER G 62 -1.31 -7.39 -46.62
N THR G 63 -1.94 -7.77 -47.75
CA THR G 63 -3.35 -8.26 -47.69
C THR G 63 -3.47 -9.71 -48.18
N GLY G 64 -2.90 -10.01 -49.35
CA GLY G 64 -2.93 -11.40 -49.87
C GLY G 64 -3.77 -11.53 -51.13
N THR G 65 -3.94 -10.45 -51.88
CA THR G 65 -4.80 -10.48 -53.09
C THR G 65 -4.38 -9.42 -54.11
N TRP G 66 -4.70 -9.62 -55.38
CA TRP G 66 -4.42 -8.60 -56.43
C TRP G 66 -5.77 -8.13 -57.00
N THR G 67 -6.86 -8.82 -56.63
CA THR G 67 -8.20 -8.48 -57.15
C THR G 67 -8.96 -7.61 -56.13
N THR G 68 -10.14 -7.12 -56.49
CA THR G 68 -10.95 -6.27 -55.58
C THR G 68 -12.27 -6.99 -55.27
N VAL G 69 -12.26 -8.32 -55.30
CA VAL G 69 -13.50 -9.12 -55.06
C VAL G 69 -13.93 -8.97 -53.59
N TRP G 70 -12.98 -8.71 -52.67
CA TRP G 70 -13.32 -8.68 -51.23
C TRP G 70 -13.51 -7.25 -50.71
N THR G 71 -13.01 -6.23 -51.43
CA THR G 71 -13.08 -4.85 -50.90
C THR G 71 -14.50 -4.30 -51.15
N ASP G 72 -14.61 -3.14 -51.79
CA ASP G 72 -15.93 -2.53 -52.03
C ASP G 72 -16.74 -2.64 -50.74
N GLY G 73 -16.18 -2.17 -49.62
CA GLY G 73 -16.87 -2.23 -48.32
C GLY G 73 -16.89 -0.87 -47.64
N SER G 76 -13.35 2.76 -47.89
CA SER G 76 -12.35 2.78 -49.00
C SER G 76 -11.09 2.04 -48.58
N LEU G 77 -10.69 1.02 -49.34
CA LEU G 77 -9.41 0.33 -49.03
C LEU G 77 -8.32 0.94 -49.93
N ASP G 78 -7.36 0.12 -50.37
CA ASP G 78 -6.15 0.62 -51.08
C ASP G 78 -5.26 1.36 -50.10
N ARG G 79 -5.85 2.16 -49.20
CA ARG G 79 -5.05 2.95 -48.22
C ARG G 79 -4.49 2.01 -47.15
N TYR G 80 -4.49 0.71 -47.40
CA TYR G 80 -4.00 -0.28 -46.40
C TYR G 80 -3.30 -1.43 -47.13
N LYS G 81 -2.51 -1.11 -48.15
CA LYS G 81 -1.83 -2.16 -48.95
C LYS G 81 -0.39 -1.74 -49.24
N GLY G 82 0.54 -2.69 -49.29
CA GLY G 82 1.94 -2.38 -49.65
C GLY G 82 2.15 -2.55 -51.14
N ARG G 83 3.15 -1.87 -51.71
CA ARG G 83 3.35 -1.92 -53.17
C ARG G 83 4.84 -2.02 -53.51
N CYS G 84 5.18 -2.80 -54.54
CA CYS G 84 6.60 -2.87 -55.01
C CYS G 84 6.84 -1.70 -55.95
N TYR G 85 8.00 -1.07 -55.88
CA TYR G 85 8.24 0.15 -56.70
C TYR G 85 9.63 0.10 -57.35
N ASP G 86 10.39 -0.98 -57.15
CA ASP G 86 11.71 -1.11 -57.83
C ASP G 86 12.24 -2.54 -57.77
N ILE G 87 13.06 -2.91 -58.75
CA ILE G 87 13.66 -4.25 -58.82
C ILE G 87 15.04 -4.12 -59.47
N GLU G 88 16.04 -4.78 -58.88
CA GLU G 88 17.40 -4.76 -59.40
C GLU G 88 17.97 -6.17 -59.46
N PRO G 89 18.87 -6.43 -60.39
CA PRO G 89 19.57 -7.72 -60.42
C PRO G 89 20.89 -7.67 -59.67
N VAL G 90 21.20 -8.77 -58.99
CA VAL G 90 22.43 -8.86 -58.21
C VAL G 90 23.58 -9.22 -59.14
N ALA G 91 24.64 -8.41 -59.09
CA ALA G 91 25.78 -8.63 -59.97
C ALA G 91 26.58 -9.86 -59.53
N GLY G 92 26.88 -10.73 -60.48
CA GLY G 92 27.67 -11.91 -60.23
C GLY G 92 26.89 -13.19 -60.07
N GLU G 93 25.59 -13.11 -59.79
CA GLU G 93 24.74 -14.28 -59.62
C GLU G 93 23.61 -14.23 -60.63
N GLU G 94 23.33 -15.39 -61.25
CA GLU G 94 22.33 -15.44 -62.31
C GLU G 94 20.92 -15.53 -61.76
N ASN G 95 20.74 -15.91 -60.50
CA ASN G 95 19.41 -16.04 -59.90
C ASN G 95 19.44 -15.34 -58.54
N GLN G 96 19.24 -14.03 -58.54
CA GLN G 96 19.22 -13.23 -57.32
C GLN G 96 18.73 -11.83 -57.68
N TYR G 97 17.85 -11.29 -56.85
CA TYR G 97 17.26 -9.98 -57.11
C TYR G 97 17.02 -9.26 -55.80
N ILE G 98 16.83 -7.94 -55.91
CA ILE G 98 16.51 -7.08 -54.78
C ILE G 98 15.17 -6.43 -55.04
N ALA G 99 14.28 -6.48 -54.05
CA ALA G 99 12.94 -5.95 -54.16
C ALA G 99 12.70 -4.89 -53.09
N TYR G 100 12.01 -3.82 -53.45
CA TYR G 100 11.72 -2.71 -52.55
C TYR G 100 10.22 -2.62 -52.33
N VAL G 101 9.80 -2.49 -51.07
CA VAL G 101 8.38 -2.45 -50.71
C VAL G 101 8.17 -1.26 -49.78
N ALA G 102 7.02 -0.59 -49.93
CA ALA G 102 6.64 0.55 -49.11
C ALA G 102 5.35 0.27 -48.38
N TYR G 103 5.28 0.69 -47.12
CA TYR G 103 4.12 0.45 -46.27
C TYR G 103 3.55 1.77 -45.76
N PRO G 104 2.23 1.88 -45.63
CA PRO G 104 1.64 3.08 -45.05
C PRO G 104 1.90 3.17 -43.55
N LEU G 105 1.74 4.39 -43.02
CA LEU G 105 2.02 4.63 -41.61
C LEU G 105 0.94 4.09 -40.69
N ASP G 106 -0.31 4.07 -41.13
CA ASP G 106 -1.43 3.74 -40.25
C ASP G 106 -1.57 2.25 -39.96
N LEU G 107 -0.60 1.43 -40.35
CA LEU G 107 -0.67 0.00 -40.13
C LEU G 107 -0.03 -0.44 -38.82
N PHE G 108 0.61 0.46 -38.09
CA PHE G 108 1.42 0.08 -36.95
C PHE G 108 0.93 0.76 -35.68
N GLU G 109 1.14 0.10 -34.55
CA GLU G 109 0.81 0.64 -33.24
C GLU G 109 2.02 1.37 -32.66
N GLU G 110 1.77 2.52 -32.05
CA GLU G 110 2.85 3.36 -31.55
C GLU G 110 3.51 2.73 -30.33
N GLY G 111 4.84 2.71 -30.33
CA GLY G 111 5.58 2.23 -29.19
C GLY G 111 5.62 0.73 -29.00
N SER G 112 5.54 -0.05 -30.07
CA SER G 112 5.51 -1.51 -29.98
C SER G 112 6.37 -2.10 -31.08
N VAL G 113 7.46 -2.78 -30.67
CA VAL G 113 8.36 -3.45 -31.66
C VAL G 113 7.75 -4.82 -31.99
N THR G 114 7.11 -5.46 -31.02
CA THR G 114 6.44 -6.78 -31.27
C THR G 114 5.52 -6.67 -32.48
N ASN G 115 4.64 -5.66 -32.50
CA ASN G 115 3.68 -5.49 -33.61
C ASN G 115 4.44 -5.35 -34.93
N MET G 116 5.35 -4.39 -35.01
CA MET G 116 6.08 -4.16 -36.25
C MET G 116 6.66 -5.45 -36.80
N PHE G 117 7.31 -6.23 -35.93
CA PHE G 117 7.91 -7.49 -36.38
C PHE G 117 6.84 -8.47 -36.85
N THR G 118 5.72 -8.53 -36.14
CA THR G 118 4.65 -9.45 -36.54
C THR G 118 4.04 -9.03 -37.88
N SER G 119 3.84 -7.72 -38.08
CA SER G 119 3.18 -7.27 -39.31
C SER G 119 4.08 -7.42 -40.52
N ILE G 120 5.37 -7.13 -40.42
CA ILE G 120 6.21 -7.22 -41.66
C ILE G 120 6.61 -8.67 -41.92
N VAL G 121 7.12 -9.38 -40.92
CA VAL G 121 7.61 -10.78 -41.14
C VAL G 121 6.84 -11.76 -40.24
N GLY G 122 5.98 -12.58 -40.83
CA GLY G 122 5.17 -13.54 -40.06
C GLY G 122 4.39 -14.49 -40.95
N ASN G 123 4.67 -14.49 -42.27
CA ASN G 123 3.95 -15.37 -43.22
C ASN G 123 4.70 -15.44 -44.56
N VAL G 124 5.62 -14.51 -44.83
CA VAL G 124 6.29 -14.45 -46.16
C VAL G 124 7.42 -15.48 -46.27
N PHE G 125 7.79 -16.14 -45.17
CA PHE G 125 8.97 -17.06 -45.23
C PHE G 125 8.52 -18.51 -45.42
N GLY G 126 7.25 -18.74 -45.78
CA GLY G 126 6.76 -20.10 -46.06
C GLY G 126 6.24 -20.20 -47.49
N PHE G 127 6.24 -19.09 -48.23
CA PHE G 127 5.81 -19.06 -49.61
C PHE G 127 6.51 -20.16 -50.40
N LYS G 128 5.73 -20.98 -51.09
CA LYS G 128 6.27 -22.12 -51.80
C LYS G 128 6.72 -21.78 -53.22
N ALA G 129 6.41 -20.60 -53.72
CA ALA G 129 6.88 -20.17 -55.03
C ALA G 129 8.31 -19.66 -54.99
N LEU G 130 8.90 -19.53 -53.82
CA LEU G 130 10.29 -19.11 -53.66
C LEU G 130 11.09 -20.25 -53.04
N ARG G 131 12.40 -20.07 -53.03
CA ARG G 131 13.31 -21.04 -52.41
C ARG G 131 14.03 -20.49 -51.19
N ALA G 132 14.13 -19.17 -51.05
CA ALA G 132 14.84 -18.57 -49.95
C ALA G 132 14.46 -17.09 -49.88
N LEU G 133 14.72 -16.48 -48.73
CA LEU G 133 14.41 -15.07 -48.54
C LEU G 133 15.24 -14.52 -47.38
N ARG G 134 15.69 -13.28 -47.51
CA ARG G 134 16.50 -12.64 -46.48
C ARG G 134 16.22 -11.16 -46.43
N LEU G 135 15.83 -10.66 -45.26
CA LEU G 135 15.64 -9.24 -45.06
C LEU G 135 16.98 -8.57 -44.78
N GLU G 136 17.23 -7.44 -45.45
CA GLU G 136 18.58 -6.80 -45.33
C GLU G 136 18.51 -5.47 -44.58
N ASP G 137 17.61 -4.56 -44.96
CA ASP G 137 17.60 -3.21 -44.31
C ASP G 137 16.18 -2.68 -44.15
N LEU G 138 16.00 -1.64 -43.35
CA LEU G 138 14.67 -1.01 -43.13
C LEU G 138 14.88 0.49 -42.87
N ARG G 139 13.94 1.33 -43.31
CA ARG G 139 14.04 2.80 -43.06
C ARG G 139 12.89 3.25 -42.17
N ILE G 140 13.20 3.76 -40.97
CA ILE G 140 12.16 4.24 -40.00
C ILE G 140 12.07 5.77 -40.08
N PRO G 141 10.90 6.35 -40.44
CA PRO G 141 10.77 7.81 -40.56
C PRO G 141 10.74 8.47 -39.20
N PRO G 142 11.10 9.76 -39.13
CA PRO G 142 11.06 10.46 -37.85
C PRO G 142 9.67 10.59 -37.25
N ALA G 143 8.62 10.51 -38.05
CA ALA G 143 7.27 10.61 -37.51
C ALA G 143 6.87 9.36 -36.72
N TYR G 144 7.63 8.29 -36.84
CA TYR G 144 7.37 7.05 -36.11
C TYR G 144 8.36 6.81 -34.98
N SER G 145 9.57 7.38 -35.08
CA SER G 145 10.58 7.20 -34.06
C SER G 145 10.30 8.02 -32.80
N LYS G 146 9.56 9.11 -32.91
CA LYS G 146 9.34 10.00 -31.79
C LYS G 146 8.43 9.41 -30.72
N THR G 147 7.75 8.30 -31.01
CA THR G 147 6.85 7.68 -30.06
C THR G 147 7.54 6.66 -29.16
N PHE G 148 8.84 6.45 -29.32
CA PHE G 148 9.62 5.55 -28.49
C PHE G 148 10.47 6.34 -27.51
N GLN G 149 10.90 5.66 -26.44
CA GLN G 149 11.69 6.32 -25.42
C GLN G 149 13.18 6.32 -25.75
N GLY G 150 13.71 5.18 -26.17
CA GLY G 150 15.10 5.09 -26.56
C GLY G 150 15.99 4.61 -25.43
N PRO G 151 17.30 4.80 -25.57
CA PRO G 151 18.21 4.38 -24.53
C PRO G 151 17.95 5.12 -23.24
N PRO G 152 18.16 4.49 -22.09
CA PRO G 152 17.93 5.18 -20.82
C PRO G 152 18.80 6.41 -20.62
N HIS G 153 20.13 6.29 -20.80
CA HIS G 153 21.03 7.40 -20.58
C HIS G 153 21.78 7.82 -21.83
N GLY G 154 22.48 6.90 -22.50
CA GLY G 154 23.20 7.22 -23.70
C GLY G 154 24.71 7.03 -23.52
N ILE G 155 25.48 7.88 -24.21
CA ILE G 155 26.93 7.79 -24.20
C ILE G 155 27.55 8.89 -23.35
N GLN G 156 27.19 10.15 -23.60
CA GLN G 156 27.80 11.26 -22.87
C GLN G 156 27.45 11.19 -21.39
N VAL G 157 26.20 10.88 -21.06
CA VAL G 157 25.76 10.89 -19.67
C VAL G 157 26.51 9.82 -18.87
N GLU G 158 26.72 8.65 -19.47
CA GLU G 158 27.42 7.59 -18.76
C GLU G 158 28.88 7.96 -18.49
N ARG G 159 29.55 8.56 -19.48
CA ARG G 159 30.92 9.00 -19.28
C ARG G 159 31.00 10.09 -18.21
N ASP G 160 30.04 11.00 -18.20
CA ASP G 160 30.02 12.02 -17.16
C ASP G 160 29.79 11.41 -15.78
N LYS G 161 28.92 10.41 -15.69
CA LYS G 161 28.66 9.76 -14.41
C LYS G 161 29.88 9.02 -13.90
N LEU G 162 30.58 8.29 -14.77
CA LEU G 162 31.72 7.48 -14.35
C LEU G 162 33.02 8.27 -14.23
N ASN G 163 33.10 9.46 -14.81
CA ASN G 163 34.29 10.32 -14.72
C ASN G 163 35.51 9.63 -15.33
N LYS G 164 35.37 9.24 -16.59
CA LYS G 164 36.45 8.56 -17.32
C LYS G 164 36.49 9.08 -18.74
N TYR G 165 37.60 9.72 -19.12
CA TYR G 165 37.75 10.31 -20.44
C TYR G 165 39.10 9.93 -21.06
N GLY G 166 39.10 9.81 -22.38
CA GLY G 166 40.32 9.79 -23.15
C GLY G 166 40.83 8.44 -23.59
N ARG G 167 40.17 7.35 -23.23
CA ARG G 167 40.69 6.03 -23.59
C ARG G 167 39.56 5.01 -23.53
N PRO G 168 39.68 3.89 -24.23
CA PRO G 168 38.66 2.84 -24.12
C PRO G 168 38.67 2.21 -22.74
N LEU G 169 37.53 1.65 -22.36
CA LEU G 169 37.38 0.99 -21.08
C LEU G 169 37.73 -0.49 -21.19
N LEU G 170 37.95 -1.11 -20.03
CA LEU G 170 38.40 -2.49 -19.96
C LEU G 170 37.48 -3.29 -19.05
N GLY G 171 37.46 -4.62 -19.25
CA GLY G 171 36.60 -5.51 -18.44
C GLY G 171 37.03 -6.96 -18.51
N CYS G 172 36.33 -7.86 -17.81
CA CYS G 172 36.71 -9.30 -17.76
C CYS G 172 35.54 -10.16 -17.29
N THR G 173 35.39 -11.38 -17.83
CA THR G 173 34.32 -12.32 -17.39
C THR G 173 34.94 -13.39 -16.48
N ILE G 174 34.16 -13.96 -15.56
CA ILE G 174 34.72 -14.93 -14.55
C ILE G 174 34.59 -16.36 -15.07
N LYS G 175 35.61 -17.20 -14.85
CA LYS G 175 35.60 -18.61 -15.30
C LYS G 175 36.22 -19.47 -14.19
N PRO G 176 35.77 -20.72 -13.93
CA PRO G 176 34.95 -21.49 -14.88
C PRO G 176 33.46 -21.12 -14.84
N LYS G 177 32.74 -21.37 -15.93
CA LYS G 177 31.27 -21.13 -15.94
C LYS G 177 30.57 -22.32 -15.28
N LEU G 178 29.76 -22.07 -14.24
CA LEU G 178 29.01 -23.15 -13.54
C LEU G 178 29.96 -24.06 -12.75
N GLY G 179 29.85 -24.08 -11.42
CA GLY G 179 30.67 -24.98 -10.58
C GLY G 179 31.27 -24.29 -9.37
N LEU G 180 31.33 -22.95 -9.37
CA LEU G 180 32.00 -22.23 -8.25
C LEU G 180 30.97 -21.78 -7.20
N SER G 181 31.42 -21.59 -5.95
CA SER G 181 30.51 -21.12 -4.86
C SER G 181 30.46 -19.60 -4.84
N ALA G 182 29.85 -19.02 -3.79
CA ALA G 182 29.67 -17.55 -3.72
C ALA G 182 30.88 -16.89 -3.06
N LYS G 183 31.40 -17.45 -1.97
CA LYS G 183 32.62 -16.90 -1.32
C LYS G 183 33.77 -16.91 -2.33
N ASN G 184 33.95 -18.01 -3.06
CA ASN G 184 35.05 -18.13 -4.04
C ASN G 184 34.84 -17.14 -5.19
N TYR G 185 33.60 -17.03 -5.68
CA TYR G 185 33.27 -16.07 -6.77
C TYR G 185 33.70 -14.65 -6.37
N GLY G 186 33.44 -14.27 -5.13
CA GLY G 186 33.77 -12.91 -4.65
C GLY G 186 35.25 -12.70 -4.42
N ARG G 187 35.98 -13.76 -4.08
CA ARG G 187 37.44 -13.66 -3.80
C ARG G 187 38.20 -13.36 -5.10
N ALA G 188 37.65 -13.79 -6.24
CA ALA G 188 38.30 -13.56 -7.55
C ALA G 188 38.01 -12.15 -8.06
N VAL G 189 36.77 -11.68 -7.88
CA VAL G 189 36.38 -10.30 -8.32
C VAL G 189 37.35 -9.29 -7.69
N TYR G 190 37.60 -9.40 -6.39
CA TYR G 190 38.49 -8.44 -5.68
C TYR G 190 39.89 -8.45 -6.31
N GLU G 191 40.53 -9.61 -6.41
CA GLU G 191 41.91 -9.70 -6.94
C GLU G 191 41.93 -9.15 -8.37
N CYS G 192 40.93 -9.50 -9.17
CA CYS G 192 40.84 -8.96 -10.55
C CYS G 192 40.61 -7.45 -10.48
N LEU G 193 39.63 -7.02 -9.67
CA LEU G 193 39.35 -5.59 -9.66
C LEU G 193 40.50 -4.77 -9.06
N ARG G 194 41.21 -5.31 -8.08
CA ARG G 194 42.28 -4.52 -7.47
C ARG G 194 43.48 -4.32 -8.39
N GLY G 195 43.52 -5.00 -9.53
CA GLY G 195 44.70 -4.94 -10.38
C GLY G 195 44.74 -3.79 -11.37
N GLY G 196 43.59 -3.21 -11.72
CA GLY G 196 43.60 -2.11 -12.66
C GLY G 196 42.47 -2.10 -13.67
N LEU G 197 41.59 -3.09 -13.63
CA LEU G 197 40.46 -3.12 -14.56
C LEU G 197 39.37 -2.17 -14.09
N ASP G 198 38.29 -2.07 -14.88
CA ASP G 198 37.21 -1.10 -14.55
C ASP G 198 35.90 -1.85 -14.27
N PHE G 199 35.68 -3.00 -14.90
CA PHE G 199 34.38 -3.71 -14.76
C PHE G 199 34.56 -5.23 -14.68
N THR G 200 33.52 -5.94 -14.24
CA THR G 200 33.55 -7.42 -14.21
C THR G 200 32.14 -7.90 -14.60
N ASP G 202 29.07 -11.38 -15.05
CA ASP G 202 28.66 -12.78 -14.78
C ASP G 202 28.39 -13.46 -16.12
N ASP G 203 28.70 -14.75 -16.26
CA ASP G 203 28.36 -15.45 -17.53
C ASP G 203 26.85 -15.34 -17.78
N GLU G 204 26.42 -15.45 -19.03
CA GLU G 204 25.00 -15.24 -19.39
C GLU G 204 24.13 -16.40 -18.86
N ASN G 205 24.73 -17.57 -18.60
CA ASN G 205 23.93 -18.75 -18.16
C ASN G 205 24.03 -18.92 -16.64
N VAL G 206 23.97 -17.81 -15.89
CA VAL G 206 24.12 -17.86 -14.44
C VAL G 206 22.99 -17.04 -13.86
N ASN G 207 21.89 -17.69 -13.48
CA ASN G 207 20.76 -17.00 -12.88
C ASN G 207 20.53 -17.41 -11.43
N SER G 208 20.22 -18.68 -11.19
CA SER G 208 20.05 -19.21 -9.84
C SER G 208 20.07 -20.73 -9.94
N GLN G 209 21.06 -21.36 -9.33
CA GLN G 209 21.29 -22.78 -9.49
C GLN G 209 21.51 -23.42 -8.12
N PRO G 210 21.36 -24.74 -8.01
CA PRO G 210 21.52 -25.38 -6.70
C PRO G 210 22.86 -25.14 -6.03
N PHE G 211 23.94 -25.00 -6.81
CA PHE G 211 25.24 -24.79 -6.20
C PHE G 211 25.48 -23.35 -5.77
N MET G 212 24.65 -22.41 -6.22
CA MET G 212 24.82 -21.00 -5.83
C MET G 212 23.54 -20.25 -6.14
N ARG G 213 22.97 -19.60 -5.12
CA ARG G 213 21.78 -18.79 -5.28
C ARG G 213 22.16 -17.31 -5.38
N TRP G 214 21.25 -16.49 -5.89
CA TRP G 214 21.59 -15.13 -6.28
C TRP G 214 21.76 -14.16 -5.10
N ARG G 215 20.97 -14.32 -4.04
CA ARG G 215 20.98 -13.31 -2.98
C ARG G 215 22.27 -13.30 -2.18
N ASP G 216 23.03 -14.39 -2.18
CA ASP G 216 24.34 -14.40 -1.52
C ASP G 216 25.43 -13.87 -2.44
N ARG G 217 25.34 -14.20 -3.72
CA ARG G 217 26.31 -13.70 -4.69
C ARG G 217 26.25 -12.18 -4.75
N PHE G 218 25.05 -11.60 -4.70
CA PHE G 218 24.92 -10.15 -4.70
C PHE G 218 25.67 -9.53 -3.52
N LEU G 219 25.48 -10.09 -2.32
CA LEU G 219 26.08 -9.52 -1.12
C LEU G 219 27.60 -9.62 -1.16
N PHE G 220 28.12 -10.79 -1.54
CA PHE G 220 29.57 -10.95 -1.58
C PHE G 220 30.20 -10.04 -2.64
N VAL G 221 29.54 -9.90 -3.80
CA VAL G 221 30.05 -9.02 -4.84
C VAL G 221 30.07 -7.58 -4.34
N ALA G 222 29.02 -7.16 -3.63
CA ALA G 222 28.99 -5.79 -3.11
C ALA G 222 30.13 -5.54 -2.14
N GLU G 223 30.39 -6.50 -1.24
CA GLU G 223 31.48 -6.33 -0.30
C GLU G 223 32.82 -6.22 -1.01
N ALA G 224 33.05 -7.09 -2.01
CA ALA G 224 34.30 -7.03 -2.76
C ALA G 224 34.46 -5.70 -3.48
N ILE G 225 33.36 -5.19 -4.06
CA ILE G 225 33.42 -3.92 -4.78
C ILE G 225 33.81 -2.79 -3.85
N PHE G 226 33.19 -2.73 -2.66
CA PHE G 226 33.52 -1.66 -1.73
C PHE G 226 34.99 -1.75 -1.30
N LYS G 227 35.45 -2.95 -0.95
CA LYS G 227 36.83 -3.09 -0.50
C LYS G 227 37.81 -2.70 -1.59
N SER G 228 37.55 -3.09 -2.84
CA SER G 228 38.44 -2.74 -3.93
C SER G 228 38.42 -1.24 -4.22
N GLN G 229 37.25 -0.61 -4.13
CA GLN G 229 37.16 0.82 -4.40
C GLN G 229 37.92 1.63 -3.37
N ALA G 230 37.87 1.22 -2.10
CA ALA G 230 38.53 1.99 -1.06
C ALA G 230 40.05 2.00 -1.24
N GLU G 231 40.59 1.05 -1.99
CA GLU G 231 42.03 0.87 -2.07
C GLU G 231 42.65 1.77 -3.14
N THR G 232 42.28 1.55 -4.40
CA THR G 232 42.95 2.26 -5.51
C THR G 232 42.57 3.74 -5.53
N GLY G 233 41.27 4.03 -5.44
CA GLY G 233 40.83 5.42 -5.49
C GLY G 233 40.10 5.78 -6.77
N GLU G 234 39.49 4.80 -7.43
CA GLU G 234 38.73 5.02 -8.65
C GLU G 234 37.40 4.26 -8.55
N ILE G 235 36.49 4.61 -9.44
CA ILE G 235 35.14 4.04 -9.42
C ILE G 235 35.16 2.71 -10.16
N LYS G 236 34.54 1.68 -9.56
CA LYS G 236 34.47 0.34 -10.11
C LYS G 236 33.02 -0.13 -10.17
N GLY G 237 32.78 -1.20 -10.93
CA GLY G 237 31.43 -1.77 -11.05
C GLY G 237 31.42 -3.22 -11.50
N HIS G 238 30.25 -3.87 -11.50
CA HIS G 238 30.10 -5.28 -11.93
C HIS G 238 28.69 -5.50 -12.48
N TYR G 239 28.55 -6.19 -13.62
CA TYR G 239 27.23 -6.38 -14.25
C TYR G 239 26.47 -7.54 -13.60
N LEU G 240 25.35 -7.26 -12.94
CA LEU G 240 24.57 -8.32 -12.23
C LEU G 240 23.47 -8.84 -13.15
N ASN G 241 23.36 -10.16 -13.32
CA ASN G 241 22.40 -10.74 -14.24
C ASN G 241 21.00 -10.73 -13.64
N ALA G 242 20.02 -10.33 -14.45
CA ALA G 242 18.65 -10.20 -13.99
C ALA G 242 17.65 -10.98 -14.85
N THR G 243 18.10 -11.93 -15.66
CA THR G 243 17.19 -12.76 -16.43
C THR G 243 16.49 -13.76 -15.52
N ALA G 244 15.19 -13.97 -15.76
CA ALA G 244 14.39 -14.86 -14.93
C ALA G 244 13.34 -15.53 -15.79
N GLY G 245 12.56 -16.41 -15.18
CA GLY G 245 11.54 -17.16 -15.88
C GLY G 245 10.16 -16.52 -15.85
N THR G 246 9.97 -15.54 -14.96
CA THR G 246 8.71 -14.81 -14.86
C THR G 246 9.02 -13.35 -14.62
N CYS G 247 8.04 -12.49 -14.96
CA CYS G 247 8.25 -11.06 -14.83
C CYS G 247 8.40 -10.62 -13.38
N GLU G 248 7.64 -11.25 -12.48
CA GLU G 248 7.69 -10.87 -11.07
C GLU G 248 9.08 -11.08 -10.49
N GLU G 249 9.68 -12.24 -10.77
CA GLU G 249 11.02 -12.51 -10.28
C GLU G 249 12.03 -11.55 -10.88
N MET G 250 11.89 -11.25 -12.17
CA MET G 250 12.81 -10.33 -12.83
C MET G 250 12.74 -8.94 -12.19
N MET G 251 11.54 -8.48 -11.86
CA MET G 251 11.43 -7.18 -11.20
C MET G 251 11.87 -7.24 -9.74
N LYS G 252 11.77 -8.39 -9.09
CA LYS G 252 12.27 -8.52 -7.73
C LYS G 252 13.79 -8.45 -7.68
N ARG G 253 14.47 -9.02 -8.66
CA ARG G 253 15.93 -9.05 -8.64
C ARG G 253 16.58 -7.70 -8.94
N ALA G 254 15.81 -6.69 -9.35
CA ALA G 254 16.39 -5.37 -9.62
C ALA G 254 16.22 -4.41 -8.45
N GLN G 255 15.16 -4.56 -7.67
CA GLN G 255 14.97 -3.68 -6.52
C GLN G 255 16.04 -3.89 -5.47
N PHE G 256 16.52 -5.13 -5.31
CA PHE G 256 17.62 -5.37 -4.38
C PHE G 256 18.89 -4.67 -4.84
N ALA G 257 19.19 -4.73 -6.14
CA ALA G 257 20.35 -4.03 -6.67
C ALA G 257 20.22 -2.52 -6.48
N ARG G 258 19.01 -1.99 -6.63
CA ARG G 258 18.79 -0.58 -6.35
C ARG G 258 19.03 -0.27 -4.88
N GLU G 259 18.59 -1.16 -3.99
CA GLU G 259 18.78 -0.95 -2.55
C GLU G 259 20.26 -0.90 -2.18
N LEU G 260 21.05 -1.83 -2.71
CA LEU G 260 22.45 -1.88 -2.34
C LEU G 260 23.27 -0.74 -2.91
N GLY G 261 22.79 -0.07 -3.95
CA GLY G 261 23.53 1.03 -4.54
C GLY G 261 24.41 0.67 -5.71
N MET G 262 24.23 -0.52 -6.30
CA MET G 262 25.03 -0.91 -7.44
C MET G 262 24.65 -0.08 -8.67
N PRO G 263 25.60 0.15 -9.59
CA PRO G 263 25.34 1.07 -10.70
C PRO G 263 24.86 0.47 -12.01
N ILE G 264 24.85 -0.85 -12.18
CA ILE G 264 24.61 -1.43 -13.50
C ILE G 264 24.03 -2.83 -13.36
N VAL G 265 23.25 -3.24 -14.36
CA VAL G 265 22.65 -4.61 -14.38
C VAL G 265 22.79 -5.16 -15.81
N MET G 266 22.35 -6.39 -16.04
CA MET G 266 22.52 -7.03 -17.37
C MET G 266 21.25 -7.79 -17.75
N HIS G 267 20.96 -7.93 -19.05
CA HIS G 267 19.77 -8.68 -19.49
C HIS G 267 19.94 -9.25 -20.90
N ASP G 268 19.41 -10.44 -21.14
CA ASP G 268 19.43 -11.06 -22.47
C ASP G 268 18.09 -10.80 -23.15
N TYR G 269 18.12 -10.23 -24.34
CA TYR G 269 16.92 -9.69 -24.95
C TYR G 269 16.36 -10.55 -26.09
N LEU G 270 17.02 -11.64 -26.45
CA LEU G 270 16.52 -12.48 -27.52
C LEU G 270 15.88 -13.77 -27.03
N THR G 271 16.39 -14.34 -25.93
CA THR G 271 15.75 -15.48 -25.30
C THR G 271 14.77 -15.07 -24.21
N GLY G 272 14.78 -13.80 -23.82
CA GLY G 272 13.83 -13.31 -22.80
C GLY G 272 12.59 -12.76 -23.45
N GLY G 273 12.75 -11.82 -24.38
CA GLY G 273 11.59 -11.25 -25.10
C GLY G 273 11.74 -9.75 -25.28
N PHE G 274 10.98 -9.17 -26.21
CA PHE G 274 11.01 -7.71 -26.44
C PHE G 274 10.05 -7.04 -25.44
N THR G 275 8.97 -7.73 -25.06
CA THR G 275 7.99 -7.17 -24.10
C THR G 275 8.66 -6.97 -22.74
N ALA G 276 9.44 -7.96 -22.28
CA ALA G 276 10.12 -7.88 -20.97
C ALA G 276 11.24 -6.83 -21.02
N ASN G 277 12.01 -6.80 -22.11
CA ASN G 277 13.11 -5.80 -22.26
C ASN G 277 12.55 -4.38 -22.14
N THR G 278 11.41 -4.11 -22.77
CA THR G 278 10.83 -2.74 -22.76
C THR G 278 10.38 -2.38 -21.34
N THR G 279 9.78 -3.33 -20.62
CA THR G 279 9.35 -3.08 -19.23
C THR G 279 10.57 -2.73 -18.37
N LEU G 280 11.68 -3.45 -18.56
CA LEU G 280 12.91 -3.21 -17.75
C LEU G 280 13.51 -1.86 -18.10
N ALA G 281 13.63 -1.54 -19.40
CA ALA G 281 14.16 -0.25 -19.81
C ALA G 281 13.40 0.90 -19.15
N HIS G 282 12.07 0.79 -19.09
CA HIS G 282 11.27 1.82 -18.42
C HIS G 282 11.66 1.92 -16.95
N TYR G 283 11.78 0.77 -16.27
CA TYR G 283 12.15 0.80 -14.86
C TYR G 283 13.52 1.41 -14.65
N CYS G 284 14.49 1.05 -15.50
CA CYS G 284 15.85 1.57 -15.35
C CYS G 284 15.89 3.07 -15.58
N ARG G 285 15.13 3.58 -16.55
CA ARG G 285 15.05 5.02 -16.73
C ARG G 285 14.43 5.68 -15.51
N ASP G 286 13.42 5.04 -14.92
CA ASP G 286 12.77 5.63 -13.76
C ASP G 286 13.68 5.69 -12.54
N ASN G 287 14.51 4.67 -12.33
CA ASN G 287 15.28 4.57 -11.09
C ASN G 287 16.78 4.77 -11.26
N GLY G 288 17.23 5.26 -12.41
CA GLY G 288 18.61 5.66 -12.58
C GLY G 288 19.66 4.56 -12.54
N LEU G 289 19.47 3.51 -13.33
CA LEU G 289 20.45 2.43 -13.47
C LEU G 289 20.95 2.37 -14.90
N LEU G 290 22.01 1.60 -15.12
CA LEU G 290 22.58 1.38 -16.44
C LEU G 290 22.30 -0.05 -16.89
N LEU G 291 22.05 -0.22 -18.19
CA LEU G 291 21.61 -1.49 -18.75
C LEU G 291 22.65 -2.00 -19.73
N HIS G 292 23.03 -3.27 -19.58
CA HIS G 292 23.95 -3.95 -20.48
C HIS G 292 23.22 -5.10 -21.17
N ILE G 293 23.33 -5.19 -22.49
CA ILE G 293 22.56 -6.23 -23.25
C ILE G 293 23.47 -7.31 -23.83
N HIS G 294 23.00 -8.57 -23.87
CA HIS G 294 23.78 -9.69 -24.44
C HIS G 294 23.00 -10.30 -25.60
N ARG G 295 23.66 -10.63 -26.72
CA ARG G 295 22.94 -11.13 -27.93
C ARG G 295 23.07 -12.66 -28.01
N ALA G 296 22.15 -13.38 -27.34
CA ALA G 296 22.25 -14.87 -27.31
C ALA G 296 21.28 -15.48 -28.32
N MET G 297 21.69 -16.55 -29.00
CA MET G 297 20.86 -17.28 -29.95
C MET G 297 20.77 -16.55 -31.29
N HIS G 298 21.38 -15.37 -31.42
CA HIS G 298 21.29 -14.60 -32.65
C HIS G 298 21.90 -15.34 -33.84
N ALA G 299 22.86 -16.24 -33.61
CA ALA G 299 23.49 -16.94 -34.71
C ALA G 299 22.57 -17.93 -35.39
N VAL G 300 21.44 -18.27 -34.77
CA VAL G 300 20.46 -19.15 -35.40
C VAL G 300 19.69 -18.45 -36.52
N ILE G 301 19.74 -17.12 -36.56
CA ILE G 301 18.93 -16.34 -37.49
C ILE G 301 19.79 -15.70 -38.58
N ASP G 302 20.99 -15.25 -38.22
CA ASP G 302 21.84 -14.50 -39.19
C ASP G 302 23.23 -15.11 -39.31
N ARG G 303 23.39 -16.19 -40.08
CA ARG G 303 24.74 -16.75 -40.34
C ARG G 303 24.77 -17.16 -41.82
N GLN G 304 23.70 -17.78 -42.30
CA GLN G 304 23.61 -18.16 -43.73
C GLN G 304 23.39 -16.89 -44.56
N ARG G 305 23.87 -16.87 -45.80
CA ARG G 305 23.79 -15.63 -46.63
C ARG G 305 22.61 -15.69 -47.58
N ASN G 306 21.58 -16.49 -47.27
CA ASN G 306 20.44 -16.65 -48.20
C ASN G 306 19.15 -16.97 -47.44
N HIS G 307 19.16 -16.89 -46.11
CA HIS G 307 17.93 -17.11 -45.36
C HIS G 307 18.07 -16.52 -43.96
N GLY G 308 17.06 -15.77 -43.54
CA GLY G 308 17.05 -15.20 -42.21
C GLY G 308 16.91 -13.69 -42.19
N ILE G 309 17.40 -13.07 -41.12
CA ILE G 309 17.38 -11.58 -41.00
C ILE G 309 18.78 -11.12 -40.59
N HIS G 310 19.32 -10.11 -41.29
CA HIS G 310 20.67 -9.57 -40.96
C HIS G 310 20.68 -8.95 -39.56
N PHE G 311 21.85 -8.77 -38.96
CA PHE G 311 21.96 -8.22 -37.59
C PHE G 311 21.77 -6.70 -37.62
N ARG G 312 22.08 -6.05 -38.73
CA ARG G 312 21.90 -4.59 -38.86
C ARG G 312 20.45 -4.20 -38.56
N VAL G 313 19.51 -5.14 -38.71
CA VAL G 313 18.06 -4.87 -38.47
C VAL G 313 17.78 -5.03 -36.96
N LEU G 314 18.29 -6.10 -36.34
CA LEU G 314 18.11 -6.33 -34.91
C LEU G 314 18.80 -5.24 -34.10
N ALA G 315 19.94 -4.74 -34.58
CA ALA G 315 20.60 -3.64 -33.88
C ALA G 315 19.74 -2.38 -33.88
N LYS G 316 19.14 -2.05 -35.02
CA LYS G 316 18.23 -0.91 -35.07
C LYS G 316 17.05 -1.11 -34.14
N ALA G 317 16.47 -2.32 -34.13
CA ALA G 317 15.34 -2.61 -33.26
C ALA G 317 15.70 -2.43 -31.80
N LEU G 318 16.89 -2.91 -31.40
CA LEU G 318 17.31 -2.73 -30.01
C LEU G 318 17.53 -1.26 -29.68
N ARG G 319 18.17 -0.51 -30.58
CA ARG G 319 18.35 0.92 -30.32
C ARG G 319 17.01 1.61 -30.11
N MET G 320 15.99 1.21 -30.87
CA MET G 320 14.66 1.77 -30.65
C MET G 320 14.08 1.32 -29.32
N SER G 321 14.28 0.06 -28.94
CA SER G 321 13.64 -0.48 -27.75
C SER G 321 14.27 0.08 -26.47
N GLY G 322 15.60 0.09 -26.39
CA GLY G 322 16.27 0.66 -25.24
C GLY G 322 17.46 -0.14 -24.72
N GLY G 323 18.60 0.52 -24.57
CA GLY G 323 19.79 -0.14 -24.04
C GLY G 323 20.95 0.84 -24.06
N ASP G 324 21.99 0.47 -23.31
CA ASP G 324 23.20 1.29 -23.23
C ASP G 324 24.42 0.65 -23.88
N HIS G 325 24.66 -0.63 -23.63
CA HIS G 325 25.73 -1.36 -24.28
C HIS G 325 25.13 -2.43 -25.19
N ILE G 326 25.98 -2.99 -26.07
CA ILE G 326 25.54 -4.10 -26.96
C ILE G 326 26.79 -4.79 -27.49
N HIS G 327 26.78 -6.12 -27.60
CA HIS G 327 27.94 -6.86 -28.16
C HIS G 327 27.97 -6.65 -29.68
N SER G 328 29.14 -6.34 -30.24
CA SER G 328 29.28 -6.09 -31.70
C SER G 328 30.23 -7.11 -32.33
N GLY G 329 30.94 -7.89 -31.50
CA GLY G 329 31.85 -8.93 -32.02
C GLY G 329 33.23 -8.38 -32.39
N THR G 330 34.24 -9.25 -32.44
CA THR G 330 35.60 -8.84 -32.86
C THR G 330 35.78 -9.19 -34.34
N VAL G 331 37.00 -9.11 -34.86
CA VAL G 331 37.23 -9.55 -36.27
C VAL G 331 38.42 -10.52 -36.27
N VAL G 332 39.09 -10.68 -35.12
CA VAL G 332 40.30 -11.52 -35.03
C VAL G 332 40.15 -12.56 -33.91
N GLY G 333 38.91 -12.94 -33.56
CA GLY G 333 38.69 -13.87 -32.44
C GLY G 333 38.25 -15.25 -32.88
N LYS G 334 37.46 -15.94 -32.05
CA LYS G 334 37.05 -17.34 -32.36
C LYS G 334 35.68 -17.40 -33.03
N LEU G 335 35.02 -16.25 -33.25
CA LEU G 335 33.65 -16.24 -33.83
C LEU G 335 33.65 -15.42 -35.12
N GLU G 336 32.78 -15.75 -36.09
CA GLU G 336 32.78 -15.09 -37.43
C GLU G 336 32.57 -13.57 -37.34
N GLY G 337 32.92 -12.85 -38.41
CA GLY G 337 32.78 -11.37 -38.45
C GLY G 337 33.66 -10.76 -39.54
N GLU G 338 33.11 -9.85 -40.37
CA GLU G 338 33.88 -9.25 -41.50
C GLU G 338 34.06 -7.75 -41.26
N ARG G 339 35.22 -7.19 -41.63
CA ARG G 339 35.54 -5.76 -41.35
C ARG G 339 34.47 -4.82 -41.92
N GLU G 340 34.47 -4.59 -43.24
CA GLU G 340 33.53 -3.61 -43.86
C GLU G 340 32.16 -3.65 -43.19
N VAL G 341 31.45 -4.78 -43.29
CA VAL G 341 30.08 -4.89 -42.72
C VAL G 341 30.06 -4.30 -41.30
N THR G 342 31.01 -4.71 -40.45
CA THR G 342 31.06 -4.22 -39.05
C THR G 342 31.20 -2.70 -39.04
N LEU G 343 32.16 -2.16 -39.78
CA LEU G 343 32.42 -0.70 -39.78
C LEU G 343 31.14 0.06 -40.13
N GLY G 344 30.25 -0.57 -40.89
CA GLY G 344 29.00 0.09 -41.32
C GLY G 344 27.95 0.15 -40.22
N PHE G 345 27.74 -0.96 -39.50
CA PHE G 345 26.66 -0.99 -38.48
C PHE G 345 27.13 -0.40 -37.15
N VAL G 346 28.43 -0.17 -36.98
CA VAL G 346 28.92 0.49 -35.74
C VAL G 346 28.58 1.97 -35.82
N ASP G 347 28.50 2.53 -37.03
CA ASP G 347 28.12 3.95 -37.22
C ASP G 347 26.60 4.08 -37.13
N LEU G 348 25.86 3.17 -37.75
CA LEU G 348 24.38 3.18 -37.65
C LEU G 348 23.98 3.09 -36.17
N LEU G 349 24.88 2.59 -35.33
CA LEU G 349 24.60 2.45 -33.88
C LEU G 349 25.19 3.65 -33.13
N ARG G 350 26.29 4.24 -33.62
CA ARG G 350 26.80 5.36 -32.83
C ARG G 350 26.38 6.74 -33.35
N ASP G 351 26.27 6.91 -34.66
CA ASP G 351 26.17 8.23 -35.25
C ASP G 351 24.75 8.80 -35.13
N ASP G 352 24.50 9.94 -35.77
CA ASP G 352 23.15 10.58 -35.74
C ASP G 352 22.55 10.61 -37.14
N TYR G 353 23.29 11.09 -38.13
CA TYR G 353 22.82 11.07 -39.54
C TYR G 353 23.75 10.21 -40.38
N ILE G 354 23.20 9.23 -41.11
CA ILE G 354 24.05 8.29 -41.89
C ILE G 354 23.61 8.31 -43.35
N GLU G 355 24.54 8.54 -44.28
CA GLU G 355 24.21 8.57 -45.73
C GLU G 355 24.18 7.15 -46.28
N LYS G 356 23.96 6.98 -47.59
CA LYS G 356 23.83 5.63 -48.18
C LYS G 356 25.14 5.17 -48.82
N ASP G 357 25.65 3.99 -48.44
CA ASP G 357 26.90 3.45 -49.00
C ASP G 357 26.76 1.93 -49.14
N ARG G 358 26.73 1.40 -50.36
CA ARG G 358 26.48 -0.05 -50.56
C ARG G 358 27.79 -0.84 -50.45
N SER G 359 28.93 -0.16 -50.35
CA SER G 359 30.24 -0.85 -50.18
C SER G 359 30.39 -1.31 -48.73
N ARG G 360 29.42 -1.00 -47.88
CA ARG G 360 29.46 -1.40 -46.45
C ARG G 360 28.13 -2.03 -46.05
N GLY G 361 27.10 -1.90 -46.91
CA GLY G 361 25.81 -2.56 -46.64
C GLY G 361 24.71 -1.60 -46.22
N ILE G 362 24.83 -0.32 -46.57
CA ILE G 362 23.74 0.65 -46.28
C ILE G 362 22.88 0.81 -47.53
N TYR G 363 21.59 0.52 -47.44
CA TYR G 363 20.69 0.59 -48.62
C TYR G 363 19.84 1.85 -48.59
N PHE G 364 19.64 2.43 -47.40
CA PHE G 364 18.82 3.67 -47.26
C PHE G 364 19.53 4.67 -46.35
N THR G 365 19.21 5.97 -46.48
CA THR G 365 19.78 7.01 -45.58
C THR G 365 18.97 7.02 -44.27
N GLN G 366 19.60 7.38 -43.15
CA GLN G 366 18.89 7.31 -41.84
C GLN G 366 19.09 8.61 -41.04
N ASP G 367 18.01 9.15 -40.47
CA ASP G 367 18.10 10.36 -39.61
C ASP G 367 17.51 10.00 -38.23
N TRP G 368 18.23 10.26 -37.15
CA TRP G 368 17.76 9.83 -35.81
C TRP G 368 17.20 11.01 -35.01
N VAL G 369 16.97 12.15 -35.66
CA VAL G 369 16.36 13.34 -34.96
C VAL G 369 16.73 13.39 -33.48
N SER G 370 18.02 13.54 -33.15
CA SER G 370 18.47 13.71 -31.75
C SER G 370 18.08 12.55 -30.84
N MET G 371 18.56 11.34 -31.12
CA MET G 371 18.35 10.19 -30.20
C MET G 371 19.73 9.70 -29.77
N PRO G 372 19.97 9.41 -28.47
CA PRO G 372 21.29 9.06 -27.96
C PRO G 372 21.85 7.81 -28.62
N GLY G 373 23.16 7.59 -28.42
CA GLY G 373 23.86 6.48 -29.03
C GLY G 373 24.08 5.32 -28.06
N VAL G 374 24.70 4.27 -28.60
CA VAL G 374 24.91 3.02 -27.88
C VAL G 374 26.39 2.63 -28.01
N LEU G 375 27.00 2.22 -26.90
CA LEU G 375 28.40 1.82 -26.89
C LEU G 375 28.55 0.39 -27.41
N PRO G 376 29.45 0.14 -28.35
CA PRO G 376 29.73 -1.24 -28.78
C PRO G 376 30.76 -1.93 -27.91
N VAL G 377 30.68 -3.27 -27.90
CA VAL G 377 31.54 -4.11 -27.07
C VAL G 377 32.12 -5.22 -27.93
N ALA G 378 33.39 -5.55 -27.68
CA ALA G 378 34.09 -6.63 -28.43
C ALA G 378 34.63 -7.69 -27.46
N SER G 379 34.37 -8.97 -27.73
CA SER G 379 34.83 -10.07 -26.83
C SER G 379 34.80 -11.42 -27.57
N GLY G 380 35.68 -12.35 -27.21
CA GLY G 380 35.65 -13.71 -27.81
C GLY G 380 37.00 -14.24 -28.25
N GLY G 381 37.87 -14.62 -27.31
CA GLY G 381 39.17 -15.22 -27.65
C GLY G 381 40.20 -14.21 -28.13
N ILE G 382 40.68 -13.33 -27.26
CA ILE G 382 41.63 -12.26 -27.67
C ILE G 382 42.72 -12.11 -26.59
N HIS G 383 43.91 -11.62 -26.97
CA HIS G 383 45.03 -11.48 -26.00
C HIS G 383 45.84 -10.20 -26.26
N VAL G 384 47.03 -10.07 -25.67
CA VAL G 384 47.85 -8.83 -25.77
C VAL G 384 48.27 -8.55 -27.22
N TRP G 385 48.61 -9.58 -28.00
CA TRP G 385 49.11 -9.37 -29.39
C TRP G 385 47.96 -8.98 -30.32
N HIS G 386 46.93 -8.30 -29.79
CA HIS G 386 45.76 -7.89 -30.61
C HIS G 386 45.40 -6.44 -30.28
N MET G 387 46.09 -5.81 -29.33
CA MET G 387 45.71 -4.43 -28.91
C MET G 387 45.84 -3.46 -30.09
N PRO G 388 47.00 -3.35 -30.77
CA PRO G 388 47.16 -2.37 -31.85
C PRO G 388 45.99 -2.37 -32.85
N ALA G 389 45.51 -3.55 -33.27
CA ALA G 389 44.42 -3.64 -34.26
C ALA G 389 43.10 -3.17 -33.65
N LEU G 390 42.66 -3.79 -32.54
CA LEU G 390 41.43 -3.38 -31.87
C LEU G 390 41.39 -1.86 -31.67
N THR G 391 42.52 -1.26 -31.29
CA THR G 391 42.56 0.19 -31.12
C THR G 391 42.41 0.93 -32.44
N GLU G 392 42.72 0.29 -33.57
CA GLU G 392 42.55 0.95 -34.86
C GLU G 392 41.11 0.82 -35.36
N ILE G 393 40.53 -0.38 -35.27
CA ILE G 393 39.19 -0.60 -35.83
C ILE G 393 38.16 0.23 -35.07
N PHE G 394 38.19 0.18 -33.74
CA PHE G 394 37.32 0.99 -32.90
C PHE G 394 38.12 2.14 -32.32
N GLY G 395 37.49 3.31 -32.24
CA GLY G 395 38.12 4.45 -31.61
C GLY G 395 38.20 4.30 -30.11
N ASP G 396 38.23 5.41 -29.38
CA ASP G 396 38.19 5.36 -27.92
C ASP G 396 36.78 5.49 -27.40
N ASP G 397 35.85 4.77 -28.05
CA ASP G 397 34.43 4.84 -27.74
C ASP G 397 33.86 3.43 -27.70
N SER G 398 34.56 2.52 -27.04
CA SER G 398 34.15 1.13 -26.98
C SER G 398 34.64 0.52 -25.67
N VAL G 399 34.30 -0.75 -25.48
CA VAL G 399 34.72 -1.52 -24.32
C VAL G 399 35.34 -2.82 -24.82
N LEU G 400 36.48 -3.21 -24.24
CA LEU G 400 37.15 -4.47 -24.64
C LEU G 400 37.12 -5.45 -23.46
N GLN G 401 36.79 -6.73 -23.72
CA GLN G 401 36.67 -7.73 -22.62
C GLN G 401 37.70 -8.84 -22.79
N PHE G 402 38.23 -9.37 -21.67
CA PHE G 402 39.25 -10.45 -21.70
C PHE G 402 39.02 -11.40 -20.52
N GLY G 403 38.48 -12.60 -20.79
CA GLY G 403 38.19 -13.57 -19.72
C GLY G 403 39.35 -14.52 -19.48
N GLY G 404 39.63 -15.42 -20.43
CA GLY G 404 40.75 -16.36 -20.31
C GLY G 404 42.10 -15.67 -20.43
N GLY G 405 42.12 -14.50 -21.07
CA GLY G 405 43.37 -13.72 -21.23
C GLY G 405 43.83 -13.14 -19.90
N THR G 406 42.96 -13.14 -18.89
CA THR G 406 43.34 -12.62 -17.58
C THR G 406 43.55 -13.74 -16.57
N LEU G 407 42.59 -14.69 -16.49
CA LEU G 407 42.67 -15.76 -15.47
C LEU G 407 43.59 -16.90 -15.94
N GLY G 408 44.30 -16.72 -17.04
CA GLY G 408 45.23 -17.76 -17.55
C GLY G 408 46.67 -17.29 -17.53
N HIS G 409 46.97 -16.24 -16.77
CA HIS G 409 48.36 -15.71 -16.67
C HIS G 409 49.16 -16.63 -15.75
N PRO G 410 50.45 -16.94 -16.04
CA PRO G 410 51.22 -17.89 -15.23
C PRO G 410 51.29 -17.53 -13.73
N TRP G 411 51.08 -16.26 -13.38
CA TRP G 411 51.19 -15.82 -11.96
C TRP G 411 49.80 -15.80 -11.31
N GLY G 412 48.96 -14.82 -11.67
CA GLY G 412 47.63 -14.70 -11.02
C GLY G 412 46.71 -13.72 -11.72
N ASN G 413 45.70 -13.21 -10.99
CA ASN G 413 44.68 -12.31 -11.60
C ASN G 413 45.14 -10.86 -11.55
N ALA G 414 45.72 -10.42 -10.44
CA ALA G 414 46.26 -9.04 -10.36
C ALA G 414 47.41 -8.86 -11.35
N PRO G 415 48.44 -9.75 -11.38
CA PRO G 415 49.51 -9.66 -12.39
C PRO G 415 48.98 -9.70 -13.83
N GLY G 416 47.89 -10.44 -14.06
CA GLY G 416 47.28 -10.52 -15.40
C GLY G 416 46.61 -9.23 -15.82
N ALA G 417 45.88 -8.60 -14.89
CA ALA G 417 45.17 -7.33 -15.19
C ALA G 417 46.18 -6.21 -15.49
N VAL G 418 47.28 -6.14 -14.73
CA VAL G 418 48.28 -5.04 -14.93
C VAL G 418 48.86 -5.13 -16.34
N ALA G 419 49.15 -6.34 -16.82
CA ALA G 419 49.74 -6.52 -18.17
C ALA G 419 48.78 -5.99 -19.24
N ASN G 420 47.48 -6.15 -19.04
CA ASN G 420 46.47 -5.72 -20.06
C ASN G 420 46.38 -4.19 -20.10
N ARG G 421 46.46 -3.53 -18.94
CA ARG G 421 46.36 -2.07 -18.89
C ARG G 421 47.59 -1.40 -19.49
N VAL G 422 48.78 -1.96 -19.22
CA VAL G 422 50.01 -1.36 -19.72
C VAL G 422 50.04 -1.38 -21.25
N ALA G 423 49.60 -2.48 -21.84
CA ALA G 423 49.57 -2.55 -23.30
C ALA G 423 48.69 -1.45 -23.90
N LEU G 424 47.50 -1.26 -23.32
CA LEU G 424 46.59 -0.25 -23.84
C LEU G 424 47.15 1.15 -23.67
N GLU G 425 47.77 1.43 -22.52
CA GLU G 425 48.37 2.75 -22.32
C GLU G 425 49.46 3.02 -23.34
N ALA G 426 50.31 2.02 -23.60
CA ALA G 426 51.38 2.18 -24.58
C ALA G 426 50.80 2.44 -25.97
N CYS G 427 49.76 1.69 -26.35
CA CYS G 427 49.15 1.90 -27.66
C CYS G 427 48.56 3.30 -27.79
N VAL G 428 47.89 3.79 -26.74
CA VAL G 428 47.28 5.12 -26.79
C VAL G 428 48.36 6.19 -26.93
N GLN G 429 49.44 6.08 -26.15
CA GLN G 429 50.52 7.06 -26.27
C GLN G 429 51.14 7.04 -27.66
N ALA G 430 51.37 5.85 -28.23
CA ALA G 430 52.01 5.78 -29.56
C ALA G 430 51.18 6.57 -30.58
N ARG G 431 49.92 6.18 -30.78
CA ARG G 431 49.04 6.85 -31.77
C ARG G 431 49.11 8.36 -31.60
N ASN G 432 48.89 8.86 -30.38
CA ASN G 432 48.87 10.32 -30.14
C ASN G 432 50.22 10.91 -30.54
N GLU G 433 51.33 10.19 -30.35
CA GLU G 433 52.59 10.77 -30.83
C GLU G 433 52.67 10.85 -32.36
N GLY G 434 51.73 10.26 -33.07
CA GLY G 434 51.70 10.38 -34.55
C GLY G 434 52.46 9.26 -35.24
N ARG G 435 52.36 8.04 -34.73
CA ARG G 435 53.01 6.88 -35.39
C ARG G 435 51.93 5.92 -35.91
N ASP G 436 52.26 5.13 -36.93
CA ASP G 436 51.28 4.16 -37.51
C ASP G 436 51.05 3.02 -36.50
N LEU G 437 49.99 2.23 -36.72
CA LEU G 437 49.67 1.11 -35.81
C LEU G 437 49.62 -0.19 -36.62
N ALA G 438 49.07 -0.14 -37.83
CA ALA G 438 49.05 -1.34 -38.71
C ALA G 438 50.47 -1.76 -39.05
N ARG G 439 51.26 -0.84 -39.62
CA ARG G 439 52.67 -1.15 -40.00
C ARG G 439 53.46 -1.53 -38.76
N GLU G 440 53.52 -0.63 -37.77
CA GLU G 440 54.46 -0.78 -36.62
C GLU G 440 53.69 -1.06 -35.33
N GLY G 441 53.39 -2.33 -35.06
CA GLY G 441 52.62 -2.71 -33.85
C GLY G 441 53.41 -3.61 -32.93
N ASN G 442 54.08 -4.62 -33.50
CA ASN G 442 54.87 -5.60 -32.68
C ASN G 442 55.97 -4.85 -31.94
N ASP G 443 56.55 -3.82 -32.56
CA ASP G 443 57.60 -3.01 -31.90
C ASP G 443 57.01 -2.33 -30.67
N ILE G 444 55.88 -1.64 -30.83
CA ILE G 444 55.20 -0.93 -29.69
C ILE G 444 55.12 -1.90 -28.51
N ILE G 445 54.80 -3.16 -28.76
CA ILE G 445 54.66 -4.16 -27.67
C ILE G 445 56.06 -4.60 -27.19
N ARG G 446 56.98 -4.85 -28.11
CA ARG G 446 58.32 -5.30 -27.72
C ARG G 446 59.05 -4.22 -26.94
N GLU G 447 58.92 -2.96 -27.34
CA GLU G 447 59.57 -1.88 -26.61
C GLU G 447 58.96 -1.69 -25.23
N ALA G 448 57.63 -1.83 -25.12
CA ALA G 448 56.99 -1.66 -23.82
C ALA G 448 57.30 -2.80 -22.87
N SER G 449 57.60 -3.99 -23.40
CA SER G 449 57.86 -5.13 -22.52
C SER G 449 59.20 -5.01 -21.80
N LYS G 450 60.03 -4.04 -22.17
CA LYS G 450 61.36 -3.94 -21.59
C LYS G 450 61.31 -3.53 -20.13
N TRP G 451 60.41 -2.60 -19.80
CA TRP G 451 60.34 -2.07 -18.40
C TRP G 451 59.20 -2.71 -17.59
N SER G 452 58.48 -3.68 -18.16
CA SER G 452 57.31 -4.26 -17.45
C SER G 452 57.51 -5.76 -17.24
N PRO G 453 57.79 -6.24 -16.01
CA PRO G 453 58.07 -7.66 -15.76
C PRO G 453 56.83 -8.56 -15.90
N GLU G 454 55.63 -7.97 -15.90
CA GLU G 454 54.38 -8.75 -16.01
C GLU G 454 54.01 -8.93 -17.49
N LEU G 455 54.24 -7.89 -18.30
CA LEU G 455 53.89 -7.94 -19.75
C LEU G 455 54.80 -8.95 -20.45
N ALA G 456 56.05 -9.08 -19.99
CA ALA G 456 57.00 -10.03 -20.59
C ALA G 456 56.46 -11.47 -20.50
N ALA G 457 56.00 -11.88 -19.32
CA ALA G 457 55.51 -13.27 -19.12
C ALA G 457 54.35 -13.56 -20.08
N ALA G 458 53.35 -12.68 -20.15
CA ALA G 458 52.16 -12.92 -21.01
C ALA G 458 52.60 -13.11 -22.47
N CYS G 459 53.48 -12.25 -22.96
CA CYS G 459 53.90 -12.30 -24.39
C CYS G 459 54.53 -13.67 -24.70
N GLU G 460 55.23 -14.26 -23.73
CA GLU G 460 55.94 -15.55 -23.96
C GLU G 460 54.92 -16.70 -24.03
N VAL G 461 53.79 -16.58 -23.35
CA VAL G 461 52.79 -17.69 -23.29
C VAL G 461 52.00 -17.75 -24.60
N TRP G 462 51.42 -16.64 -25.05
CA TRP G 462 50.54 -16.67 -26.24
C TRP G 462 51.19 -15.96 -27.43
N LYS G 463 52.25 -16.54 -27.99
CA LYS G 463 52.99 -15.87 -29.11
C LYS G 463 52.37 -16.24 -30.45
N GLU G 464 52.16 -17.53 -30.71
CA GLU G 464 51.65 -17.97 -32.03
C GLU G 464 50.28 -18.66 -31.88
N ILE G 465 49.23 -17.88 -31.61
CA ILE G 465 47.86 -18.45 -31.44
C ILE G 465 46.87 -17.54 -32.18
N LYS G 466 46.46 -17.92 -33.39
CA LYS G 466 45.55 -17.07 -34.21
C LYS G 466 44.37 -17.89 -34.73
N PHE G 467 43.40 -17.24 -35.38
CA PHE G 467 42.21 -17.94 -35.90
C PHE G 467 41.92 -17.49 -37.33
N VAL G 468 42.13 -18.36 -38.32
CA VAL G 468 41.92 -17.98 -39.74
C VAL G 468 41.17 -19.11 -40.46
N PHE G 469 39.95 -18.84 -40.92
CA PHE G 469 39.15 -19.84 -41.68
C PHE G 469 38.41 -19.11 -42.80
N GLU G 470 37.71 -19.85 -43.65
CA GLU G 470 36.99 -19.22 -44.80
C GLU G 470 35.66 -18.62 -44.32
N THR G 471 35.37 -17.37 -44.67
CA THR G 471 34.10 -16.72 -44.26
C THR G 471 32.91 -17.33 -45.02
N ILE G 472 31.80 -17.59 -44.33
CA ILE G 472 30.59 -18.18 -44.95
C ILE G 472 29.62 -17.05 -45.33
N ASP G 473 29.60 -15.97 -44.55
CA ASP G 473 28.73 -14.81 -44.86
C ASP G 473 29.58 -13.72 -45.50
N THR G 474 30.18 -14.01 -46.65
CA THR G 474 31.08 -13.04 -47.34
C THR G 474 30.41 -11.67 -47.40
N LEU G 475 29.38 -11.52 -48.25
CA LEU G 475 28.68 -10.22 -48.42
C LEU G 475 27.51 -10.40 -49.39
N GLY H 12 48.88 -29.53 -10.86
CA GLY H 12 49.47 -28.18 -10.86
C GLY H 12 48.91 -27.33 -11.98
N PHE H 13 49.19 -26.03 -11.96
CA PHE H 13 48.73 -25.13 -13.05
C PHE H 13 49.78 -25.11 -14.17
N LYS H 14 49.33 -25.34 -15.42
CA LYS H 14 50.26 -25.25 -16.58
C LYS H 14 49.65 -24.28 -17.60
N ALA H 15 50.10 -23.03 -17.61
CA ALA H 15 49.54 -22.02 -18.53
C ALA H 15 49.78 -22.45 -19.99
N GLY H 16 48.77 -22.31 -20.86
CA GLY H 16 48.90 -22.68 -22.27
C GLY H 16 47.59 -23.14 -22.88
N VAL H 17 47.61 -23.57 -24.15
CA VAL H 17 46.38 -24.01 -24.86
C VAL H 17 46.48 -25.51 -25.15
N LYS H 18 45.35 -26.25 -25.10
CA LYS H 18 45.35 -27.70 -25.38
C LYS H 18 44.16 -28.06 -26.28
N ASP H 19 43.98 -29.35 -26.57
CA ASP H 19 42.87 -29.80 -27.46
C ASP H 19 41.62 -30.05 -26.61
N TYR H 20 40.47 -30.21 -27.26
CA TYR H 20 39.19 -30.41 -26.52
C TYR H 20 38.92 -31.90 -26.34
N ARG H 21 39.31 -32.72 -27.31
CA ARG H 21 39.00 -34.18 -27.26
C ARG H 21 39.82 -34.88 -26.17
N LEU H 22 40.42 -34.12 -25.25
CA LEU H 22 41.28 -34.72 -24.21
C LEU H 22 40.51 -34.79 -22.88
N THR H 23 39.34 -34.16 -22.81
CA THR H 23 38.57 -34.11 -21.53
C THR H 23 37.07 -34.09 -21.81
N TYR H 24 36.65 -33.97 -23.08
CA TYR H 24 35.20 -33.84 -23.37
C TYR H 24 34.72 -34.90 -24.37
N TYR H 25 35.53 -35.92 -24.62
CA TYR H 25 35.07 -37.05 -25.49
C TYR H 25 35.12 -38.34 -24.68
N THR H 26 33.96 -38.91 -24.33
CA THR H 26 33.91 -40.13 -23.48
C THR H 26 33.23 -41.27 -24.25
N PRO H 27 33.92 -41.92 -25.21
CA PRO H 27 33.32 -42.98 -26.01
C PRO H 27 32.50 -43.99 -25.21
N ASP H 28 33.01 -44.46 -24.06
CA ASP H 28 32.30 -45.43 -23.24
C ASP H 28 31.76 -44.71 -22.00
N TYR H 29 30.45 -44.47 -21.98
CA TYR H 29 29.81 -43.78 -20.88
C TYR H 29 28.37 -44.26 -20.81
N GLU H 30 27.88 -44.50 -19.60
CA GLU H 30 26.55 -45.03 -19.38
C GLU H 30 25.68 -43.93 -18.76
N THR H 31 24.64 -43.53 -19.49
CA THR H 31 23.82 -42.41 -19.07
C THR H 31 22.98 -42.78 -17.85
N LYS H 32 22.61 -41.76 -17.08
CA LYS H 32 21.79 -41.92 -15.89
C LYS H 32 20.38 -41.44 -16.16
N ASP H 33 19.46 -41.82 -15.27
CA ASP H 33 18.06 -41.48 -15.47
C ASP H 33 17.79 -40.00 -15.32
N THR H 34 18.58 -39.30 -14.50
CA THR H 34 18.42 -37.87 -14.30
C THR H 34 19.41 -37.09 -15.18
N ASP H 35 19.24 -37.22 -16.49
CA ASP H 35 20.12 -36.57 -17.45
C ASP H 35 19.30 -36.01 -18.59
N ILE H 36 19.85 -34.99 -19.25
CA ILE H 36 19.24 -34.38 -20.42
C ILE H 36 20.12 -34.68 -21.62
N LEU H 37 19.50 -35.18 -22.70
CA LEU H 37 20.23 -35.59 -23.89
C LEU H 37 19.78 -34.78 -25.09
N ALA H 38 20.71 -34.55 -26.03
CA ALA H 38 20.43 -33.79 -27.23
C ALA H 38 21.02 -34.51 -28.42
N ALA H 39 20.69 -34.03 -29.62
CA ALA H 39 21.17 -34.65 -30.86
C ALA H 39 21.20 -33.62 -31.97
N PHE H 40 22.39 -33.15 -32.33
CA PHE H 40 22.57 -32.26 -33.46
C PHE H 40 23.17 -33.02 -34.65
N ARG H 41 22.93 -32.50 -35.84
CA ARG H 41 23.61 -32.93 -37.05
C ARG H 41 24.55 -31.80 -37.48
N MET H 42 25.79 -32.16 -37.82
CA MET H 42 26.84 -31.19 -38.00
C MET H 42 27.55 -31.41 -39.33
N THR H 43 28.22 -30.36 -39.80
CA THR H 43 29.01 -30.41 -41.02
C THR H 43 30.23 -29.53 -40.84
N PRO H 44 31.40 -30.08 -40.41
CA PRO H 44 32.57 -29.25 -40.07
C PRO H 44 33.37 -28.69 -41.26
N GLN H 45 34.40 -27.89 -40.96
CA GLN H 45 35.22 -27.25 -42.02
C GLN H 45 36.40 -28.15 -42.37
N PRO H 46 36.97 -28.06 -43.60
CA PRO H 46 38.08 -28.93 -44.02
C PRO H 46 39.32 -28.75 -43.12
N GLY H 47 39.79 -29.83 -42.48
CA GLY H 47 40.92 -29.66 -41.59
C GLY H 47 40.72 -30.25 -40.21
N VAL H 48 39.48 -30.17 -39.71
CA VAL H 48 39.19 -30.62 -38.31
C VAL H 48 38.62 -32.04 -38.31
N PRO H 49 39.10 -32.94 -37.41
CA PRO H 49 38.54 -34.28 -37.30
C PRO H 49 37.19 -34.22 -36.57
N PRO H 50 36.20 -35.05 -36.94
CA PRO H 50 34.87 -35.01 -36.32
C PRO H 50 34.95 -35.01 -34.78
N GLU H 51 35.79 -35.86 -34.20
CA GLU H 51 35.88 -35.98 -32.72
C GLU H 51 36.11 -34.60 -32.10
N GLU H 52 37.08 -33.84 -32.61
CA GLU H 52 37.38 -32.49 -32.07
C GLU H 52 36.12 -31.62 -32.15
N ALA H 53 35.45 -31.60 -33.30
CA ALA H 53 34.23 -30.78 -33.48
C ALA H 53 33.21 -31.11 -32.39
N GLY H 54 32.75 -32.36 -32.32
CA GLY H 54 31.79 -32.77 -31.29
C GLY H 54 32.22 -32.34 -29.91
N ALA H 55 33.44 -32.69 -29.49
CA ALA H 55 33.96 -32.30 -28.16
C ALA H 55 33.89 -30.78 -27.99
N ALA H 56 34.27 -30.04 -29.02
CA ALA H 56 34.26 -28.56 -28.96
C ALA H 56 32.83 -28.08 -28.67
N VAL H 57 31.83 -28.69 -29.32
CA VAL H 57 30.46 -28.23 -29.11
C VAL H 57 30.06 -28.37 -27.65
N ALA H 58 30.26 -29.55 -27.08
CA ALA H 58 29.90 -29.79 -25.68
C ALA H 58 30.71 -28.92 -24.74
N ALA H 59 32.00 -28.76 -25.03
CA ALA H 59 32.88 -27.93 -24.16
C ALA H 59 32.31 -26.52 -23.96
N GLU H 60 32.07 -25.78 -25.05
CA GLU H 60 31.61 -24.37 -24.94
C GLU H 60 30.10 -24.28 -24.79
N SER H 61 29.49 -25.14 -23.97
CA SER H 61 28.03 -25.08 -23.71
C SER H 61 27.78 -25.53 -22.27
N SER H 62 28.84 -25.99 -21.59
CA SER H 62 28.74 -26.45 -20.18
C SER H 62 29.75 -25.69 -19.32
N THR H 63 31.04 -25.99 -19.48
CA THR H 63 32.10 -25.34 -18.64
C THR H 63 33.47 -25.43 -19.34
N GLY H 64 33.78 -24.48 -20.22
CA GLY H 64 35.06 -24.52 -20.96
C GLY H 64 35.41 -23.20 -21.63
N THR H 65 36.72 -22.94 -21.84
CA THR H 65 37.18 -21.68 -22.49
C THR H 65 38.13 -22.01 -23.64
N TRP H 66 39.37 -21.53 -23.59
CA TRP H 66 40.30 -21.73 -24.74
C TRP H 66 41.77 -21.71 -24.30
N THR H 67 42.07 -21.50 -23.01
CA THR H 67 43.50 -21.34 -22.63
C THR H 67 43.83 -21.83 -21.21
N THR H 68 43.01 -22.69 -20.61
CA THR H 68 43.36 -23.28 -19.27
C THR H 68 43.37 -22.23 -18.15
N VAL H 69 42.49 -22.39 -17.15
CA VAL H 69 42.41 -21.43 -16.00
C VAL H 69 42.81 -22.17 -14.72
N TRP H 70 43.09 -21.44 -13.64
CA TRP H 70 43.57 -22.08 -12.39
C TRP H 70 42.43 -22.25 -11.38
N THR H 71 41.35 -21.48 -11.51
CA THR H 71 40.25 -21.53 -10.51
C THR H 71 39.44 -22.82 -10.66
N ASP H 72 39.93 -23.79 -11.42
CA ASP H 72 39.17 -25.04 -11.66
C ASP H 72 39.64 -26.13 -10.69
N GLY H 73 40.82 -25.97 -10.09
CA GLY H 73 41.33 -26.94 -9.11
C GLY H 73 40.77 -26.69 -7.72
N LEU H 74 39.58 -26.08 -7.64
CA LEU H 74 38.93 -25.82 -6.33
C LEU H 74 37.42 -26.06 -6.44
N THR H 75 36.96 -26.64 -7.55
CA THR H 75 35.50 -26.82 -7.77
C THR H 75 35.19 -28.30 -8.07
N SER H 76 36.19 -29.05 -8.57
CA SER H 76 35.99 -30.48 -8.92
C SER H 76 35.05 -30.65 -10.12
N LEU H 77 35.60 -30.78 -11.32
CA LEU H 77 34.75 -31.04 -12.51
C LEU H 77 34.33 -32.51 -12.46
N ASP H 78 34.10 -33.14 -13.61
CA ASP H 78 33.60 -34.55 -13.63
C ASP H 78 32.17 -34.58 -13.09
N ARG H 79 31.87 -33.78 -12.07
CA ARG H 79 30.49 -33.68 -11.54
C ARG H 79 29.69 -32.68 -12.39
N TYR H 80 30.35 -31.62 -12.87
CA TYR H 80 29.69 -30.62 -13.74
C TYR H 80 30.42 -30.54 -15.07
N LYS H 81 29.91 -31.18 -16.12
CA LYS H 81 30.53 -31.12 -17.46
C LYS H 81 29.69 -31.92 -18.47
N GLY H 82 29.56 -31.42 -19.70
CA GLY H 82 28.84 -32.17 -20.74
C GLY H 82 29.80 -33.11 -21.46
N ARG H 83 29.28 -34.18 -22.07
CA ARG H 83 30.19 -35.18 -22.71
C ARG H 83 29.61 -35.70 -24.02
N CYS H 84 30.42 -35.70 -25.09
CA CYS H 84 29.98 -36.34 -26.36
C CYS H 84 30.28 -37.83 -26.22
N TYR H 85 29.28 -38.70 -26.42
CA TYR H 85 29.50 -40.14 -26.16
C TYR H 85 29.15 -40.99 -27.39
N ASP H 86 28.92 -40.37 -28.55
CA ASP H 86 28.67 -41.15 -29.79
C ASP H 86 28.63 -40.23 -31.01
N ILE H 87 29.18 -40.70 -32.15
CA ILE H 87 29.14 -39.93 -33.43
C ILE H 87 28.75 -40.90 -34.54
N GLU H 88 27.76 -40.56 -35.37
CA GLU H 88 27.29 -41.48 -36.44
C GLU H 88 27.27 -40.74 -37.78
N PRO H 89 27.88 -41.32 -38.84
CA PRO H 89 27.88 -40.69 -40.18
C PRO H 89 26.51 -40.74 -40.86
N VAL H 90 26.23 -39.79 -41.74
CA VAL H 90 24.94 -39.74 -42.43
C VAL H 90 25.10 -40.30 -43.83
N ALA H 91 24.25 -41.26 -44.18
CA ALA H 91 24.30 -41.88 -45.50
C ALA H 91 23.92 -40.88 -46.57
N GLY H 92 24.61 -40.98 -47.71
CA GLY H 92 24.37 -40.06 -48.81
C GLY H 92 25.30 -38.86 -48.78
N GLU H 93 25.20 -38.05 -47.72
CA GLU H 93 26.06 -36.89 -47.58
C GLU H 93 27.51 -37.32 -47.32
N GLU H 94 28.44 -36.45 -47.72
CA GLU H 94 29.86 -36.75 -47.57
C GLU H 94 30.47 -36.16 -46.31
N ASN H 95 29.89 -35.07 -45.79
CA ASN H 95 30.47 -34.37 -44.65
C ASN H 95 29.39 -34.06 -43.60
N GLN H 96 28.59 -35.06 -43.25
CA GLN H 96 27.55 -34.91 -42.25
C GLN H 96 27.65 -36.02 -41.22
N TYR H 97 27.42 -35.67 -39.95
CA TYR H 97 27.48 -36.66 -38.85
C TYR H 97 26.44 -36.33 -37.79
N ILE H 98 26.02 -37.31 -36.99
CA ILE H 98 25.07 -37.04 -35.88
C ILE H 98 25.82 -37.20 -34.55
N ALA H 99 25.77 -36.18 -33.69
CA ALA H 99 26.47 -36.23 -32.39
C ALA H 99 25.46 -36.40 -31.25
N TYR H 100 25.92 -36.81 -30.07
CA TYR H 100 25.02 -37.03 -28.90
C TYR H 100 25.70 -36.51 -27.62
N VAL H 101 25.12 -35.49 -26.98
CA VAL H 101 25.75 -34.88 -25.77
C VAL H 101 24.86 -35.14 -24.54
N ALA H 102 25.48 -35.32 -23.36
CA ALA H 102 24.73 -35.57 -22.11
C ALA H 102 24.99 -34.44 -21.11
N TYR H 103 23.95 -33.95 -20.44
CA TYR H 103 24.11 -32.78 -19.53
C TYR H 103 23.68 -33.14 -18.11
N PRO H 104 24.51 -32.86 -17.08
CA PRO H 104 24.12 -33.11 -15.68
C PRO H 104 22.85 -32.31 -15.31
N LEU H 105 22.14 -32.72 -14.25
CA LEU H 105 20.85 -32.06 -13.89
C LEU H 105 21.07 -30.82 -13.02
N ASP H 106 22.21 -30.72 -12.33
CA ASP H 106 22.43 -29.60 -11.38
C ASP H 106 22.92 -28.34 -12.11
N LEU H 107 22.61 -28.20 -13.40
CA LEU H 107 23.12 -27.04 -14.19
C LEU H 107 21.95 -26.15 -14.61
N PHE H 108 20.71 -26.58 -14.36
CA PHE H 108 19.54 -25.83 -14.80
C PHE H 108 18.75 -25.30 -13.61
N GLU H 109 18.04 -24.21 -13.84
CA GLU H 109 17.16 -23.61 -12.85
C GLU H 109 15.76 -24.14 -13.01
N GLU H 110 15.10 -24.44 -11.88
CA GLU H 110 13.80 -25.07 -11.91
C GLU H 110 12.73 -24.11 -12.40
N GLY H 111 11.89 -24.60 -13.32
CA GLY H 111 10.75 -23.83 -13.78
C GLY H 111 11.04 -22.75 -14.78
N SER H 112 12.19 -22.78 -15.45
CA SER H 112 12.59 -21.75 -16.40
C SER H 112 12.92 -22.39 -17.73
N VAL H 113 12.18 -22.01 -18.77
CA VAL H 113 12.52 -22.46 -20.12
C VAL H 113 13.62 -21.59 -20.70
N THR H 114 13.66 -20.31 -20.31
CA THR H 114 14.69 -19.40 -20.80
C THR H 114 16.08 -19.88 -20.45
N ASN H 115 16.28 -20.36 -19.23
CA ASN H 115 17.60 -20.82 -18.82
C ASN H 115 18.04 -22.03 -19.63
N MET H 116 17.16 -23.00 -19.82
CA MET H 116 17.53 -24.18 -20.61
C MET H 116 17.86 -23.79 -22.04
N PHE H 117 17.04 -22.93 -22.64
CA PHE H 117 17.31 -22.54 -24.02
C PHE H 117 18.61 -21.76 -24.15
N THR H 118 18.89 -20.85 -23.21
CA THR H 118 20.12 -20.08 -23.29
C THR H 118 21.35 -20.89 -22.94
N SER H 119 21.20 -22.02 -22.24
CA SER H 119 22.34 -22.87 -21.97
C SER H 119 22.63 -23.81 -23.14
N ILE H 120 21.62 -24.50 -23.65
CA ILE H 120 21.86 -25.53 -24.66
C ILE H 120 22.29 -24.89 -25.97
N VAL H 121 21.62 -23.83 -26.41
CA VAL H 121 21.96 -23.13 -27.64
C VAL H 121 22.12 -21.65 -27.30
N GLY H 122 23.36 -21.22 -27.12
CA GLY H 122 23.63 -19.80 -26.81
C GLY H 122 24.68 -19.20 -27.73
N ASN H 123 25.81 -19.89 -27.93
CA ASN H 123 26.91 -19.27 -28.73
C ASN H 123 27.62 -20.30 -29.61
N VAL H 124 27.13 -21.54 -29.69
CA VAL H 124 27.87 -22.61 -30.44
C VAL H 124 27.52 -22.56 -31.93
N PHE H 125 26.40 -21.94 -32.28
CA PHE H 125 25.93 -21.84 -33.70
C PHE H 125 26.74 -20.81 -34.49
N GLY H 126 27.80 -20.25 -33.91
CA GLY H 126 28.54 -19.17 -34.60
C GLY H 126 30.05 -19.29 -34.48
N PHE H 127 30.58 -20.51 -34.38
CA PHE H 127 32.04 -20.71 -34.28
C PHE H 127 32.65 -20.75 -35.67
N LYS H 128 33.90 -20.29 -35.81
CA LYS H 128 34.57 -20.23 -37.14
C LYS H 128 35.15 -21.60 -37.52
N ALA H 129 34.71 -22.68 -36.89
CA ALA H 129 35.22 -24.03 -37.19
C ALA H 129 34.10 -24.91 -37.75
N LEU H 130 32.87 -24.38 -37.77
CA LEU H 130 31.74 -25.14 -38.35
C LEU H 130 31.19 -24.36 -39.55
N ARG H 131 30.32 -24.98 -40.35
CA ARG H 131 29.69 -24.27 -41.49
C ARG H 131 28.17 -24.36 -41.35
N ALA H 132 27.67 -25.24 -40.47
CA ALA H 132 26.21 -25.40 -40.27
C ALA H 132 25.91 -26.26 -39.05
N LEU H 133 24.73 -26.09 -38.44
CA LEU H 133 24.30 -26.87 -37.28
C LEU H 133 22.79 -26.91 -37.24
N ARG H 134 22.25 -27.95 -36.60
CA ARG H 134 20.80 -28.11 -36.52
C ARG H 134 20.46 -29.02 -35.36
N LEU H 135 19.58 -28.56 -34.47
CA LEU H 135 19.12 -29.36 -33.35
C LEU H 135 17.90 -30.16 -33.76
N GLU H 136 17.83 -31.40 -33.30
CA GLU H 136 16.81 -32.34 -33.77
C GLU H 136 15.86 -32.80 -32.68
N ASP H 137 16.39 -33.21 -31.53
CA ASP H 137 15.50 -33.77 -30.47
C ASP H 137 16.10 -33.53 -29.09
N LEU H 138 15.28 -33.67 -28.04
CA LEU H 138 15.75 -33.50 -26.64
C LEU H 138 15.02 -34.51 -25.75
N ARG H 139 15.68 -35.01 -24.70
CA ARG H 139 15.02 -35.95 -23.76
C ARG H 139 14.98 -35.32 -22.37
N ILE H 140 13.78 -34.98 -21.88
CA ILE H 140 13.64 -34.31 -20.55
C ILE H 140 13.36 -35.39 -19.49
N PRO H 141 14.21 -35.53 -18.46
CA PRO H 141 13.98 -36.51 -17.39
C PRO H 141 12.70 -36.18 -16.61
N PRO H 142 12.03 -37.18 -15.98
CA PRO H 142 10.82 -36.95 -15.18
C PRO H 142 11.06 -36.25 -13.84
N ALA H 143 12.26 -35.68 -13.63
CA ALA H 143 12.59 -34.98 -12.36
C ALA H 143 12.74 -33.49 -12.63
N TYR H 144 12.84 -33.09 -13.90
CA TYR H 144 12.91 -31.65 -14.25
C TYR H 144 11.52 -31.17 -14.66
N SER H 145 10.69 -32.09 -15.18
CA SER H 145 9.32 -31.73 -15.65
C SER H 145 8.39 -31.47 -14.46
N LYS H 146 8.58 -32.19 -13.35
CA LYS H 146 7.64 -32.07 -12.20
C LYS H 146 7.74 -30.69 -11.55
N THR H 147 8.70 -29.86 -11.97
CA THR H 147 8.82 -28.52 -11.43
C THR H 147 8.06 -27.48 -12.26
N PHE H 148 7.43 -27.89 -13.35
CA PHE H 148 6.64 -26.99 -14.18
C PHE H 148 5.15 -27.17 -13.88
N GLN H 149 4.35 -26.25 -14.41
CA GLN H 149 2.91 -26.32 -14.21
C GLN H 149 2.19 -26.99 -15.37
N GLY H 150 2.59 -26.70 -16.59
CA GLY H 150 1.99 -27.31 -17.76
C GLY H 150 0.80 -26.52 -18.26
N PRO H 151 -0.05 -27.17 -19.06
CA PRO H 151 -1.24 -26.48 -19.57
C PRO H 151 -2.16 -26.10 -18.43
N PRO H 152 -2.89 -24.99 -18.57
CA PRO H 152 -3.80 -24.57 -17.49
C PRO H 152 -4.89 -25.60 -17.19
N HIS H 153 -5.61 -26.06 -18.21
CA HIS H 153 -6.71 -26.99 -18.01
C HIS H 153 -6.48 -28.35 -18.62
N GLY H 154 -6.22 -28.43 -19.92
CA GLY H 154 -5.97 -29.69 -20.59
C GLY H 154 -7.02 -29.95 -21.68
N ILE H 155 -7.38 -31.22 -21.83
CA ILE H 155 -8.32 -31.66 -22.86
C ILE H 155 -9.67 -32.02 -22.27
N GLN H 156 -9.69 -32.91 -21.28
CA GLN H 156 -10.96 -33.36 -20.70
C GLN H 156 -11.68 -32.24 -20.00
N VAL H 157 -10.95 -31.40 -19.25
CA VAL H 157 -11.58 -30.35 -18.48
C VAL H 157 -12.23 -29.33 -19.42
N GLU H 158 -11.57 -29.01 -20.53
CA GLU H 158 -12.14 -28.05 -21.47
C GLU H 158 -13.42 -28.61 -22.09
N ARG H 159 -13.44 -29.89 -22.45
CA ARG H 159 -14.64 -30.50 -23.00
C ARG H 159 -15.77 -30.50 -21.99
N ASP H 160 -15.46 -30.77 -20.71
CA ASP H 160 -16.48 -30.68 -19.67
C ASP H 160 -17.01 -29.27 -19.53
N LYS H 161 -16.12 -28.27 -19.62
CA LYS H 161 -16.54 -26.88 -19.49
C LYS H 161 -17.46 -26.47 -20.64
N LEU H 162 -17.15 -26.90 -21.86
CA LEU H 162 -17.94 -26.50 -23.02
C LEU H 162 -19.14 -27.40 -23.27
N ASN H 163 -19.16 -28.62 -22.72
CA ASN H 163 -20.26 -29.56 -22.88
C ASN H 163 -20.47 -29.90 -24.36
N LYS H 164 -19.44 -30.46 -24.97
CA LYS H 164 -19.47 -30.89 -26.37
C LYS H 164 -18.70 -32.19 -26.51
N TYR H 165 -19.38 -33.24 -26.94
CA TYR H 165 -18.77 -34.56 -27.05
C TYR H 165 -19.05 -35.18 -28.41
N GLY H 166 -18.08 -35.96 -28.89
CA GLY H 166 -18.28 -36.87 -29.99
C GLY H 166 -17.77 -36.39 -31.34
N ARG H 167 -17.54 -35.09 -31.52
CA ARG H 167 -17.20 -34.57 -32.83
C ARG H 167 -16.17 -33.46 -32.70
N PRO H 168 -15.38 -33.22 -33.75
CA PRO H 168 -14.45 -32.08 -33.74
C PRO H 168 -15.18 -30.76 -33.72
N LEU H 169 -14.53 -29.75 -33.16
CA LEU H 169 -15.10 -28.41 -33.09
C LEU H 169 -14.84 -27.63 -34.36
N LEU H 170 -15.62 -26.58 -34.56
CA LEU H 170 -15.57 -25.78 -35.77
C LEU H 170 -15.25 -24.33 -35.43
N GLY H 171 -14.69 -23.61 -36.41
CA GLY H 171 -14.35 -22.21 -36.21
C GLY H 171 -14.12 -21.52 -37.53
N CYS H 172 -13.94 -20.20 -37.47
CA CYS H 172 -13.70 -19.41 -38.68
C CYS H 172 -12.92 -18.16 -38.32
N THR H 173 -12.26 -17.56 -39.30
CA THR H 173 -11.46 -16.37 -39.05
C THR H 173 -11.89 -15.21 -39.92
N ILE H 174 -11.90 -14.00 -39.35
CA ILE H 174 -12.28 -12.78 -40.14
C ILE H 174 -11.20 -12.51 -41.21
N LYS H 175 -11.40 -13.03 -42.43
CA LYS H 175 -10.39 -12.89 -43.52
C LYS H 175 -10.31 -11.44 -44.01
N PRO H 176 -9.44 -11.11 -45.00
CA PRO H 176 -9.29 -9.75 -45.53
C PRO H 176 -10.51 -8.85 -45.32
N LYS H 177 -10.57 -8.13 -44.20
CA LYS H 177 -11.72 -7.24 -43.90
C LYS H 177 -11.27 -6.15 -42.94
N LEU H 178 -10.12 -5.53 -43.19
CA LEU H 178 -9.59 -4.53 -42.26
C LEU H 178 -10.18 -3.14 -42.50
N GLY H 179 -9.66 -2.13 -41.83
CA GLY H 179 -10.24 -0.81 -41.98
C GLY H 179 -11.71 -0.73 -41.69
N LEU H 180 -12.28 -1.74 -41.03
CA LEU H 180 -13.70 -1.77 -40.69
C LEU H 180 -13.91 -1.16 -39.31
N SER H 181 -15.03 -0.47 -39.14
CA SER H 181 -15.38 0.05 -37.83
C SER H 181 -15.80 -1.08 -36.90
N ALA H 182 -15.92 -0.76 -35.62
CA ALA H 182 -16.23 -1.80 -34.62
C ALA H 182 -17.62 -2.38 -34.83
N LYS H 183 -18.59 -1.53 -35.17
CA LYS H 183 -19.97 -2.01 -35.33
C LYS H 183 -20.07 -3.01 -36.47
N ASN H 184 -19.41 -2.73 -37.59
CA ASN H 184 -19.41 -3.66 -38.72
C ASN H 184 -18.72 -4.96 -38.36
N TYR H 185 -17.68 -4.90 -37.53
CA TYR H 185 -17.02 -6.11 -37.04
C TYR H 185 -17.98 -6.95 -36.21
N GLY H 186 -18.68 -6.31 -35.26
CA GLY H 186 -19.62 -7.04 -34.43
C GLY H 186 -20.77 -7.64 -35.20
N ARG H 187 -21.26 -6.94 -36.22
CA ARG H 187 -22.35 -7.48 -37.03
C ARG H 187 -21.95 -8.78 -37.72
N ALA H 188 -20.76 -8.78 -38.33
CA ALA H 188 -20.28 -10.00 -39.00
C ALA H 188 -20.05 -11.12 -37.99
N VAL H 189 -19.50 -10.79 -36.82
CA VAL H 189 -19.29 -11.81 -35.80
C VAL H 189 -20.62 -12.43 -35.39
N TYR H 190 -21.64 -11.60 -35.18
CA TYR H 190 -22.95 -12.11 -34.79
C TYR H 190 -23.55 -13.00 -35.88
N GLU H 191 -23.45 -12.56 -37.14
CA GLU H 191 -23.99 -13.38 -38.23
C GLU H 191 -23.33 -14.75 -38.28
N CYS H 192 -22.00 -14.78 -38.22
CA CYS H 192 -21.28 -16.04 -38.29
C CYS H 192 -21.63 -16.94 -37.10
N LEU H 193 -21.72 -16.36 -35.89
CA LEU H 193 -22.04 -17.17 -34.72
C LEU H 193 -23.46 -17.73 -34.80
N ARG H 194 -24.41 -16.92 -35.26
CA ARG H 194 -25.78 -17.40 -35.41
C ARG H 194 -25.88 -18.46 -36.51
N GLY H 195 -24.95 -18.46 -37.47
CA GLY H 195 -24.98 -19.46 -38.52
C GLY H 195 -24.94 -20.88 -37.99
N GLY H 196 -24.15 -21.13 -36.95
CA GLY H 196 -24.07 -22.46 -36.39
C GLY H 196 -22.67 -22.91 -35.97
N LEU H 197 -21.68 -22.05 -36.13
CA LEU H 197 -20.31 -22.38 -35.76
C LEU H 197 -20.14 -22.36 -34.24
N ASP H 198 -18.92 -22.58 -33.79
CA ASP H 198 -18.59 -22.59 -32.37
C ASP H 198 -17.67 -21.44 -31.97
N PHE H 199 -16.52 -21.29 -32.64
CA PHE H 199 -15.54 -20.28 -32.29
C PHE H 199 -15.39 -19.28 -33.43
N THR H 200 -14.72 -18.17 -33.15
CA THR H 200 -14.49 -17.15 -34.15
C THR H 200 -13.19 -16.46 -33.80
N ASP H 202 -9.63 -13.84 -34.62
CA ASP H 202 -9.39 -12.44 -34.93
C ASP H 202 -8.35 -12.36 -36.03
N ASP H 203 -7.39 -11.45 -35.90
CA ASP H 203 -6.29 -11.34 -36.89
C ASP H 203 -5.01 -11.02 -36.13
N GLU H 204 -3.95 -11.81 -36.31
CA GLU H 204 -2.69 -11.63 -35.53
C GLU H 204 -2.18 -10.20 -35.65
N ASN H 205 -2.42 -9.53 -36.77
CA ASN H 205 -1.85 -8.17 -37.00
C ASN H 205 -2.86 -7.10 -36.58
N VAL H 206 -3.58 -7.31 -35.48
CA VAL H 206 -4.59 -6.35 -35.05
C VAL H 206 -4.52 -6.20 -33.53
N ASN H 207 -3.85 -5.16 -33.05
CA ASN H 207 -3.77 -4.92 -31.61
C ASN H 207 -4.45 -3.61 -31.21
N SER H 208 -4.00 -2.48 -31.74
CA SER H 208 -4.64 -1.19 -31.49
C SER H 208 -4.11 -0.22 -32.52
N GLN H 209 -4.99 0.29 -33.37
CA GLN H 209 -4.58 1.12 -34.50
C GLN H 209 -5.51 2.31 -34.59
N PRO H 210 -5.11 3.37 -35.31
CA PRO H 210 -5.96 4.56 -35.38
C PRO H 210 -7.37 4.30 -35.90
N PHE H 211 -7.55 3.32 -36.78
CA PHE H 211 -8.89 3.05 -37.30
C PHE H 211 -9.75 2.23 -36.35
N MET H 212 -9.16 1.60 -35.33
CA MET H 212 -9.94 0.82 -34.38
C MET H 212 -9.12 0.59 -33.12
N ARG H 213 -9.59 1.11 -31.99
CA ARG H 213 -8.99 0.83 -30.70
C ARG H 213 -9.59 -0.43 -30.10
N TRP H 214 -9.03 -0.87 -28.97
CA TRP H 214 -9.35 -2.21 -28.48
C TRP H 214 -10.56 -2.26 -27.55
N ARG H 215 -10.78 -1.22 -26.74
CA ARG H 215 -11.84 -1.30 -25.73
C ARG H 215 -13.23 -1.39 -26.37
N ASP H 216 -13.50 -0.55 -27.36
CA ASP H 216 -14.81 -0.60 -28.00
C ASP H 216 -15.02 -1.86 -28.82
N ARG H 217 -13.95 -2.38 -29.43
CA ARG H 217 -14.06 -3.67 -30.12
C ARG H 217 -14.42 -4.77 -29.14
N PHE H 218 -13.78 -4.78 -27.96
CA PHE H 218 -14.15 -5.73 -26.92
C PHE H 218 -15.61 -5.59 -26.55
N LEU H 219 -16.07 -4.34 -26.37
CA LEU H 219 -17.45 -4.10 -25.95
C LEU H 219 -18.44 -4.65 -26.99
N PHE H 220 -18.20 -4.35 -28.27
CA PHE H 220 -19.14 -4.79 -29.29
C PHE H 220 -19.13 -6.30 -29.47
N VAL H 221 -17.96 -6.94 -29.39
CA VAL H 221 -17.91 -8.39 -29.49
C VAL H 221 -18.65 -9.04 -28.33
N ALA H 222 -18.45 -8.51 -27.11
CA ALA H 222 -19.16 -9.05 -25.96
C ALA H 222 -20.66 -8.87 -26.10
N GLU H 223 -21.10 -7.74 -26.66
CA GLU H 223 -22.53 -7.54 -26.89
C GLU H 223 -23.08 -8.55 -27.88
N ALA H 224 -22.33 -8.83 -28.94
CA ALA H 224 -22.80 -9.78 -29.95
C ALA H 224 -22.88 -11.21 -29.43
N ILE H 225 -21.94 -11.61 -28.57
CA ILE H 225 -21.86 -13.01 -28.15
C ILE H 225 -23.14 -13.42 -27.41
N PHE H 226 -23.58 -12.59 -26.46
CA PHE H 226 -24.75 -12.95 -25.67
C PHE H 226 -26.01 -13.06 -26.53
N LYS H 227 -26.21 -12.09 -27.42
CA LYS H 227 -27.43 -12.08 -28.22
C LYS H 227 -27.44 -13.24 -29.21
N SER H 228 -26.26 -13.64 -29.71
CA SER H 228 -26.20 -14.84 -30.54
C SER H 228 -26.45 -16.10 -29.72
N GLN H 229 -25.97 -16.12 -28.47
CA GLN H 229 -26.14 -17.28 -27.61
C GLN H 229 -27.57 -17.51 -27.20
N ALA H 230 -28.35 -16.45 -27.01
CA ALA H 230 -29.71 -16.60 -26.48
C ALA H 230 -30.61 -17.39 -27.41
N GLU H 231 -30.48 -17.19 -28.72
CA GLU H 231 -31.41 -17.78 -29.68
C GLU H 231 -31.19 -19.26 -29.94
N THR H 232 -30.01 -19.80 -29.62
CA THR H 232 -29.69 -21.18 -29.97
C THR H 232 -29.51 -22.11 -28.77
N GLY H 233 -29.23 -21.57 -27.59
CA GLY H 233 -29.03 -22.41 -26.42
C GLY H 233 -27.78 -23.26 -26.46
N GLU H 234 -26.68 -22.71 -26.97
CA GLU H 234 -25.39 -23.39 -26.97
C GLU H 234 -24.30 -22.39 -26.59
N ILE H 235 -23.20 -22.91 -26.08
CA ILE H 235 -22.11 -22.06 -25.60
C ILE H 235 -21.25 -21.63 -26.78
N LYS H 236 -21.01 -20.32 -26.88
CA LYS H 236 -20.24 -19.74 -27.97
C LYS H 236 -19.15 -18.84 -27.41
N GLY H 237 -18.09 -18.64 -28.18
CA GLY H 237 -16.96 -17.85 -27.75
C GLY H 237 -16.26 -17.19 -28.91
N HIS H 238 -15.24 -16.39 -28.58
CA HIS H 238 -14.48 -15.65 -29.56
C HIS H 238 -13.13 -15.29 -28.97
N TYR H 239 -12.06 -15.53 -29.74
CA TYR H 239 -10.71 -15.27 -29.25
C TYR H 239 -10.39 -13.78 -29.31
N LEU H 240 -9.88 -13.24 -28.22
CA LEU H 240 -9.50 -11.83 -28.14
C LEU H 240 -8.00 -11.70 -28.00
N ASN H 241 -7.38 -10.94 -28.90
CA ASN H 241 -5.93 -10.82 -28.92
C ASN H 241 -5.44 -10.00 -27.73
N ALA H 242 -4.43 -10.49 -27.03
CA ALA H 242 -3.91 -9.85 -25.84
C ALA H 242 -2.44 -9.47 -25.94
N THR H 243 -1.84 -9.63 -27.12
CA THR H 243 -0.38 -9.32 -27.30
C THR H 243 -0.19 -7.80 -27.24
N ALA H 244 0.87 -7.32 -26.55
CA ALA H 244 1.07 -5.87 -26.38
C ALA H 244 2.57 -5.53 -26.37
N GLY H 245 2.93 -4.31 -25.97
CA GLY H 245 4.34 -3.87 -25.99
C GLY H 245 5.01 -3.98 -24.63
N THR H 246 4.26 -3.79 -23.55
CA THR H 246 4.82 -3.95 -22.17
C THR H 246 3.99 -5.01 -21.43
N CYS H 247 4.30 -5.26 -20.16
CA CYS H 247 3.58 -6.31 -19.38
C CYS H 247 2.38 -5.70 -18.66
N GLU H 248 2.30 -4.38 -18.60
CA GLU H 248 1.19 -3.68 -17.88
C GLU H 248 -0.04 -3.61 -18.80
N GLU H 249 0.17 -3.46 -20.11
CA GLU H 249 -0.93 -3.42 -21.07
C GLU H 249 -1.55 -4.80 -21.24
N MET H 250 -0.72 -5.83 -21.33
CA MET H 250 -1.24 -7.19 -21.49
C MET H 250 -2.09 -7.60 -20.28
N MET H 251 -1.61 -7.28 -19.08
CA MET H 251 -2.39 -7.61 -17.89
C MET H 251 -3.69 -6.83 -17.85
N LYS H 252 -3.68 -5.57 -18.27
CA LYS H 252 -4.90 -4.77 -18.28
C LYS H 252 -5.93 -5.36 -19.23
N ARG H 253 -5.50 -5.74 -20.44
CA ARG H 253 -6.43 -6.33 -21.39
C ARG H 253 -6.98 -7.66 -20.88
N ALA H 254 -6.13 -8.50 -20.27
CA ALA H 254 -6.63 -9.75 -19.72
C ALA H 254 -7.64 -9.52 -18.61
N GLN H 255 -7.38 -8.53 -17.74
CA GLN H 255 -8.31 -8.25 -16.65
C GLN H 255 -9.64 -7.75 -17.17
N PHE H 256 -9.65 -6.88 -18.18
CA PHE H 256 -10.91 -6.43 -18.74
C PHE H 256 -11.67 -7.58 -19.39
N ALA H 257 -10.95 -8.45 -20.11
CA ALA H 257 -11.60 -9.62 -20.72
C ALA H 257 -12.25 -10.51 -19.67
N ARG H 258 -11.57 -10.71 -18.54
CA ARG H 258 -12.20 -11.45 -17.45
C ARG H 258 -13.40 -10.71 -16.89
N GLU H 259 -13.32 -9.39 -16.76
CA GLU H 259 -14.43 -8.63 -16.19
C GLU H 259 -15.69 -8.74 -17.03
N LEU H 260 -15.56 -8.73 -18.35
CA LEU H 260 -16.74 -8.89 -19.20
C LEU H 260 -17.30 -10.30 -19.18
N GLY H 261 -16.59 -11.26 -18.60
CA GLY H 261 -17.07 -12.64 -18.56
C GLY H 261 -16.86 -13.44 -19.83
N MET H 262 -15.76 -13.20 -20.54
CA MET H 262 -15.46 -13.97 -21.74
C MET H 262 -14.71 -15.25 -21.38
N PRO H 263 -14.81 -16.29 -22.21
CA PRO H 263 -14.22 -17.59 -21.86
C PRO H 263 -12.82 -17.88 -22.37
N ILE H 264 -12.24 -17.07 -23.26
CA ILE H 264 -10.99 -17.47 -23.92
C ILE H 264 -10.26 -16.22 -24.40
N VAL H 265 -8.93 -16.31 -24.42
CA VAL H 265 -8.04 -15.27 -24.93
C VAL H 265 -7.04 -15.92 -25.88
N MET H 266 -6.10 -15.11 -26.38
CA MET H 266 -5.15 -15.55 -27.39
C MET H 266 -3.85 -14.79 -27.26
N HIS H 267 -2.74 -15.46 -27.53
CA HIS H 267 -1.42 -14.85 -27.38
C HIS H 267 -0.48 -15.37 -28.46
N ASP H 268 0.57 -14.58 -28.73
CA ASP H 268 1.63 -14.93 -29.66
C ASP H 268 2.92 -15.11 -28.85
N TYR H 269 3.56 -16.27 -29.01
CA TYR H 269 4.62 -16.64 -28.09
C TYR H 269 6.02 -16.66 -28.71
N LEU H 270 6.14 -16.54 -30.03
CA LEU H 270 7.47 -16.52 -30.63
C LEU H 270 8.04 -15.12 -30.75
N THR H 271 7.16 -14.13 -30.98
CA THR H 271 7.60 -12.72 -31.15
C THR H 271 7.35 -11.95 -29.84
N GLY H 272 6.60 -12.54 -28.90
CA GLY H 272 6.35 -11.89 -27.59
C GLY H 272 7.37 -12.32 -26.55
N GLY H 273 7.69 -13.61 -26.48
CA GLY H 273 8.72 -14.10 -25.55
C GLY H 273 8.21 -15.22 -24.66
N PHE H 274 9.11 -15.91 -23.96
CA PHE H 274 8.70 -16.96 -23.05
C PHE H 274 8.25 -16.43 -21.69
N THR H 275 8.86 -15.34 -21.21
CA THR H 275 8.55 -14.84 -19.88
C THR H 275 7.11 -14.35 -19.79
N ALA H 276 6.70 -13.53 -20.76
CA ALA H 276 5.32 -13.05 -20.78
C ALA H 276 4.33 -14.20 -20.95
N ASN H 277 4.69 -15.20 -21.77
CA ASN H 277 3.80 -16.34 -21.94
C ASN H 277 3.61 -17.10 -20.64
N THR H 278 4.70 -17.30 -19.88
CA THR H 278 4.58 -17.98 -18.60
C THR H 278 3.74 -17.18 -17.62
N THR H 279 3.92 -15.86 -17.58
CA THR H 279 3.11 -15.04 -16.69
C THR H 279 1.63 -15.13 -17.06
N LEU H 280 1.32 -15.06 -18.35
CA LEU H 280 -0.06 -15.15 -18.79
C LEU H 280 -0.66 -16.51 -18.47
N ALA H 281 0.13 -17.58 -18.62
CA ALA H 281 -0.37 -18.92 -18.28
C ALA H 281 -0.68 -19.02 -16.80
N HIS H 282 0.18 -18.47 -15.94
CA HIS H 282 -0.10 -18.49 -14.50
C HIS H 282 -1.38 -17.74 -14.19
N TYR H 283 -1.57 -16.56 -14.79
CA TYR H 283 -2.79 -15.80 -14.53
C TYR H 283 -4.03 -16.54 -15.01
N CYS H 284 -3.95 -17.16 -16.20
CA CYS H 284 -5.09 -17.89 -16.73
C CYS H 284 -5.45 -19.08 -15.85
N ARG H 285 -4.46 -19.79 -15.34
CA ARG H 285 -4.75 -20.87 -14.39
C ARG H 285 -5.39 -20.33 -13.13
N ASP H 286 -4.92 -19.18 -12.65
CA ASP H 286 -5.45 -18.64 -11.40
C ASP H 286 -6.90 -18.18 -11.54
N ASN H 287 -7.27 -17.60 -12.68
CA ASN H 287 -8.58 -16.97 -12.81
C ASN H 287 -9.57 -17.74 -13.67
N GLY H 288 -9.20 -18.88 -14.22
CA GLY H 288 -10.14 -19.72 -14.93
C GLY H 288 -10.47 -19.28 -16.34
N LEU H 289 -9.47 -19.24 -17.22
CA LEU H 289 -9.66 -18.88 -18.61
C LEU H 289 -8.97 -19.90 -19.50
N LEU H 290 -9.26 -19.86 -20.78
CA LEU H 290 -8.62 -20.74 -21.76
C LEU H 290 -7.63 -19.93 -22.60
N LEU H 291 -6.56 -20.60 -23.02
CA LEU H 291 -5.47 -19.96 -23.74
C LEU H 291 -5.34 -20.58 -25.13
N HIS H 292 -5.27 -19.72 -26.14
CA HIS H 292 -5.06 -20.13 -27.53
C HIS H 292 -3.73 -19.56 -27.99
N ILE H 293 -2.89 -20.41 -28.60
CA ILE H 293 -1.53 -20.05 -28.96
C ILE H 293 -1.40 -20.04 -30.47
N HIS H 294 -0.86 -18.94 -31.00
CA HIS H 294 -0.61 -18.82 -32.46
C HIS H 294 0.90 -18.76 -32.69
N ARG H 295 1.40 -19.41 -33.76
CA ARG H 295 2.87 -19.49 -33.98
C ARG H 295 3.27 -18.61 -35.17
N ALA H 296 3.81 -17.43 -34.92
CA ALA H 296 4.18 -16.50 -36.01
C ALA H 296 5.69 -16.35 -36.12
N MET H 297 6.21 -16.22 -37.34
CA MET H 297 7.64 -16.05 -37.59
C MET H 297 8.38 -17.38 -37.47
N HIS H 298 7.67 -18.48 -37.22
CA HIS H 298 8.31 -19.78 -37.05
C HIS H 298 9.07 -20.22 -38.28
N ALA H 299 8.65 -19.79 -39.48
CA ALA H 299 9.28 -20.25 -40.70
C ALA H 299 10.69 -19.73 -40.88
N VAL H 300 11.08 -18.71 -40.11
CA VAL H 300 12.44 -18.18 -40.19
C VAL H 300 13.46 -19.10 -39.56
N ILE H 301 13.02 -20.14 -38.85
CA ILE H 301 13.90 -20.99 -38.07
C ILE H 301 13.89 -22.43 -38.58
N ASP H 302 12.72 -22.99 -38.85
CA ASP H 302 12.55 -24.43 -39.01
C ASP H 302 12.28 -24.85 -40.44
N ARG H 303 12.65 -24.03 -41.42
CA ARG H 303 12.40 -24.39 -42.81
C ARG H 303 13.55 -25.13 -43.46
N GLN H 304 14.75 -24.55 -43.46
CA GLN H 304 15.88 -25.16 -44.14
C GLN H 304 16.31 -26.43 -43.43
N ARG H 305 16.89 -27.35 -44.19
CA ARG H 305 17.20 -28.69 -43.71
C ARG H 305 18.57 -28.81 -43.06
N ASN H 306 19.47 -27.85 -43.26
CA ASN H 306 20.82 -27.95 -42.73
C ASN H 306 21.16 -26.85 -41.72
N HIS H 307 20.18 -26.08 -41.26
CA HIS H 307 20.45 -25.03 -40.29
C HIS H 307 19.15 -24.60 -39.63
N GLY H 308 19.16 -24.49 -38.30
CA GLY H 308 18.01 -24.02 -37.55
C GLY H 308 17.64 -24.98 -36.45
N ILE H 309 16.37 -24.96 -36.06
CA ILE H 309 15.81 -25.81 -35.02
C ILE H 309 14.51 -26.41 -35.54
N HIS H 310 14.35 -27.72 -35.37
CA HIS H 310 13.13 -28.39 -35.82
C HIS H 310 11.95 -27.99 -34.95
N PHE H 311 10.74 -28.09 -35.53
CA PHE H 311 9.54 -27.66 -34.82
C PHE H 311 9.16 -28.59 -33.67
N ARG H 312 9.57 -29.85 -33.72
CA ARG H 312 9.19 -30.80 -32.67
C ARG H 312 9.83 -30.45 -31.33
N VAL H 313 10.86 -29.60 -31.31
CA VAL H 313 11.42 -29.14 -30.05
C VAL H 313 10.64 -27.96 -29.50
N LEU H 314 10.25 -27.03 -30.38
CA LEU H 314 9.40 -25.92 -29.95
C LEU H 314 8.05 -26.42 -29.44
N ALA H 315 7.55 -27.53 -30.00
CA ALA H 315 6.29 -28.08 -29.49
C ALA H 315 6.45 -28.55 -28.05
N LYS H 316 7.54 -29.24 -27.73
CA LYS H 316 7.77 -29.67 -26.35
C LYS H 316 7.95 -28.47 -25.43
N ALA H 317 8.66 -27.45 -25.90
CA ALA H 317 8.83 -26.24 -25.09
C ALA H 317 7.49 -25.59 -24.79
N LEU H 318 6.61 -25.51 -25.79
CA LEU H 318 5.30 -24.92 -25.57
C LEU H 318 4.47 -25.76 -24.61
N ARG H 319 4.58 -27.09 -24.67
CA ARG H 319 3.79 -27.96 -23.76
C ARG H 319 4.14 -27.68 -22.29
N MET H 320 5.43 -27.50 -21.96
CA MET H 320 5.86 -27.30 -20.54
C MET H 320 5.59 -25.87 -20.08
N SER H 321 5.78 -24.88 -20.95
CA SER H 321 5.47 -23.47 -20.58
C SER H 321 3.96 -23.32 -20.34
N GLY H 322 3.12 -23.89 -21.22
CA GLY H 322 1.70 -23.81 -20.94
C GLY H 322 0.85 -23.32 -22.10
N GLY H 323 -0.19 -24.07 -22.44
CA GLY H 323 -1.10 -23.71 -23.50
C GLY H 323 -2.20 -24.74 -23.70
N ASP H 324 -3.25 -24.38 -24.43
CA ASP H 324 -4.37 -25.29 -24.66
C ASP H 324 -4.59 -25.63 -26.12
N HIS H 325 -4.46 -24.67 -27.02
CA HIS H 325 -4.54 -24.90 -28.46
C HIS H 325 -3.22 -24.50 -29.11
N ILE H 326 -2.89 -25.13 -30.23
CA ILE H 326 -1.70 -24.77 -30.97
C ILE H 326 -1.91 -25.12 -32.44
N HIS H 327 -1.34 -24.31 -33.32
CA HIS H 327 -1.45 -24.54 -34.76
C HIS H 327 -0.49 -25.64 -35.19
N SER H 328 -0.88 -26.43 -36.19
CA SER H 328 -0.01 -27.57 -36.58
C SER H 328 0.01 -27.74 -38.10
N GLY H 329 -0.84 -27.02 -38.82
CA GLY H 329 -0.86 -27.08 -40.29
C GLY H 329 -1.61 -28.29 -40.83
N THR H 330 -1.96 -28.25 -42.12
CA THR H 330 -2.69 -29.38 -42.76
C THR H 330 -1.70 -30.51 -43.12
N VAL H 331 -2.20 -31.71 -43.35
CA VAL H 331 -1.30 -32.88 -43.64
C VAL H 331 -1.89 -33.70 -44.80
N VAL H 332 -3.04 -33.29 -45.33
CA VAL H 332 -3.71 -34.11 -46.39
C VAL H 332 -2.90 -34.03 -47.68
N GLY H 333 -2.38 -32.85 -48.02
CA GLY H 333 -1.61 -32.66 -49.27
C GLY H 333 -0.19 -33.17 -49.16
N LYS H 334 0.10 -34.00 -48.14
CA LYS H 334 1.46 -34.57 -47.96
C LYS H 334 1.53 -35.95 -48.60
N LEU H 335 2.59 -36.25 -49.33
CA LEU H 335 2.73 -37.54 -50.01
C LEU H 335 3.33 -38.56 -49.08
N GLU H 336 3.39 -39.82 -49.50
CA GLU H 336 3.91 -40.82 -48.58
C GLU H 336 5.36 -40.49 -48.21
N GLY H 337 5.86 -41.18 -47.19
CA GLY H 337 7.15 -40.85 -46.63
C GLY H 337 7.04 -39.66 -45.70
N GLU H 338 6.61 -38.52 -46.24
CA GLU H 338 6.28 -37.38 -45.41
C GLU H 338 4.93 -37.63 -44.72
N ARG H 339 4.53 -36.68 -43.88
CA ARG H 339 3.33 -36.71 -43.05
C ARG H 339 3.49 -37.70 -41.92
N GLU H 340 4.53 -38.53 -42.00
CA GLU H 340 4.89 -39.38 -40.87
C GLU H 340 5.48 -38.54 -39.75
N VAL H 341 6.28 -37.54 -40.09
CA VAL H 341 6.82 -36.62 -39.09
C VAL H 341 5.69 -35.87 -38.41
N THR H 342 4.70 -35.41 -39.19
CA THR H 342 3.59 -34.68 -38.61
C THR H 342 2.77 -35.58 -37.70
N LEU H 343 2.50 -36.81 -38.13
CA LEU H 343 1.76 -37.73 -37.28
C LEU H 343 2.54 -38.05 -36.01
N GLY H 344 3.87 -38.10 -36.09
CA GLY H 344 4.66 -38.35 -34.90
C GLY H 344 4.63 -37.20 -33.91
N PHE H 345 4.80 -35.97 -34.40
CA PHE H 345 4.85 -34.86 -33.45
C PHE H 345 3.47 -34.39 -33.03
N VAL H 346 2.40 -34.88 -33.67
CA VAL H 346 1.07 -34.74 -33.07
C VAL H 346 0.94 -35.68 -31.87
N ASP H 347 1.42 -36.92 -32.01
CA ASP H 347 1.40 -37.85 -30.89
C ASP H 347 2.24 -37.34 -29.74
N LEU H 348 3.37 -36.69 -30.05
CA LEU H 348 4.16 -36.08 -28.99
C LEU H 348 3.39 -35.00 -28.24
N LEU H 349 2.38 -34.42 -28.87
CA LEU H 349 1.56 -33.39 -28.22
C LEU H 349 0.39 -33.95 -27.45
N ARG H 350 -0.21 -35.05 -27.92
CA ARG H 350 -1.46 -35.53 -27.31
C ARG H 350 -1.28 -36.70 -26.35
N ASP H 351 -0.32 -37.58 -26.57
CA ASP H 351 -0.25 -38.84 -25.85
C ASP H 351 0.42 -38.67 -24.49
N ASP H 352 0.70 -39.81 -23.85
CA ASP H 352 1.33 -39.86 -22.53
C ASP H 352 2.61 -40.67 -22.49
N TYR H 353 2.83 -41.58 -23.43
CA TYR H 353 4.03 -42.40 -23.47
C TYR H 353 4.35 -42.72 -24.91
N ILE H 354 5.49 -42.27 -25.40
CA ILE H 354 5.89 -42.41 -26.80
C ILE H 354 7.17 -43.22 -26.86
N GLU H 355 7.18 -44.25 -27.70
CA GLU H 355 8.34 -45.12 -27.85
C GLU H 355 9.22 -44.63 -28.99
N LYS H 356 10.42 -45.20 -29.07
CA LYS H 356 11.40 -44.80 -30.06
C LYS H 356 11.03 -45.33 -31.43
N ASP H 357 11.16 -44.47 -32.45
CA ASP H 357 10.84 -44.85 -33.82
C ASP H 357 11.61 -43.92 -34.75
N ARG H 358 12.63 -44.46 -35.43
CA ARG H 358 13.44 -43.63 -36.31
C ARG H 358 12.72 -43.30 -37.61
N SER H 359 11.84 -44.19 -38.07
CA SER H 359 11.14 -43.94 -39.32
C SER H 359 10.19 -42.75 -39.22
N ARG H 360 9.73 -42.43 -38.02
CA ARG H 360 8.86 -41.29 -37.78
C ARG H 360 9.60 -40.09 -37.22
N GLY H 361 10.93 -40.13 -37.18
CA GLY H 361 11.70 -39.02 -36.69
C GLY H 361 11.74 -38.86 -35.18
N ILE H 362 11.65 -39.97 -34.43
CA ILE H 362 11.73 -39.95 -32.98
C ILE H 362 13.07 -40.55 -32.56
N TYR H 363 13.83 -39.80 -31.77
CA TYR H 363 15.17 -40.21 -31.40
C TYR H 363 15.27 -40.79 -29.99
N PHE H 364 14.40 -40.38 -29.08
CA PHE H 364 14.46 -40.82 -27.69
C PHE H 364 13.07 -41.22 -27.22
N THR H 365 13.01 -42.10 -26.22
CA THR H 365 11.70 -42.49 -25.64
C THR H 365 11.27 -41.41 -24.63
N GLN H 366 10.01 -40.96 -24.69
CA GLN H 366 9.59 -39.82 -23.81
C GLN H 366 8.45 -40.23 -22.87
N ASP H 367 8.61 -39.96 -21.57
CA ASP H 367 7.53 -40.22 -20.59
C ASP H 367 7.09 -38.87 -20.02
N TRP H 368 5.79 -38.67 -19.84
CA TRP H 368 5.27 -37.38 -19.38
C TRP H 368 4.68 -37.40 -17.98
N VAL H 369 4.66 -38.56 -17.31
CA VAL H 369 4.15 -38.76 -15.96
C VAL H 369 2.93 -37.90 -15.64
N SER H 370 1.82 -38.16 -16.32
CA SER H 370 0.52 -37.56 -16.00
C SER H 370 0.53 -36.04 -16.17
N MET H 371 0.78 -35.61 -17.41
CA MET H 371 0.59 -34.23 -17.80
C MET H 371 -0.52 -34.14 -18.85
N PRO H 372 -1.34 -33.10 -18.81
CA PRO H 372 -2.46 -33.01 -19.76
C PRO H 372 -1.98 -32.78 -21.18
N GLY H 373 -2.91 -32.92 -22.12
CA GLY H 373 -2.60 -32.79 -23.54
C GLY H 373 -2.97 -31.44 -24.10
N VAL H 374 -2.72 -31.29 -25.40
CA VAL H 374 -2.97 -30.06 -26.14
C VAL H 374 -3.73 -30.38 -27.42
N LEU H 375 -4.75 -29.60 -27.72
CA LEU H 375 -5.56 -29.81 -28.92
C LEU H 375 -4.87 -29.21 -30.13
N PRO H 376 -4.66 -29.97 -31.20
CA PRO H 376 -4.06 -29.41 -32.41
C PRO H 376 -5.12 -28.72 -33.29
N VAL H 377 -4.63 -27.78 -34.11
CA VAL H 377 -5.49 -26.96 -34.95
C VAL H 377 -4.98 -27.05 -36.38
N ALA H 378 -5.90 -27.21 -37.35
CA ALA H 378 -5.53 -27.26 -38.78
C ALA H 378 -6.25 -26.15 -39.55
N SER H 379 -5.58 -25.55 -40.54
CA SER H 379 -6.19 -24.40 -41.26
C SER H 379 -5.47 -24.16 -42.59
N GLY H 380 -5.91 -23.15 -43.37
CA GLY H 380 -5.23 -22.80 -44.63
C GLY H 380 -5.91 -23.35 -45.87
N GLY H 381 -6.87 -22.61 -46.45
CA GLY H 381 -7.51 -23.02 -47.72
C GLY H 381 -8.12 -24.41 -47.66
N ILE H 382 -9.35 -24.54 -47.14
CA ILE H 382 -10.05 -25.86 -47.09
C ILE H 382 -11.55 -25.62 -47.37
N HIS H 383 -12.20 -26.54 -48.09
CA HIS H 383 -13.64 -26.37 -48.43
C HIS H 383 -14.46 -27.58 -47.95
N VAL H 384 -15.70 -27.72 -48.42
CA VAL H 384 -16.57 -28.79 -47.92
C VAL H 384 -16.07 -30.16 -48.35
N TRP H 385 -15.47 -30.26 -49.53
CA TRP H 385 -15.06 -31.59 -50.07
C TRP H 385 -13.90 -32.22 -49.30
N HIS H 386 -13.30 -31.50 -48.35
CA HIS H 386 -12.12 -32.02 -47.59
C HIS H 386 -12.59 -32.55 -46.23
N MET H 387 -13.90 -32.57 -45.98
CA MET H 387 -14.42 -32.96 -44.65
C MET H 387 -14.04 -34.41 -44.30
N PRO H 388 -14.40 -35.46 -45.07
CA PRO H 388 -14.13 -36.84 -44.63
C PRO H 388 -12.65 -37.15 -44.45
N ALA H 389 -11.77 -36.57 -45.27
CA ALA H 389 -10.35 -36.84 -45.13
C ALA H 389 -9.82 -36.32 -43.80
N LEU H 390 -10.15 -35.08 -43.46
CA LEU H 390 -9.72 -34.51 -42.19
C LEU H 390 -10.35 -35.25 -41.01
N THR H 391 -11.59 -35.71 -41.17
CA THR H 391 -12.21 -36.48 -40.10
C THR H 391 -11.50 -37.81 -39.90
N GLU H 392 -11.04 -38.43 -40.98
CA GLU H 392 -10.42 -39.75 -40.89
C GLU H 392 -8.96 -39.68 -40.47
N ILE H 393 -8.29 -38.56 -40.71
CA ILE H 393 -6.86 -38.46 -40.36
C ILE H 393 -6.69 -38.13 -38.88
N PHE H 394 -7.20 -36.97 -38.45
CA PHE H 394 -6.96 -36.51 -37.10
C PHE H 394 -7.81 -37.26 -36.06
N GLY H 395 -9.05 -37.56 -36.40
CA GLY H 395 -9.99 -38.06 -35.42
C GLY H 395 -10.78 -36.93 -34.80
N ASP H 396 -11.61 -37.28 -33.82
CA ASP H 396 -12.47 -36.30 -33.17
C ASP H 396 -11.79 -35.68 -31.94
N ASP H 397 -10.58 -35.17 -32.12
CA ASP H 397 -9.84 -34.49 -31.06
C ASP H 397 -9.06 -33.32 -31.63
N SER H 398 -9.70 -32.50 -32.47
CA SER H 398 -9.00 -31.39 -33.10
C SER H 398 -9.99 -30.25 -33.34
N VAL H 399 -9.47 -29.15 -33.87
CA VAL H 399 -10.26 -27.98 -34.25
C VAL H 399 -9.99 -27.69 -35.72
N LEU H 400 -11.06 -27.52 -36.49
CA LEU H 400 -10.98 -27.22 -37.92
C LEU H 400 -11.37 -25.78 -38.15
N GLN H 401 -10.48 -25.01 -38.78
CA GLN H 401 -10.69 -23.60 -39.02
C GLN H 401 -10.88 -23.35 -40.52
N PHE H 402 -11.97 -22.65 -40.85
CA PHE H 402 -12.30 -22.35 -42.24
C PHE H 402 -12.12 -20.87 -42.49
N GLY H 403 -11.59 -20.54 -43.67
CA GLY H 403 -11.37 -19.15 -44.03
C GLY H 403 -12.34 -18.66 -45.08
N GLY H 404 -11.89 -18.62 -46.33
CA GLY H 404 -12.75 -18.20 -47.42
C GLY H 404 -13.86 -19.17 -47.76
N GLY H 405 -13.87 -20.35 -47.15
CA GLY H 405 -14.93 -21.31 -47.36
C GLY H 405 -16.21 -21.02 -46.62
N THR H 406 -16.24 -19.97 -45.81
CA THR H 406 -17.43 -19.54 -45.09
C THR H 406 -17.94 -18.19 -45.55
N LEU H 407 -17.06 -17.21 -45.73
CA LEU H 407 -17.49 -15.88 -46.16
C LEU H 407 -17.65 -15.76 -47.66
N GLY H 408 -17.35 -16.80 -48.42
CA GLY H 408 -17.46 -16.78 -49.86
C GLY H 408 -18.77 -17.30 -50.42
N HIS H 409 -19.72 -17.68 -49.57
CA HIS H 409 -20.98 -18.22 -50.07
C HIS H 409 -21.74 -17.16 -50.85
N PRO H 410 -22.44 -17.51 -51.96
CA PRO H 410 -23.13 -16.52 -52.79
C PRO H 410 -24.43 -16.00 -52.16
N TRP H 411 -24.78 -16.47 -50.97
CA TRP H 411 -26.06 -16.07 -50.35
C TRP H 411 -25.81 -15.29 -49.06
N GLY H 412 -24.56 -15.25 -48.59
CA GLY H 412 -24.23 -14.47 -47.39
C GLY H 412 -23.40 -15.23 -46.37
N ASN H 413 -23.26 -14.68 -45.16
CA ASN H 413 -22.44 -15.28 -44.12
C ASN H 413 -23.20 -16.34 -43.33
N ALA H 414 -24.44 -16.06 -42.96
CA ALA H 414 -25.21 -17.00 -42.14
C ALA H 414 -25.46 -18.33 -42.85
N PRO H 415 -25.92 -18.38 -44.12
CA PRO H 415 -26.07 -19.68 -44.78
C PRO H 415 -24.75 -20.40 -45.01
N GLY H 416 -23.61 -19.72 -44.95
CA GLY H 416 -22.34 -20.37 -45.19
C GLY H 416 -21.99 -21.41 -44.15
N ALA H 417 -22.33 -21.14 -42.88
CA ALA H 417 -22.01 -22.07 -41.81
C ALA H 417 -22.89 -23.31 -41.81
N VAL H 418 -24.12 -23.18 -42.31
CA VAL H 418 -25.06 -24.31 -42.30
C VAL H 418 -24.52 -25.44 -43.17
N ALA H 419 -23.92 -25.11 -44.31
CA ALA H 419 -23.36 -26.14 -45.17
C ALA H 419 -22.26 -26.92 -44.47
N ASN H 420 -21.35 -26.22 -43.81
CA ASN H 420 -20.26 -26.89 -43.10
C ASN H 420 -20.80 -27.76 -41.97
N ARG H 421 -21.78 -27.24 -41.22
CA ARG H 421 -22.34 -28.04 -40.13
C ARG H 421 -22.99 -29.31 -40.66
N VAL H 422 -23.78 -29.20 -41.73
CA VAL H 422 -24.46 -30.35 -42.28
C VAL H 422 -23.45 -31.37 -42.79
N ALA H 423 -22.42 -30.91 -43.50
CA ALA H 423 -21.41 -31.83 -44.01
C ALA H 423 -20.69 -32.57 -42.89
N LEU H 424 -20.33 -31.84 -41.83
CA LEU H 424 -19.64 -32.49 -40.71
C LEU H 424 -20.53 -33.53 -40.03
N GLU H 425 -21.80 -33.19 -39.80
CA GLU H 425 -22.70 -34.15 -39.17
C GLU H 425 -22.88 -35.39 -40.05
N ALA H 426 -23.00 -35.19 -41.37
CA ALA H 426 -23.15 -36.33 -42.27
C ALA H 426 -21.92 -37.22 -42.24
N CYS H 427 -20.73 -36.63 -42.23
CA CYS H 427 -19.51 -37.43 -42.18
C CYS H 427 -19.41 -38.22 -40.89
N VAL H 428 -19.75 -37.60 -39.76
CA VAL H 428 -19.69 -38.31 -38.48
C VAL H 428 -20.70 -39.46 -38.46
N GLN H 429 -21.91 -39.21 -38.95
CA GLN H 429 -22.92 -40.28 -38.99
C GLN H 429 -22.47 -41.42 -39.88
N ALA H 430 -21.87 -41.11 -41.03
CA ALA H 430 -21.39 -42.16 -41.91
C ALA H 430 -20.28 -42.98 -41.25
N ARG H 431 -19.38 -42.32 -40.52
CA ARG H 431 -18.33 -43.05 -39.82
C ARG H 431 -18.89 -43.95 -38.74
N ASN H 432 -19.94 -43.51 -38.05
CA ASN H 432 -20.50 -44.30 -36.96
C ASN H 432 -21.36 -45.47 -37.44
N GLU H 433 -21.31 -45.82 -38.72
CA GLU H 433 -22.11 -46.91 -39.27
C GLU H 433 -21.29 -48.04 -39.88
N GLY H 434 -19.98 -47.89 -40.00
CA GLY H 434 -19.15 -48.91 -40.59
C GLY H 434 -18.67 -48.60 -42.00
N ARG H 435 -19.27 -47.61 -42.67
CA ARG H 435 -18.82 -47.23 -43.99
C ARG H 435 -17.42 -46.65 -43.92
N ASP H 436 -16.62 -46.89 -44.96
CA ASP H 436 -15.26 -46.38 -44.99
C ASP H 436 -15.24 -44.93 -45.48
N LEU H 437 -14.58 -44.06 -44.73
CA LEU H 437 -14.54 -42.64 -45.06
C LEU H 437 -13.46 -42.30 -46.08
N ALA H 438 -12.62 -43.25 -46.49
CA ALA H 438 -11.54 -42.96 -47.41
C ALA H 438 -11.90 -43.27 -48.85
N ARG H 439 -12.59 -44.39 -49.09
CA ARG H 439 -12.91 -44.79 -50.45
C ARG H 439 -14.22 -44.15 -50.92
N GLU H 440 -15.26 -44.18 -50.10
CA GLU H 440 -16.54 -43.61 -50.49
C GLU H 440 -16.42 -42.12 -50.75
N GLY H 441 -16.07 -41.35 -49.72
CA GLY H 441 -15.64 -39.98 -49.93
C GLY H 441 -16.65 -39.07 -50.62
N ASN H 442 -16.41 -38.82 -51.91
CA ASN H 442 -17.22 -37.89 -52.68
C ASN H 442 -18.69 -38.31 -52.72
N ASP H 443 -18.97 -39.59 -52.48
CA ASP H 443 -20.33 -40.09 -52.68
C ASP H 443 -21.27 -39.66 -51.56
N ILE H 444 -20.79 -39.68 -50.32
CA ILE H 444 -21.67 -39.40 -49.19
C ILE H 444 -22.12 -37.94 -49.20
N ILE H 445 -21.26 -37.03 -49.64
CA ILE H 445 -21.61 -35.61 -49.65
C ILE H 445 -22.78 -35.36 -50.60
N ARG H 446 -22.79 -36.04 -51.75
CA ARG H 446 -23.84 -35.83 -52.73
C ARG H 446 -25.21 -36.20 -52.18
N GLU H 447 -25.30 -37.33 -51.45
CA GLU H 447 -26.59 -37.74 -50.91
C GLU H 447 -27.11 -36.73 -49.89
N ALA H 448 -26.23 -36.22 -49.03
CA ALA H 448 -26.66 -35.22 -48.07
C ALA H 448 -27.04 -33.92 -48.75
N SER H 449 -26.48 -33.65 -49.92
CA SER H 449 -26.80 -32.40 -50.67
C SER H 449 -28.22 -32.47 -51.24
N LYS H 450 -28.86 -33.63 -51.20
CA LYS H 450 -30.21 -33.80 -51.84
C LYS H 450 -31.32 -33.53 -50.82
N TRP H 451 -31.13 -32.56 -49.92
CA TRP H 451 -32.18 -32.18 -48.95
C TRP H 451 -31.74 -30.95 -48.17
N SER H 452 -30.76 -30.21 -48.71
CA SER H 452 -30.28 -28.96 -48.08
C SER H 452 -29.88 -27.97 -49.17
N PRO H 453 -30.75 -26.99 -49.53
CA PRO H 453 -30.46 -26.05 -50.61
C PRO H 453 -29.14 -25.32 -50.37
N GLU H 454 -28.73 -25.18 -49.11
CA GLU H 454 -27.48 -24.45 -48.77
C GLU H 454 -26.27 -25.36 -49.05
N LEU H 455 -26.39 -26.67 -48.84
CA LEU H 455 -25.24 -27.55 -49.21
C LEU H 455 -25.11 -27.48 -50.74
N ALA H 456 -26.24 -27.48 -51.45
CA ALA H 456 -26.18 -27.26 -52.92
C ALA H 456 -25.79 -25.79 -53.08
N ALA H 457 -25.46 -25.33 -54.29
CA ALA H 457 -24.96 -23.95 -54.47
C ALA H 457 -23.52 -23.89 -53.99
N ALA H 458 -23.24 -24.46 -52.82
CA ALA H 458 -21.84 -24.53 -52.31
C ALA H 458 -21.10 -25.61 -53.10
N CYS H 459 -21.78 -26.71 -53.43
CA CYS H 459 -21.15 -27.81 -54.20
C CYS H 459 -21.08 -27.42 -55.68
N GLU H 460 -21.46 -26.19 -56.01
CA GLU H 460 -21.40 -25.71 -57.42
C GLU H 460 -20.25 -24.72 -57.57
N VAL H 461 -19.89 -24.02 -56.48
CA VAL H 461 -18.72 -23.08 -56.51
C VAL H 461 -17.45 -23.89 -56.28
N TRP H 462 -17.52 -24.98 -55.50
CA TRP H 462 -16.33 -25.74 -55.19
C TRP H 462 -16.48 -27.16 -55.76
N LYS H 463 -15.58 -27.53 -56.66
CA LYS H 463 -15.68 -28.77 -57.40
C LYS H 463 -15.17 -29.95 -56.58
N GLU H 464 -15.33 -31.15 -57.13
CA GLU H 464 -14.93 -32.37 -56.45
C GLU H 464 -13.41 -32.48 -56.41
N ILE H 465 -12.93 -33.59 -55.85
CA ILE H 465 -11.49 -33.79 -55.69
C ILE H 465 -10.88 -34.36 -56.97
N LYS H 466 -11.35 -35.53 -57.40
CA LYS H 466 -10.80 -36.18 -58.58
C LYS H 466 -11.78 -37.19 -59.16
N LEU I 22 -4.08 -61.93 -0.90
CA LEU I 22 -4.19 -62.56 -2.24
C LEU I 22 -4.37 -61.45 -3.29
N THR I 23 -4.90 -60.29 -2.87
CA THR I 23 -5.15 -59.18 -3.81
C THR I 23 -4.25 -58.00 -3.40
N TYR I 24 -4.53 -57.41 -2.24
CA TYR I 24 -3.70 -56.28 -1.75
C TYR I 24 -2.34 -56.82 -1.29
N TYR I 25 -2.06 -58.09 -1.59
CA TYR I 25 -0.72 -58.67 -1.27
C TYR I 25 -0.14 -59.28 -2.55
N THR I 26 0.63 -58.48 -3.30
CA THR I 26 1.27 -58.98 -4.54
C THR I 26 2.70 -59.41 -4.23
N PRO I 27 2.98 -60.72 -3.98
CA PRO I 27 4.32 -61.15 -3.57
C PRO I 27 5.33 -61.27 -4.73
N ASP I 28 5.35 -60.29 -5.63
CA ASP I 28 6.31 -60.31 -6.76
C ASP I 28 6.38 -58.91 -7.38
N TYR I 29 5.41 -58.04 -7.07
CA TYR I 29 5.38 -56.67 -7.61
C TYR I 29 6.80 -56.12 -7.70
N GLU I 30 7.19 -55.62 -8.89
CA GLU I 30 8.53 -55.01 -9.05
C GLU I 30 8.42 -53.51 -8.73
N THR I 31 8.78 -53.11 -7.51
CA THR I 31 8.62 -51.69 -7.10
C THR I 31 9.19 -50.78 -8.19
N LYS I 32 8.47 -49.73 -8.57
CA LYS I 32 8.94 -48.78 -9.62
C LYS I 32 9.91 -47.78 -8.99
N ASP I 33 10.28 -46.72 -9.71
CA ASP I 33 11.29 -45.76 -9.20
C ASP I 33 10.62 -44.42 -8.87
N THR I 34 9.30 -44.34 -8.96
CA THR I 34 8.57 -43.10 -8.61
C THR I 34 7.53 -43.44 -7.55
N ASP I 35 7.78 -44.48 -6.74
CA ASP I 35 6.79 -44.92 -5.72
C ASP I 35 7.30 -44.57 -4.32
N ILE I 36 6.40 -44.46 -3.33
CA ILE I 36 6.84 -44.21 -1.93
C ILE I 36 6.73 -45.52 -1.15
N LEU I 37 7.77 -45.89 -0.39
CA LEU I 37 7.77 -47.14 0.35
C LEU I 37 7.79 -46.87 1.85
N ALA I 38 7.19 -47.78 2.61
CA ALA I 38 7.13 -47.66 4.06
C ALA I 38 7.28 -49.04 4.69
N ALA I 39 7.66 -49.05 5.96
CA ALA I 39 7.86 -50.31 6.68
C ALA I 39 7.28 -50.19 8.09
N PHE I 40 6.31 -51.04 8.41
CA PHE I 40 5.71 -51.09 9.72
C PHE I 40 6.15 -52.34 10.47
N ARG I 41 6.08 -52.27 11.79
CA ARG I 41 6.19 -53.44 12.64
C ARG I 41 4.86 -53.65 13.35
N MET I 42 4.38 -54.89 13.37
CA MET I 42 3.00 -55.17 13.75
C MET I 42 2.96 -56.25 14.81
N THR I 43 1.90 -56.21 15.63
CA THR I 43 1.66 -57.18 16.70
C THR I 43 0.24 -57.72 16.56
N PRO I 44 0.05 -58.78 15.78
CA PRO I 44 -1.30 -59.30 15.54
C PRO I 44 -1.89 -59.94 16.79
N GLN I 45 -3.22 -59.98 16.81
CA GLN I 45 -3.93 -60.71 17.84
C GLN I 45 -3.72 -62.22 17.65
N PRO I 46 -3.93 -63.06 18.70
CA PRO I 46 -3.73 -64.50 18.58
C PRO I 46 -4.72 -65.12 17.58
N GLY I 47 -4.21 -65.90 16.62
CA GLY I 47 -5.07 -66.52 15.60
C GLY I 47 -4.91 -65.86 14.24
N VAL I 48 -5.04 -64.54 14.17
CA VAL I 48 -4.95 -63.81 12.87
C VAL I 48 -3.65 -64.23 12.15
N PRO I 49 -3.73 -64.78 10.93
CA PRO I 49 -2.53 -65.14 10.16
C PRO I 49 -1.79 -63.88 9.71
N PRO I 50 -0.44 -63.89 9.64
CA PRO I 50 0.30 -62.66 9.30
C PRO I 50 0.04 -62.13 7.89
N GLU I 51 0.21 -62.96 6.86
CA GLU I 51 0.03 -62.52 5.45
C GLU I 51 -1.39 -62.00 5.24
N GLU I 52 -2.26 -62.12 6.25
CA GLU I 52 -3.65 -61.60 6.14
C GLU I 52 -3.68 -60.17 6.69
N ALA I 53 -2.94 -59.90 7.76
CA ALA I 53 -2.92 -58.56 8.38
C ALA I 53 -2.15 -57.59 7.49
N GLY I 54 -1.06 -58.06 6.87
CA GLY I 54 -0.29 -57.20 5.93
C GLY I 54 -1.17 -56.65 4.85
N ALA I 55 -2.14 -57.43 4.37
CA ALA I 55 -3.03 -56.98 3.27
C ALA I 55 -4.07 -56.00 3.80
N ALA I 56 -4.38 -56.08 5.09
CA ALA I 56 -5.41 -55.20 5.69
C ALA I 56 -4.82 -53.80 5.92
N VAL I 57 -3.54 -53.72 6.29
CA VAL I 57 -2.85 -52.41 6.49
C VAL I 57 -2.81 -51.65 5.16
N ALA I 58 -2.44 -52.32 4.08
CA ALA I 58 -2.36 -51.69 2.75
C ALA I 58 -3.72 -51.09 2.36
N ALA I 59 -4.80 -51.87 2.47
CA ALA I 59 -6.14 -51.40 2.05
C ALA I 59 -6.65 -50.32 3.00
N GLU I 60 -6.52 -50.54 4.32
CA GLU I 60 -7.04 -49.58 5.33
C GLU I 60 -6.25 -48.27 5.29
N SER I 61 -5.13 -48.23 4.57
CA SER I 61 -4.34 -46.98 4.43
C SER I 61 -4.61 -46.37 3.04
N SER I 62 -5.44 -47.02 2.23
CA SER I 62 -5.72 -46.55 0.85
C SER I 62 -7.23 -46.52 0.58
N THR I 63 -7.77 -47.59 -0.02
CA THR I 63 -9.21 -47.60 -0.42
C THR I 63 -10.07 -48.21 0.70
N GLY I 64 -9.70 -49.39 1.21
CA GLY I 64 -10.45 -50.02 2.30
C GLY I 64 -11.23 -51.25 1.84
N THR I 65 -10.79 -51.89 0.76
CA THR I 65 -11.54 -53.06 0.21
C THR I 65 -10.61 -54.01 -0.53
N TRP I 66 -11.04 -55.26 -0.72
CA TRP I 66 -10.25 -56.25 -1.50
C TRP I 66 -11.10 -56.70 -2.68
N THR I 67 -12.34 -56.20 -2.78
CA THR I 67 -13.28 -56.60 -3.85
C THR I 67 -13.37 -55.51 -4.92
N THR I 68 -14.24 -55.68 -5.91
CA THR I 68 -14.41 -54.69 -7.01
C THR I 68 -15.88 -54.28 -7.09
N VAL I 69 -16.64 -54.50 -6.02
CA VAL I 69 -18.09 -54.16 -5.98
C VAL I 69 -18.28 -52.65 -6.18
N TRP I 70 -17.29 -51.83 -5.82
CA TRP I 70 -17.47 -50.36 -5.86
C TRP I 70 -16.79 -49.73 -7.08
N THR I 71 -15.86 -50.43 -7.72
CA THR I 71 -15.10 -49.81 -8.85
C THR I 71 -15.98 -49.84 -10.10
N ASP I 72 -15.45 -50.38 -11.22
CA ASP I 72 -16.22 -50.41 -12.49
C ASP I 72 -16.88 -49.05 -12.66
N GLY I 73 -16.11 -47.97 -12.61
CA GLY I 73 -16.65 -46.61 -12.78
C GLY I 73 -15.91 -45.84 -13.87
N SER I 76 -10.71 -46.61 -14.65
CA SER I 76 -9.65 -47.51 -14.12
C SER I 76 -9.42 -47.21 -12.64
N LEU I 77 -9.69 -48.19 -11.77
CA LEU I 77 -9.05 -48.23 -10.43
C LEU I 77 -7.72 -48.98 -10.54
N ASP I 78 -7.29 -49.64 -9.46
CA ASP I 78 -5.98 -50.36 -9.45
C ASP I 78 -4.85 -49.33 -9.48
N ARG I 79 -4.94 -48.32 -10.35
CA ARG I 79 -3.89 -47.29 -10.47
C ARG I 79 -3.96 -46.33 -9.27
N TYR I 80 -4.72 -46.70 -8.24
CA TYR I 80 -4.89 -45.81 -7.06
C TYR I 80 -5.01 -46.66 -5.80
N LYS I 81 -4.18 -47.70 -5.69
CA LYS I 81 -4.26 -48.62 -4.51
C LYS I 81 -2.85 -49.03 -4.09
N GLY I 82 -2.62 -49.19 -2.78
CA GLY I 82 -1.32 -49.65 -2.27
C GLY I 82 -1.29 -51.16 -2.19
N ARG I 83 -0.10 -51.76 -2.22
CA ARG I 83 0.00 -53.24 -2.22
C ARG I 83 1.15 -53.72 -1.34
N CYS I 84 0.96 -54.84 -0.63
CA CYS I 84 2.06 -55.42 0.18
C CYS I 84 2.89 -56.30 -0.75
N TYR I 85 4.22 -56.28 -0.60
CA TYR I 85 5.08 -57.03 -1.55
C TYR I 85 6.18 -57.80 -0.80
N ASP I 86 6.20 -57.75 0.53
CA ASP I 86 7.20 -58.54 1.30
C ASP I 86 6.83 -58.64 2.78
N ILE I 87 7.25 -59.71 3.45
CA ILE I 87 7.00 -59.92 4.87
C ILE I 87 8.18 -60.67 5.48
N GLU I 88 8.64 -60.23 6.64
CA GLU I 88 9.75 -60.86 7.33
C GLU I 88 9.42 -61.07 8.80
N PRO I 89 9.99 -62.10 9.42
CA PRO I 89 9.84 -62.27 10.86
C PRO I 89 10.97 -61.63 11.65
N VAL I 90 10.63 -61.07 12.80
CA VAL I 90 11.60 -60.40 13.65
C VAL I 90 12.32 -61.45 14.49
N ALA I 91 13.65 -61.43 14.43
CA ALA I 91 14.44 -62.43 15.15
C ALA I 91 14.42 -62.14 16.65
N GLY I 92 14.13 -63.17 17.44
CA GLY I 92 14.13 -63.08 18.88
C GLY I 92 12.76 -62.94 19.51
N GLU I 93 11.75 -62.54 18.74
CA GLU I 93 10.39 -62.39 19.24
C GLU I 93 9.46 -63.29 18.46
N GLU I 94 8.56 -63.96 19.17
CA GLU I 94 7.67 -64.93 18.55
C GLU I 94 6.47 -64.27 17.89
N ASN I 95 6.14 -63.03 18.24
CA ASN I 95 5.01 -62.32 17.66
C ASN I 95 5.45 -60.92 17.25
N GLN I 96 6.04 -60.82 16.06
CA GLN I 96 6.52 -59.55 15.52
C GLN I 96 6.89 -59.76 14.06
N TYR I 97 6.50 -58.81 13.22
CA TYR I 97 6.76 -58.94 11.78
C TYR I 97 7.01 -57.57 11.19
N ILE I 98 7.59 -57.57 10.00
CA ILE I 98 7.86 -56.35 9.23
C ILE I 98 7.11 -56.45 7.92
N ALA I 99 6.38 -55.39 7.56
CA ALA I 99 5.58 -55.36 6.35
C ALA I 99 6.02 -54.19 5.48
N TYR I 100 6.05 -54.42 4.17
CA TYR I 100 6.46 -53.41 3.19
C TYR I 100 5.28 -53.06 2.29
N VAL I 101 5.04 -51.77 2.10
CA VAL I 101 3.89 -51.32 1.25
C VAL I 101 4.37 -50.28 0.24
N ALA I 102 3.89 -50.34 -1.00
CA ALA I 102 4.26 -49.37 -2.05
C ALA I 102 3.04 -48.50 -2.38
N TYR I 103 3.26 -47.21 -2.63
CA TYR I 103 2.15 -46.27 -2.92
C TYR I 103 2.45 -45.54 -4.24
N PRO I 104 1.47 -45.39 -5.16
CA PRO I 104 1.68 -44.68 -6.43
C PRO I 104 2.01 -43.22 -6.19
N LEU I 105 2.57 -42.59 -7.21
CA LEU I 105 2.99 -41.19 -7.10
C LEU I 105 1.83 -40.21 -7.17
N ASP I 106 0.77 -40.55 -7.90
CA ASP I 106 -0.31 -39.60 -8.18
C ASP I 106 -1.25 -39.40 -7.00
N LEU I 107 -0.94 -39.93 -5.82
CA LEU I 107 -1.81 -39.82 -4.66
C LEU I 107 -1.50 -38.60 -3.79
N PHE I 108 -0.43 -37.87 -4.09
CA PHE I 108 0.06 -36.82 -3.20
C PHE I 108 0.09 -35.47 -3.90
N GLU I 109 -0.08 -34.41 -3.13
CA GLU I 109 -0.01 -33.05 -3.62
C GLU I 109 1.42 -32.52 -3.48
N GLU I 110 1.88 -31.81 -4.49
CA GLU I 110 3.26 -31.35 -4.52
C GLU I 110 3.49 -30.24 -3.50
N GLY I 111 4.56 -30.36 -2.73
CA GLY I 111 4.95 -29.32 -1.80
C GLY I 111 4.14 -29.24 -0.53
N SER I 112 3.59 -30.35 -0.05
CA SER I 112 2.74 -30.36 1.13
C SER I 112 3.08 -31.57 1.99
N VAL I 113 3.61 -31.32 3.19
CA VAL I 113 3.93 -32.42 4.15
C VAL I 113 2.65 -32.79 4.90
N THR I 114 1.77 -31.81 5.16
CA THR I 114 0.47 -32.09 5.84
C THR I 114 -0.26 -33.22 5.10
N ASN I 115 -0.41 -33.09 3.78
CA ASN I 115 -1.14 -34.11 2.98
C ASN I 115 -0.47 -35.47 3.15
N MET I 116 0.82 -35.55 2.87
CA MET I 116 1.51 -36.83 2.95
C MET I 116 1.23 -37.51 4.30
N PHE I 117 1.36 -36.77 5.39
CA PHE I 117 1.12 -37.35 6.70
C PHE I 117 -0.33 -37.79 6.86
N THR I 118 -1.27 -37.00 6.36
CA THR I 118 -2.68 -37.37 6.45
C THR I 118 -2.99 -38.62 5.63
N SER I 119 -2.42 -38.71 4.43
CA SER I 119 -2.74 -39.84 3.56
C SER I 119 -2.12 -41.13 4.05
N ILE I 120 -0.88 -41.13 4.54
CA ILE I 120 -0.29 -42.43 4.95
C ILE I 120 -0.80 -42.83 6.34
N VAL I 121 -0.75 -41.93 7.33
CA VAL I 121 -1.15 -42.29 8.72
C VAL I 121 -2.32 -41.41 9.18
N GLY I 122 -3.53 -41.98 9.29
CA GLY I 122 -4.72 -41.21 9.70
C GLY I 122 -5.90 -42.11 9.96
N ASN I 123 -5.70 -43.44 9.99
CA ASN I 123 -6.81 -44.39 10.22
C ASN I 123 -6.26 -45.78 10.57
N VAL I 124 -5.01 -46.08 10.21
CA VAL I 124 -4.46 -47.45 10.41
C VAL I 124 -4.11 -47.72 11.88
N PHE I 125 -4.20 -46.71 12.76
CA PHE I 125 -3.74 -46.91 14.17
C PHE I 125 -4.94 -47.18 15.09
N GLY I 126 -6.12 -47.42 14.54
CA GLY I 126 -7.30 -47.77 15.37
C GLY I 126 -7.82 -49.15 15.01
N PHE I 127 -7.21 -49.79 14.01
CA PHE I 127 -7.61 -51.16 13.60
C PHE I 127 -7.63 -52.06 14.85
N LYS I 128 -8.74 -52.77 15.07
CA LYS I 128 -8.86 -53.59 16.30
C LYS I 128 -8.19 -54.95 16.10
N ALA I 129 -8.21 -55.48 14.88
CA ALA I 129 -7.62 -56.81 14.61
C ALA I 129 -6.13 -56.81 14.98
N LEU I 130 -5.59 -55.66 15.38
CA LEU I 130 -4.15 -55.56 15.75
C LEU I 130 -4.04 -55.05 17.18
N ARG I 131 -2.85 -55.17 17.78
CA ARG I 131 -2.63 -54.71 19.14
C ARG I 131 -1.68 -53.52 19.22
N ALA I 132 -0.85 -53.30 18.22
CA ALA I 132 0.12 -52.22 18.23
C ALA I 132 0.64 -52.02 16.81
N LEU I 133 1.25 -50.85 16.58
CA LEU I 133 1.79 -50.53 15.27
C LEU I 133 2.81 -49.42 15.42
N ARG I 134 3.89 -49.50 14.64
CA ARG I 134 4.95 -48.50 14.69
C ARG I 134 5.56 -48.32 13.30
N LEU I 135 5.56 -47.09 12.81
CA LEU I 135 6.22 -46.77 11.55
C LEU I 135 7.71 -46.56 11.78
N GLU I 136 8.53 -47.11 10.88
CA GLU I 136 9.97 -47.13 11.07
C GLU I 136 10.74 -46.30 10.06
N ASP I 137 10.42 -46.39 8.77
CA ASP I 137 11.21 -45.71 7.77
C ASP I 137 10.37 -45.39 6.54
N LEU I 138 10.87 -44.47 5.70
CA LEU I 138 10.15 -44.11 4.45
C LEU I 138 11.18 -43.81 3.36
N ARG I 139 10.88 -44.13 2.10
CA ARG I 139 11.80 -43.81 0.98
C ARG I 139 11.15 -42.78 0.04
N ILE I 140 11.70 -41.58 -0.04
CA ILE I 140 11.16 -40.50 -0.92
C ILE I 140 11.94 -40.46 -2.22
N PRO I 141 11.32 -40.67 -3.40
CA PRO I 141 12.01 -40.68 -4.68
C PRO I 141 12.43 -39.28 -5.10
N PRO I 142 13.45 -39.15 -5.95
CA PRO I 142 13.86 -37.81 -6.41
C PRO I 142 12.81 -37.09 -7.23
N ALA I 143 11.86 -37.81 -7.85
CA ALA I 143 10.82 -37.14 -8.63
C ALA I 143 9.82 -36.41 -7.74
N TYR I 144 9.82 -36.68 -6.44
CA TYR I 144 8.94 -36.02 -5.50
C TYR I 144 9.66 -35.00 -4.62
N SER I 145 10.96 -35.16 -4.42
CA SER I 145 11.73 -34.24 -3.60
C SER I 145 12.00 -32.91 -4.28
N LYS I 146 12.00 -32.88 -5.62
CA LYS I 146 12.36 -31.68 -6.35
C LYS I 146 11.31 -30.59 -6.26
N THR I 147 10.12 -30.89 -5.77
CA THR I 147 9.06 -29.91 -5.65
C THR I 147 9.08 -29.15 -4.33
N PHE I 148 10.03 -29.44 -3.46
CA PHE I 148 10.17 -28.74 -2.19
C PHE I 148 11.35 -27.78 -2.25
N GLN I 149 11.35 -26.80 -1.35
CA GLN I 149 12.42 -25.81 -1.32
C GLN I 149 13.62 -26.28 -0.53
N GLY I 150 13.41 -26.82 0.66
CA GLY I 150 14.48 -27.33 1.48
C GLY I 150 14.98 -26.31 2.49
N PRO I 151 16.16 -26.56 3.05
CA PRO I 151 16.71 -25.63 4.03
C PRO I 151 16.95 -24.27 3.40
N PRO I 152 16.79 -23.19 4.17
CA PRO I 152 17.05 -21.86 3.60
C PRO I 152 18.47 -21.66 3.11
N HIS I 153 19.47 -21.95 3.93
CA HIS I 153 20.87 -21.73 3.55
C HIS I 153 21.68 -23.01 3.49
N GLY I 154 21.71 -23.80 4.57
CA GLY I 154 22.45 -25.04 4.60
C GLY I 154 23.58 -25.00 5.61
N ILE I 155 24.67 -25.69 5.28
CA ILE I 155 25.83 -25.82 6.16
C ILE I 155 26.98 -24.94 5.70
N GLN I 156 27.39 -25.07 4.44
CA GLN I 156 28.54 -24.32 3.94
C GLN I 156 28.27 -22.83 3.96
N VAL I 157 27.06 -22.41 3.55
CA VAL I 157 26.76 -20.99 3.45
C VAL I 157 26.79 -20.34 4.82
N GLU I 158 26.28 -21.04 5.85
CA GLU I 158 26.29 -20.47 7.19
C GLU I 158 27.70 -20.31 7.72
N ARG I 159 28.56 -21.31 7.50
CA ARG I 159 29.94 -21.20 7.94
C ARG I 159 30.66 -20.06 7.21
N ASP I 160 30.39 -19.89 5.92
CA ASP I 160 30.98 -18.78 5.18
C ASP I 160 30.49 -17.45 5.70
N LYS I 161 29.21 -17.35 6.05
CA LYS I 161 28.67 -16.10 6.58
C LYS I 161 29.27 -15.75 7.93
N LEU I 162 29.41 -16.73 8.82
CA LEU I 162 29.90 -16.46 10.16
C LEU I 162 31.42 -16.39 10.26
N ASN I 163 32.14 -16.89 9.27
CA ASN I 163 33.61 -16.85 9.23
C ASN I 163 34.21 -17.61 10.41
N LYS I 164 33.83 -18.88 10.53
CA LYS I 164 34.31 -19.74 11.62
C LYS I 164 34.60 -21.13 11.06
N TYR I 165 35.86 -21.56 11.12
CA TYR I 165 36.28 -22.84 10.58
C TYR I 165 37.15 -23.58 11.57
N GLY I 166 37.03 -24.92 11.54
CA GLY I 166 38.01 -25.79 12.16
C GLY I 166 37.65 -26.37 13.51
N ARG I 167 36.50 -26.03 14.07
CA ARG I 167 36.16 -26.51 15.41
C ARG I 167 34.66 -26.44 15.60
N PRO I 168 34.10 -27.22 16.52
CA PRO I 168 32.67 -27.10 16.81
C PRO I 168 32.36 -25.77 17.49
N LEU I 169 31.11 -25.34 17.34
CA LEU I 169 30.66 -24.10 17.94
C LEU I 169 30.10 -24.35 19.34
N LEU I 170 29.97 -23.25 20.10
CA LEU I 170 29.56 -23.32 21.50
C LEU I 170 28.38 -22.39 21.73
N GLY I 171 27.59 -22.69 22.78
CA GLY I 171 26.40 -21.88 23.11
C GLY I 171 25.93 -22.08 24.54
N CYS I 172 24.87 -21.38 24.96
CA CYS I 172 24.36 -21.47 26.35
C CYS I 172 22.92 -20.97 26.46
N THR I 173 22.10 -21.57 27.32
CA THR I 173 20.70 -21.11 27.54
C THR I 173 20.63 -20.34 28.86
N ILE I 174 19.70 -19.38 28.99
CA ILE I 174 19.64 -18.51 30.20
C ILE I 174 18.69 -19.11 31.24
N LYS I 175 19.05 -19.03 32.52
CA LYS I 175 18.21 -19.57 33.62
C LYS I 175 18.30 -18.61 34.82
N PRO I 176 17.23 -18.37 35.60
CA PRO I 176 16.07 -19.25 35.70
C PRO I 176 15.05 -19.06 34.57
N LYS I 177 14.24 -20.06 34.28
CA LYS I 177 13.16 -19.91 33.25
C LYS I 177 11.95 -19.25 33.93
N LEU I 178 11.48 -18.12 33.40
CA LEU I 178 10.29 -17.40 33.95
C LEU I 178 10.62 -16.76 35.30
N GLY I 179 10.56 -15.42 35.39
CA GLY I 179 10.81 -14.72 36.66
C GLY I 179 11.74 -13.54 36.49
N LEU I 180 12.62 -13.56 35.48
CA LEU I 180 13.62 -12.48 35.32
C LEU I 180 13.02 -11.35 34.48
N SER I 181 13.44 -10.11 34.76
CA SER I 181 12.97 -8.94 33.97
C SER I 181 13.78 -8.81 32.69
N ALA I 182 13.65 -7.68 31.98
CA ALA I 182 14.33 -7.50 30.67
C ALA I 182 15.72 -6.90 30.88
N LYS I 183 15.85 -5.89 31.75
CA LYS I 183 17.19 -5.32 32.05
C LYS I 183 18.11 -6.42 32.60
N ASN I 184 17.59 -7.24 33.52
CA ASN I 184 18.41 -8.32 34.14
C ASN I 184 18.75 -9.37 33.08
N TYR I 185 17.79 -9.76 32.24
CA TYR I 185 18.03 -10.74 31.17
C TYR I 185 19.20 -10.28 30.28
N GLY I 186 19.24 -8.98 29.95
CA GLY I 186 20.29 -8.44 29.06
C GLY I 186 21.64 -8.33 29.75
N ARG I 187 21.64 -8.10 31.07
CA ARG I 187 22.91 -7.96 31.83
C ARG I 187 23.67 -9.29 31.86
N ALA I 188 22.94 -10.41 31.81
CA ALA I 188 23.55 -11.76 31.85
C ALA I 188 24.09 -12.13 30.47
N VAL I 189 23.35 -11.83 29.41
CA VAL I 189 23.81 -12.14 28.02
C VAL I 189 25.19 -11.53 27.79
N TYR I 190 25.38 -10.26 28.17
CA TYR I 190 26.68 -9.56 27.94
C TYR I 190 27.81 -10.31 28.66
N GLU I 191 27.67 -10.53 29.96
CA GLU I 191 28.75 -11.19 30.76
C GLU I 191 29.03 -12.57 30.17
N CYS I 192 27.99 -13.32 29.81
CA CYS I 192 28.18 -14.64 29.18
C CYS I 192 28.85 -14.44 27.82
N LEU I 193 28.33 -13.52 27.00
CA LEU I 193 28.91 -13.38 25.67
C LEU I 193 30.33 -12.83 25.71
N ARG I 194 30.64 -11.96 26.67
CA ARG I 194 31.99 -11.39 26.68
C ARG I 194 33.06 -12.39 27.09
N GLY I 195 32.68 -13.58 27.54
CA GLY I 195 33.65 -14.52 28.06
C GLY I 195 34.30 -15.43 27.04
N GLY I 196 33.67 -15.63 25.88
CA GLY I 196 34.28 -16.49 24.88
C GLY I 196 33.33 -17.40 24.13
N LEU I 197 32.04 -17.35 24.45
CA LEU I 197 31.08 -18.18 23.74
C LEU I 197 30.72 -17.55 22.40
N ASP I 198 29.86 -18.25 21.65
CA ASP I 198 29.43 -17.81 20.33
C ASP I 198 27.96 -17.44 20.27
N PHE I 199 27.10 -18.25 20.91
CA PHE I 199 25.64 -18.00 20.78
C PHE I 199 24.95 -18.02 22.14
N THR I 200 23.72 -17.48 22.20
CA THR I 200 22.92 -17.53 23.44
C THR I 200 21.47 -17.82 23.00
N ASP I 202 16.97 -18.24 24.07
CA ASP I 202 15.84 -18.03 25.02
C ASP I 202 15.22 -19.40 25.29
N ASP I 203 14.69 -19.64 26.49
CA ASP I 203 14.00 -20.94 26.74
C ASP I 203 12.82 -21.06 25.76
N GLU I 204 12.37 -22.28 25.50
CA GLU I 204 11.30 -22.50 24.49
C GLU I 204 9.95 -22.01 24.99
N ASN I 205 9.79 -21.82 26.31
CA ASN I 205 8.48 -21.42 26.88
C ASN I 205 8.46 -19.91 27.17
N VAL I 206 9.26 -19.14 26.44
CA VAL I 206 9.33 -17.67 26.64
C VAL I 206 8.81 -16.96 25.39
N ASN I 207 7.55 -16.53 25.38
CA ASN I 207 7.03 -15.78 24.25
C ASN I 207 6.65 -14.35 24.61
N SER I 208 5.68 -14.18 25.50
CA SER I 208 5.29 -12.86 25.98
C SER I 208 4.43 -13.06 27.23
N GLN I 209 4.91 -12.58 28.36
CA GLN I 209 4.28 -12.86 29.65
C GLN I 209 4.16 -11.57 30.44
N PRO I 210 3.28 -11.55 31.45
CA PRO I 210 3.09 -10.30 32.21
C PRO I 210 4.35 -9.74 32.83
N PHE I 211 5.30 -10.59 33.24
CA PHE I 211 6.51 -10.08 33.87
C PHE I 211 7.53 -9.58 32.87
N MET I 212 7.37 -9.88 31.58
CA MET I 212 8.32 -9.41 30.57
C MET I 212 7.69 -9.55 29.19
N ARG I 213 7.61 -8.45 28.45
CA ARG I 213 7.10 -8.45 27.10
C ARG I 213 8.25 -8.47 26.09
N TRP I 214 7.93 -8.83 24.85
CA TRP I 214 8.99 -9.16 23.88
C TRP I 214 9.71 -7.94 23.31
N ARG I 215 9.01 -6.83 23.11
CA ARG I 215 9.62 -5.71 22.40
C ARG I 215 10.72 -5.03 23.21
N ASP I 216 10.72 -5.16 24.53
CA ASP I 216 11.80 -4.62 25.34
C ASP I 216 12.97 -5.59 25.42
N ARG I 217 12.67 -6.88 25.51
CA ARG I 217 13.72 -7.89 25.52
C ARG I 217 14.54 -7.83 24.24
N PHE I 218 13.87 -7.64 23.10
CA PHE I 218 14.59 -7.53 21.84
C PHE I 218 15.60 -6.38 21.88
N LEU I 219 15.16 -5.22 22.36
CA LEU I 219 16.03 -4.03 22.36
C LEU I 219 17.21 -4.22 23.29
N PHE I 220 16.96 -4.71 24.50
CA PHE I 220 18.07 -4.89 25.45
C PHE I 220 19.06 -5.93 24.94
N VAL I 221 18.57 -7.01 24.33
CA VAL I 221 19.45 -8.02 23.77
C VAL I 221 20.30 -7.44 22.66
N ALA I 222 19.71 -6.62 21.80
CA ALA I 222 20.48 -6.00 20.72
C ALA I 222 21.59 -5.12 21.27
N GLU I 223 21.27 -4.31 22.28
CA GLU I 223 22.32 -3.45 22.86
C GLU I 223 23.44 -4.28 23.46
N ALA I 224 23.11 -5.34 24.19
CA ALA I 224 24.14 -6.19 24.76
C ALA I 224 25.01 -6.83 23.67
N ILE I 225 24.38 -7.27 22.58
CA ILE I 225 25.12 -7.91 21.50
C ILE I 225 26.12 -6.93 20.88
N PHE I 226 25.68 -5.70 20.61
CA PHE I 226 26.59 -4.72 20.02
C PHE I 226 27.76 -4.42 20.96
N LYS I 227 27.47 -4.21 22.25
CA LYS I 227 28.53 -3.89 23.18
C LYS I 227 29.54 -5.03 23.30
N SER I 228 29.05 -6.28 23.34
CA SER I 228 29.96 -7.41 23.44
C SER I 228 30.78 -7.58 22.16
N GLN I 229 30.17 -7.36 21.00
CA GLN I 229 30.89 -7.52 19.74
C GLN I 229 32.02 -6.50 19.62
N ALA I 230 31.78 -5.26 20.06
CA ALA I 230 32.80 -4.23 19.91
C ALA I 230 34.05 -4.55 20.73
N GLU I 231 33.93 -5.40 21.75
CA GLU I 231 35.02 -5.62 22.69
C GLU I 231 36.00 -6.67 22.19
N THR I 232 35.53 -7.91 22.03
CA THR I 232 36.44 -9.01 21.70
C THR I 232 36.96 -8.90 20.27
N GLY I 233 36.08 -8.68 19.30
CA GLY I 233 36.50 -8.60 17.92
C GLY I 233 36.07 -9.78 17.07
N GLU I 234 34.99 -10.45 17.46
CA GLU I 234 34.44 -11.57 16.73
C GLU I 234 32.93 -11.42 16.61
N ILE I 235 32.34 -12.20 15.71
CA ILE I 235 30.91 -12.11 15.43
C ILE I 235 30.15 -12.94 16.45
N LYS I 236 29.08 -12.35 17.01
CA LYS I 236 28.24 -12.99 18.01
C LYS I 236 26.78 -12.95 17.58
N GLY I 237 25.95 -13.77 18.24
CA GLY I 237 24.51 -13.81 17.93
C GLY I 237 23.67 -14.37 19.07
N HIS I 238 22.34 -14.31 18.95
CA HIS I 238 21.40 -14.82 19.98
C HIS I 238 20.09 -15.26 19.30
N TYR I 239 19.55 -16.43 19.67
CA TYR I 239 18.33 -16.96 19.00
C TYR I 239 17.08 -16.33 19.61
N LEU I 240 16.33 -15.55 18.82
CA LEU I 240 15.12 -14.86 19.33
C LEU I 240 13.87 -15.71 19.03
N ASN I 241 13.04 -15.96 20.05
CA ASN I 241 11.89 -16.84 19.88
C ASN I 241 10.77 -16.12 19.15
N ALA I 242 10.16 -16.81 18.18
CA ALA I 242 9.11 -16.23 17.36
C ALA I 242 7.82 -17.04 17.35
N THR I 243 7.63 -17.95 18.28
CA THR I 243 6.39 -18.70 18.37
C THR I 243 5.27 -17.81 18.90
N ALA I 244 4.09 -17.94 18.33
CA ALA I 244 2.94 -17.12 18.69
C ALA I 244 1.67 -17.93 18.55
N GLY I 245 0.55 -17.31 18.91
CA GLY I 245 -0.74 -17.98 18.87
C GLY I 245 -1.50 -17.79 17.58
N THR I 246 -1.08 -16.82 16.77
CA THR I 246 -1.70 -16.56 15.47
C THR I 246 -0.61 -16.24 14.47
N CYS I 247 -0.94 -16.43 13.18
CA CYS I 247 0.06 -16.23 12.14
C CYS I 247 0.46 -14.76 12.01
N GLU I 248 -0.49 -13.84 12.20
CA GLU I 248 -0.18 -12.43 12.06
C GLU I 248 0.85 -11.97 13.08
N GLU I 249 0.68 -12.39 14.34
CA GLU I 249 1.65 -12.03 15.37
C GLU I 249 3.01 -12.66 15.09
N MET I 250 3.02 -13.90 14.62
CA MET I 250 4.28 -14.58 14.31
C MET I 250 5.03 -13.84 13.21
N MET I 251 4.31 -13.37 12.18
CA MET I 251 4.98 -12.61 11.13
C MET I 251 5.36 -11.21 11.58
N LYS I 252 4.63 -10.63 12.54
CA LYS I 252 5.02 -9.33 13.07
C LYS I 252 6.30 -9.40 13.87
N ARG I 253 6.52 -10.49 14.61
CA ARG I 253 7.70 -10.59 15.45
C ARG I 253 8.99 -10.85 14.69
N ALA I 254 8.92 -11.11 13.39
CA ALA I 254 10.13 -11.34 12.60
C ALA I 254 10.58 -10.11 11.84
N GLN I 255 9.64 -9.24 11.45
CA GLN I 255 10.03 -8.02 10.74
C GLN I 255 10.82 -7.09 11.63
N PHE I 256 10.52 -7.06 12.94
CA PHE I 256 11.31 -6.25 13.85
C PHE I 256 12.74 -6.76 13.93
N ALA I 257 12.91 -8.09 14.01
CA ALA I 257 14.25 -8.65 14.03
C ALA I 257 15.00 -8.36 12.75
N ARG I 258 14.30 -8.37 11.62
CA ARG I 258 14.93 -7.96 10.37
C ARG I 258 15.35 -6.50 10.40
N GLU I 259 14.51 -5.64 10.99
CA GLU I 259 14.84 -4.22 11.07
C GLU I 259 16.09 -3.97 11.90
N LEU I 260 16.19 -4.63 13.06
CA LEU I 260 17.33 -4.38 13.93
C LEU I 260 18.64 -4.93 13.38
N GLY I 261 18.59 -5.88 12.44
CA GLY I 261 19.79 -6.47 11.90
C GLY I 261 20.28 -7.73 12.58
N MET I 262 19.45 -8.38 13.37
CA MET I 262 19.85 -9.62 14.03
C MET I 262 19.96 -10.74 13.01
N PRO I 263 20.85 -11.71 13.24
CA PRO I 263 21.13 -12.74 12.22
C PRO I 263 20.35 -14.04 12.32
N ILE I 264 19.58 -14.30 13.37
CA ILE I 264 19.02 -15.64 13.56
C ILE I 264 17.75 -15.54 14.40
N VAL I 265 16.84 -16.51 14.20
CA VAL I 265 15.57 -16.56 14.98
C VAL I 265 15.33 -18.03 15.35
N MET I 266 14.26 -18.32 16.09
CA MET I 266 14.00 -19.70 16.58
C MET I 266 12.50 -20.02 16.44
N HIS I 267 12.15 -21.29 16.25
CA HIS I 267 10.72 -21.68 16.14
C HIS I 267 10.49 -23.14 16.55
N ASP I 268 9.38 -23.42 17.23
CA ASP I 268 9.01 -24.78 17.60
C ASP I 268 8.03 -25.31 16.56
N TYR I 269 8.34 -26.47 15.98
CA TYR I 269 7.64 -26.94 14.79
C TYR I 269 6.66 -28.07 15.06
N LEU I 270 6.57 -28.56 16.29
CA LEU I 270 5.65 -29.66 16.59
C LEU I 270 4.41 -29.20 17.34
N THR I 271 4.54 -28.19 18.21
CA THR I 271 3.38 -27.58 18.85
C THR I 271 2.84 -26.38 18.08
N GLY I 272 3.58 -25.92 17.08
CA GLY I 272 3.12 -24.78 16.25
C GLY I 272 2.38 -25.29 15.03
N GLY I 273 3.02 -26.15 14.25
CA GLY I 273 2.37 -26.73 13.06
C GLY I 273 3.33 -26.82 11.89
N PHE I 274 3.00 -27.64 10.90
CA PHE I 274 3.85 -27.75 9.68
C PHE I 274 3.48 -26.64 8.70
N THR I 275 2.21 -26.21 8.70
CA THR I 275 1.75 -25.14 7.79
C THR I 275 2.46 -23.83 8.15
N ALA I 276 2.55 -23.51 9.44
CA ALA I 276 3.20 -22.26 9.90
C ALA I 276 4.71 -22.34 9.67
N ASN I 277 5.33 -23.49 9.96
CA ASN I 277 6.79 -23.65 9.75
C ASN I 277 7.14 -23.39 8.28
N THR I 278 6.34 -23.90 7.35
CA THR I 278 6.64 -23.74 5.90
C THR I 278 6.52 -22.27 5.50
N THR I 279 5.51 -21.57 6.02
CA THR I 279 5.35 -20.13 5.72
C THR I 279 6.58 -19.36 6.21
N LEU I 280 7.07 -19.69 7.41
CA LEU I 280 8.24 -18.97 7.99
C LEU I 280 9.49 -19.28 7.18
N ALA I 281 9.73 -20.55 6.86
CA ALA I 281 10.89 -20.91 6.05
C ALA I 281 10.94 -20.11 4.76
N HIS I 282 9.78 -19.95 4.10
CA HIS I 282 9.73 -19.14 2.89
C HIS I 282 10.15 -17.70 3.16
N TYR I 283 9.63 -17.12 4.25
CA TYR I 283 9.99 -15.75 4.59
C TYR I 283 11.47 -15.62 4.89
N CYS I 284 12.03 -16.57 5.63
CA CYS I 284 13.45 -16.50 5.99
C CYS I 284 14.33 -16.62 4.75
N ARG I 285 13.96 -17.49 3.81
CA ARG I 285 14.71 -17.57 2.56
C ARG I 285 14.61 -16.25 1.80
N ASP I 286 13.44 -15.62 1.82
CA ASP I 286 13.27 -14.37 1.09
C ASP I 286 14.09 -13.23 1.69
N ASN I 287 14.21 -13.16 3.02
CA ASN I 287 14.82 -12.01 3.66
C ASN I 287 16.17 -12.30 4.32
N GLY I 288 16.78 -13.45 4.05
CA GLY I 288 18.14 -13.71 4.49
C GLY I 288 18.37 -13.83 5.98
N LEU I 289 17.59 -14.67 6.66
CA LEU I 289 17.79 -14.97 8.06
C LEU I 289 18.13 -16.45 8.24
N LEU I 290 18.54 -16.80 9.45
CA LEU I 290 18.85 -18.18 9.81
C LEU I 290 17.79 -18.71 10.77
N LEU I 291 17.45 -19.98 10.63
CA LEU I 291 16.35 -20.60 11.37
C LEU I 291 16.89 -21.71 12.27
N HIS I 292 16.49 -21.67 13.54
CA HIS I 292 16.83 -22.70 14.52
C HIS I 292 15.55 -23.39 14.98
N ILE I 293 15.54 -24.73 14.98
CA ILE I 293 14.30 -25.48 15.30
C ILE I 293 14.41 -26.22 16.65
N HIS I 294 13.32 -26.31 17.40
CA HIS I 294 13.29 -27.03 18.70
C HIS I 294 12.27 -28.15 18.63
N ARG I 295 12.59 -29.34 19.16
CA ARG I 295 11.69 -30.52 19.05
C ARG I 295 10.91 -30.71 20.35
N ALA I 296 9.78 -30.02 20.51
CA ALA I 296 9.01 -30.10 21.78
C ALA I 296 7.84 -31.07 21.63
N MET I 297 7.55 -31.85 22.67
CA MET I 297 6.42 -32.78 22.70
C MET I 297 6.71 -34.04 21.90
N HIS I 298 7.90 -34.14 21.28
CA HIS I 298 8.21 -35.31 20.45
C HIS I 298 8.25 -36.59 21.27
N ALA I 299 8.54 -36.51 22.57
CA ALA I 299 8.64 -37.71 23.39
C ALA I 299 7.29 -38.38 23.62
N VAL I 300 6.19 -37.69 23.33
CA VAL I 300 4.86 -38.29 23.42
C VAL I 300 4.60 -39.28 22.30
N ILE I 301 5.38 -39.24 21.22
CA ILE I 301 5.13 -40.04 20.05
C ILE I 301 6.16 -41.15 19.87
N ASP I 302 7.42 -40.85 20.20
CA ASP I 302 8.51 -41.83 19.95
C ASP I 302 9.32 -42.12 21.22
N ARG I 303 8.80 -42.92 22.14
CA ARG I 303 9.59 -43.35 23.33
C ARG I 303 9.32 -44.84 23.52
N GLN I 304 8.07 -45.27 23.34
CA GLN I 304 7.73 -46.70 23.46
C GLN I 304 8.26 -47.44 22.23
N ARG I 305 8.60 -48.71 22.36
CA ARG I 305 9.24 -49.45 21.24
C ARG I 305 8.21 -50.32 20.51
N ASN I 306 6.91 -49.98 20.62
CA ASN I 306 5.86 -50.83 19.99
C ASN I 306 4.65 -49.98 19.62
N HIS I 307 4.74 -48.65 19.69
CA HIS I 307 3.62 -47.82 19.28
C HIS I 307 4.12 -46.41 19.01
N GLY I 308 3.72 -45.84 17.88
CA GLY I 308 4.09 -44.48 17.54
C GLY I 308 4.83 -44.33 16.23
N ILE I 309 5.63 -43.28 16.10
CA ILE I 309 6.42 -43.02 14.92
C ILE I 309 7.85 -42.72 15.36
N HIS I 310 8.82 -43.37 14.73
CA HIS I 310 10.22 -43.17 15.10
C HIS I 310 10.67 -41.77 14.72
N PHE I 311 11.73 -41.31 15.38
CA PHE I 311 12.17 -39.92 15.22
C PHE I 311 12.82 -39.66 13.87
N ARG I 312 13.40 -40.69 13.25
CA ARG I 312 14.08 -40.48 11.97
C ARG I 312 13.11 -40.05 10.88
N VAL I 313 11.86 -40.50 10.95
CA VAL I 313 10.85 -40.06 9.99
C VAL I 313 10.58 -38.57 10.15
N LEU I 314 10.45 -38.12 11.40
CA LEU I 314 10.22 -36.70 11.65
C LEU I 314 11.43 -35.87 11.22
N ALA I 315 12.64 -36.40 11.40
CA ALA I 315 13.83 -35.70 10.94
C ALA I 315 13.83 -35.54 9.43
N LYS I 316 13.48 -36.59 8.69
CA LYS I 316 13.39 -36.48 7.24
C LYS I 316 12.32 -35.46 6.84
N ALA I 317 11.17 -35.50 7.52
CA ALA I 317 10.10 -34.56 7.20
C ALA I 317 10.55 -33.11 7.42
N LEU I 318 11.27 -32.86 8.52
CA LEU I 318 11.76 -31.50 8.76
C LEU I 318 12.78 -31.09 7.72
N ARG I 319 13.71 -31.99 7.36
CA ARG I 319 14.67 -31.64 6.33
C ARG I 319 13.97 -31.27 5.03
N MET I 320 12.88 -31.96 4.71
CA MET I 320 12.11 -31.58 3.51
C MET I 320 11.42 -30.24 3.69
N SER I 321 10.88 -29.98 4.89
CA SER I 321 10.09 -28.77 5.09
C SER I 321 10.96 -27.52 5.13
N GLY I 322 12.06 -27.56 5.88
CA GLY I 322 12.97 -26.43 5.92
C GLY I 322 13.51 -26.08 7.28
N GLY I 323 14.83 -25.97 7.41
CA GLY I 323 15.46 -25.60 8.67
C GLY I 323 16.95 -25.65 8.53
N ASP I 324 17.63 -25.03 9.48
CA ASP I 324 19.09 -24.98 9.50
C ASP I 324 19.70 -25.78 10.64
N HIS I 325 19.20 -25.65 11.85
CA HIS I 325 19.64 -26.44 12.98
C HIS I 325 18.51 -27.36 13.43
N ILE I 326 18.86 -28.35 14.26
CA ILE I 326 17.85 -29.27 14.83
C ILE I 326 18.47 -29.97 16.05
N HIS I 327 17.70 -30.17 17.12
CA HIS I 327 18.21 -30.89 18.31
C HIS I 327 18.31 -32.38 18.00
N SER I 328 19.44 -33.01 18.33
CA SER I 328 19.65 -34.46 18.04
C SER I 328 19.82 -35.23 19.35
N GLY I 329 20.00 -34.53 20.48
CA GLY I 329 20.14 -35.20 21.79
C GLY I 329 21.57 -35.65 22.07
N THR I 330 21.90 -35.87 23.35
CA THR I 330 23.24 -36.37 23.72
C THR I 330 23.14 -37.87 23.97
N VAL I 331 24.18 -38.51 24.52
CA VAL I 331 24.06 -39.95 24.87
C VAL I 331 24.51 -40.11 26.33
N VAL I 332 24.92 -39.03 26.97
CA VAL I 332 25.47 -39.09 28.36
C VAL I 332 24.81 -38.01 29.23
N GLY I 333 23.57 -37.62 28.93
CA GLY I 333 22.91 -36.54 29.67
C GLY I 333 21.75 -37.02 30.53
N LYS I 334 20.75 -36.18 30.74
CA LYS I 334 19.61 -36.53 31.64
C LYS I 334 18.43 -37.12 30.85
N LEU I 335 18.51 -37.12 29.51
CA LEU I 335 17.37 -37.59 28.68
C LEU I 335 17.79 -38.81 27.86
N GLU I 336 16.86 -39.71 27.54
CA GLU I 336 17.18 -40.99 26.85
C GLU I 336 17.86 -40.78 25.49
N GLY I 337 18.52 -41.81 24.97
CA GLY I 337 19.21 -41.74 23.66
C GLY I 337 20.26 -42.83 23.52
N GLU I 338 20.22 -43.61 22.43
CA GLU I 338 21.18 -44.74 22.22
C GLU I 338 22.25 -44.32 21.20
N ARG I 339 23.38 -45.02 21.15
CA ARG I 339 24.51 -44.58 20.28
C ARG I 339 24.27 -44.97 18.81
N GLU I 340 24.31 -46.27 18.48
CA GLU I 340 24.19 -46.70 17.06
C GLU I 340 23.03 -45.99 16.38
N VAL I 341 21.83 -46.03 16.96
CA VAL I 341 20.64 -45.36 16.38
C VAL I 341 21.00 -43.91 16.04
N THR I 342 21.58 -43.18 16.99
CA THR I 342 21.93 -41.75 16.76
C THR I 342 22.91 -41.64 15.60
N LEU I 343 23.96 -42.46 15.60
CA LEU I 343 25.00 -42.39 14.53
C LEU I 343 24.35 -42.55 13.16
N GLY I 344 23.30 -43.37 13.07
CA GLY I 344 22.60 -43.58 11.79
C GLY I 344 21.80 -42.37 11.35
N PHE I 345 20.96 -41.81 12.23
CA PHE I 345 20.09 -40.67 11.83
C PHE I 345 20.94 -39.40 11.63
N VAL I 346 22.01 -39.23 12.40
CA VAL I 346 22.89 -38.10 12.14
C VAL I 346 23.46 -38.18 10.73
N ASP I 347 23.89 -39.37 10.32
CA ASP I 347 24.35 -39.55 8.95
C ASP I 347 23.24 -39.26 7.96
N LEU I 348 22.02 -39.70 8.27
CA LEU I 348 20.89 -39.40 7.40
C LEU I 348 20.65 -37.89 7.28
N LEU I 349 20.88 -37.15 8.37
CA LEU I 349 20.65 -35.72 8.35
C LEU I 349 21.72 -34.97 7.57
N ARG I 350 22.99 -35.37 7.70
CA ARG I 350 24.06 -34.55 7.16
C ARG I 350 24.48 -34.94 5.73
N ASP I 351 24.44 -36.23 5.39
CA ASP I 351 25.09 -36.70 4.19
C ASP I 351 24.27 -36.41 2.94
N ASP I 352 24.72 -36.95 1.82
CA ASP I 352 24.06 -36.80 0.52
C ASP I 352 23.66 -38.11 -0.12
N TYR I 353 24.31 -39.23 0.24
CA TYR I 353 23.97 -40.54 -0.30
C TYR I 353 24.22 -41.57 0.80
N ILE I 354 23.18 -42.30 1.19
CA ILE I 354 23.24 -43.21 2.33
C ILE I 354 22.87 -44.61 1.85
N GLU I 355 23.68 -45.58 2.23
CA GLU I 355 23.46 -46.97 1.85
C GLU I 355 22.68 -47.72 2.93
N LYS I 356 22.10 -48.85 2.55
CA LYS I 356 21.32 -49.64 3.48
C LYS I 356 22.19 -50.31 4.52
N ASP I 357 21.78 -50.22 5.79
CA ASP I 357 22.55 -50.80 6.90
C ASP I 357 21.57 -51.10 8.03
N ARG I 358 21.28 -52.38 8.22
CA ARG I 358 20.29 -52.78 9.23
C ARG I 358 20.86 -52.81 10.64
N SER I 359 22.19 -52.69 10.79
CA SER I 359 22.83 -52.71 12.13
C SER I 359 22.74 -51.33 12.79
N ARG I 360 22.16 -50.34 12.11
CA ARG I 360 22.07 -48.97 12.65
C ARG I 360 20.63 -48.45 12.50
N GLY I 361 19.74 -49.26 11.91
CA GLY I 361 18.32 -48.88 11.80
C GLY I 361 17.98 -48.22 10.47
N ILE I 362 18.67 -48.60 9.40
CA ILE I 362 18.38 -48.05 8.09
C ILE I 362 17.81 -49.16 7.21
N TYR I 363 16.64 -48.92 6.64
CA TYR I 363 15.93 -49.93 5.88
C TYR I 363 15.96 -49.72 4.37
N PHE I 364 16.14 -48.49 3.91
CA PHE I 364 16.10 -48.18 2.49
C PHE I 364 17.30 -47.31 2.12
N THR I 365 17.72 -47.40 0.86
CA THR I 365 18.75 -46.54 0.32
C THR I 365 18.15 -45.19 -0.05
N GLN I 366 18.82 -44.11 0.32
CA GLN I 366 18.29 -42.76 0.15
C GLN I 366 19.21 -41.92 -0.72
N ASP I 367 18.60 -41.13 -1.61
CA ASP I 367 19.32 -40.23 -2.50
C ASP I 367 18.68 -38.86 -2.43
N TRP I 368 19.50 -37.84 -2.20
CA TRP I 368 19.00 -36.49 -1.96
C TRP I 368 19.23 -35.53 -3.12
N VAL I 369 19.75 -36.04 -4.24
CA VAL I 369 19.94 -35.21 -5.48
C VAL I 369 20.31 -33.76 -5.16
N SER I 370 21.47 -33.53 -4.55
CA SER I 370 21.98 -32.15 -4.29
C SER I 370 21.02 -31.30 -3.45
N MET I 371 20.75 -31.70 -2.21
CA MET I 371 19.94 -30.86 -1.28
C MET I 371 20.81 -30.59 -0.06
N PRO I 372 20.89 -29.34 0.46
CA PRO I 372 21.79 -28.97 1.55
C PRO I 372 21.52 -29.77 2.82
N GLY I 373 22.48 -29.70 3.75
CA GLY I 373 22.41 -30.43 5.00
C GLY I 373 21.95 -29.59 6.17
N VAL I 374 21.85 -30.24 7.32
CA VAL I 374 21.34 -29.63 8.55
C VAL I 374 22.32 -29.91 9.68
N LEU I 375 22.63 -28.89 10.48
CA LEU I 375 23.55 -29.04 11.60
C LEU I 375 22.85 -29.68 12.79
N PRO I 376 23.42 -30.70 13.41
CA PRO I 376 22.85 -31.25 14.65
C PRO I 376 23.33 -30.53 15.89
N VAL I 377 22.51 -30.59 16.94
CA VAL I 377 22.77 -29.90 18.20
C VAL I 377 22.59 -30.89 19.35
N ALA I 378 23.47 -30.77 20.36
CA ALA I 378 23.40 -31.66 21.56
C ALA I 378 23.27 -30.82 22.83
N SER I 379 22.32 -31.15 23.72
CA SER I 379 22.09 -30.38 24.96
C SER I 379 21.28 -31.20 25.98
N GLY I 380 21.50 -30.99 27.29
CA GLY I 380 20.67 -31.67 28.30
C GLY I 380 21.47 -32.27 29.45
N GLY I 381 22.00 -31.43 30.35
CA GLY I 381 22.72 -31.92 31.55
C GLY I 381 24.12 -32.43 31.24
N ILE I 382 25.04 -31.54 30.86
CA ILE I 382 26.43 -31.96 30.48
C ILE I 382 27.44 -30.98 31.08
N HIS I 383 28.69 -31.41 31.27
CA HIS I 383 29.73 -30.55 31.89
C HIS I 383 31.12 -30.81 31.29
N VAL I 384 32.19 -30.31 31.92
CA VAL I 384 33.57 -30.42 31.35
C VAL I 384 34.03 -31.87 31.23
N TRP I 385 33.70 -32.72 32.20
CA TRP I 385 34.17 -34.14 32.17
C TRP I 385 33.40 -34.95 31.13
N HIS I 386 32.87 -34.29 30.10
CA HIS I 386 32.09 -34.99 29.04
C HIS I 386 32.59 -34.53 27.66
N MET I 387 33.60 -33.68 27.62
CA MET I 387 34.04 -33.12 26.30
C MET I 387 34.70 -34.20 25.44
N PRO I 388 35.75 -34.92 25.90
CA PRO I 388 36.42 -35.92 25.06
C PRO I 388 35.44 -36.82 24.31
N ALA I 389 34.37 -37.27 24.97
CA ALA I 389 33.39 -38.18 24.33
C ALA I 389 32.63 -37.45 23.22
N LEU I 390 31.87 -36.40 23.56
CA LEU I 390 31.14 -35.60 22.54
C LEU I 390 32.04 -35.41 21.32
N THR I 391 33.23 -34.83 21.52
CA THR I 391 34.15 -34.52 20.39
C THR I 391 34.39 -35.75 19.51
N GLU I 392 34.12 -36.96 20.02
CA GLU I 392 34.41 -38.19 19.24
C GLU I 392 33.13 -38.66 18.53
N ILE I 393 31.99 -38.65 19.23
CA ILE I 393 30.70 -39.08 18.63
C ILE I 393 30.37 -38.12 17.48
N PHE I 394 30.47 -36.81 17.71
CA PHE I 394 30.24 -35.84 16.65
C PHE I 394 31.57 -35.25 16.20
N GLY I 395 31.71 -35.03 14.91
CA GLY I 395 32.91 -34.38 14.40
C GLY I 395 32.93 -32.91 14.73
N ASP I 396 33.61 -32.11 13.91
CA ASP I 396 33.59 -30.66 14.09
C ASP I 396 32.51 -30.02 13.24
N ASP I 397 31.33 -30.63 13.24
CA ASP I 397 30.21 -30.19 12.42
C ASP I 397 28.93 -30.20 13.25
N SER I 398 29.02 -29.67 14.46
CA SER I 398 27.90 -29.68 15.38
C SER I 398 28.00 -28.46 16.30
N VAL I 399 27.00 -28.33 17.17
CA VAL I 399 26.94 -27.26 18.17
C VAL I 399 26.70 -27.90 19.52
N LEU I 400 27.44 -27.47 20.54
CA LEU I 400 27.28 -28.02 21.91
C LEU I 400 26.73 -26.91 22.82
N GLN I 401 25.70 -27.22 23.61
CA GLN I 401 25.06 -26.19 24.48
C GLN I 401 25.27 -26.52 25.95
N PHE I 402 25.48 -25.51 26.80
CA PHE I 402 25.69 -25.71 28.26
C PHE I 402 24.97 -24.60 29.03
N GLY I 403 23.90 -24.92 29.75
CA GLY I 403 23.13 -23.91 30.50
C GLY I 403 23.54 -23.82 31.96
N GLY I 404 23.39 -24.91 32.72
CA GLY I 404 23.78 -24.92 34.14
C GLY I 404 25.28 -25.05 34.33
N GLY I 405 26.01 -25.45 33.29
CA GLY I 405 27.47 -25.61 33.37
C GLY I 405 28.20 -24.28 33.32
N THR I 406 27.50 -23.20 33.01
CA THR I 406 28.12 -21.85 32.93
C THR I 406 27.62 -20.97 34.07
N LEU I 407 26.31 -21.00 34.35
CA LEU I 407 25.73 -20.10 35.39
C LEU I 407 25.82 -20.75 36.77
N GLY I 408 26.40 -21.95 36.87
CA GLY I 408 26.57 -22.63 38.17
C GLY I 408 28.04 -22.69 38.58
N HIS I 409 28.89 -21.90 37.93
CA HIS I 409 30.33 -21.87 38.28
C HIS I 409 30.51 -21.07 39.58
N PRO I 410 31.38 -21.53 40.51
CA PRO I 410 31.55 -20.87 41.82
C PRO I 410 31.82 -19.35 41.72
N TRP I 411 32.40 -18.88 40.62
CA TRP I 411 32.73 -17.44 40.45
C TRP I 411 31.59 -16.71 39.72
N GLY I 412 31.53 -16.82 38.40
CA GLY I 412 30.50 -16.08 37.63
C GLY I 412 30.26 -16.63 36.24
N ASN I 413 29.72 -15.80 35.34
CA ASN I 413 29.37 -16.26 33.97
C ASN I 413 30.57 -16.15 33.03
N ALA I 414 31.34 -15.08 33.13
CA ALA I 414 32.57 -14.94 32.31
C ALA I 414 33.58 -16.03 32.69
N PRO I 415 33.94 -16.21 33.98
CA PRO I 415 34.84 -17.30 34.39
C PRO I 415 34.33 -18.68 33.97
N GLY I 416 33.01 -18.87 33.95
CA GLY I 416 32.43 -20.16 33.53
C GLY I 416 32.60 -20.41 32.04
N ALA I 417 32.39 -19.38 31.22
CA ALA I 417 32.53 -19.51 29.75
C ALA I 417 33.98 -19.82 29.37
N VAL I 418 34.96 -19.16 30.03
CA VAL I 418 36.39 -19.35 29.68
C VAL I 418 36.77 -20.82 29.92
N ALA I 419 36.29 -21.41 31.02
CA ALA I 419 36.64 -22.81 31.35
C ALA I 419 36.12 -23.76 30.27
N ASN I 420 34.95 -23.45 29.69
CA ASN I 420 34.35 -24.35 28.66
C ASN I 420 35.14 -24.26 27.35
N ARG I 421 35.64 -23.07 26.99
CA ARG I 421 36.38 -22.92 25.73
C ARG I 421 37.75 -23.57 25.81
N VAL I 422 38.42 -23.45 26.96
CA VAL I 422 39.76 -24.01 27.11
C VAL I 422 39.72 -25.53 26.98
N ALA I 423 38.71 -26.16 27.58
CA ALA I 423 38.61 -27.61 27.46
C ALA I 423 38.49 -28.05 26.00
N LEU I 424 37.64 -27.36 25.24
CA LEU I 424 37.44 -27.72 23.83
C LEU I 424 38.71 -27.51 23.02
N GLU I 425 39.41 -26.40 23.26
CA GLU I 425 40.66 -26.16 22.54
C GLU I 425 41.68 -27.25 22.82
N ALA I 426 41.80 -27.65 24.10
CA ALA I 426 42.75 -28.70 24.45
C ALA I 426 42.37 -30.02 23.77
N CYS I 427 41.08 -30.35 23.75
CA CYS I 427 40.66 -31.59 23.10
C CYS I 427 40.96 -31.57 21.60
N VAL I 428 40.72 -30.43 20.95
CA VAL I 428 40.97 -30.33 19.51
C VAL I 428 42.46 -30.50 19.22
N GLN I 429 43.31 -29.83 20.00
CA GLN I 429 44.75 -29.97 19.79
C GLN I 429 45.21 -31.40 20.00
N ALA I 430 44.70 -32.05 21.06
CA ALA I 430 45.07 -33.44 21.32
C ALA I 430 44.64 -34.35 20.17
N ARG I 431 43.44 -34.13 19.63
CA ARG I 431 42.99 -34.93 18.50
C ARG I 431 43.88 -34.73 17.28
N ASN I 432 44.29 -33.48 17.02
CA ASN I 432 45.14 -33.23 15.87
C ASN I 432 46.53 -33.85 16.03
N GLU I 433 47.07 -33.88 17.25
CA GLU I 433 48.41 -34.42 17.42
C GLU I 433 48.49 -35.93 17.23
N GLY I 434 47.34 -36.60 17.11
CA GLY I 434 47.34 -38.05 16.84
C GLY I 434 47.30 -38.89 18.10
N ARG I 435 46.59 -38.43 19.13
CA ARG I 435 46.43 -39.22 20.37
C ARG I 435 45.01 -39.79 20.44
N ASP I 436 44.77 -40.74 21.34
CA ASP I 436 43.41 -41.34 21.49
C ASP I 436 42.52 -40.35 22.24
N LEU I 437 41.26 -40.73 22.50
CA LEU I 437 40.33 -39.84 23.23
C LEU I 437 39.43 -40.71 24.13
N ALA I 438 39.13 -41.93 23.70
CA ALA I 438 38.33 -42.85 24.54
C ALA I 438 39.23 -43.48 25.61
N ARG I 439 40.52 -43.66 25.32
CA ARG I 439 41.45 -44.31 26.26
C ARG I 439 42.13 -43.25 27.14
N GLU I 440 42.58 -42.15 26.54
CA GLU I 440 43.31 -41.10 27.29
C GLU I 440 42.50 -39.79 27.27
N GLY I 441 41.54 -39.64 28.17
CA GLY I 441 40.69 -38.43 28.17
C GLY I 441 40.83 -37.63 29.45
N ASN I 442 40.78 -38.30 30.61
CA ASN I 442 40.88 -37.60 31.92
C ASN I 442 42.23 -36.90 32.00
N ASP I 443 43.29 -37.54 31.51
CA ASP I 443 44.64 -36.92 31.51
C ASP I 443 44.57 -35.56 30.81
N ILE I 444 44.12 -35.54 29.55
CA ILE I 444 44.02 -34.28 28.77
C ILE I 444 43.44 -33.18 29.67
N ILE I 445 42.29 -33.43 30.30
CA ILE I 445 41.63 -32.39 31.14
C ILE I 445 42.58 -31.97 32.27
N ARG I 446 43.21 -32.93 32.95
CA ARG I 446 44.09 -32.61 34.10
C ARG I 446 45.26 -31.73 33.65
N GLU I 447 46.02 -32.18 32.65
CA GLU I 447 47.22 -31.42 32.20
C GLU I 447 46.85 -29.99 31.82
N ALA I 448 45.58 -29.74 31.50
CA ALA I 448 45.14 -28.39 31.06
C ALA I 448 44.81 -27.53 32.28
N SER I 449 44.26 -28.14 33.33
CA SER I 449 43.91 -27.39 34.57
C SER I 449 45.18 -26.92 35.27
N LYS I 450 46.34 -27.43 34.85
CA LYS I 450 47.62 -27.06 35.52
C LYS I 450 48.00 -25.62 35.19
N TRP I 451 47.40 -25.03 34.17
CA TRP I 451 47.76 -23.65 33.75
C TRP I 451 46.50 -22.78 33.57
N SER I 452 45.33 -23.30 33.96
CA SER I 452 44.07 -22.51 33.85
C SER I 452 43.39 -22.45 35.22
N PRO I 453 43.44 -21.30 35.94
CA PRO I 453 42.87 -21.21 37.29
C PRO I 453 41.34 -21.30 37.29
N GLU I 454 40.71 -21.14 36.13
CA GLU I 454 39.22 -21.20 36.03
C GLU I 454 38.79 -22.65 35.81
N LEU I 455 39.55 -23.40 35.02
CA LEU I 455 39.18 -24.82 34.72
C LEU I 455 39.32 -25.65 36.00
N ALA I 456 40.33 -25.35 36.83
CA ALA I 456 40.55 -26.10 38.09
C ALA I 456 39.30 -26.04 38.98
N ALA I 457 38.73 -24.85 39.16
CA ALA I 457 37.54 -24.69 40.04
C ALA I 457 36.38 -25.56 39.55
N ALA I 458 36.08 -25.53 38.25
CA ALA I 458 34.92 -26.28 37.70
C ALA I 458 35.10 -27.79 37.94
N CYS I 459 36.30 -28.33 37.69
CA CYS I 459 36.53 -29.78 37.82
C CYS I 459 36.26 -30.25 39.25
N GLU I 460 36.54 -29.40 40.24
CA GLU I 460 36.39 -29.79 41.67
C GLU I 460 34.91 -29.83 42.07
N VAL I 461 34.05 -29.13 41.33
CA VAL I 461 32.61 -29.04 41.71
C VAL I 461 31.85 -30.26 41.17
N TRP I 462 32.12 -30.68 39.94
CA TRP I 462 31.33 -31.78 39.32
C TRP I 462 32.23 -32.98 38.98
N LYS I 463 32.72 -33.71 39.98
CA LYS I 463 33.63 -34.85 39.73
C LYS I 463 32.82 -36.14 39.58
N GLU I 464 31.84 -36.37 40.44
CA GLU I 464 31.07 -37.64 40.41
C GLU I 464 29.58 -37.35 40.17
N ILE I 465 29.23 -36.92 38.94
CA ILE I 465 27.80 -36.64 38.60
C ILE I 465 27.51 -37.24 37.23
N LYS I 466 26.97 -38.47 37.20
CA LYS I 466 26.70 -39.16 35.92
C LYS I 466 25.24 -39.63 35.88
N PHE I 467 24.79 -40.15 34.74
CA PHE I 467 23.37 -40.59 34.59
C PHE I 467 23.35 -41.95 33.89
N VAL I 468 23.03 -43.02 34.64
CA VAL I 468 23.01 -44.40 34.06
C VAL I 468 21.73 -45.11 34.49
N PHE I 469 20.86 -45.43 33.53
CA PHE I 469 19.61 -46.18 33.82
C PHE I 469 19.38 -47.19 32.70
N GLU I 470 18.37 -48.06 32.83
CA GLU I 470 18.09 -49.08 31.79
C GLU I 470 17.35 -48.43 30.62
N THR I 471 17.76 -48.72 29.38
CA THR I 471 17.12 -48.13 28.18
C THR I 471 15.79 -48.84 27.91
N ILE I 472 14.74 -48.07 27.61
CA ILE I 472 13.38 -48.66 27.36
C ILE I 472 13.18 -48.81 25.85
N ASP I 473 13.87 -48.00 25.04
CA ASP I 473 13.77 -48.12 23.56
C ASP I 473 15.09 -48.68 23.03
N THR I 474 15.40 -49.93 23.39
CA THR I 474 16.69 -50.56 22.97
C THR I 474 16.81 -50.51 21.45
N LEU I 475 16.07 -51.37 20.74
CA LEU I 475 16.18 -51.43 19.25
C LEU I 475 15.15 -52.42 18.71
N GLY J 12 25.45 -16.94 50.37
CA GLY J 12 24.12 -17.07 49.73
C GLY J 12 24.14 -18.03 48.57
N PHE J 13 25.22 -18.01 47.77
CA PHE J 13 25.35 -18.97 46.65
C PHE J 13 26.20 -20.16 47.09
N LYS J 14 25.72 -21.39 46.87
CA LYS J 14 26.50 -22.60 47.19
C LYS J 14 26.51 -23.50 45.95
N ALA J 15 27.58 -23.45 45.15
CA ALA J 15 27.66 -24.25 43.91
C ALA J 15 27.57 -25.74 44.25
N GLY J 16 26.80 -26.51 43.47
CA GLY J 16 26.65 -27.95 43.71
C GLY J 16 25.30 -28.49 43.27
N VAL J 17 25.02 -29.77 43.53
CA VAL J 17 23.73 -30.39 43.12
C VAL J 17 22.95 -30.81 44.37
N LYS J 18 21.61 -30.69 44.35
CA LYS J 18 20.76 -31.07 45.50
C LYS J 18 19.57 -31.91 45.02
N ASP J 19 18.64 -32.23 45.92
CA ASP J 19 17.45 -33.04 45.56
C ASP J 19 16.29 -32.11 45.19
N TYR J 20 15.26 -32.63 44.51
CA TYR J 20 14.11 -31.81 44.08
C TYR J 20 13.07 -31.75 45.20
N ARG J 21 12.93 -32.83 45.97
CA ARG J 21 11.88 -32.91 47.03
C ARG J 21 12.14 -31.90 48.14
N LEU J 22 13.14 -31.03 47.98
CA LEU J 22 13.51 -30.08 49.07
C LEU J 22 12.85 -28.72 48.84
N THR J 23 12.25 -28.51 47.66
CA THR J 23 11.68 -27.18 47.34
C THR J 23 10.45 -27.31 46.45
N TYR J 24 10.15 -28.51 45.95
CA TYR J 24 9.02 -28.66 45.00
C TYR J 24 7.98 -29.66 45.50
N TYR J 25 8.07 -30.07 46.76
CA TYR J 25 7.04 -30.96 47.34
C TYR J 25 6.38 -30.24 48.53
N THR J 26 5.11 -29.82 48.37
CA THR J 26 4.39 -29.07 49.44
C THR J 26 3.20 -29.89 49.92
N PRO J 27 3.41 -30.96 50.71
CA PRO J 27 2.31 -31.83 51.16
C PRO J 27 1.08 -31.06 51.68
N ASP J 28 1.29 -29.84 52.19
CA ASP J 28 0.17 -29.06 52.77
C ASP J 28 0.06 -27.70 52.06
N TYR J 29 -0.65 -27.66 50.93
CA TYR J 29 -0.83 -26.40 50.17
C TYR J 29 -2.32 -26.20 49.90
N GLU J 30 -2.83 -24.98 50.10
CA GLU J 30 -4.26 -24.70 49.77
C GLU J 30 -4.33 -24.00 48.41
N THR J 31 -4.88 -24.67 47.40
CA THR J 31 -4.92 -24.11 46.03
C THR J 31 -5.77 -22.84 45.99
N LYS J 32 -5.48 -21.94 45.04
CA LYS J 32 -6.25 -20.68 44.91
C LYS J 32 -7.28 -20.83 43.77
N ASP J 33 -8.04 -19.78 43.47
CA ASP J 33 -9.12 -19.88 42.45
C ASP J 33 -8.61 -19.40 41.09
N THR J 34 -7.36 -18.98 41.00
CA THR J 34 -6.78 -18.55 39.71
C THR J 34 -5.62 -19.46 39.35
N ASP J 35 -5.67 -20.73 39.76
CA ASP J 35 -4.54 -21.67 39.53
C ASP J 35 -4.92 -22.70 38.46
N ILE J 36 -3.94 -23.28 37.78
CA ILE J 36 -4.22 -24.37 36.80
C ILE J 36 -3.77 -25.69 37.42
N LEU J 37 -4.62 -26.71 37.40
CA LEU J 37 -4.31 -27.99 38.02
C LEU J 37 -4.25 -29.08 36.96
N ALA J 38 -3.38 -30.08 37.21
CA ALA J 38 -3.21 -31.20 36.30
C ALA J 38 -3.17 -32.50 37.09
N ALA J 39 -3.22 -33.62 36.38
CA ALA J 39 -3.22 -34.93 37.03
C ALA J 39 -2.64 -35.97 36.08
N PHE J 40 -1.40 -36.39 36.33
CA PHE J 40 -0.79 -37.47 35.58
C PHE J 40 -0.76 -38.75 36.41
N ARG J 41 -0.70 -39.89 35.71
CA ARG J 41 -0.42 -41.18 36.32
C ARG J 41 0.98 -41.61 35.88
N MET J 42 1.78 -42.07 36.83
CA MET J 42 3.20 -42.28 36.60
C MET J 42 3.62 -43.67 37.05
N THR J 43 4.75 -44.12 36.50
CA THR J 43 5.33 -45.40 36.88
C THR J 43 6.85 -45.26 36.85
N PRO J 44 7.51 -44.98 38.00
CA PRO J 44 8.94 -44.70 38.00
C PRO J 44 9.88 -45.90 37.86
N GLN J 45 11.19 -45.63 37.85
CA GLN J 45 12.21 -46.72 37.67
C GLN J 45 12.61 -47.25 39.05
N PRO J 46 13.14 -48.50 39.14
CA PRO J 46 13.55 -49.08 40.43
C PRO J 46 14.69 -48.29 41.08
N GLY J 47 14.49 -47.74 42.29
CA GLY J 47 15.54 -46.95 42.87
C GLY J 47 15.08 -45.60 43.40
N VAL J 48 14.12 -44.98 42.73
CA VAL J 48 13.68 -43.62 43.05
C VAL J 48 12.37 -43.70 43.83
N PRO J 49 12.28 -43.08 45.01
CA PRO J 49 11.01 -43.04 45.72
C PRO J 49 10.00 -42.20 44.97
N PRO J 50 8.70 -42.45 45.17
CA PRO J 50 7.68 -41.70 44.41
C PRO J 50 7.76 -40.20 44.59
N GLU J 51 8.08 -39.73 45.80
CA GLU J 51 8.09 -38.27 46.09
C GLU J 51 9.05 -37.54 45.15
N GLU J 52 10.28 -38.02 45.02
CA GLU J 52 11.28 -37.35 44.14
C GLU J 52 10.74 -37.27 42.71
N ALA J 53 10.13 -38.35 42.22
CA ALA J 53 9.58 -38.36 40.84
C ALA J 53 8.60 -37.20 40.66
N GLY J 54 7.52 -37.17 41.45
CA GLY J 54 6.53 -36.09 41.35
C GLY J 54 7.19 -34.71 41.37
N ALA J 55 8.09 -34.48 42.32
CA ALA J 55 8.77 -33.17 42.46
C ALA J 55 9.56 -32.85 41.18
N ALA J 56 10.18 -33.85 40.57
CA ALA J 56 10.99 -33.63 39.34
C ALA J 56 10.11 -33.13 38.20
N VAL J 57 8.92 -33.72 38.03
CA VAL J 57 7.98 -33.30 36.95
C VAL J 57 7.65 -31.81 37.13
N ALA J 58 7.19 -31.43 38.31
CA ALA J 58 6.83 -30.02 38.60
C ALA J 58 8.00 -29.08 38.30
N ALA J 59 9.23 -29.47 38.67
CA ALA J 59 10.40 -28.59 38.52
C ALA J 59 10.74 -28.33 37.04
N GLU J 60 10.96 -29.38 36.26
CA GLU J 60 11.38 -29.20 34.84
C GLU J 60 10.18 -28.86 33.96
N SER J 61 9.15 -28.22 34.51
CA SER J 61 7.97 -27.79 33.71
C SER J 61 7.61 -26.35 34.11
N SER J 62 8.21 -25.84 35.18
CA SER J 62 7.93 -24.46 35.65
C SER J 62 9.23 -23.64 35.67
N THR J 63 10.08 -23.84 36.67
CA THR J 63 11.33 -23.05 36.80
C THR J 63 12.37 -23.87 37.59
N GLY J 64 13.24 -24.62 36.91
CA GLY J 64 14.24 -25.47 37.59
C GLY J 64 15.24 -26.12 36.65
N THR J 65 16.45 -26.42 37.15
CA THR J 65 17.52 -27.05 36.32
C THR J 65 18.08 -28.28 37.04
N TRP J 66 19.40 -28.32 37.28
CA TRP J 66 20.02 -29.53 37.88
C TRP J 66 21.27 -29.21 38.70
N THR J 67 21.66 -27.95 38.85
CA THR J 67 22.95 -27.68 39.55
C THR J 67 23.00 -26.34 40.29
N THR J 68 21.86 -25.72 40.61
CA THR J 68 21.86 -24.47 41.45
C THR J 68 22.49 -23.28 40.71
N VAL J 69 21.69 -22.24 40.40
CA VAL J 69 22.20 -21.03 39.69
C VAL J 69 22.16 -19.85 40.66
N TRP J 70 22.85 -18.75 40.35
CA TRP J 70 22.93 -17.59 41.28
C TRP J 70 21.92 -16.51 40.90
N THR J 71 21.44 -16.51 39.65
CA THR J 71 20.54 -15.43 39.18
C THR J 71 19.14 -15.59 39.75
N ASP J 72 18.95 -16.50 40.71
CA ASP J 72 17.61 -16.75 41.29
C ASP J 72 17.42 -15.89 42.55
N GLY J 73 18.51 -15.42 43.14
CA GLY J 73 18.43 -14.57 44.34
C GLY J 73 18.14 -13.11 43.99
N LEU J 74 17.53 -12.87 42.83
CA LEU J 74 17.18 -11.49 42.39
C LEU J 74 15.83 -11.49 41.69
N THR J 75 15.01 -12.55 41.89
CA THR J 75 13.71 -12.65 41.19
C THR J 75 12.60 -13.05 42.16
N SER J 76 12.97 -13.63 43.31
CA SER J 76 11.96 -14.08 44.32
C SER J 76 11.12 -15.23 43.76
N LEU J 77 11.47 -16.48 44.09
CA LEU J 77 10.64 -17.64 43.66
C LEU J 77 9.40 -17.66 44.55
N ASP J 78 8.95 -18.85 44.98
CA ASP J 78 7.80 -18.89 45.91
C ASP J 78 6.72 -17.94 45.38
N ARG J 79 6.63 -17.80 44.05
CA ARG J 79 5.66 -16.88 43.42
C ARG J 79 5.60 -17.22 41.94
N TYR J 80 6.58 -17.99 41.44
CA TYR J 80 6.61 -18.39 40.01
C TYR J 80 6.90 -19.89 39.89
N LYS J 81 6.72 -20.67 40.96
CA LYS J 81 7.10 -22.10 40.91
C LYS J 81 5.88 -23.01 40.97
N GLY J 82 5.95 -24.20 40.36
CA GLY J 82 4.86 -25.19 40.45
C GLY J 82 5.09 -26.12 41.63
N ARG J 83 4.04 -26.80 42.11
CA ARG J 83 4.21 -27.61 43.35
C ARG J 83 3.39 -28.90 43.30
N CYS J 84 3.98 -30.03 43.69
CA CYS J 84 3.20 -31.29 43.81
C CYS J 84 2.61 -31.30 45.22
N TYR J 85 1.29 -31.52 45.35
CA TYR J 85 0.66 -31.40 46.69
C TYR J 85 -0.16 -32.65 47.05
N ASP J 86 -0.01 -33.74 46.29
CA ASP J 86 -0.71 -35.01 46.64
C ASP J 86 -0.23 -36.16 45.75
N ILE J 87 -0.11 -37.36 46.32
CA ILE J 87 0.27 -38.58 45.54
C ILE J 87 -0.59 -39.74 46.02
N GLU J 88 -1.32 -40.41 45.12
CA GLU J 88 -2.23 -41.52 45.51
C GLU J 88 -1.85 -42.79 44.75
N PRO J 89 -1.71 -43.96 45.44
CA PRO J 89 -1.39 -45.22 44.77
C PRO J 89 -2.59 -45.78 43.98
N VAL J 90 -2.31 -46.55 42.91
CA VAL J 90 -3.35 -47.12 42.07
C VAL J 90 -3.59 -48.56 42.48
N ALA J 91 -4.85 -48.90 42.76
CA ALA J 91 -5.19 -50.25 43.15
C ALA J 91 -4.97 -51.23 42.00
N GLY J 92 -4.51 -52.42 42.34
CA GLY J 92 -4.20 -53.43 41.34
C GLY J 92 -2.77 -53.39 40.88
N GLU J 93 -2.35 -52.29 40.28
CA GLU J 93 -0.98 -52.14 39.82
C GLU J 93 -0.03 -52.03 41.00
N GLU J 94 1.22 -52.44 40.78
CA GLU J 94 2.22 -52.44 41.84
C GLU J 94 3.11 -51.20 41.82
N ASN J 95 3.25 -50.55 40.68
CA ASN J 95 4.16 -49.42 40.54
C ASN J 95 3.49 -48.27 39.79
N GLN J 96 2.27 -47.92 40.21
CA GLN J 96 1.55 -46.82 39.60
C GLN J 96 1.03 -45.88 40.68
N TYR J 97 1.07 -44.58 40.39
CA TYR J 97 0.58 -43.56 41.37
C TYR J 97 -0.04 -42.39 40.62
N ILE J 98 -0.93 -41.63 41.26
CA ILE J 98 -1.51 -40.41 40.62
C ILE J 98 -0.93 -39.18 41.32
N ALA J 99 -0.40 -38.22 40.55
CA ALA J 99 0.20 -36.99 41.12
C ALA J 99 -0.70 -35.79 40.83
N TYR J 100 -0.51 -34.68 41.54
CA TYR J 100 -1.33 -33.46 41.35
C TYR J 100 -0.45 -32.22 41.44
N VAL J 101 -0.35 -31.43 40.35
CA VAL J 101 0.56 -30.25 40.33
C VAL J 101 -0.26 -28.96 40.17
N ALA J 102 0.20 -27.86 40.79
CA ALA J 102 -0.50 -26.56 40.70
C ALA J 102 0.39 -25.54 39.95
N TYR J 103 -0.20 -24.73 39.08
CA TYR J 103 0.60 -23.78 38.26
C TYR J 103 0.10 -22.35 38.49
N PRO J 104 0.99 -21.40 38.87
CA PRO J 104 0.58 -20.00 39.05
C PRO J 104 0.00 -19.43 37.74
N LEU J 105 -0.87 -18.42 37.83
CA LEU J 105 -1.54 -17.86 36.62
C LEU J 105 -0.58 -17.03 35.78
N ASP J 106 0.40 -16.38 36.42
CA ASP J 106 1.29 -15.48 35.67
C ASP J 106 2.25 -16.19 34.75
N LEU J 107 2.16 -17.51 34.55
CA LEU J 107 3.12 -18.22 33.74
C LEU J 107 2.72 -18.34 32.28
N PHE J 108 1.51 -17.93 31.92
CA PHE J 108 0.95 -18.21 30.59
C PHE J 108 0.64 -16.92 29.85
N GLU J 109 0.67 -17.01 28.51
CA GLU J 109 0.33 -15.91 27.64
C GLU J 109 -1.15 -15.98 27.28
N GLU J 110 -1.81 -14.82 27.28
CA GLU J 110 -3.25 -14.78 27.06
C GLU J 110 -3.60 -15.12 25.62
N GLY J 111 -4.59 -15.99 25.45
CA GLY J 111 -5.10 -16.29 24.13
C GLY J 111 -4.28 -17.24 23.29
N SER J 112 -3.38 -18.00 23.90
CA SER J 112 -2.50 -18.90 23.18
C SER J 112 -2.62 -20.31 23.75
N VAL J 113 -3.06 -21.25 22.91
CA VAL J 113 -3.07 -22.65 23.32
C VAL J 113 -1.68 -23.26 23.16
N THR J 114 -0.94 -22.80 22.15
CA THR J 114 0.42 -23.33 21.88
C THR J 114 1.30 -23.18 23.13
N ASN J 115 1.28 -22.01 23.77
CA ASN J 115 2.10 -21.76 24.98
C ASN J 115 1.70 -22.73 26.08
N MET J 116 0.40 -22.77 26.43
CA MET J 116 -0.07 -23.65 27.52
C MET J 116 0.50 -25.06 27.34
N PHE J 117 0.41 -25.61 26.13
CA PHE J 117 0.87 -27.01 25.89
C PHE J 117 2.39 -27.09 26.02
N THR J 118 3.12 -26.20 25.34
CA THR J 118 4.61 -26.24 25.35
C THR J 118 5.15 -26.37 26.78
N SER J 119 4.43 -25.87 27.78
CA SER J 119 4.91 -25.89 29.18
C SER J 119 4.57 -27.22 29.86
N ILE J 120 3.28 -27.53 30.01
CA ILE J 120 2.85 -28.77 30.74
C ILE J 120 3.47 -30.01 30.07
N VAL J 121 3.22 -30.20 28.77
CA VAL J 121 3.79 -31.37 28.03
C VAL J 121 4.83 -30.85 27.05
N GLY J 122 6.12 -30.97 27.38
CA GLY J 122 7.17 -30.39 26.52
C GLY J 122 8.45 -31.19 26.56
N ASN J 123 9.04 -31.35 27.76
CA ASN J 123 10.34 -32.06 27.87
C ASN J 123 10.37 -32.94 29.13
N VAL J 124 9.25 -33.58 29.48
CA VAL J 124 9.20 -34.36 30.75
C VAL J 124 8.82 -35.81 30.45
N PHE J 125 8.32 -36.08 29.25
CA PHE J 125 7.91 -37.46 28.87
C PHE J 125 9.13 -38.24 28.38
N GLY J 126 10.33 -37.66 28.48
CA GLY J 126 11.54 -38.33 27.97
C GLY J 126 12.70 -38.31 28.95
N PHE J 127 12.42 -38.23 30.25
CA PHE J 127 13.49 -38.28 31.28
C PHE J 127 13.97 -39.72 31.46
N LYS J 128 15.25 -39.90 31.83
CA LYS J 128 15.83 -41.27 31.97
C LYS J 128 15.47 -41.88 33.33
N ALA J 129 14.64 -41.20 34.13
CA ALA J 129 14.32 -41.70 35.49
C ALA J 129 12.85 -42.14 35.55
N LEU J 130 12.17 -42.22 34.41
CA LEU J 130 10.77 -42.70 34.37
C LEU J 130 10.63 -43.79 33.31
N ARG J 131 9.46 -44.43 33.23
CA ARG J 131 9.25 -45.47 32.22
C ARG J 131 8.03 -45.13 31.37
N ALA J 132 7.07 -44.42 31.94
CA ALA J 132 5.86 -44.04 31.22
C ALA J 132 5.20 -42.87 31.93
N LEU J 133 4.33 -42.17 31.19
CA LEU J 133 3.59 -41.04 31.72
C LEU J 133 2.31 -40.86 30.90
N ARG J 134 1.30 -40.26 31.51
CA ARG J 134 0.02 -40.07 30.83
C ARG J 134 -0.74 -38.94 31.52
N LEU J 135 -1.17 -37.95 30.76
CA LEU J 135 -1.97 -36.86 31.27
C LEU J 135 -3.45 -37.22 31.19
N GLU J 136 -4.19 -36.85 32.23
CA GLU J 136 -5.58 -37.29 32.37
C GLU J 136 -6.59 -36.15 32.33
N ASP J 137 -6.35 -35.07 33.09
CA ASP J 137 -7.37 -33.99 33.16
C ASP J 137 -6.70 -32.64 33.45
N LEU J 138 -7.43 -31.55 33.23
CA LEU J 138 -6.91 -30.18 33.49
C LEU J 138 -8.05 -29.30 33.99
N ARG J 139 -7.78 -28.38 34.91
CA ARG J 139 -8.82 -27.43 35.39
C ARG J 139 -8.44 -26.02 34.98
N ILE J 140 -9.24 -25.39 34.11
CA ILE J 140 -8.94 -24.02 33.61
C ILE J 140 -9.72 -23.00 34.45
N PRO J 141 -9.05 -22.07 35.17
CA PRO J 141 -9.74 -21.04 35.94
C PRO J 141 -10.59 -20.14 35.05
N PRO J 142 -11.69 -19.54 35.55
CA PRO J 142 -12.54 -18.65 34.75
C PRO J 142 -11.91 -17.29 34.42
N ALA J 143 -10.63 -17.10 34.73
CA ALA J 143 -9.94 -15.82 34.46
C ALA J 143 -8.95 -16.00 33.30
N TYR J 144 -8.68 -17.24 32.90
CA TYR J 144 -7.80 -17.50 31.72
C TYR J 144 -8.68 -17.76 30.50
N SER J 145 -9.90 -18.28 30.72
CA SER J 145 -10.81 -18.60 29.60
C SER J 145 -11.41 -17.34 28.99
N LYS J 146 -11.62 -16.29 29.80
CA LYS J 146 -12.29 -15.06 29.31
C LYS J 146 -11.42 -14.33 28.27
N THR J 147 -10.16 -14.75 28.12
CA THR J 147 -9.29 -14.13 27.14
C THR J 147 -9.34 -14.81 25.78
N PHE J 148 -10.13 -15.87 25.63
CA PHE J 148 -10.30 -16.56 24.36
C PHE J 148 -11.61 -16.15 23.71
N GLN J 149 -11.77 -16.54 22.45
CA GLN J 149 -12.99 -16.21 21.71
C GLN J 149 -14.00 -17.35 21.74
N GLY J 150 -13.54 -18.59 21.59
CA GLY J 150 -14.42 -19.74 21.63
C GLY J 150 -14.97 -20.08 20.26
N PRO J 151 -16.06 -20.85 20.23
CA PRO J 151 -16.66 -21.20 18.95
C PRO J 151 -17.16 -19.95 18.24
N PRO J 152 -17.13 -19.96 16.90
CA PRO J 152 -17.62 -18.77 16.17
C PRO J 152 -19.08 -18.46 16.42
N HIS J 153 -19.97 -19.44 16.30
CA HIS J 153 -21.40 -19.20 16.45
C HIS J 153 -22.00 -19.93 17.65
N GLY J 154 -21.87 -21.26 17.72
CA GLY J 154 -22.41 -22.04 18.81
C GLY J 154 -23.44 -23.04 18.33
N ILE J 155 -24.47 -23.25 19.15
CA ILE J 155 -25.53 -24.22 18.87
C ILE J 155 -26.83 -23.54 18.47
N GLN J 156 -27.31 -22.62 19.30
CA GLN J 156 -28.60 -21.98 19.01
C GLN J 156 -28.53 -21.13 17.75
N VAL J 157 -27.44 -20.39 17.57
CA VAL J 157 -27.33 -19.49 16.42
C VAL J 157 -27.31 -20.29 15.12
N GLU J 158 -26.62 -21.43 15.11
CA GLU J 158 -26.59 -22.26 13.91
C GLU J 158 -27.97 -22.80 13.57
N ARG J 159 -28.72 -23.24 14.59
CA ARG J 159 -30.07 -23.74 14.35
C ARG J 159 -30.97 -22.62 13.83
N ASP J 160 -30.82 -21.40 14.35
CA ASP J 160 -31.59 -20.28 13.82
C ASP J 160 -31.21 -19.99 12.38
N LYS J 161 -29.92 -20.09 12.05
CA LYS J 161 -29.47 -19.83 10.68
C LYS J 161 -30.03 -20.86 9.71
N LEU J 162 -30.06 -22.13 10.10
CA LEU J 162 -30.52 -23.19 9.22
C LEU J 162 -32.02 -23.40 9.24
N ASN J 163 -32.70 -22.93 10.29
CA ASN J 163 -34.16 -23.07 10.44
C ASN J 163 -34.58 -24.54 10.44
N LYS J 164 -34.06 -25.27 11.42
CA LYS J 164 -34.37 -26.69 11.59
C LYS J 164 -34.47 -26.98 13.07
N TYR J 165 -35.65 -27.44 13.52
CA TYR J 165 -35.91 -27.68 14.92
C TYR J 165 -36.53 -29.05 15.14
N GLY J 166 -36.18 -29.67 16.26
CA GLY J 166 -36.89 -30.82 16.78
C GLY J 166 -36.25 -32.16 16.52
N ARG J 167 -35.34 -32.27 15.57
CA ARG J 167 -34.79 -33.56 15.20
C ARG J 167 -33.32 -33.45 14.87
N PRO J 168 -32.56 -34.54 15.01
CA PRO J 168 -31.15 -34.53 14.61
C PRO J 168 -31.00 -34.35 13.10
N LEU J 169 -29.87 -33.79 12.70
CA LEU J 169 -29.59 -33.57 11.30
C LEU J 169 -28.96 -34.81 10.67
N LEU J 170 -29.01 -34.86 9.34
CA LEU J 170 -28.55 -36.02 8.58
C LEU J 170 -27.46 -35.59 7.61
N GLY J 171 -26.63 -36.57 7.23
CA GLY J 171 -25.55 -36.30 6.30
C GLY J 171 -25.00 -37.58 5.71
N CYS J 172 -24.11 -37.45 4.74
CA CYS J 172 -23.50 -38.61 4.10
C CYS J 172 -22.13 -38.24 3.55
N THR J 173 -21.28 -39.23 3.33
CA THR J 173 -19.94 -38.96 2.82
C THR J 173 -19.66 -39.70 1.54
N ILE J 174 -18.97 -39.05 0.60
CA ILE J 174 -18.61 -39.73 -0.69
C ILE J 174 -17.62 -40.86 -0.42
N LYS J 175 -18.11 -42.10 -0.29
CA LYS J 175 -17.25 -43.27 0.06
C LYS J 175 -16.36 -43.65 -1.12
N PRO J 176 -15.49 -44.69 -1.01
CA PRO J 176 -14.59 -45.12 -2.09
C PRO J 176 -15.07 -44.76 -3.50
N LYS J 177 -14.70 -43.58 -3.99
CA LYS J 177 -15.13 -43.13 -5.33
C LYS J 177 -14.11 -42.12 -5.87
N LEU J 178 -12.81 -42.43 -5.76
CA LEU J 178 -11.78 -41.48 -6.18
C LEU J 178 -11.50 -41.57 -7.68
N GLY J 179 -10.47 -40.87 -8.14
CA GLY J 179 -10.19 -40.88 -9.56
C GLY J 179 -11.36 -40.46 -10.43
N LEU J 180 -12.37 -39.82 -9.85
CA LEU J 180 -13.54 -39.36 -10.59
C LEU J 180 -13.33 -37.93 -11.05
N SER J 181 -13.85 -37.61 -12.24
CA SER J 181 -13.80 -36.25 -12.72
C SER J 181 -14.77 -35.37 -11.93
N ALA J 182 -14.64 -34.05 -12.11
CA ALA J 182 -15.45 -33.12 -11.34
C ALA J 182 -16.93 -33.24 -11.66
N LYS J 183 -17.27 -33.43 -12.94
CA LYS J 183 -18.68 -33.51 -13.33
C LYS J 183 -19.37 -34.71 -12.70
N ASN J 184 -18.70 -35.87 -12.68
CA ASN J 184 -19.26 -37.04 -12.04
C ASN J 184 -19.42 -36.84 -10.54
N TYR J 185 -18.50 -36.10 -9.92
CA TYR J 185 -18.62 -35.76 -8.50
C TYR J 185 -19.86 -34.91 -8.26
N GLY J 186 -20.06 -33.87 -9.08
CA GLY J 186 -21.21 -33.00 -8.91
C GLY J 186 -22.53 -33.71 -9.15
N ARG J 187 -22.56 -34.64 -10.11
CA ARG J 187 -23.79 -35.39 -10.37
C ARG J 187 -24.22 -36.19 -9.15
N ALA J 188 -23.27 -36.91 -8.54
CA ALA J 188 -23.58 -37.69 -7.35
C ALA J 188 -24.00 -36.80 -6.20
N VAL J 189 -23.33 -35.66 -6.03
CA VAL J 189 -23.70 -34.73 -4.97
C VAL J 189 -25.13 -34.26 -5.16
N TYR J 190 -25.49 -33.90 -6.40
CA TYR J 190 -26.84 -33.43 -6.67
C TYR J 190 -27.87 -34.53 -6.40
N GLU J 191 -27.59 -35.76 -6.83
CA GLU J 191 -28.52 -36.85 -6.58
C GLU J 191 -28.76 -37.05 -5.09
N CYS J 192 -27.68 -37.11 -4.32
CA CYS J 192 -27.81 -37.33 -2.88
C CYS J 192 -28.57 -36.18 -2.21
N LEU J 193 -28.28 -34.94 -2.60
CA LEU J 193 -28.96 -33.80 -1.99
C LEU J 193 -30.45 -33.79 -2.35
N ARG J 194 -30.79 -34.11 -3.60
CA ARG J 194 -32.19 -34.18 -3.98
C ARG J 194 -32.91 -35.33 -3.30
N GLY J 195 -32.17 -36.37 -2.88
CA GLY J 195 -32.80 -37.48 -2.18
C GLY J 195 -33.56 -37.06 -0.94
N GLY J 196 -33.02 -36.12 -0.17
CA GLY J 196 -33.69 -35.66 1.03
C GLY J 196 -32.78 -35.39 2.21
N LEU J 197 -31.48 -35.58 2.05
CA LEU J 197 -30.53 -35.35 3.13
C LEU J 197 -30.33 -33.85 3.37
N ASP J 198 -29.44 -33.52 4.29
CA ASP J 198 -29.13 -32.14 4.63
C ASP J 198 -27.71 -31.74 4.26
N PHE J 199 -26.70 -32.49 4.70
CA PHE J 199 -25.30 -32.17 4.47
C PHE J 199 -24.65 -33.24 3.60
N THR J 200 -23.46 -32.94 3.10
CA THR J 200 -22.72 -33.88 2.28
C THR J 200 -21.25 -33.59 2.48
N ASP J 202 -16.86 -34.53 2.25
CA ASP J 202 -15.88 -34.76 1.20
C ASP J 202 -15.01 -35.95 1.60
N ASP J 203 -13.71 -35.84 1.41
CA ASP J 203 -12.77 -36.90 1.84
C ASP J 203 -11.50 -36.23 2.37
N GLU J 204 -11.10 -36.56 3.59
CA GLU J 204 -9.94 -35.89 4.24
C GLU J 204 -8.69 -35.96 3.35
N ASN J 205 -8.55 -37.01 2.53
CA ASN J 205 -7.33 -37.17 1.71
C ASN J 205 -7.53 -36.59 0.31
N VAL J 206 -8.20 -35.45 0.20
CA VAL J 206 -8.47 -34.87 -1.11
C VAL J 206 -8.29 -33.35 -1.02
N ASN J 207 -7.13 -32.87 -1.45
CA ASN J 207 -6.88 -31.43 -1.45
C ASN J 207 -6.69 -30.88 -2.86
N SER J 208 -5.69 -31.36 -3.60
CA SER J 208 -5.47 -30.96 -4.98
C SER J 208 -4.52 -31.97 -5.60
N GLN J 209 -4.98 -32.70 -6.59
CA GLN J 209 -4.22 -33.80 -7.17
C GLN J 209 -4.30 -33.72 -8.69
N PRO J 210 -3.40 -34.40 -9.40
CA PRO J 210 -3.43 -34.31 -10.87
C PRO J 210 -4.75 -34.73 -11.50
N PHE J 211 -5.49 -35.66 -10.89
CA PHE J 211 -6.75 -36.07 -11.48
C PHE J 211 -7.89 -35.11 -11.18
N MET J 212 -7.73 -34.19 -10.23
CA MET J 212 -8.79 -33.24 -9.92
C MET J 212 -8.20 -32.07 -9.14
N ARG J 213 -8.27 -30.87 -9.71
CA ARG J 213 -7.88 -29.66 -9.00
C ARG J 213 -9.08 -29.10 -8.24
N TRP J 214 -8.83 -28.06 -7.45
CA TRP J 214 -9.84 -27.64 -6.48
C TRP J 214 -10.83 -26.61 -7.02
N ARG J 215 -10.41 -25.72 -7.91
CA ARG J 215 -11.28 -24.63 -8.32
C ARG J 215 -12.50 -25.15 -9.09
N ASP J 216 -12.28 -26.05 -10.05
CA ASP J 216 -13.41 -26.58 -10.81
C ASP J 216 -14.31 -27.47 -9.98
N ARG J 217 -13.75 -28.21 -9.01
CA ARG J 217 -14.59 -28.96 -8.10
C ARG J 217 -15.49 -28.03 -7.29
N PHE J 218 -14.92 -26.92 -6.80
CA PHE J 218 -15.74 -25.92 -6.11
C PHE J 218 -16.85 -25.42 -7.02
N LEU J 219 -16.51 -25.11 -8.27
CA LEU J 219 -17.50 -24.57 -9.20
C LEU J 219 -18.65 -25.54 -9.42
N PHE J 220 -18.33 -26.81 -9.67
CA PHE J 220 -19.38 -27.78 -9.94
C PHE J 220 -20.24 -28.06 -8.71
N VAL J 221 -19.63 -28.13 -7.53
CA VAL J 221 -20.42 -28.34 -6.32
C VAL J 221 -21.36 -27.17 -6.08
N ALA J 222 -20.86 -25.94 -6.26
CA ALA J 222 -21.71 -24.77 -6.11
C ALA J 222 -22.85 -24.76 -7.12
N GLU J 223 -22.58 -25.20 -8.35
CA GLU J 223 -23.66 -25.28 -9.34
C GLU J 223 -24.71 -26.30 -8.93
N ALA J 224 -24.29 -27.44 -8.38
CA ALA J 224 -25.24 -28.46 -7.98
C ALA J 224 -26.10 -28.04 -6.80
N ILE J 225 -25.53 -27.31 -5.85
CA ILE J 225 -26.25 -26.99 -4.61
C ILE J 225 -27.51 -26.17 -4.91
N PHE J 226 -27.37 -25.13 -5.73
CA PHE J 226 -28.52 -24.27 -6.01
C PHE J 226 -29.64 -25.03 -6.72
N LYS J 227 -29.28 -25.82 -7.73
CA LYS J 227 -30.30 -26.51 -8.50
C LYS J 227 -31.00 -27.58 -7.66
N SER J 228 -30.27 -28.20 -6.73
CA SER J 228 -30.93 -29.12 -5.81
C SER J 228 -31.81 -28.37 -4.82
N GLN J 229 -31.40 -27.18 -4.39
CA GLN J 229 -32.18 -26.39 -3.44
C GLN J 229 -33.47 -25.87 -4.02
N ALA J 230 -33.50 -25.54 -5.32
CA ALA J 230 -34.68 -24.90 -5.89
C ALA J 230 -35.91 -25.81 -5.85
N GLU J 231 -35.73 -27.11 -6.08
CA GLU J 231 -36.86 -28.02 -6.23
C GLU J 231 -37.53 -28.40 -4.92
N THR J 232 -36.85 -28.22 -3.78
CA THR J 232 -37.38 -28.70 -2.50
C THR J 232 -37.72 -27.59 -1.52
N GLY J 233 -37.16 -26.40 -1.66
CA GLY J 233 -37.43 -25.31 -0.74
C GLY J 233 -36.88 -25.52 0.66
N GLU J 234 -35.68 -26.09 0.77
CA GLU J 234 -35.00 -26.25 2.05
C GLU J 234 -33.54 -25.89 1.88
N ILE J 235 -32.90 -25.51 2.99
CA ILE J 235 -31.51 -25.07 2.95
C ILE J 235 -30.60 -26.29 2.95
N LYS J 236 -29.66 -26.32 2.00
CA LYS J 236 -28.73 -27.43 1.85
C LYS J 236 -27.30 -26.90 1.78
N GLY J 237 -26.35 -27.75 2.13
CA GLY J 237 -24.95 -27.36 2.17
C GLY J 237 -24.04 -28.51 1.88
N HIS J 238 -22.74 -28.23 1.85
CA HIS J 238 -21.71 -29.22 1.55
C HIS J 238 -20.39 -28.72 2.08
N TYR J 239 -19.66 -29.59 2.79
CA TYR J 239 -18.39 -29.20 3.39
C TYR J 239 -17.29 -29.19 2.34
N LEU J 240 -16.52 -28.11 2.30
CA LEU J 240 -15.41 -27.96 1.36
C LEU J 240 -14.10 -27.95 2.13
N ASN J 241 -13.19 -28.84 1.75
CA ASN J 241 -11.93 -28.98 2.46
C ASN J 241 -11.02 -27.78 2.19
N ALA J 242 -10.44 -27.22 3.24
CA ALA J 242 -9.61 -26.02 3.13
C ALA J 242 -8.19 -26.23 3.64
N THR J 243 -7.82 -27.46 3.98
CA THR J 243 -6.45 -27.74 4.51
C THR J 243 -5.43 -27.60 3.38
N ALA J 244 -4.27 -26.98 3.65
CA ALA J 244 -3.27 -26.73 2.59
C ALA J 244 -1.85 -26.81 3.16
N GLY J 245 -0.85 -26.36 2.39
CA GLY J 245 0.57 -26.47 2.83
C GLY J 245 1.10 -25.18 3.43
N THR J 246 0.62 -24.03 2.98
CA THR J 246 1.03 -22.73 3.58
C THR J 246 -0.23 -21.99 4.05
N CYS J 247 -0.08 -20.77 4.58
CA CYS J 247 -1.24 -20.01 5.11
C CYS J 247 -1.87 -19.15 4.02
N GLU J 248 -1.17 -18.97 2.90
CA GLU J 248 -1.67 -18.12 1.78
C GLU J 248 -2.66 -18.91 0.92
N GLU J 249 -2.46 -20.23 0.78
CA GLU J 249 -3.36 -21.09 0.04
C GLU J 249 -4.66 -21.30 0.80
N MET J 250 -4.57 -21.53 2.11
CA MET J 250 -5.77 -21.74 2.91
C MET J 250 -6.66 -20.51 2.90
N MET J 251 -6.05 -19.32 3.04
CA MET J 251 -6.84 -18.10 2.99
C MET J 251 -7.47 -17.89 1.63
N LYS J 252 -6.75 -18.22 0.55
CA LYS J 252 -7.31 -18.07 -0.79
C LYS J 252 -8.53 -18.96 -0.98
N ARG J 253 -8.43 -20.23 -0.55
CA ARG J 253 -9.56 -21.13 -0.69
C ARG J 253 -10.74 -20.68 0.15
N ALA J 254 -10.50 -20.21 1.37
CA ALA J 254 -11.61 -19.70 2.19
C ALA J 254 -12.27 -18.49 1.53
N GLN J 255 -11.47 -17.58 0.97
CA GLN J 255 -12.04 -16.40 0.34
C GLN J 255 -12.87 -16.76 -0.88
N PHE J 256 -12.41 -17.71 -1.70
CA PHE J 256 -13.22 -18.13 -2.85
C PHE J 256 -14.51 -18.79 -2.39
N ALA J 257 -14.44 -19.62 -1.34
CA ALA J 257 -15.65 -20.26 -0.83
C ALA J 257 -16.65 -19.22 -0.35
N ARG J 258 -16.18 -18.17 0.32
CA ARG J 258 -17.07 -17.08 0.69
C ARG J 258 -17.63 -16.37 -0.53
N GLU J 259 -16.81 -16.16 -1.56
CA GLU J 259 -17.27 -15.44 -2.75
C GLU J 259 -18.40 -16.17 -3.46
N LEU J 260 -18.34 -17.50 -3.53
CA LEU J 260 -19.42 -18.25 -4.16
C LEU J 260 -20.68 -18.28 -3.31
N GLY J 261 -20.62 -17.83 -2.06
CA GLY J 261 -21.78 -17.84 -1.19
C GLY J 261 -22.11 -19.18 -0.56
N MET J 262 -21.10 -19.97 -0.20
CA MET J 262 -21.33 -21.25 0.47
C MET J 262 -21.43 -21.04 1.98
N PRO J 263 -22.13 -21.93 2.69
CA PRO J 263 -22.36 -21.72 4.11
C PRO J 263 -21.40 -22.38 5.08
N ILE J 264 -20.49 -23.25 4.66
CA ILE J 264 -19.71 -24.04 5.60
C ILE J 264 -18.41 -24.50 4.95
N VAL J 265 -17.37 -24.63 5.77
CA VAL J 265 -16.06 -25.15 5.36
C VAL J 265 -15.63 -26.22 6.35
N MET J 266 -14.42 -26.75 6.15
CA MET J 266 -13.93 -27.86 6.95
C MET J 266 -12.41 -27.79 7.06
N HIS J 267 -11.89 -28.20 8.21
CA HIS J 267 -10.45 -28.12 8.47
C HIS J 267 -10.00 -29.32 9.30
N ASP J 268 -8.71 -29.61 9.22
CA ASP J 268 -8.05 -30.66 10.00
C ASP J 268 -7.08 -29.99 10.96
N TYR J 269 -7.20 -30.28 12.25
CA TYR J 269 -6.52 -29.48 13.26
C TYR J 269 -5.40 -30.22 13.98
N LEU J 270 -5.27 -31.53 13.81
CA LEU J 270 -4.19 -32.24 14.48
C LEU J 270 -2.93 -32.31 13.63
N THR J 271 -3.10 -32.40 12.31
CA THR J 271 -1.94 -32.49 11.37
C THR J 271 -1.66 -31.12 10.75
N GLY J 272 -2.58 -30.16 10.91
CA GLY J 272 -2.39 -28.80 10.38
C GLY J 272 -1.76 -27.88 11.42
N GLY J 273 -2.23 -27.93 12.66
CA GLY J 273 -1.63 -27.12 13.74
C GLY J 273 -2.66 -26.28 14.47
N PHE J 274 -2.28 -25.71 15.62
CA PHE J 274 -3.19 -24.84 16.35
C PHE J 274 -3.21 -23.42 15.80
N THR J 275 -2.08 -22.92 15.31
CA THR J 275 -1.99 -21.53 14.87
C THR J 275 -2.90 -21.29 13.67
N ALA J 276 -2.81 -22.14 12.65
CA ALA J 276 -3.68 -22.01 11.48
C ALA J 276 -5.15 -22.19 11.85
N ASN J 277 -5.45 -23.11 12.78
CA ASN J 277 -6.83 -23.28 13.21
C ASN J 277 -7.37 -22.01 13.87
N THR J 278 -6.57 -21.37 14.71
CA THR J 278 -7.02 -20.13 15.35
C THR J 278 -7.23 -19.03 14.32
N THR J 279 -6.32 -18.91 13.35
CA THR J 279 -6.50 -17.90 12.31
C THR J 279 -7.77 -18.15 11.52
N LEU J 280 -8.03 -19.40 11.14
CA LEU J 280 -9.24 -19.72 10.40
C LEU J 280 -10.49 -19.44 11.22
N ALA J 281 -10.45 -19.74 12.52
CA ALA J 281 -11.61 -19.46 13.37
C ALA J 281 -11.88 -17.96 13.44
N HIS J 282 -10.83 -17.15 13.57
CA HIS J 282 -11.03 -15.70 13.57
C HIS J 282 -11.65 -15.22 12.27
N TYR J 283 -11.15 -15.71 11.13
CA TYR J 283 -11.71 -15.31 9.85
C TYR J 283 -13.17 -15.73 9.72
N CYS J 284 -13.50 -16.95 10.14
CA CYS J 284 -14.86 -17.44 10.05
C CYS J 284 -15.81 -16.62 10.90
N ARG J 285 -15.38 -16.24 12.10
CA ARG J 285 -16.20 -15.36 12.93
C ARG J 285 -16.39 -14.00 12.26
N ASP J 286 -15.32 -13.48 11.63
CA ASP J 286 -15.42 -12.16 11.02
C ASP J 286 -16.36 -12.15 9.82
N ASN J 287 -16.37 -13.20 9.01
CA ASN J 287 -17.09 -13.17 7.74
C ASN J 287 -18.37 -14.00 7.72
N GLY J 288 -18.72 -14.66 8.82
CA GLY J 288 -20.00 -15.34 8.89
C GLY J 288 -20.07 -16.69 8.20
N LEU J 289 -19.25 -17.64 8.63
CA LEU J 289 -19.25 -18.98 8.09
C LEU J 289 -19.28 -19.99 9.23
N LEU J 290 -19.55 -21.24 8.88
CA LEU J 290 -19.54 -22.33 9.85
C LEU J 290 -18.30 -23.19 9.67
N LEU J 291 -17.81 -23.75 10.77
CA LEU J 291 -16.57 -24.52 10.77
C LEU J 291 -16.86 -25.95 11.20
N HIS J 292 -16.34 -26.91 10.43
CA HIS J 292 -16.45 -28.33 10.74
C HIS J 292 -15.05 -28.87 10.97
N ILE J 293 -14.86 -29.60 12.07
CA ILE J 293 -13.54 -30.04 12.51
C ILE J 293 -13.48 -31.57 12.41
N HIS J 294 -12.43 -32.06 11.75
CA HIS J 294 -12.21 -33.52 11.61
C HIS J 294 -10.94 -33.88 12.39
N ARG J 295 -10.94 -35.01 13.12
CA ARG J 295 -9.77 -35.38 13.98
C ARG J 295 -9.01 -36.53 13.34
N ALA J 296 -7.85 -36.25 12.73
CA ALA J 296 -7.07 -37.31 12.05
C ALA J 296 -5.73 -37.53 12.77
N MET J 297 -5.26 -38.77 12.81
CA MET J 297 -3.99 -39.14 13.45
C MET J 297 -4.14 -39.18 14.97
N HIS J 298 -5.34 -38.94 15.50
CA HIS J 298 -5.54 -38.92 16.95
C HIS J 298 -5.21 -40.25 17.60
N ALA J 299 -5.35 -41.36 16.87
CA ALA J 299 -5.14 -42.67 17.49
C ALA J 299 -3.68 -42.93 17.82
N VAL J 300 -2.75 -42.13 17.29
CA VAL J 300 -1.34 -42.29 17.61
C VAL J 300 -1.00 -41.81 19.02
N ILE J 301 -1.93 -41.14 19.69
CA ILE J 301 -1.66 -40.51 20.97
C ILE J 301 -2.51 -41.12 22.09
N ASP J 302 -3.80 -41.30 21.85
CA ASP J 302 -4.75 -41.56 22.93
C ASP J 302 -5.26 -43.00 22.97
N ARG J 303 -4.52 -43.94 22.41
CA ARG J 303 -4.98 -45.32 22.40
C ARG J 303 -4.47 -46.13 23.59
N GLN J 304 -3.15 -46.19 23.78
CA GLN J 304 -2.59 -47.01 24.85
C GLN J 304 -2.93 -46.42 26.21
N ARG J 305 -3.01 -47.30 27.20
CA ARG J 305 -3.50 -46.94 28.53
C ARG J 305 -2.42 -46.43 29.47
N ASN J 306 -1.14 -46.62 29.16
CA ASN J 306 -0.07 -46.22 30.06
C ASN J 306 0.86 -45.18 29.47
N HIS J 307 0.52 -44.57 28.34
CA HIS J 307 1.37 -43.56 27.72
C HIS J 307 0.55 -42.76 26.71
N GLY J 308 0.67 -41.43 26.76
CA GLY J 308 0.02 -40.56 25.82
C GLY J 308 -0.80 -39.50 26.52
N ILE J 309 -1.82 -39.00 25.81
CA ILE J 309 -2.73 -37.98 26.32
C ILE J 309 -4.15 -38.43 26.03
N HIS J 310 -5.04 -38.33 27.02
CA HIS J 310 -6.42 -38.72 26.84
C HIS J 310 -7.15 -37.73 25.94
N PHE J 311 -8.21 -38.20 25.29
CA PHE J 311 -8.94 -37.37 24.33
C PHE J 311 -9.74 -36.26 25.00
N ARG J 312 -10.12 -36.43 26.26
CA ARG J 312 -10.93 -35.42 26.94
C ARG J 312 -10.17 -34.13 27.17
N VAL J 313 -8.85 -34.14 27.04
CA VAL J 313 -8.07 -32.90 27.12
C VAL J 313 -8.04 -32.20 25.77
N LEU J 314 -7.86 -32.97 24.69
CA LEU J 314 -7.91 -32.39 23.36
C LEU J 314 -9.29 -31.81 23.05
N ALA J 315 -10.35 -32.42 23.59
CA ALA J 315 -11.70 -31.85 23.39
C ALA J 315 -11.77 -30.46 24.03
N LYS J 316 -11.28 -30.30 25.27
CA LYS J 316 -11.33 -29.00 25.98
C LYS J 316 -10.50 -27.96 25.23
N ALA J 317 -9.37 -28.39 24.65
CA ALA J 317 -8.50 -27.47 23.88
C ALA J 317 -9.21 -27.04 22.59
N LEU J 318 -9.84 -27.99 21.89
CA LEU J 318 -10.58 -27.62 20.69
C LEU J 318 -11.72 -26.64 21.02
N ARG J 319 -12.37 -26.79 22.17
CA ARG J 319 -13.53 -25.89 22.47
C ARG J 319 -13.03 -24.44 22.62
N MET J 320 -11.85 -24.24 23.20
CA MET J 320 -11.33 -22.87 23.47
C MET J 320 -10.72 -22.26 22.19
N SER J 321 -10.00 -23.07 21.41
CA SER J 321 -9.45 -22.57 20.11
C SER J 321 -10.60 -22.20 19.17
N GLY J 322 -11.65 -23.04 19.10
CA GLY J 322 -12.76 -22.63 18.26
C GLY J 322 -13.22 -23.67 17.25
N GLY J 323 -14.52 -23.97 17.25
CA GLY J 323 -15.09 -24.93 16.33
C GLY J 323 -16.58 -25.10 16.53
N ASP J 324 -17.28 -25.70 15.57
CA ASP J 324 -18.72 -25.90 15.66
C ASP J 324 -19.14 -27.36 15.67
N HIS J 325 -18.51 -28.20 14.85
CA HIS J 325 -18.76 -29.63 14.85
C HIS J 325 -17.46 -30.36 15.18
N ILE J 326 -17.59 -31.56 15.76
CA ILE J 326 -16.42 -32.37 16.06
C ILE J 326 -16.84 -33.83 16.09
N HIS J 327 -15.94 -34.70 15.63
CA HIS J 327 -16.20 -36.13 15.61
C HIS J 327 -16.05 -36.73 17.00
N SER J 328 -16.86 -37.73 17.33
CA SER J 328 -16.79 -38.26 18.72
C SER J 328 -16.93 -39.78 18.75
N GLY J 329 -17.27 -40.40 17.61
CA GLY J 329 -17.37 -41.86 17.53
C GLY J 329 -18.71 -42.39 18.01
N THR J 330 -18.99 -43.67 17.76
CA THR J 330 -20.28 -44.29 18.17
C THR J 330 -20.11 -44.97 19.54
N VAL J 331 -21.22 -45.24 20.23
CA VAL J 331 -21.15 -45.87 21.58
C VAL J 331 -22.26 -46.90 21.73
N VAL J 332 -22.29 -47.93 20.86
CA VAL J 332 -23.29 -48.99 20.95
C VAL J 332 -22.70 -50.39 20.81
N GLY J 333 -21.45 -50.49 20.37
CA GLY J 333 -20.80 -51.78 20.23
C GLY J 333 -19.93 -52.05 21.43
N LYS J 334 -20.06 -51.21 22.45
CA LYS J 334 -19.25 -51.36 23.65
C LYS J 334 -19.93 -52.24 24.68
N LEU J 335 -19.97 -51.80 25.93
CA LEU J 335 -20.61 -52.58 26.99
C LEU J 335 -20.67 -51.76 28.26
N GLU J 336 -21.36 -52.28 29.28
CA GLU J 336 -21.47 -51.48 30.49
C GLU J 336 -20.08 -51.22 31.08
N GLY J 337 -20.03 -50.29 32.03
CA GLY J 337 -18.76 -49.83 32.55
C GLY J 337 -18.14 -48.81 31.61
N GLU J 338 -17.87 -49.24 30.37
CA GLU J 338 -17.47 -48.30 29.33
C GLU J 338 -18.69 -47.52 28.87
N ARG J 339 -18.46 -46.58 27.95
CA ARG J 339 -19.44 -45.65 27.37
C ARG J 339 -19.84 -44.61 28.41
N GLU J 340 -19.46 -44.84 29.67
CA GLU J 340 -19.60 -43.81 30.69
C GLU J 340 -18.60 -42.68 30.45
N VAL J 341 -17.39 -43.02 30.04
CA VAL J 341 -16.40 -42.02 29.69
C VAL J 341 -16.88 -41.19 28.52
N THR J 342 -17.45 -41.84 27.51
CA THR J 342 -17.93 -41.12 26.35
C THR J 342 -19.10 -40.20 26.72
N LEU J 343 -20.03 -40.70 27.53
CA LEU J 343 -21.13 -39.84 27.96
C LEU J 343 -20.64 -38.68 28.81
N GLY J 344 -19.57 -38.88 29.57
CA GLY J 344 -19.01 -37.78 30.36
C GLY J 344 -18.35 -36.71 29.50
N PHE J 345 -17.53 -37.13 28.54
CA PHE J 345 -16.83 -36.11 27.76
C PHE J 345 -17.70 -35.54 26.64
N VAL J 346 -18.87 -36.12 26.37
CA VAL J 346 -19.86 -35.40 25.58
C VAL J 346 -20.47 -34.25 26.40
N ASP J 347 -20.78 -34.52 27.67
CA ASP J 347 -21.29 -33.48 28.55
C ASP J 347 -20.28 -32.37 28.72
N LEU J 348 -19.00 -32.72 28.78
CA LEU J 348 -17.95 -31.71 28.85
C LEU J 348 -17.95 -30.82 27.61
N LEU J 349 -18.48 -31.31 26.49
CA LEU J 349 -18.54 -30.52 25.26
C LEU J 349 -19.80 -29.70 25.14
N ARG J 350 -20.94 -30.18 25.66
CA ARG J 350 -22.21 -29.51 25.42
C ARG J 350 -22.71 -28.66 26.57
N ASP J 351 -22.41 -29.02 27.81
CA ASP J 351 -23.05 -28.40 28.96
C ASP J 351 -22.37 -27.09 29.35
N ASP J 352 -22.76 -26.56 30.51
CA ASP J 352 -22.22 -25.31 31.04
C ASP J 352 -21.64 -25.42 32.44
N TYR J 353 -22.00 -26.45 33.20
CA TYR J 353 -21.48 -26.65 34.55
C TYR J 353 -21.45 -28.14 34.84
N ILE J 354 -20.26 -28.69 35.05
CA ILE J 354 -20.06 -30.12 35.24
C ILE J 354 -19.47 -30.35 36.62
N GLU J 355 -20.07 -31.26 37.38
CA GLU J 355 -19.61 -31.57 38.72
C GLU J 355 -18.64 -32.75 38.70
N LYS J 356 -17.99 -32.96 39.84
CA LYS J 356 -16.98 -34.01 39.95
C LYS J 356 -17.64 -35.38 40.03
N ASP J 357 -17.08 -36.34 39.29
CA ASP J 357 -17.59 -37.70 39.27
C ASP J 357 -16.46 -38.64 38.85
N ARG J 358 -15.95 -39.42 39.79
CA ARG J 358 -14.83 -40.31 39.47
C ARG J 358 -15.28 -41.52 38.66
N SER J 359 -16.53 -41.96 38.84
CA SER J 359 -17.01 -43.13 38.10
C SER J 359 -17.11 -42.86 36.61
N ARG J 360 -17.26 -41.60 36.21
CA ARG J 360 -17.33 -41.22 34.81
C ARG J 360 -16.02 -40.64 34.31
N GLY J 361 -14.95 -40.71 35.10
CA GLY J 361 -13.66 -40.21 34.67
C GLY J 361 -13.50 -38.71 34.72
N ILE J 362 -14.17 -38.04 35.66
CA ILE J 362 -14.05 -36.59 35.84
C ILE J 362 -13.29 -36.34 37.13
N TYR J 363 -12.20 -35.57 37.04
CA TYR J 363 -11.32 -35.34 38.16
C TYR J 363 -11.52 -33.99 38.85
N PHE J 364 -11.97 -32.98 38.12
CA PHE J 364 -12.14 -31.64 38.66
C PHE J 364 -13.49 -31.07 38.26
N THR J 365 -14.01 -30.14 39.05
CA THR J 365 -15.30 -29.48 38.70
C THR J 365 -15.00 -28.36 37.68
N GLN J 366 -15.77 -28.29 36.59
CA GLN J 366 -15.45 -27.31 35.51
C GLN J 366 -16.59 -26.30 35.30
N ASP J 367 -16.27 -25.01 35.32
CA ASP J 367 -17.28 -23.95 35.03
C ASP J 367 -16.85 -23.25 33.74
N TRP J 368 -17.81 -22.93 32.86
CA TRP J 368 -17.48 -22.35 31.57
C TRP J 368 -17.94 -20.90 31.40
N VAL J 369 -18.59 -20.32 32.42
CA VAL J 369 -19.08 -18.94 32.44
C VAL J 369 -19.58 -18.46 31.08
N SER J 370 -20.67 -19.05 30.60
CA SER J 370 -21.39 -18.59 29.41
C SER J 370 -20.52 -18.65 28.15
N MET J 371 -20.11 -19.87 27.80
CA MET J 371 -19.50 -20.15 26.52
C MET J 371 -20.40 -21.08 25.72
N PRO J 372 -20.48 -20.90 24.40
CA PRO J 372 -21.37 -21.75 23.60
C PRO J 372 -20.89 -23.18 23.53
N GLY J 373 -21.77 -24.05 23.01
CA GLY J 373 -21.49 -25.46 22.93
C GLY J 373 -21.04 -25.91 21.55
N VAL J 374 -20.79 -27.21 21.43
CA VAL J 374 -20.32 -27.82 20.20
C VAL J 374 -21.17 -29.05 19.91
N LEU J 375 -21.57 -29.21 18.65
CA LEU J 375 -22.39 -30.35 18.26
C LEU J 375 -21.52 -31.58 18.01
N PRO J 376 -21.81 -32.70 18.64
CA PRO J 376 -21.05 -33.93 18.38
C PRO J 376 -21.54 -34.65 17.14
N VAL J 377 -20.65 -35.44 16.55
CA VAL J 377 -20.91 -36.16 15.30
C VAL J 377 -20.58 -37.63 15.51
N ALA J 378 -21.47 -38.51 15.03
CA ALA J 378 -21.24 -39.97 15.13
C ALA J 378 -21.23 -40.58 13.72
N SER J 379 -20.35 -41.55 13.47
CA SER J 379 -20.22 -42.12 12.10
C SER J 379 -19.53 -43.47 12.12
N GLY J 380 -19.39 -44.12 10.96
CA GLY J 380 -18.65 -45.40 10.87
C GLY J 380 -19.57 -46.62 10.88
N GLY J 381 -19.94 -47.13 9.70
CA GLY J 381 -20.73 -48.38 9.63
C GLY J 381 -22.04 -48.32 10.38
N ILE J 382 -23.11 -47.79 9.75
CA ILE J 382 -24.45 -47.73 10.39
C ILE J 382 -25.54 -47.84 9.32
N HIS J 383 -26.63 -48.54 9.62
CA HIS J 383 -27.74 -48.68 8.67
C HIS J 383 -29.04 -48.36 9.39
N VAL J 384 -30.16 -48.70 8.75
CA VAL J 384 -31.47 -48.21 9.19
C VAL J 384 -31.85 -48.77 10.55
N TRP J 385 -31.49 -50.03 10.83
CA TRP J 385 -31.94 -50.68 12.05
C TRP J 385 -31.37 -50.08 13.32
N HIS J 386 -30.36 -49.20 13.22
CA HIS J 386 -29.74 -48.59 14.38
C HIS J 386 -30.36 -47.27 14.78
N MET J 387 -31.39 -46.82 14.06
CA MET J 387 -31.90 -45.46 14.25
C MET J 387 -32.47 -45.21 15.64
N PRO J 388 -33.37 -46.04 16.19
CA PRO J 388 -33.93 -45.72 17.52
C PRO J 388 -32.87 -45.69 18.62
N ALA J 389 -31.86 -46.55 18.55
CA ALA J 389 -30.82 -46.54 19.59
C ALA J 389 -30.06 -45.22 19.60
N LEU J 390 -29.62 -44.78 18.43
CA LEU J 390 -28.90 -43.51 18.34
C LEU J 390 -29.79 -42.34 18.73
N THR J 391 -31.08 -42.42 18.39
CA THR J 391 -32.00 -41.36 18.79
C THR J 391 -32.17 -41.31 20.30
N GLU J 392 -32.16 -42.48 20.96
CA GLU J 392 -32.41 -42.52 22.40
C GLU J 392 -31.15 -42.24 23.20
N ILE J 393 -29.97 -42.45 22.64
CA ILE J 393 -28.74 -42.21 23.38
C ILE J 393 -28.35 -40.73 23.37
N PHE J 394 -28.12 -40.19 22.19
CA PHE J 394 -27.61 -38.82 22.08
C PHE J 394 -28.69 -37.79 22.34
N GLY J 395 -29.90 -38.02 21.85
CA GLY J 395 -30.93 -37.00 21.83
C GLY J 395 -30.91 -36.24 20.52
N ASP J 396 -31.77 -35.23 20.46
CA ASP J 396 -31.89 -34.43 19.24
C ASP J 396 -30.96 -33.23 19.24
N ASP J 397 -29.67 -33.48 19.49
CA ASP J 397 -28.65 -32.43 19.45
C ASP J 397 -27.35 -32.98 18.87
N SER J 398 -27.44 -33.70 17.76
CA SER J 398 -26.26 -34.32 17.16
C SER J 398 -26.43 -34.39 15.65
N VAL J 399 -25.39 -34.89 14.98
CA VAL J 399 -25.40 -35.11 13.54
C VAL J 399 -25.06 -36.57 13.30
N LEU J 400 -25.86 -37.24 12.47
CA LEU J 400 -25.66 -38.64 12.12
C LEU J 400 -25.18 -38.74 10.69
N GLN J 401 -24.03 -39.38 10.50
CA GLN J 401 -23.41 -39.52 9.19
C GLN J 401 -23.48 -40.95 8.72
N PHE J 402 -23.99 -41.15 7.51
CA PHE J 402 -24.13 -42.47 6.92
C PHE J 402 -23.14 -42.64 5.77
N GLY J 403 -22.56 -43.83 5.68
CA GLY J 403 -21.60 -44.11 4.62
C GLY J 403 -22.16 -45.03 3.56
N GLY J 404 -21.80 -46.32 3.65
CA GLY J 404 -22.31 -47.30 2.70
C GLY J 404 -23.77 -47.61 2.83
N GLY J 405 -24.43 -47.08 3.87
CA GLY J 405 -25.86 -47.27 4.04
C GLY J 405 -26.73 -46.40 3.17
N THR J 406 -26.12 -45.51 2.37
CA THR J 406 -26.84 -44.67 1.42
C THR J 406 -26.51 -44.99 -0.02
N LEU J 407 -25.24 -45.17 -0.35
CA LEU J 407 -24.84 -45.47 -1.73
C LEU J 407 -24.96 -46.93 -2.08
N GLY J 408 -25.32 -47.80 -1.14
CA GLY J 408 -25.45 -49.21 -1.37
C GLY J 408 -26.84 -49.69 -1.74
N HIS J 409 -27.81 -48.79 -1.87
CA HIS J 409 -29.17 -49.22 -2.18
C HIS J 409 -29.22 -49.85 -3.57
N PRO J 410 -30.00 -50.92 -3.75
CA PRO J 410 -30.05 -51.58 -5.07
C PRO J 410 -30.70 -50.74 -6.15
N TRP J 411 -31.38 -49.64 -5.81
CA TRP J 411 -32.08 -48.85 -6.81
C TRP J 411 -31.33 -47.59 -7.23
N GLY J 412 -30.33 -47.16 -6.46
CA GLY J 412 -29.57 -45.99 -6.82
C GLY J 412 -29.29 -45.13 -5.60
N ASN J 413 -28.88 -43.89 -5.85
CA ASN J 413 -28.52 -42.97 -4.78
C ASN J 413 -29.72 -42.19 -4.26
N ALA J 414 -30.56 -41.70 -5.15
CA ALA J 414 -31.71 -40.89 -4.71
C ALA J 414 -32.69 -41.66 -3.84
N PRO J 415 -33.13 -42.88 -4.20
CA PRO J 415 -34.01 -43.61 -3.27
C PRO J 415 -33.35 -44.02 -1.97
N GLY J 416 -32.02 -44.00 -1.89
CA GLY J 416 -31.35 -44.40 -0.67
C GLY J 416 -31.62 -43.47 0.49
N ALA J 417 -31.71 -42.17 0.22
CA ALA J 417 -31.94 -41.20 1.28
C ALA J 417 -33.37 -41.20 1.79
N VAL J 418 -34.33 -41.58 0.95
CA VAL J 418 -35.73 -41.57 1.35
C VAL J 418 -35.97 -42.56 2.49
N ALA J 419 -35.32 -43.72 2.43
CA ALA J 419 -35.47 -44.71 3.50
C ALA J 419 -34.98 -44.16 4.83
N ASN J 420 -33.81 -43.53 4.84
CA ASN J 420 -33.28 -42.96 6.08
C ASN J 420 -34.19 -41.86 6.61
N ARG J 421 -34.67 -40.99 5.72
CA ARG J 421 -35.55 -39.91 6.16
C ARG J 421 -36.83 -40.47 6.78
N VAL J 422 -37.44 -41.46 6.13
CA VAL J 422 -38.67 -42.04 6.64
C VAL J 422 -38.44 -42.70 8.00
N ALA J 423 -37.35 -43.46 8.12
CA ALA J 423 -37.06 -44.12 9.39
C ALA J 423 -36.85 -43.12 10.51
N LEU J 424 -36.11 -42.04 10.24
CA LEU J 424 -35.87 -41.04 11.27
C LEU J 424 -37.17 -40.37 11.70
N GLU J 425 -38.01 -40.00 10.74
CA GLU J 425 -39.29 -39.36 11.09
C GLU J 425 -40.16 -40.30 11.90
N ALA J 426 -40.19 -41.59 11.52
CA ALA J 426 -40.99 -42.55 12.28
C ALA J 426 -40.48 -42.69 13.71
N CYS J 427 -39.15 -42.75 13.89
CA CYS J 427 -38.61 -42.86 15.25
C CYS J 427 -38.95 -41.64 16.09
N VAL J 428 -38.82 -40.44 15.51
CA VAL J 428 -39.15 -39.23 16.25
C VAL J 428 -40.63 -39.21 16.64
N GLN J 429 -41.51 -39.56 15.70
CA GLN J 429 -42.93 -39.59 16.00
C GLN J 429 -43.24 -40.59 17.10
N ALA J 430 -42.61 -41.76 17.06
CA ALA J 430 -42.83 -42.77 18.11
C ALA J 430 -42.36 -42.26 19.46
N ARG J 431 -41.22 -41.57 19.50
CA ARG J 431 -40.76 -41.02 20.77
C ARG J 431 -41.71 -39.96 21.31
N ASN J 432 -42.28 -39.14 20.44
CA ASN J 432 -43.16 -38.07 20.88
C ASN J 432 -44.55 -38.55 21.31
N GLU J 433 -44.74 -39.87 21.49
CA GLU J 433 -46.03 -40.41 21.87
C GLU J 433 -46.03 -41.16 23.19
N GLY J 434 -44.87 -41.39 23.79
CA GLY J 434 -44.78 -42.13 25.04
C GLY J 434 -44.26 -43.54 24.90
N ARG J 435 -44.21 -44.08 23.68
CA ARG J 435 -43.66 -45.42 23.48
C ARG J 435 -42.17 -45.42 23.79
N ASP J 436 -41.69 -46.53 24.32
CA ASP J 436 -40.27 -46.65 24.66
C ASP J 436 -39.47 -47.03 23.44
N LEU J 437 -38.39 -46.29 23.18
CA LEU J 437 -37.57 -46.53 22.00
C LEU J 437 -36.51 -47.60 22.21
N ALA J 438 -36.39 -48.15 23.42
CA ALA J 438 -35.35 -49.13 23.70
C ALA J 438 -35.88 -50.56 23.60
N ARG J 439 -37.09 -50.81 24.11
CA ARG J 439 -37.63 -52.18 24.09
C ARG J 439 -38.34 -52.48 22.79
N GLU J 440 -39.19 -51.56 22.32
CA GLU J 440 -39.94 -51.80 21.10
C GLU J 440 -39.00 -51.97 19.91
N GLY J 441 -38.25 -50.93 19.58
CA GLY J 441 -37.12 -51.08 18.67
C GLY J 441 -37.45 -51.62 17.30
N ASN J 442 -37.15 -52.89 17.08
CA ASN J 442 -37.32 -53.52 15.78
C ASN J 442 -38.76 -53.47 15.29
N ASP J 443 -39.72 -53.30 16.20
CA ASP J 443 -41.12 -53.42 15.84
C ASP J 443 -41.62 -52.19 15.09
N ILE J 444 -41.20 -50.99 15.50
CA ILE J 444 -41.72 -49.77 14.89
C ILE J 444 -41.27 -49.64 13.44
N ILE J 445 -40.05 -50.09 13.13
CA ILE J 445 -39.54 -49.98 11.78
C ILE J 445 -40.40 -50.80 10.81
N ARG J 446 -40.82 -51.98 11.25
CA ARG J 446 -41.60 -52.85 10.37
C ARG J 446 -42.92 -52.22 9.97
N GLU J 447 -43.61 -51.58 10.91
CA GLU J 447 -44.88 -50.94 10.59
C GLU J 447 -44.71 -49.83 9.57
N ALA J 448 -43.68 -49.00 9.74
CA ALA J 448 -43.43 -47.93 8.78
C ALA J 448 -43.02 -48.48 7.42
N SER J 449 -42.39 -49.66 7.40
CA SER J 449 -41.99 -50.26 6.13
C SER J 449 -43.17 -50.72 5.29
N LYS J 450 -44.37 -50.78 5.86
CA LYS J 450 -45.52 -51.34 5.15
C LYS J 450 -46.01 -50.45 4.02
N TRP J 451 -45.96 -49.13 4.18
CA TRP J 451 -46.54 -48.22 3.20
C TRP J 451 -45.48 -47.36 2.51
N SER J 452 -44.25 -47.86 2.44
CA SER J 452 -43.16 -47.16 1.77
C SER J 452 -42.30 -48.20 1.04
N PRO J 453 -42.43 -48.30 -0.28
CA PRO J 453 -41.68 -49.34 -1.01
C PRO J 453 -40.17 -49.18 -0.91
N GLU J 454 -39.66 -47.98 -0.65
CA GLU J 454 -38.21 -47.80 -0.57
C GLU J 454 -37.64 -48.33 0.74
N LEU J 455 -38.41 -48.22 1.83
CA LEU J 455 -37.95 -48.83 3.09
C LEU J 455 -37.95 -50.35 3.00
N ALA J 456 -38.90 -50.93 2.27
CA ALA J 456 -38.76 -52.29 1.83
C ALA J 456 -37.68 -52.36 0.74
N ALA J 457 -37.16 -53.58 0.54
CA ALA J 457 -36.04 -53.81 -0.38
C ALA J 457 -34.77 -53.16 0.16
N ALA J 458 -34.89 -52.43 1.25
CA ALA J 458 -33.78 -52.00 2.07
C ALA J 458 -33.77 -52.67 3.43
N CYS J 459 -34.95 -53.04 3.92
CA CYS J 459 -35.02 -53.80 5.19
C CYS J 459 -34.74 -55.28 4.89
N GLU J 460 -34.30 -55.58 3.67
CA GLU J 460 -33.97 -56.98 3.27
C GLU J 460 -32.46 -57.13 3.14
N VAL J 461 -31.80 -56.15 2.51
CA VAL J 461 -30.31 -56.18 2.39
C VAL J 461 -29.69 -56.10 3.79
N TRP J 462 -30.33 -55.39 4.72
CA TRP J 462 -29.77 -55.25 6.06
C TRP J 462 -30.71 -55.90 7.06
N LYS J 463 -30.21 -56.90 7.77
CA LYS J 463 -31.02 -57.71 8.66
C LYS J 463 -31.25 -57.02 10.00
N GLU J 464 -32.07 -57.64 10.83
CA GLU J 464 -32.42 -57.09 12.13
C GLU J 464 -31.22 -57.18 13.09
N ILE J 465 -31.44 -56.75 14.33
CA ILE J 465 -30.37 -56.73 15.32
C ILE J 465 -30.23 -58.09 15.99
N LYS J 466 -31.29 -58.56 16.63
CA LYS J 466 -31.25 -59.82 17.35
C LYS J 466 -32.64 -60.39 17.58
N LEU K 22 -38.48 -5.03 48.45
CA LEU K 22 -39.08 -6.37 48.67
C LEU K 22 -38.59 -7.32 47.58
N THR K 23 -38.21 -6.78 46.42
CA THR K 23 -37.77 -7.63 45.29
C THR K 23 -36.39 -7.15 44.83
N TYR K 24 -36.30 -5.91 44.35
CA TYR K 24 -34.99 -5.35 43.93
C TYR K 24 -34.19 -5.05 45.21
N TYR K 25 -34.69 -5.47 46.37
CA TYR K 25 -33.92 -5.32 47.63
C TYR K 25 -33.84 -6.69 48.31
N THR K 26 -32.72 -7.40 48.12
CA THR K 26 -32.54 -8.75 48.71
C THR K 26 -31.62 -8.66 49.93
N PRO K 27 -32.13 -8.38 51.15
CA PRO K 27 -31.28 -8.19 52.33
C PRO K 27 -30.62 -9.47 52.84
N ASP K 28 -29.99 -10.25 51.95
CA ASP K 28 -29.29 -11.49 52.36
C ASP K 28 -28.48 -12.03 51.19
N TYR K 29 -28.76 -11.53 49.97
CA TYR K 29 -28.03 -12.00 48.76
C TYR K 29 -26.56 -12.20 49.09
N GLU K 30 -26.01 -13.36 48.72
CA GLU K 30 -24.55 -13.61 48.92
C GLU K 30 -23.80 -13.20 47.66
N THR K 31 -23.21 -12.00 47.67
CA THR K 31 -22.52 -11.48 46.46
C THR K 31 -21.55 -12.55 45.91
N LYS K 32 -21.55 -12.75 44.60
CA LYS K 32 -20.64 -13.77 43.98
C LYS K 32 -19.26 -13.14 43.77
N ASP K 33 -18.37 -13.84 43.05
CA ASP K 33 -16.98 -13.33 42.89
C ASP K 33 -16.76 -12.85 41.45
N THR K 34 -17.81 -12.82 40.64
CA THR K 34 -17.70 -12.32 39.26
C THR K 34 -18.72 -11.19 39.06
N ASP K 35 -19.08 -10.49 40.14
CA ASP K 35 -20.11 -9.42 40.07
C ASP K 35 -19.43 -8.05 40.20
N ILE K 36 -20.09 -6.98 39.72
CA ILE K 36 -19.53 -5.61 39.91
C ILE K 36 -20.35 -4.91 40.99
N LEU K 37 -19.68 -4.29 41.97
CA LEU K 37 -20.36 -3.63 43.08
C LEU K 37 -20.14 -2.14 43.03
N ALA K 38 -21.13 -1.38 43.52
CA ALA K 38 -21.07 0.06 43.55
C ALA K 38 -21.70 0.58 44.82
N ALA K 39 -21.37 1.82 45.19
CA ALA K 39 -21.89 2.43 46.41
C ALA K 39 -22.25 3.88 46.13
N PHE K 40 -23.53 4.22 46.31
CA PHE K 40 -24.01 5.59 46.15
C PHE K 40 -24.32 6.19 47.51
N ARG K 41 -24.31 7.52 47.55
CA ARG K 41 -24.86 8.28 48.67
C ARG K 41 -26.04 9.07 48.17
N MET K 42 -27.14 9.04 48.91
CA MET K 42 -28.43 9.52 48.41
C MET K 42 -29.05 10.52 49.39
N THR K 43 -29.86 11.41 48.84
CA THR K 43 -30.57 12.44 49.62
C THR K 43 -32.05 12.37 49.25
N PRO K 44 -32.83 11.54 49.94
CA PRO K 44 -34.24 11.39 49.57
C PRO K 44 -35.06 12.63 49.89
N GLN K 45 -36.18 12.77 49.18
CA GLN K 45 -37.14 13.81 49.50
C GLN K 45 -37.83 13.49 50.83
N PRO K 46 -38.41 14.48 51.49
CA PRO K 46 -39.05 14.24 52.78
C PRO K 46 -40.25 13.31 52.64
N GLY K 47 -40.29 12.24 53.45
CA GLY K 47 -41.42 11.30 53.40
C GLY K 47 -41.01 9.93 52.88
N VAL K 48 -40.21 9.88 51.81
CA VAL K 48 -39.82 8.58 51.19
C VAL K 48 -38.94 7.78 52.15
N PRO K 49 -39.28 6.52 52.50
CA PRO K 49 -38.40 5.69 53.34
C PRO K 49 -37.18 5.24 52.53
N PRO K 50 -36.01 4.95 53.15
CA PRO K 50 -34.80 4.63 52.39
C PRO K 50 -34.91 3.32 51.57
N GLU K 51 -35.24 2.21 52.23
CA GLU K 51 -35.30 0.88 51.56
C GLU K 51 -36.18 0.96 50.30
N GLU K 52 -37.06 1.95 50.23
CA GLU K 52 -37.91 2.12 49.02
C GLU K 52 -37.09 2.82 47.94
N ALA K 53 -36.22 3.76 48.32
CA ALA K 53 -35.42 4.52 47.34
C ALA K 53 -34.26 3.66 46.83
N GLY K 54 -33.63 2.87 47.72
CA GLY K 54 -32.55 1.98 47.27
C GLY K 54 -33.03 1.02 46.20
N ALA K 55 -34.20 0.39 46.42
CA ALA K 55 -34.77 -0.55 45.43
C ALA K 55 -35.05 0.18 44.12
N ALA K 56 -35.53 1.42 44.22
CA ALA K 56 -35.85 2.22 43.01
C ALA K 56 -34.56 2.53 42.24
N VAL K 57 -33.49 2.87 42.96
CA VAL K 57 -32.21 3.15 42.31
C VAL K 57 -31.72 1.91 41.58
N ALA K 58 -31.79 0.75 42.23
CA ALA K 58 -31.34 -0.49 41.59
C ALA K 58 -32.18 -0.79 40.35
N ALA K 59 -33.50 -0.66 40.44
CA ALA K 59 -34.35 -1.03 39.28
C ALA K 59 -34.13 -0.04 38.13
N GLU K 60 -34.03 1.26 38.43
CA GLU K 60 -33.91 2.30 37.37
C GLU K 60 -32.54 2.23 36.66
N SER K 61 -31.54 1.61 37.30
CA SER K 61 -30.18 1.49 36.69
C SER K 61 -30.09 0.23 35.84
N SER K 62 -31.21 -0.47 35.64
CA SER K 62 -31.18 -1.77 34.90
C SER K 62 -32.45 -1.95 34.06
N THR K 63 -33.41 -2.75 34.54
CA THR K 63 -34.64 -3.05 33.78
C THR K 63 -35.64 -1.89 33.88
N GLY K 64 -35.96 -1.46 35.11
CA GLY K 64 -36.89 -0.32 35.30
C GLY K 64 -38.24 -0.77 35.84
N THR K 65 -38.30 -1.94 36.49
CA THR K 65 -39.60 -2.49 36.96
C THR K 65 -39.41 -3.33 38.22
N TRP K 66 -40.50 -3.63 38.92
CA TRP K 66 -40.44 -4.52 40.12
C TRP K 66 -41.39 -5.70 39.89
N THR K 67 -42.24 -5.61 38.86
CA THR K 67 -43.25 -6.67 38.58
C THR K 67 -42.80 -7.54 37.41
N THR K 68 -43.37 -8.74 37.26
CA THR K 68 -42.98 -9.68 36.18
C THR K 68 -44.05 -9.66 35.08
N VAL K 69 -44.57 -8.48 34.76
CA VAL K 69 -45.63 -8.33 33.70
C VAL K 69 -44.98 -8.38 32.32
N TRP K 70 -43.72 -7.94 32.20
CA TRP K 70 -43.08 -7.86 30.85
C TRP K 70 -42.21 -9.09 30.56
N THR K 71 -41.85 -9.85 31.59
CA THR K 71 -40.93 -11.01 31.38
C THR K 71 -41.74 -12.18 30.83
N ASP K 72 -41.61 -13.35 31.45
CA ASP K 72 -42.33 -14.56 30.96
C ASP K 72 -42.15 -14.62 29.44
N GLY K 73 -40.90 -14.54 28.97
CA GLY K 73 -40.62 -14.58 27.52
C GLY K 73 -39.57 -15.62 27.18
N SER K 76 -35.63 -17.04 30.26
CA SER K 76 -35.54 -16.81 31.72
C SER K 76 -34.94 -15.45 32.02
N LEU K 77 -35.69 -14.58 32.70
CA LEU K 77 -35.11 -13.27 33.11
C LEU K 77 -34.51 -13.43 34.50
N ASP K 78 -34.54 -12.38 35.32
CA ASP K 78 -33.94 -12.43 36.68
C ASP K 78 -32.41 -12.45 36.56
N ARG K 79 -31.89 -13.22 35.61
CA ARG K 79 -30.42 -13.34 35.43
C ARG K 79 -29.88 -12.09 34.75
N TYR K 80 -30.66 -11.01 34.73
CA TYR K 80 -30.24 -9.76 34.05
C TYR K 80 -30.77 -8.56 34.83
N LYS K 81 -30.70 -8.62 36.16
CA LYS K 81 -31.23 -7.52 37.01
C LYS K 81 -30.28 -7.24 38.17
N GLY K 82 -30.18 -5.98 38.60
CA GLY K 82 -29.34 -5.64 39.76
C GLY K 82 -30.17 -5.64 41.03
N ARG K 83 -29.53 -5.86 42.19
CA ARG K 83 -30.31 -5.98 43.45
C ARG K 83 -29.59 -5.22 44.59
N CYS K 84 -30.35 -4.58 45.46
CA CYS K 84 -29.75 -3.91 46.65
C CYS K 84 -29.60 -4.95 47.75
N TYR K 85 -28.50 -4.91 48.51
CA TYR K 85 -28.25 -5.98 49.51
C TYR K 85 -27.78 -5.38 50.84
N ASP K 86 -27.69 -4.06 50.95
CA ASP K 86 -27.31 -3.42 52.24
C ASP K 86 -27.57 -1.91 52.21
N ILE K 87 -28.02 -1.34 53.33
CA ILE K 87 -28.26 0.13 53.43
C ILE K 87 -27.76 0.60 54.81
N GLU K 88 -26.92 1.65 54.86
CA GLU K 88 -26.34 2.12 56.15
C GLU K 88 -26.59 3.61 56.32
N PRO K 89 -26.73 4.14 57.56
CA PRO K 89 -26.93 5.58 57.77
C PRO K 89 -25.60 6.30 57.97
N VAL K 90 -25.53 7.52 57.43
CA VAL K 90 -24.32 8.32 57.53
C VAL K 90 -24.29 9.01 58.88
N ALA K 91 -23.19 8.85 59.61
CA ALA K 91 -23.09 9.43 60.94
C ALA K 91 -22.91 10.94 60.85
N GLY K 92 -23.70 11.67 61.63
CA GLY K 92 -23.61 13.11 61.70
C GLY K 92 -24.63 13.86 60.88
N GLU K 93 -25.26 13.22 59.91
CA GLU K 93 -26.27 13.84 59.07
C GLU K 93 -27.58 13.08 59.20
N GLU K 94 -28.67 13.83 59.32
CA GLU K 94 -29.97 13.21 59.55
C GLU K 94 -30.62 12.70 58.27
N ASN K 95 -30.17 13.17 57.10
CA ASN K 95 -30.72 12.75 55.82
C ASN K 95 -29.56 12.39 54.88
N GLN K 96 -29.05 11.16 55.00
CA GLN K 96 -27.96 10.68 54.17
C GLN K 96 -27.82 9.19 54.40
N TYR K 97 -27.64 8.44 53.31
CA TYR K 97 -27.54 6.99 53.40
C TYR K 97 -26.57 6.46 52.35
N ILE K 98 -26.13 5.23 52.55
CA ILE K 98 -25.24 4.54 51.63
C ILE K 98 -25.95 3.28 51.15
N ALA K 99 -25.97 3.07 49.84
CA ALA K 99 -26.64 1.94 49.22
C ALA K 99 -25.65 1.12 48.42
N TYR K 100 -25.79 -0.21 48.48
CA TYR K 100 -24.91 -1.13 47.79
C TYR K 100 -25.70 -1.91 46.75
N VAL K 101 -25.17 -1.99 45.53
CA VAL K 101 -25.85 -2.66 44.42
C VAL K 101 -24.87 -3.61 43.75
N ALA K 102 -25.37 -4.76 43.31
CA ALA K 102 -24.58 -5.79 42.65
C ALA K 102 -25.11 -6.05 41.25
N TYR K 103 -24.21 -6.21 40.29
CA TYR K 103 -24.57 -6.43 38.89
C TYR K 103 -24.00 -7.74 38.38
N PRO K 104 -24.72 -8.45 37.52
CA PRO K 104 -24.18 -9.67 36.93
C PRO K 104 -23.08 -9.36 35.92
N LEU K 105 -22.29 -10.39 35.61
CA LEU K 105 -21.15 -10.21 34.71
C LEU K 105 -21.56 -10.12 33.25
N ASP K 106 -22.64 -10.78 32.85
CA ASP K 106 -22.99 -10.89 31.44
C ASP K 106 -23.62 -9.62 30.87
N LEU K 107 -23.63 -8.52 31.61
CA LEU K 107 -24.24 -7.28 31.15
C LEU K 107 -23.27 -6.36 30.42
N PHE K 108 -21.98 -6.69 30.39
CA PHE K 108 -20.96 -5.78 29.90
C PHE K 108 -20.19 -6.39 28.73
N GLU K 109 -19.71 -5.53 27.85
CA GLU K 109 -18.88 -5.93 26.72
C GLU K 109 -17.41 -5.87 27.11
N GLU K 110 -16.65 -6.87 26.68
CA GLU K 110 -15.25 -6.98 27.08
C GLU K 110 -14.40 -5.92 26.39
N GLY K 111 -13.57 -5.25 27.18
CA GLY K 111 -12.63 -4.28 26.64
C GLY K 111 -13.21 -2.95 26.25
N SER K 112 -14.28 -2.50 26.91
CA SER K 112 -14.95 -1.25 26.57
C SER K 112 -15.33 -0.51 27.84
N VAL K 113 -14.71 0.66 28.06
CA VAL K 113 -15.04 1.51 29.24
C VAL K 113 -16.29 2.33 28.91
N THR K 114 -16.45 2.73 27.64
CA THR K 114 -17.65 3.50 27.21
C THR K 114 -18.91 2.75 27.64
N ASN K 115 -19.01 1.46 27.31
CA ASN K 115 -20.21 0.65 27.65
C ASN K 115 -20.43 0.68 29.16
N MET K 116 -19.42 0.28 29.93
CA MET K 116 -19.58 0.21 31.38
C MET K 116 -20.15 1.52 31.93
N PHE K 117 -19.59 2.65 31.50
CA PHE K 117 -20.07 3.93 31.99
C PHE K 117 -21.51 4.19 31.55
N THR K 118 -21.85 3.82 30.32
CA THR K 118 -23.23 4.01 29.84
C THR K 118 -24.21 3.13 30.60
N SER K 119 -23.83 1.89 30.88
CA SER K 119 -24.76 0.97 31.52
C SER K 119 -24.97 1.32 32.99
N ILE K 120 -23.93 1.71 33.72
CA ILE K 120 -24.18 1.97 35.18
C ILE K 120 -24.79 3.37 35.37
N VAL K 121 -24.20 4.40 34.76
CA VAL K 121 -24.68 5.80 34.99
C VAL K 121 -25.12 6.43 33.65
N GLY K 122 -26.43 6.59 33.44
CA GLY K 122 -26.95 7.15 32.18
C GLY K 122 -28.43 7.48 32.28
N ASN K 123 -29.01 7.41 33.48
CA ASN K 123 -30.45 7.75 33.69
C ASN K 123 -30.75 7.96 35.17
N VAL K 124 -29.97 7.36 36.06
CA VAL K 124 -30.29 7.43 37.52
C VAL K 124 -30.11 8.84 38.09
N PHE K 125 -29.54 9.78 37.33
CA PHE K 125 -29.25 11.12 37.91
C PHE K 125 -30.36 12.12 37.55
N GLY K 126 -31.50 11.64 37.03
CA GLY K 126 -32.64 12.53 36.72
C GLY K 126 -33.87 12.13 37.52
N PHE K 127 -33.76 11.04 38.29
CA PHE K 127 -34.88 10.58 39.14
C PHE K 127 -35.37 11.75 40.00
N LYS K 128 -36.68 12.02 39.97
CA LYS K 128 -37.22 13.20 40.71
C LYS K 128 -37.44 12.85 42.18
N ALA K 129 -37.79 11.60 42.47
CA ALA K 129 -38.07 11.19 43.86
C ALA K 129 -36.83 11.41 44.75
N LEU K 130 -35.72 11.85 44.15
CA LEU K 130 -34.47 12.10 44.92
C LEU K 130 -34.03 13.55 44.72
N ARG K 131 -33.11 14.03 45.56
CA ARG K 131 -32.62 15.40 45.44
C ARG K 131 -31.17 15.49 45.01
N ALA K 132 -30.39 14.43 45.18
CA ALA K 132 -28.98 14.43 44.85
C ALA K 132 -28.47 13.01 44.83
N LEU K 133 -27.33 12.79 44.18
CA LEU K 133 -26.74 11.47 44.09
C LEU K 133 -25.26 11.60 43.76
N ARG K 134 -24.45 10.73 44.35
CA ARG K 134 -23.01 10.75 44.14
C ARG K 134 -22.45 9.34 44.18
N LEU K 135 -21.76 8.94 43.13
CA LEU K 135 -21.08 7.65 43.10
C LEU K 135 -19.73 7.77 43.78
N GLU K 136 -19.39 6.76 44.60
CA GLU K 136 -18.21 6.82 45.45
C GLU K 136 -17.14 5.81 45.10
N ASP K 137 -17.49 4.55 44.84
CA ASP K 137 -16.48 3.54 44.62
C ASP K 137 -17.04 2.42 43.75
N LEU K 138 -16.13 1.59 43.20
CA LEU K 138 -16.55 0.44 42.36
C LEU K 138 -15.57 -0.71 42.58
N ARG K 139 -16.04 -1.96 42.53
CA ARG K 139 -15.13 -3.13 42.67
C ARG K 139 -15.12 -3.92 41.36
N ILE K 140 -13.98 -3.97 40.67
CA ILE K 140 -13.85 -4.73 39.39
C ILE K 140 -13.22 -6.09 39.67
N PRO K 141 -13.89 -7.22 39.36
CA PRO K 141 -13.35 -8.55 39.63
C PRO K 141 -12.24 -8.91 38.66
N PRO K 142 -11.36 -9.83 39.04
CA PRO K 142 -10.27 -10.23 38.13
C PRO K 142 -10.75 -10.89 36.85
N ALA K 143 -11.96 -11.49 36.85
CA ALA K 143 -12.46 -12.12 35.63
C ALA K 143 -12.83 -11.11 34.57
N TYR K 144 -12.94 -9.83 34.93
CA TYR K 144 -13.26 -8.77 33.99
C TYR K 144 -12.08 -7.89 33.65
N SER K 145 -11.08 -7.81 34.53
CA SER K 145 -9.90 -7.00 34.30
C SER K 145 -8.95 -7.62 33.28
N LYS K 146 -8.97 -8.94 33.13
CA LYS K 146 -8.01 -9.61 32.26
C LYS K 146 -8.26 -9.35 30.78
N THR K 147 -9.39 -8.78 30.42
CA THR K 147 -9.71 -8.51 29.03
C THR K 147 -9.22 -7.15 28.55
N PHE K 148 -8.58 -6.37 29.42
CA PHE K 148 -8.02 -5.07 29.07
C PHE K 148 -6.51 -5.18 28.93
N GLN K 149 -5.92 -4.20 28.23
CA GLN K 149 -4.49 -4.20 28.02
C GLN K 149 -3.73 -3.55 29.17
N GLY K 150 -4.18 -2.39 29.61
CA GLY K 150 -3.56 -1.71 30.72
C GLY K 150 -2.54 -0.67 30.28
N PRO K 151 -1.69 -0.23 31.20
CA PRO K 151 -0.68 0.76 30.84
C PRO K 151 0.27 0.21 29.81
N PRO K 152 0.77 1.06 28.92
CA PRO K 152 1.72 0.57 27.90
C PRO K 152 2.99 -0.03 28.48
N HIS K 153 3.68 0.68 29.38
CA HIS K 153 4.93 0.20 29.94
C HIS K 153 4.88 -0.02 31.43
N GLY K 154 4.49 1.00 32.21
CA GLY K 154 4.39 0.87 33.66
C GLY K 154 5.38 1.78 34.37
N ILE K 155 5.86 1.31 35.51
CA ILE K 155 6.78 2.07 36.36
C ILE K 155 8.21 1.58 36.24
N GLN K 156 8.43 0.28 36.44
CA GLN K 156 9.79 -0.26 36.41
C GLN K 156 10.42 -0.11 35.04
N VAL K 157 9.66 -0.39 33.98
CA VAL K 157 10.20 -0.36 32.64
C VAL K 157 10.64 1.05 32.27
N GLU K 158 9.86 2.06 32.65
CA GLU K 158 10.23 3.43 32.33
C GLU K 158 11.49 3.85 33.06
N ARG K 159 11.63 3.48 34.33
CA ARG K 159 12.85 3.81 35.06
C ARG K 159 14.06 3.10 34.46
N ASP K 160 13.89 1.85 34.03
CA ASP K 160 14.98 1.15 33.38
C ASP K 160 15.35 1.81 32.05
N LYS K 161 14.37 2.26 31.30
CA LYS K 161 14.65 2.92 30.03
C LYS K 161 15.38 4.23 30.22
N LEU K 162 14.97 5.04 31.20
CA LEU K 162 15.57 6.35 31.39
C LEU K 162 16.85 6.33 32.21
N ASN K 163 17.14 5.24 32.92
CA ASN K 163 18.36 5.08 33.71
C ASN K 163 18.47 6.16 34.78
N LYS K 164 17.44 6.21 35.64
CA LYS K 164 17.38 7.18 36.72
C LYS K 164 16.81 6.52 37.95
N TYR K 165 17.60 6.44 39.02
CA TYR K 165 17.20 5.77 40.25
C TYR K 165 17.53 6.63 41.47
N GLY K 166 16.68 6.52 42.49
CA GLY K 166 17.01 6.98 43.82
C GLY K 166 16.42 8.32 44.23
N ARG K 167 15.69 9.00 43.37
CA ARG K 167 15.17 10.32 43.72
C ARG K 167 14.00 10.65 42.83
N PRO K 168 13.11 11.56 43.26
CA PRO K 168 12.01 11.98 42.39
C PRO K 168 12.53 12.78 41.19
N LEU K 169 11.74 12.76 40.12
CA LEU K 169 12.10 13.49 38.92
C LEU K 169 11.55 14.90 38.95
N LEU K 170 12.08 15.75 38.07
CA LEU K 170 11.75 17.17 38.04
C LEU K 170 11.31 17.57 36.64
N GLY K 171 10.53 18.66 36.55
CA GLY K 171 10.02 19.15 35.26
C GLY K 171 9.57 20.60 35.31
N CYS K 172 9.10 21.15 34.18
CA CYS K 172 8.68 22.58 34.12
C CYS K 172 7.78 22.83 32.91
N THR K 173 6.79 23.72 33.04
CA THR K 173 5.91 24.09 31.89
C THR K 173 6.31 25.46 31.36
N ILE K 174 6.12 25.74 30.06
CA ILE K 174 6.58 27.01 29.44
C ILE K 174 5.49 28.08 29.56
N LYS K 175 5.88 29.35 29.77
CA LYS K 175 4.92 30.46 29.90
C LYS K 175 5.53 31.72 29.27
N PRO K 176 4.79 32.57 28.54
CA PRO K 176 3.34 32.70 28.66
C PRO K 176 2.56 31.66 27.84
N LYS K 177 1.36 31.30 28.30
CA LYS K 177 0.50 30.36 27.51
C LYS K 177 -0.14 31.14 26.37
N LEU K 178 0.08 30.73 25.12
CA LEU K 178 -0.50 31.40 23.93
C LEU K 178 0.13 32.78 23.72
N GLY K 179 0.83 32.98 22.60
CA GLY K 179 1.43 34.29 22.29
C GLY K 179 2.84 34.21 21.73
N LEU K 180 3.58 33.15 22.02
CA LEU K 180 5.01 33.09 21.60
C LEU K 180 5.17 32.40 20.24
N SER K 181 6.32 32.60 19.58
CA SER K 181 6.60 31.97 18.26
C SER K 181 7.33 30.64 18.47
N ALA K 182 7.86 30.05 17.39
CA ALA K 182 8.50 28.73 17.47
C ALA K 182 9.99 28.85 17.79
N LYS K 183 10.70 29.77 17.14
CA LYS K 183 12.13 30.00 17.44
C LYS K 183 12.27 30.39 18.92
N ASN K 184 11.41 31.30 19.41
CA ASN K 184 11.48 31.76 20.82
C ASN K 184 11.14 30.60 21.76
N TYR K 185 10.10 29.82 21.45
CA TYR K 185 9.72 28.65 22.27
C TYR K 185 10.91 27.72 22.45
N GLY K 186 11.66 27.47 21.38
CA GLY K 186 12.81 26.54 21.43
C GLY K 186 14.00 27.11 22.18
N ARG K 187 14.18 28.44 22.13
CA ARG K 187 15.33 29.10 22.81
C ARG K 187 15.19 28.97 24.33
N ALA K 188 13.96 28.90 24.83
CA ALA K 188 13.70 28.80 26.28
C ALA K 188 13.88 27.35 26.75
N VAL K 189 13.41 26.38 25.97
CA VAL K 189 13.57 24.94 26.33
C VAL K 189 15.05 24.64 26.59
N TYR K 190 15.93 25.08 25.69
CA TYR K 190 17.39 24.79 25.83
C TYR K 190 17.91 25.35 27.15
N GLU K 191 17.72 26.65 27.39
CA GLU K 191 18.26 27.30 28.63
C GLU K 191 17.68 26.59 29.85
N CYS K 192 16.39 26.28 29.84
CA CYS K 192 15.78 25.53 30.96
C CYS K 192 16.40 24.14 31.03
N LEU K 193 16.48 23.43 29.89
CA LEU K 193 16.98 22.07 29.96
C LEU K 193 18.47 22.03 30.32
N ARG K 194 19.25 23.01 29.88
CA ARG K 194 20.69 22.94 30.17
C ARG K 194 21.02 23.18 31.64
N GLY K 195 20.03 23.59 32.45
CA GLY K 195 20.32 23.96 33.82
C GLY K 195 20.30 22.83 34.81
N GLY K 196 19.64 21.71 34.51
CA GLY K 196 19.61 20.61 35.45
C GLY K 196 18.29 19.88 35.58
N LEU K 197 17.27 20.31 34.85
CA LEU K 197 15.98 19.63 34.91
C LEU K 197 16.01 18.37 34.05
N ASP K 198 14.88 17.66 34.06
CA ASP K 198 14.74 16.41 33.33
C ASP K 198 13.73 16.50 32.19
N PHE K 199 12.59 17.15 32.43
CA PHE K 199 11.53 17.18 31.40
C PHE K 199 10.99 18.58 31.17
N THR K 200 10.28 18.78 30.05
CA THR K 200 9.62 20.08 29.76
C THR K 200 8.25 19.75 29.15
N ASP K 202 4.34 21.17 27.07
CA ASP K 202 3.57 22.23 26.36
C ASP K 202 2.28 22.44 27.16
N ASP K 203 1.78 23.68 27.22
CA ASP K 203 0.47 23.89 27.91
C ASP K 203 -0.60 23.03 27.24
N GLU K 204 -1.66 22.69 27.97
CA GLU K 204 -2.71 21.78 27.42
C GLU K 204 -3.51 22.44 26.30
N ASN K 205 -3.51 23.78 26.22
CA ASN K 205 -4.35 24.48 25.22
C ASN K 205 -3.49 24.88 24.01
N VAL K 206 -2.43 24.12 23.73
CA VAL K 206 -1.52 24.43 22.59
C VAL K 206 -1.58 23.27 21.57
N ASN K 207 -2.38 23.40 20.51
CA ASN K 207 -2.42 22.37 19.49
C ASN K 207 -1.91 22.86 18.14
N SER K 208 -2.58 23.85 17.55
CA SER K 208 -2.14 24.45 16.29
C SER K 208 -2.92 25.75 16.12
N GLN K 209 -2.22 26.88 16.11
CA GLN K 209 -2.85 28.18 16.13
C GLN K 209 -2.20 29.07 15.08
N PRO K 210 -2.87 30.16 14.68
CA PRO K 210 -2.30 31.01 13.63
C PRO K 210 -0.92 31.56 13.94
N PHE K 211 -0.62 31.83 15.21
CA PHE K 211 0.69 32.38 15.55
C PHE K 211 1.79 31.33 15.60
N MET K 212 1.44 30.04 15.62
CA MET K 212 2.45 28.99 15.66
C MET K 212 1.81 27.67 15.28
N ARG K 213 2.36 27.02 14.25
CA ARG K 213 1.89 25.71 13.81
C ARG K 213 2.79 24.61 14.37
N TRP K 214 2.29 23.38 14.36
CA TRP K 214 2.93 22.31 15.11
C TRP K 214 4.21 21.76 14.46
N ARG K 215 4.25 21.70 13.13
CA ARG K 215 5.37 21.02 12.48
C ARG K 215 6.68 21.78 12.62
N ASP K 216 6.65 23.08 12.88
CA ASP K 216 7.87 23.83 13.14
C ASP K 216 8.30 23.75 14.59
N ARG K 217 7.32 23.77 15.49
CA ARG K 217 7.60 23.61 16.91
C ARG K 217 8.26 22.27 17.19
N PHE K 218 7.79 21.22 16.54
CA PHE K 218 8.41 19.90 16.72
C PHE K 218 9.89 19.94 16.34
N LEU K 219 10.21 20.54 15.19
CA LEU K 219 11.59 20.55 14.70
C LEU K 219 12.50 21.36 15.62
N PHE K 220 12.05 22.55 16.02
CA PHE K 220 12.88 23.38 16.89
C PHE K 220 13.09 22.71 18.25
N VAL K 221 12.05 22.07 18.79
CA VAL K 221 12.19 21.37 20.06
C VAL K 221 13.19 20.23 19.93
N ALA K 222 13.13 19.49 18.83
CA ALA K 222 14.08 18.39 18.64
C ALA K 222 15.51 18.90 18.60
N GLU K 223 15.75 20.00 17.87
CA GLU K 223 17.11 20.54 17.81
C GLU K 223 17.59 20.98 19.19
N ALA K 224 16.73 21.66 19.95
CA ALA K 224 17.12 22.08 21.30
C ALA K 224 17.44 20.88 22.18
N ILE K 225 16.63 19.81 22.07
CA ILE K 225 16.85 18.64 22.90
C ILE K 225 18.19 18.01 22.60
N PHE K 226 18.52 17.86 21.31
CA PHE K 226 19.82 17.27 20.96
C PHE K 226 20.97 18.11 21.47
N LYS K 227 20.90 19.43 21.26
CA LYS K 227 21.99 20.30 21.70
C LYS K 227 22.16 20.25 23.22
N SER K 228 21.06 20.24 23.97
CA SER K 228 21.16 20.17 25.42
C SER K 228 21.70 18.83 25.89
N GLN K 229 21.30 17.74 25.24
CA GLN K 229 21.76 16.42 25.64
C GLN K 229 23.26 16.27 25.42
N ALA K 230 23.78 16.82 24.32
CA ALA K 230 25.20 16.65 24.03
C ALA K 230 26.08 17.34 25.08
N GLU K 231 25.51 18.30 25.82
CA GLU K 231 26.33 19.12 26.71
C GLU K 231 26.51 18.47 28.08
N THR K 232 25.43 18.26 28.81
CA THR K 232 25.54 17.77 30.20
C THR K 232 25.98 16.32 30.24
N GLY K 233 25.35 15.46 29.46
CA GLY K 233 25.69 14.05 29.47
C GLY K 233 24.65 13.16 30.12
N GLU K 234 23.39 13.60 30.10
CA GLU K 234 22.28 12.83 30.64
C GLU K 234 21.12 12.87 29.65
N ILE K 235 20.16 11.96 29.86
CA ILE K 235 19.03 11.82 28.95
C ILE K 235 17.96 12.84 29.31
N LYS K 236 17.43 13.51 28.29
CA LYS K 236 16.42 14.55 28.45
C LYS K 236 15.22 14.25 27.56
N GLY K 237 14.10 14.92 27.83
CA GLY K 237 12.88 14.73 27.02
C GLY K 237 11.91 15.90 27.12
N HIS K 238 10.85 15.90 26.31
CA HIS K 238 9.82 16.97 26.32
C HIS K 238 8.48 16.38 25.87
N TYR K 239 7.38 16.71 26.56
CA TYR K 239 6.05 16.11 26.24
C TYR K 239 5.39 16.86 25.09
N LEU K 240 5.19 16.20 23.94
CA LEU K 240 4.60 16.86 22.75
C LEU K 240 3.09 16.62 22.72
N ASN K 241 2.29 17.68 22.57
CA ASN K 241 0.84 17.55 22.62
C ASN K 241 0.30 16.97 21.32
N ALA K 242 -0.62 16.01 21.44
CA ALA K 242 -1.18 15.32 20.28
C ALA K 242 -2.69 15.36 20.24
N THR K 243 -3.35 16.25 20.98
CA THR K 243 -4.79 16.39 20.89
C THR K 243 -5.18 17.07 19.59
N ALA K 244 -6.26 16.59 18.98
CA ALA K 244 -6.71 17.11 17.70
C ALA K 244 -8.23 17.03 17.63
N GLY K 245 -8.79 17.51 16.53
CA GLY K 245 -10.22 17.55 16.35
C GLY K 245 -10.79 16.34 15.62
N THR K 246 -9.91 15.57 14.98
CA THR K 246 -10.32 14.35 14.28
C THR K 246 -9.27 13.28 14.52
N CYS K 247 -9.69 12.02 14.36
CA CYS K 247 -8.79 10.90 14.65
C CYS K 247 -7.63 10.86 13.66
N GLU K 248 -7.88 11.18 12.39
CA GLU K 248 -6.83 11.12 11.38
C GLU K 248 -5.70 12.09 11.71
N GLU K 249 -6.03 13.31 12.09
CA GLU K 249 -4.99 14.28 12.45
C GLU K 249 -4.24 13.84 13.69
N MET K 250 -4.95 13.28 14.67
CA MET K 250 -4.31 12.82 15.89
C MET K 250 -3.30 11.71 15.59
N MET K 251 -3.66 10.78 14.70
CA MET K 251 -2.72 9.73 14.34
C MET K 251 -1.60 10.25 13.44
N LYS K 252 -1.84 11.30 12.67
CA LYS K 252 -0.76 11.89 11.88
C LYS K 252 0.28 12.57 12.75
N ARG K 253 -0.14 13.21 13.83
CA ARG K 253 0.80 13.95 14.67
C ARG K 253 1.69 13.05 15.52
N ALA K 254 1.45 11.74 15.57
CA ALA K 254 2.29 10.84 16.35
C ALA K 254 3.33 10.13 15.51
N GLN K 255 3.05 9.89 14.22
CA GLN K 255 4.02 9.24 13.37
C GLN K 255 5.24 10.13 13.14
N PHE K 256 5.05 11.44 13.09
CA PHE K 256 6.19 12.34 12.96
C PHE K 256 7.08 12.26 14.20
N ALA K 257 6.47 12.24 15.39
CA ALA K 257 7.25 12.10 16.62
C ALA K 257 8.00 10.78 16.66
N ARG K 258 7.37 9.71 16.14
CA ARG K 258 8.09 8.45 16.04
C ARG K 258 9.26 8.55 15.07
N GLU K 259 9.08 9.26 13.96
CA GLU K 259 10.15 9.41 12.98
C GLU K 259 11.34 10.15 13.58
N LEU K 260 11.09 11.24 14.30
CA LEU K 260 12.20 12.03 14.83
C LEU K 260 12.95 11.33 15.96
N GLY K 261 12.34 10.35 16.61
CA GLY K 261 12.98 9.65 17.71
C GLY K 261 12.69 10.19 19.09
N MET K 262 11.66 11.01 19.24
CA MET K 262 11.31 11.54 20.55
C MET K 262 10.73 10.43 21.42
N PRO K 263 10.91 10.53 22.75
CA PRO K 263 10.53 9.42 23.63
C PRO K 263 9.16 9.48 24.27
N ILE K 264 8.40 10.58 24.17
CA ILE K 264 7.19 10.74 24.97
C ILE K 264 6.23 11.69 24.26
N VAL K 265 4.93 11.49 24.52
CA VAL K 265 3.87 12.37 23.95
C VAL K 265 2.85 12.66 25.04
N MET K 266 1.84 13.49 24.76
CA MET K 266 0.85 13.88 25.80
C MET K 266 -0.56 13.82 25.20
N HIS K 267 -1.59 13.62 26.04
CA HIS K 267 -2.99 13.59 25.54
C HIS K 267 -3.98 13.91 26.65
N ASP K 268 -5.04 14.65 26.32
CA ASP K 268 -6.11 14.96 27.27
C ASP K 268 -7.25 13.98 27.05
N TYR K 269 -7.66 13.29 28.10
CA TYR K 269 -8.55 12.15 27.97
C TYR K 269 -9.99 12.42 28.38
N LEU K 270 -10.30 13.61 28.87
CA LEU K 270 -11.67 13.92 29.27
C LEU K 270 -12.41 14.80 28.28
N THR K 271 -11.70 15.72 27.62
CA THR K 271 -12.29 16.49 26.54
C THR K 271 -12.08 15.87 25.18
N GLY K 272 -11.23 14.84 25.10
CA GLY K 272 -11.00 14.14 23.82
C GLY K 272 -11.93 12.96 23.68
N GLY K 273 -11.93 12.06 24.67
CA GLY K 273 -12.82 10.89 24.66
C GLY K 273 -12.12 9.64 25.14
N PHE K 274 -12.88 8.62 25.52
CA PHE K 274 -12.30 7.33 25.97
C PHE K 274 -11.99 6.48 24.73
N THR K 275 -12.80 6.61 23.67
CA THR K 275 -12.60 5.83 22.44
C THR K 275 -11.25 6.21 21.80
N ALA K 276 -10.96 7.51 21.73
CA ALA K 276 -9.70 8.00 21.12
C ALA K 276 -8.50 7.64 22.00
N ASN K 277 -8.64 7.79 23.32
CA ASN K 277 -7.54 7.44 24.26
C ASN K 277 -7.15 5.96 24.09
N THR K 278 -8.13 5.07 23.96
CA THR K 278 -7.84 3.62 23.84
C THR K 278 -7.11 3.34 22.52
N THR K 279 -7.53 3.99 21.43
CA THR K 279 -6.85 3.81 20.12
C THR K 279 -5.39 4.25 20.24
N LEU K 280 -5.13 5.37 20.91
CA LEU K 280 -3.75 5.90 21.05
C LEU K 280 -2.91 4.95 21.92
N ALA K 281 -3.45 4.53 23.07
CA ALA K 281 -2.72 3.60 23.93
C ALA K 281 -2.28 2.36 23.15
N HIS K 282 -3.15 1.83 22.31
CA HIS K 282 -2.77 0.67 21.48
C HIS K 282 -1.61 1.02 20.57
N TYR K 283 -1.67 2.19 19.92
CA TYR K 283 -0.59 2.59 19.03
C TYR K 283 0.72 2.77 19.79
N CYS K 284 0.66 3.39 20.97
CA CYS K 284 1.88 3.62 21.74
C CYS K 284 2.50 2.31 22.20
N ARG K 285 1.67 1.35 22.61
CA ARG K 285 2.21 0.03 22.96
C ARG K 285 2.85 -0.63 21.74
N ASP K 286 2.24 -0.45 20.57
CA ASP K 286 2.79 -1.08 19.37
C ASP K 286 4.13 -0.47 18.96
N ASN K 287 4.31 0.84 19.11
CA ASN K 287 5.49 1.51 18.57
C ASN K 287 6.45 2.03 19.65
N GLY K 288 6.29 1.62 20.89
CA GLY K 288 7.28 1.92 21.92
C GLY K 288 7.45 3.38 22.32
N LEU K 289 6.35 4.05 22.64
CA LEU K 289 6.39 5.42 23.14
C LEU K 289 5.83 5.47 24.56
N LEU K 290 6.01 6.60 25.22
CA LEU K 290 5.49 6.84 26.56
C LEU K 290 4.35 7.85 26.49
N LEU K 291 3.33 7.66 27.34
CA LEU K 291 2.13 8.54 27.28
C LEU K 291 1.90 9.28 28.60
N HIS K 292 1.71 10.60 28.54
CA HIS K 292 1.40 11.41 29.76
C HIS K 292 -0.06 11.88 29.66
N ILE K 293 -0.83 11.83 30.75
CA ILE K 293 -2.29 12.18 30.67
C ILE K 293 -2.58 13.45 31.48
N HIS K 294 -3.45 14.32 30.94
CA HIS K 294 -3.85 15.57 31.64
C HIS K 294 -5.34 15.49 31.99
N ARG K 295 -5.73 15.89 33.20
CA ARG K 295 -7.14 15.76 33.65
C ARG K 295 -7.86 17.11 33.51
N ALA K 296 -8.36 17.42 32.31
CA ALA K 296 -9.00 18.75 32.08
C ALA K 296 -10.52 18.64 32.20
N MET K 297 -11.17 19.64 32.79
CA MET K 297 -12.62 19.70 32.92
C MET K 297 -13.12 18.79 34.04
N HIS K 298 -12.22 18.05 34.72
CA HIS K 298 -12.65 17.13 35.77
C HIS K 298 -13.32 17.86 36.92
N ALA K 299 -13.00 19.13 37.16
CA ALA K 299 -13.57 19.84 38.29
C ALA K 299 -15.06 20.14 38.10
N VAL K 300 -15.58 19.99 36.88
CA VAL K 300 -17.01 20.16 36.64
C VAL K 300 -17.82 19.00 37.19
N ILE K 301 -17.19 17.87 37.48
CA ILE K 301 -17.89 16.66 37.87
C ILE K 301 -17.67 16.32 39.34
N ASP K 302 -16.47 16.58 39.85
CA ASP K 302 -16.13 16.18 41.24
C ASP K 302 -15.60 17.35 42.06
N ARG K 303 -16.48 18.21 42.57
CA ARG K 303 -16.04 19.31 43.48
C ARG K 303 -17.08 19.41 44.59
N GLN K 304 -18.37 19.35 44.22
CA GLN K 304 -19.46 19.38 45.22
C GLN K 304 -19.47 18.05 45.97
N ARG K 305 -19.89 18.04 47.23
CA ARG K 305 -19.83 16.81 48.04
C ARG K 305 -21.19 16.12 48.09
N ASN K 306 -22.05 16.36 47.10
CA ASN K 306 -23.42 15.78 47.12
C ASN K 306 -23.94 15.58 45.71
N HIS K 307 -23.10 15.74 44.68
CA HIS K 307 -23.57 15.48 43.32
C HIS K 307 -22.37 15.27 42.42
N GLY K 308 -22.41 14.22 41.61
CA GLY K 308 -21.34 13.95 40.65
C GLY K 308 -20.70 12.59 40.82
N ILE K 309 -19.44 12.47 40.39
CA ILE K 309 -18.67 11.25 40.49
C ILE K 309 -17.31 11.58 41.10
N HIS K 310 -16.91 10.83 42.11
CA HIS K 310 -15.63 11.08 42.77
C HIS K 310 -14.48 10.77 41.83
N PHE K 311 -13.32 11.36 42.12
CA PHE K 311 -12.18 11.27 41.21
C PHE K 311 -11.54 9.88 41.23
N ARG K 312 -11.67 9.14 42.33
CA ARG K 312 -11.02 7.83 42.41
C ARG K 312 -11.61 6.87 41.38
N VAL K 313 -12.90 7.00 41.06
CA VAL K 313 -13.51 6.17 40.03
C VAL K 313 -12.88 6.46 38.68
N LEU K 314 -12.69 7.74 38.35
CA LEU K 314 -12.06 8.10 37.09
C LEU K 314 -10.61 7.64 37.05
N ALA K 315 -9.92 7.67 38.19
CA ALA K 315 -8.55 7.17 38.23
C ALA K 315 -8.50 5.68 37.93
N LYS K 316 -9.41 4.90 38.53
CA LYS K 316 -9.47 3.47 38.22
C LYS K 316 -9.78 3.24 36.75
N ALA K 317 -10.73 4.01 36.20
CA ALA K 317 -11.08 3.85 34.79
C ALA K 317 -9.89 4.13 33.89
N LEU K 318 -9.12 5.18 34.20
CA LEU K 318 -7.94 5.47 33.38
C LEU K 318 -6.90 4.38 33.51
N ARG K 319 -6.66 3.88 34.73
CA ARG K 319 -5.70 2.79 34.88
C ARG K 319 -6.10 1.59 34.04
N MET K 320 -7.41 1.31 33.96
CA MET K 320 -7.86 0.22 33.09
C MET K 320 -7.66 0.56 31.62
N SER K 321 -7.92 1.81 31.23
CA SER K 321 -7.88 2.16 29.82
C SER K 321 -6.44 2.21 29.28
N GLY K 322 -5.54 2.86 30.02
CA GLY K 322 -4.15 2.89 29.61
C GLY K 322 -3.46 4.24 29.76
N GLY K 323 -2.32 4.26 30.44
CA GLY K 323 -1.55 5.48 30.61
C GLY K 323 -0.35 5.19 31.48
N ASP K 324 0.59 6.14 31.45
CA ASP K 324 1.81 6.03 32.24
C ASP K 324 1.90 7.05 33.36
N HIS K 325 1.60 8.32 33.10
CA HIS K 325 1.54 9.34 34.12
C HIS K 325 0.11 9.82 34.29
N ILE K 326 -0.14 10.55 35.38
CA ILE K 326 -1.48 11.14 35.62
C ILE K 326 -1.32 12.25 36.67
N HIS K 327 -2.03 13.37 36.51
CA HIS K 327 -1.98 14.46 37.51
C HIS K 327 -2.76 14.04 38.76
N SER K 328 -2.19 14.24 39.94
CA SER K 328 -2.85 13.84 41.22
C SER K 328 -3.09 15.06 42.10
N GLY K 329 -2.52 16.21 41.74
CA GLY K 329 -2.73 17.45 42.51
C GLY K 329 -1.81 17.58 43.71
N THR K 330 -1.60 18.80 44.21
CA THR K 330 -0.77 19.02 45.42
C THR K 330 -1.71 19.16 46.62
N VAL K 331 -1.20 19.58 47.78
CA VAL K 331 -2.11 19.83 48.94
C VAL K 331 -1.78 21.21 49.49
N VAL K 332 -0.78 21.89 48.91
CA VAL K 332 -0.33 23.22 49.44
C VAL K 332 -0.25 24.23 48.28
N GLY K 333 -1.02 24.03 47.21
CA GLY K 333 -0.94 24.92 46.03
C GLY K 333 -2.13 25.84 45.89
N LYS K 334 -2.52 26.16 44.65
CA LYS K 334 -3.63 27.14 44.42
C LYS K 334 -4.95 26.41 44.15
N LEU K 335 -4.96 25.08 44.10
CA LEU K 335 -6.19 24.32 43.76
C LEU K 335 -6.57 23.39 44.92
N GLU K 336 -7.86 23.10 45.10
CA GLU K 336 -8.34 22.28 46.26
C GLU K 336 -7.68 20.90 46.33
N GLY K 337 -7.73 20.25 47.50
CA GLY K 337 -7.12 18.92 47.68
C GLY K 337 -6.93 18.60 49.16
N GLU K 338 -7.40 17.43 49.62
CA GLU K 338 -7.29 17.05 51.05
C GLU K 338 -6.23 15.94 51.21
N ARG K 339 -5.57 15.85 52.37
CA ARG K 339 -4.45 14.90 52.55
C ARG K 339 -4.94 13.45 52.56
N GLU K 340 -5.69 13.04 53.59
CA GLU K 340 -6.10 11.62 53.72
C GLU K 340 -6.69 11.10 52.41
N VAL K 341 -7.68 11.80 51.84
CA VAL K 341 -8.35 11.33 50.59
C VAL K 341 -7.29 11.09 49.50
N THR K 342 -6.24 11.91 49.47
CA THR K 342 -5.19 11.79 48.43
C THR K 342 -4.32 10.58 48.73
N LEU K 343 -3.88 10.44 49.98
CA LEU K 343 -3.01 9.29 50.37
C LEU K 343 -3.72 7.98 50.03
N GLY K 344 -5.05 8.00 49.99
CA GLY K 344 -5.81 6.79 49.67
C GLY K 344 -5.81 6.46 48.20
N PHE K 345 -6.12 7.44 47.35
CA PHE K 345 -6.18 7.10 45.93
C PHE K 345 -4.80 7.06 45.28
N VAL K 346 -3.78 7.66 45.88
CA VAL K 346 -2.42 7.42 45.41
C VAL K 346 -2.04 5.95 45.64
N ASP K 347 -2.37 5.44 46.84
CA ASP K 347 -2.14 4.01 47.09
C ASP K 347 -2.92 3.14 46.12
N LEU K 348 -4.17 3.53 45.83
CA LEU K 348 -4.96 2.78 44.84
C LEU K 348 -4.29 2.79 43.48
N LEU K 349 -3.65 3.91 43.12
CA LEU K 349 -3.04 4.01 41.79
C LEU K 349 -1.75 3.20 41.70
N ARG K 350 -0.94 3.18 42.76
CA ARG K 350 0.40 2.60 42.64
C ARG K 350 0.49 1.14 43.04
N ASP K 351 -0.28 0.70 44.03
CA ASP K 351 -0.06 -0.59 44.66
C ASP K 351 -0.62 -1.73 43.83
N ASP K 352 -0.59 -2.93 44.40
CA ASP K 352 -1.08 -4.15 43.78
C ASP K 352 -2.18 -4.85 44.56
N TYR K 353 -2.27 -4.62 45.87
CA TYR K 353 -3.30 -5.21 46.71
C TYR K 353 -3.64 -4.22 47.80
N ILE K 354 -4.90 -3.80 47.86
CA ILE K 354 -5.35 -2.73 48.75
C ILE K 354 -6.46 -3.26 49.64
N GLU K 355 -6.34 -3.03 50.94
CA GLU K 355 -7.32 -3.48 51.91
C GLU K 355 -8.34 -2.39 52.20
N LYS K 356 -9.47 -2.80 52.77
CA LYS K 356 -10.54 -1.87 53.07
C LYS K 356 -10.16 -0.96 54.23
N ASP K 357 -10.41 0.34 54.06
CA ASP K 357 -10.07 1.34 55.08
C ASP K 357 -11.01 2.52 54.90
N ARG K 358 -11.98 2.65 55.81
CA ARG K 358 -12.97 3.71 55.69
C ARG K 358 -12.49 5.06 56.19
N SER K 359 -11.38 5.11 56.92
CA SER K 359 -10.83 6.39 57.36
C SER K 359 -10.10 7.13 56.25
N ARG K 360 -9.91 6.49 55.10
CA ARG K 360 -9.26 7.12 53.95
C ARG K 360 -10.15 7.12 52.72
N GLY K 361 -11.40 6.69 52.85
CA GLY K 361 -12.31 6.70 51.72
C GLY K 361 -12.27 5.48 50.83
N ILE K 362 -11.95 4.31 51.37
CA ILE K 362 -11.91 3.07 50.62
C ILE K 362 -13.03 2.18 51.11
N TYR K 363 -13.88 1.72 50.19
CA TYR K 363 -15.06 0.95 50.54
C TYR K 363 -14.97 -0.53 50.21
N PHE K 364 -14.12 -0.92 49.26
CA PHE K 364 -14.02 -2.31 48.83
C PHE K 364 -12.56 -2.72 48.76
N THR K 365 -12.32 -4.01 48.94
CA THR K 365 -10.98 -4.57 48.75
C THR K 365 -10.73 -4.79 47.26
N GLN K 366 -9.55 -4.41 46.80
CA GLN K 366 -9.23 -4.43 45.38
C GLN K 366 -8.03 -5.32 45.11
N ASP K 367 -8.11 -6.10 44.03
CA ASP K 367 -7.03 -6.99 43.60
C ASP K 367 -6.76 -6.76 42.13
N TRP K 368 -5.51 -6.53 41.76
CA TRP K 368 -5.14 -6.15 40.41
C TRP K 368 -4.46 -7.26 39.63
N VAL K 369 -4.35 -8.46 40.20
CA VAL K 369 -3.77 -9.64 39.51
C VAL K 369 -2.62 -9.26 38.57
N SER K 370 -1.52 -8.71 39.10
CA SER K 370 -0.31 -8.41 38.29
C SER K 370 -0.59 -7.43 37.14
N MET K 371 -1.01 -6.20 37.44
CA MET K 371 -1.17 -5.16 36.39
C MET K 371 -0.25 -4.00 36.78
N PRO K 372 0.53 -3.41 35.86
CA PRO K 372 1.52 -2.38 36.18
C PRO K 372 0.89 -1.15 36.82
N GLY K 373 1.74 -0.30 37.40
CA GLY K 373 1.31 0.89 38.10
C GLY K 373 1.45 2.15 37.27
N VAL K 374 1.03 3.26 37.87
CA VAL K 374 1.00 4.57 37.22
C VAL K 374 1.67 5.59 38.12
N LEU K 375 2.54 6.42 37.55
CA LEU K 375 3.25 7.45 38.30
C LEU K 375 2.35 8.66 38.55
N PRO K 376 2.26 9.14 39.78
CA PRO K 376 1.51 10.38 40.04
C PRO K 376 2.36 11.63 39.85
N VAL K 377 1.68 12.74 39.55
CA VAL K 377 2.32 14.02 39.27
C VAL K 377 1.66 15.11 40.10
N ALA K 378 2.47 16.04 40.61
CA ALA K 378 1.96 17.18 41.42
C ALA K 378 2.36 18.51 40.80
N SER K 379 1.42 19.45 40.63
CA SER K 379 1.70 20.76 40.00
C SER K 379 0.60 21.78 40.33
N GLY K 380 0.95 23.07 40.41
CA GLY K 380 -0.09 24.11 40.62
C GLY K 380 0.26 25.14 41.68
N GLY K 381 1.20 26.05 41.39
CA GLY K 381 1.55 27.14 42.32
C GLY K 381 2.41 26.68 43.49
N ILE K 382 3.66 26.29 43.25
CA ILE K 382 4.54 25.76 44.32
C ILE K 382 5.96 26.33 44.16
N HIS K 383 6.74 26.38 45.24
CA HIS K 383 8.11 26.96 45.19
C HIS K 383 9.07 26.22 46.11
N VAL K 384 10.26 26.77 46.36
CA VAL K 384 11.32 26.08 47.17
C VAL K 384 10.85 25.83 48.62
N TRP K 385 10.12 26.76 49.23
CA TRP K 385 9.72 26.60 50.65
C TRP K 385 8.60 25.57 50.78
N HIS K 386 8.46 24.67 49.81
CA HIS K 386 7.41 23.62 49.84
C HIS K 386 8.05 22.25 49.61
N MET K 387 9.38 22.17 49.58
CA MET K 387 10.07 20.89 49.24
C MET K 387 9.86 19.85 50.36
N PRO K 388 10.20 20.07 51.65
CA PRO K 388 10.05 19.01 52.66
C PRO K 388 8.66 18.38 52.68
N ALA K 389 7.61 19.18 52.58
CA ALA K 389 6.26 18.63 52.62
C ALA K 389 6.00 17.71 51.43
N LEU K 390 6.41 18.14 50.23
CA LEU K 390 6.21 17.32 49.05
C LEU K 390 7.03 16.03 49.13
N THR K 391 8.26 16.13 49.63
CA THR K 391 9.15 14.95 49.69
C THR K 391 8.65 13.93 50.74
N GLU K 392 7.72 14.35 51.60
CA GLU K 392 7.23 13.44 52.68
C GLU K 392 5.88 12.83 52.28
N ILE K 393 4.96 13.63 51.74
CA ILE K 393 3.64 13.12 51.29
C ILE K 393 3.88 12.07 50.20
N PHE K 394 4.72 12.38 49.21
CA PHE K 394 5.05 11.41 48.17
C PHE K 394 6.46 10.90 48.39
N GLY K 395 6.67 9.61 48.16
CA GLY K 395 8.00 9.05 48.23
C GLY K 395 8.86 9.48 47.08
N ASP K 396 9.85 8.66 46.71
CA ASP K 396 10.67 8.94 45.54
C ASP K 396 10.11 8.23 44.31
N ASP K 397 8.80 8.30 44.14
CA ASP K 397 8.10 7.61 43.07
C ASP K 397 7.07 8.55 42.46
N SER K 398 7.48 9.78 42.19
CA SER K 398 6.58 10.79 41.67
C SER K 398 7.38 11.77 40.82
N VAL K 399 6.66 12.74 40.25
CA VAL K 399 7.25 13.81 39.45
C VAL K 399 6.74 15.13 39.98
N LEU K 400 7.62 16.11 40.14
CA LEU K 400 7.21 17.46 40.63
C LEU K 400 7.42 18.48 39.52
N GLN K 401 6.42 19.36 39.30
CA GLN K 401 6.51 20.35 38.19
C GLN K 401 6.54 21.78 38.74
N PHE K 402 7.31 22.67 38.11
CA PHE K 402 7.43 24.08 38.55
C PHE K 402 7.51 24.99 37.33
N GLY K 403 6.45 25.75 37.06
CA GLY K 403 6.41 26.64 35.87
C GLY K 403 6.85 28.05 36.18
N GLY K 404 6.14 28.74 37.08
CA GLY K 404 6.49 30.12 37.46
C GLY K 404 7.65 30.17 38.44
N GLY K 405 7.99 29.04 39.06
CA GLY K 405 9.10 28.99 40.02
C GLY K 405 10.46 28.97 39.33
N THR K 406 10.49 28.80 38.01
CA THR K 406 11.77 28.76 37.25
C THR K 406 11.89 30.00 36.38
N LEU K 407 10.81 30.40 35.71
CA LEU K 407 10.87 31.55 34.75
C LEU K 407 10.61 32.87 35.49
N GLY K 408 10.40 32.83 36.80
CA GLY K 408 10.19 34.06 37.59
C GLY K 408 11.37 34.33 38.51
N HIS K 409 12.52 33.71 38.26
CA HIS K 409 13.73 33.92 39.09
C HIS K 409 14.37 35.25 38.70
N PRO K 410 14.86 36.06 39.66
CA PRO K 410 15.43 37.39 39.37
C PRO K 410 16.47 37.38 38.25
N TRP K 411 17.21 36.27 38.08
CA TRP K 411 18.28 36.20 37.05
C TRP K 411 17.72 35.62 35.74
N GLY K 412 17.67 34.29 35.60
CA GLY K 412 17.21 33.69 34.34
C GLY K 412 16.63 32.30 34.50
N ASN K 413 16.65 31.49 33.44
CA ASN K 413 16.02 30.14 33.49
C ASN K 413 17.01 29.09 33.97
N ALA K 414 18.27 29.17 33.53
CA ALA K 414 19.31 28.24 34.02
C ALA K 414 19.54 28.47 35.53
N PRO K 415 19.79 29.70 36.02
CA PRO K 415 19.92 29.94 37.46
C PRO K 415 18.69 29.47 38.26
N GLY K 416 17.49 29.56 37.67
CA GLY K 416 16.26 29.10 38.34
C GLY K 416 16.23 27.59 38.49
N ALA K 417 16.61 26.87 37.44
CA ALA K 417 16.61 25.38 37.47
C ALA K 417 17.62 24.87 38.50
N VAL K 418 18.81 25.47 38.58
CA VAL K 418 19.87 24.98 39.51
C VAL K 418 19.36 25.07 40.95
N ALA K 419 18.70 26.17 41.32
CA ALA K 419 18.20 26.37 42.70
C ALA K 419 17.26 25.21 43.09
N ASN K 420 16.33 24.86 42.21
CA ASN K 420 15.35 23.76 42.49
C ASN K 420 16.10 22.44 42.67
N ARG K 421 17.09 22.15 41.83
CA ARG K 421 17.83 20.87 41.90
C ARG K 421 18.59 20.77 43.23
N VAL K 422 19.28 21.84 43.62
CA VAL K 422 20.09 21.83 44.88
C VAL K 422 19.17 21.54 46.07
N ALA K 423 18.00 22.19 46.12
CA ALA K 423 17.05 22.01 47.25
C ALA K 423 16.66 20.53 47.39
N LEU K 424 16.22 19.91 46.29
CA LEU K 424 15.81 18.50 46.33
C LEU K 424 16.94 17.60 46.78
N GLU K 425 18.16 17.86 46.29
CA GLU K 425 19.30 17.05 46.72
C GLU K 425 19.53 17.17 48.22
N ALA K 426 19.45 18.39 48.75
CA ALA K 426 19.63 18.59 50.18
C ALA K 426 18.56 17.85 50.98
N CYS K 427 17.30 17.92 50.52
CA CYS K 427 16.23 17.22 51.23
C CYS K 427 16.44 15.72 51.22
N VAL K 428 16.87 15.16 50.09
CA VAL K 428 17.10 13.72 49.99
C VAL K 428 18.22 13.29 50.93
N GLN K 429 19.31 14.04 51.00
CA GLN K 429 20.45 13.58 51.84
C GLN K 429 20.00 13.43 53.30
N ALA K 430 19.34 14.44 53.87
CA ALA K 430 18.94 14.43 55.30
C ALA K 430 18.09 13.19 55.63
N ARG K 431 17.05 12.91 54.85
CA ARG K 431 16.14 11.78 55.13
C ARG K 431 16.95 10.52 55.48
N ASN K 432 18.02 10.25 54.73
CA ASN K 432 18.83 9.02 54.95
C ASN K 432 19.60 9.14 56.27
N GLU K 433 20.25 10.29 56.52
CA GLU K 433 20.97 10.52 57.80
C GLU K 433 20.05 10.15 58.97
N GLY K 434 18.75 10.44 58.86
CA GLY K 434 17.80 10.05 59.91
C GLY K 434 17.13 11.25 60.55
N ARG K 435 17.23 12.42 59.92
CA ARG K 435 16.64 13.66 60.51
C ARG K 435 15.15 13.72 60.17
N ASP K 436 14.39 14.54 60.88
CA ASP K 436 12.94 14.71 60.60
C ASP K 436 12.78 15.57 59.34
N LEU K 437 11.54 15.93 58.99
CA LEU K 437 11.30 16.79 57.81
C LEU K 437 10.09 17.69 58.10
N ALA K 438 9.17 17.23 58.94
CA ALA K 438 8.02 18.06 59.33
C ALA K 438 8.42 19.03 60.45
N ARG K 439 9.33 18.61 61.34
CA ARG K 439 9.72 19.45 62.49
C ARG K 439 10.94 20.30 62.13
N GLU K 440 11.82 19.79 61.26
CA GLU K 440 13.08 20.53 60.94
C GLU K 440 13.23 20.67 59.43
N GLY K 441 12.53 21.63 58.81
CA GLY K 441 12.59 21.81 57.35
C GLY K 441 13.22 23.13 56.95
N ASN K 442 12.78 24.23 57.57
CA ASN K 442 13.32 25.57 57.26
C ASN K 442 14.84 25.55 57.45
N ASP K 443 15.31 24.91 58.52
CA ASP K 443 16.78 24.79 58.75
C ASP K 443 17.44 24.22 57.49
N ILE K 444 17.07 23.00 57.11
CA ILE K 444 17.65 22.35 55.90
C ILE K 444 17.82 23.39 54.79
N ILE K 445 16.73 24.06 54.39
CA ILE K 445 16.79 25.03 53.26
C ILE K 445 17.85 26.10 53.56
N ARG K 446 17.80 26.70 54.76
CA ARG K 446 18.76 27.79 55.11
C ARG K 446 20.19 27.28 55.00
N GLU K 447 20.55 26.23 55.74
CA GLU K 447 21.95 25.74 55.75
C GLU K 447 22.46 25.52 54.32
N ALA K 448 21.58 25.20 53.38
CA ALA K 448 22.00 24.92 51.98
C ALA K 448 22.26 26.25 51.26
N SER K 449 21.45 27.26 51.54
CA SER K 449 21.61 28.59 50.87
C SER K 449 22.95 29.21 51.24
N LYS K 450 23.62 28.67 52.27
CA LYS K 450 24.90 29.27 52.75
C LYS K 450 26.03 29.00 51.75
N TRP K 451 25.83 28.10 50.79
CA TRP K 451 26.91 27.74 49.82
C TRP K 451 26.35 27.74 48.38
N SER K 452 25.11 28.20 48.19
CA SER K 452 24.51 28.26 46.83
C SER K 452 24.01 29.68 46.55
N PRO K 453 24.73 30.47 45.73
CA PRO K 453 24.34 31.87 45.48
C PRO K 453 23.03 31.98 44.70
N GLU K 454 22.63 30.93 43.98
CA GLU K 454 21.37 30.92 43.21
C GLU K 454 20.20 30.66 44.17
N LEU K 455 20.35 29.70 45.08
CA LEU K 455 19.27 29.35 46.04
C LEU K 455 19.02 30.54 46.97
N ALA K 456 20.07 31.29 47.31
CA ALA K 456 19.92 32.44 48.23
C ALA K 456 18.98 33.49 47.63
N ALA K 457 19.05 33.70 46.31
CA ALA K 457 18.23 34.74 45.65
C ALA K 457 16.75 34.33 45.65
N ALA K 458 16.45 33.08 45.29
CA ALA K 458 15.04 32.61 45.20
C ALA K 458 14.34 32.74 46.56
N CYS K 459 14.98 32.29 47.64
CA CYS K 459 14.34 32.31 48.98
C CYS K 459 13.86 33.73 49.33
N GLU K 460 14.66 34.75 48.99
CA GLU K 460 14.32 36.16 49.35
C GLU K 460 13.07 36.62 48.58
N VAL K 461 12.88 36.13 47.35
CA VAL K 461 11.74 36.59 46.52
C VAL K 461 10.41 36.05 47.06
N TRP K 462 10.34 34.76 47.40
CA TRP K 462 9.05 34.16 47.81
C TRP K 462 9.10 33.64 49.26
N LYS K 463 9.07 34.54 50.25
CA LYS K 463 9.17 34.13 51.67
C LYS K 463 7.76 33.96 52.27
N GLU K 464 6.88 34.93 52.06
CA GLU K 464 5.54 34.90 52.67
C GLU K 464 4.45 34.80 51.60
N ILE K 465 4.35 33.66 50.91
CA ILE K 465 3.33 33.46 49.85
C ILE K 465 2.70 32.07 50.02
N LYS K 466 1.53 31.99 50.67
CA LYS K 466 0.89 30.68 50.95
C LYS K 466 -0.58 30.73 50.51
N PHE K 467 -1.29 29.60 50.59
CA PHE K 467 -2.71 29.51 50.16
C PHE K 467 -3.51 28.73 51.19
N VAL K 468 -4.40 29.40 51.93
CA VAL K 468 -5.21 28.73 52.99
C VAL K 468 -6.66 29.21 52.92
N PHE K 469 -7.58 28.30 52.62
CA PHE K 469 -9.03 28.64 52.56
C PHE K 469 -9.82 27.47 53.14
N GLU K 470 -11.14 27.62 53.28
CA GLU K 470 -11.99 26.53 53.84
C GLU K 470 -12.26 25.48 52.76
N THR K 471 -12.16 24.19 53.10
CA THR K 471 -12.38 23.10 52.12
C THR K 471 -13.87 22.88 51.92
N ILE K 472 -14.31 22.73 50.66
CA ILE K 472 -15.76 22.55 50.34
C ILE K 472 -16.07 21.05 50.22
N ASP K 473 -15.06 20.25 49.86
CA ASP K 473 -15.24 18.78 49.75
C ASP K 473 -14.49 18.11 50.90
N THR K 474 -14.92 18.37 52.13
CA THR K 474 -14.23 17.81 53.32
C THR K 474 -14.14 16.28 53.20
N LEU K 475 -15.26 15.58 53.39
CA LEU K 475 -15.26 14.09 53.34
C LEU K 475 -16.69 13.57 53.47
N GLY L 12 10.77 47.07 32.31
CA GLY L 12 11.80 46.25 32.96
C GLY L 12 11.21 45.01 33.60
N PHE L 13 12.06 44.10 34.10
CA PHE L 13 11.55 42.90 34.80
C PHE L 13 11.61 43.13 36.31
N LYS L 14 10.50 42.90 37.01
CA LYS L 14 10.49 43.00 38.50
C LYS L 14 9.95 41.69 39.06
N ALA L 15 10.81 40.83 39.60
CA ALA L 15 10.37 39.53 40.15
C ALA L 15 9.45 39.76 41.36
N GLY L 16 8.36 39.00 41.46
CA GLY L 16 7.42 39.14 42.59
C GLY L 16 6.00 38.80 42.21
N VAL L 17 5.05 38.98 43.13
CA VAL L 17 3.62 38.66 42.87
C VAL L 17 2.80 39.95 42.90
N LYS L 18 1.77 40.05 42.05
CA LYS L 18 0.89 41.26 42.01
C LYS L 18 -0.58 40.82 41.98
N ASP L 19 -1.50 41.78 41.86
CA ASP L 19 -2.95 41.47 41.82
C ASP L 19 -3.39 41.24 40.39
N TYR L 20 -4.57 40.66 40.18
CA TYR L 20 -5.06 40.35 38.81
C TYR L 20 -5.86 41.52 38.27
N ARG L 21 -6.55 42.25 39.14
CA ARG L 21 -7.44 43.37 38.70
C ARG L 21 -6.62 44.54 38.15
N LEU L 22 -5.31 44.35 37.94
CA LEU L 22 -4.44 45.47 37.50
C LEU L 22 -4.23 45.40 35.99
N THR L 23 -4.59 44.29 35.34
CA THR L 23 -4.33 44.12 33.90
C THR L 23 -5.46 43.33 33.22
N TYR L 24 -6.41 42.79 33.99
CA TYR L 24 -7.45 41.93 33.39
C TYR L 24 -8.86 42.45 33.69
N TYR L 25 -8.98 43.68 34.18
CA TYR L 25 -10.32 44.28 34.40
C TYR L 25 -10.43 45.57 33.57
N THR L 26 -11.25 45.56 32.51
CA THR L 26 -11.36 46.72 31.61
C THR L 26 -12.80 47.25 31.61
N PRO L 27 -13.24 47.97 32.66
CA PRO L 27 -14.62 48.47 32.76
C PRO L 27 -15.15 49.07 31.46
N ASP L 28 -14.36 49.91 30.78
CA ASP L 28 -14.80 50.55 29.54
C ASP L 28 -14.07 49.89 28.37
N TYR L 29 -14.78 49.06 27.63
CA TYR L 29 -14.22 48.35 26.50
C TYR L 29 -15.34 48.08 25.50
N GLU L 30 -15.04 48.26 24.22
CA GLU L 30 -16.03 48.11 23.17
C GLU L 30 -15.70 46.86 22.36
N THR L 31 -16.60 45.88 22.38
CA THR L 31 -16.35 44.60 21.75
C THR L 31 -16.35 44.73 20.24
N LYS L 32 -15.63 43.81 19.59
CA LYS L 32 -15.53 43.76 18.15
C LYS L 32 -16.38 42.61 17.60
N ASP L 33 -16.62 42.65 16.29
CA ASP L 33 -17.49 41.65 15.67
C ASP L 33 -16.84 40.27 15.65
N THR L 34 -15.52 40.20 15.59
CA THR L 34 -14.82 38.92 15.60
C THR L 34 -14.32 38.58 17.01
N ASP L 35 -15.27 38.39 17.92
CA ASP L 35 -14.96 38.08 19.30
C ASP L 35 -15.90 37.01 19.82
N ILE L 36 -15.45 36.28 20.83
CA ILE L 36 -16.24 35.26 21.50
C ILE L 36 -16.53 35.74 22.91
N LEU L 37 -17.80 35.68 23.31
CA LEU L 37 -18.24 36.18 24.60
C LEU L 37 -18.85 35.05 25.42
N ALA L 38 -18.69 35.15 26.74
CA ALA L 38 -19.22 34.15 27.67
C ALA L 38 -19.91 34.85 28.82
N ALA L 39 -20.59 34.06 29.65
CA ALA L 39 -21.32 34.62 30.80
C ALA L 39 -21.46 33.54 31.87
N PHE L 40 -20.68 33.65 32.94
CA PHE L 40 -20.81 32.79 34.10
C PHE L 40 -21.48 33.52 35.25
N ARG L 41 -22.10 32.75 36.13
CA ARG L 41 -22.59 33.23 37.41
C ARG L 41 -21.70 32.65 38.51
N MET L 42 -21.26 33.50 39.43
CA MET L 42 -20.22 33.13 40.38
C MET L 42 -20.67 33.43 41.81
N THR L 43 -20.00 32.76 42.76
CA THR L 43 -20.24 32.99 44.18
C THR L 43 -18.91 32.84 44.91
N PRO L 44 -18.20 33.95 45.13
CA PRO L 44 -16.91 33.86 45.81
C PRO L 44 -17.06 33.64 47.30
N GLN L 45 -15.97 33.31 47.98
CA GLN L 45 -15.99 33.06 49.41
C GLN L 45 -15.43 34.26 50.16
N PRO L 46 -15.80 34.44 51.43
CA PRO L 46 -15.57 35.73 52.10
C PRO L 46 -14.10 36.14 52.09
N GLY L 47 -13.87 37.42 51.82
CA GLY L 47 -12.53 37.97 51.82
C GLY L 47 -12.13 38.62 50.52
N VAL L 48 -12.59 38.05 49.40
CA VAL L 48 -12.16 38.53 48.05
C VAL L 48 -13.22 39.48 47.46
N PRO L 49 -12.80 40.63 46.90
CA PRO L 49 -13.74 41.54 46.23
C PRO L 49 -14.15 40.97 44.87
N PRO L 50 -15.43 41.15 44.43
CA PRO L 50 -15.89 40.57 43.17
C PRO L 50 -14.95 40.85 41.99
N GLU L 51 -14.45 42.08 41.87
CA GLU L 51 -13.58 42.46 40.73
C GLU L 51 -12.39 41.51 40.62
N GLU L 52 -11.70 41.24 41.73
CA GLU L 52 -10.54 40.32 41.73
C GLU L 52 -10.98 38.95 41.20
N ALA L 53 -12.09 38.42 41.71
CA ALA L 53 -12.60 37.10 41.27
C ALA L 53 -12.76 37.08 39.75
N GLY L 54 -13.62 37.93 39.20
CA GLY L 54 -13.82 37.99 37.75
C GLY L 54 -12.51 38.07 36.98
N ALA L 55 -11.63 39.01 37.35
CA ALA L 55 -10.33 39.17 36.67
C ALA L 55 -9.54 37.86 36.71
N ALA L 56 -9.59 37.15 37.84
CA ALA L 56 -8.85 35.87 37.98
C ALA L 56 -9.41 34.81 37.03
N VAL L 57 -10.75 34.75 36.89
CA VAL L 57 -11.37 33.78 35.95
C VAL L 57 -10.79 34.01 34.56
N ALA L 58 -10.76 35.27 34.10
CA ALA L 58 -10.29 35.59 32.73
C ALA L 58 -8.79 35.28 32.56
N ALA L 59 -7.97 35.54 33.57
CA ALA L 59 -6.50 35.37 33.45
C ALA L 59 -6.12 33.90 33.24
N GLU L 60 -6.57 33.00 34.12
CA GLU L 60 -6.14 31.58 34.04
C GLU L 60 -6.95 30.83 32.98
N SER L 61 -7.46 31.52 31.96
CA SER L 61 -8.20 30.85 30.85
C SER L 61 -7.66 31.37 29.52
N SER L 62 -6.81 32.40 29.56
CA SER L 62 -6.23 32.99 28.32
C SER L 62 -4.70 32.96 28.42
N THR L 63 -4.10 33.90 29.14
CA THR L 63 -2.62 33.97 29.27
C THR L 63 -2.25 34.62 30.61
N GLY L 64 -1.81 33.83 31.59
CA GLY L 64 -1.50 34.36 32.93
C GLY L 64 -1.10 33.30 33.93
N THR L 65 -0.19 33.62 34.86
CA THR L 65 0.27 32.65 35.89
C THR L 65 0.05 33.26 37.29
N TRP L 66 1.09 33.32 38.12
CA TRP L 66 0.91 33.79 39.51
C TRP L 66 2.14 34.56 40.05
N THR L 67 3.19 34.76 39.25
CA THR L 67 4.41 35.38 39.84
C THR L 67 5.24 36.22 38.83
N THR L 68 4.66 36.67 37.72
CA THR L 68 5.38 37.58 36.77
C THR L 68 6.56 36.88 36.08
N VAL L 69 6.48 36.72 34.75
CA VAL L 69 7.57 36.05 33.97
C VAL L 69 8.24 37.10 33.09
N TRP L 70 9.41 36.81 32.54
CA TRP L 70 10.16 37.81 31.73
C TRP L 70 9.94 37.58 30.22
N THR L 71 9.49 36.39 29.84
CA THR L 71 9.35 36.04 28.40
C THR L 71 8.13 36.74 27.79
N ASP L 72 7.50 37.66 28.51
CA ASP L 72 6.28 38.34 28.02
C ASP L 72 6.66 39.66 27.31
N GLY L 73 7.82 40.21 27.66
CA GLY L 73 8.29 41.46 27.03
C GLY L 73 8.87 41.22 25.66
N LEU L 74 8.44 40.14 24.98
CA LEU L 74 8.93 39.84 23.61
C LEU L 74 7.79 39.27 22.77
N THR L 75 6.53 39.41 23.23
CA THR L 75 5.37 38.83 22.51
C THR L 75 4.28 39.88 22.30
N SER L 76 4.29 40.94 23.10
CA SER L 76 3.25 42.01 23.00
C SER L 76 1.87 41.48 23.39
N LEU L 77 1.46 41.66 24.64
CA LEU L 77 0.09 41.26 25.06
C LEU L 77 -0.88 42.31 24.52
N ASP L 78 -2.02 42.53 25.19
CA ASP L 78 -3.04 43.47 24.67
C ASP L 78 -3.64 42.91 23.39
N ARG L 79 -2.83 42.27 22.54
CA ARG L 79 -3.35 41.61 21.31
C ARG L 79 -3.91 40.24 21.70
N TYR L 80 -3.25 39.54 22.62
CA TYR L 80 -3.76 38.22 23.09
C TYR L 80 -4.02 38.30 24.60
N LYS L 81 -5.29 38.39 25.00
CA LYS L 81 -5.65 38.42 26.45
C LYS L 81 -7.17 38.51 26.60
N GLY L 82 -7.73 37.80 27.58
CA GLY L 82 -9.19 37.92 27.85
C GLY L 82 -9.45 39.06 28.81
N ARG L 83 -10.65 39.64 28.79
CA ARG L 83 -10.92 40.82 29.64
C ARG L 83 -12.32 40.76 30.24
N CYS L 84 -12.45 40.98 31.55
CA CYS L 84 -13.79 41.09 32.19
C CYS L 84 -14.25 42.54 31.99
N TYR L 85 -15.43 42.76 31.42
CA TYR L 85 -15.84 44.15 31.11
C TYR L 85 -17.20 44.49 31.72
N ASP L 86 -17.72 43.64 32.60
CA ASP L 86 -19.00 43.96 33.30
C ASP L 86 -19.31 42.95 34.41
N ILE L 87 -19.86 43.41 35.53
CA ILE L 87 -20.27 42.51 36.64
C ILE L 87 -21.63 42.99 37.16
N GLU L 88 -22.62 42.10 37.24
CA GLU L 88 -23.98 42.51 37.69
C GLU L 88 -24.43 41.63 38.86
N PRO L 89 -24.94 42.21 39.97
CA PRO L 89 -25.43 41.44 41.11
C PRO L 89 -26.75 40.71 40.81
N VAL L 90 -26.98 39.57 41.47
CA VAL L 90 -28.19 38.79 41.25
C VAL L 90 -29.20 39.11 42.35
N ALA L 91 -30.41 39.48 41.94
CA ALA L 91 -31.45 39.80 42.91
C ALA L 91 -31.86 38.57 43.71
N GLY L 92 -32.15 38.78 44.99
CA GLY L 92 -32.50 37.69 45.88
C GLY L 92 -31.31 37.11 46.61
N GLU L 93 -30.36 36.56 45.86
CA GLU L 93 -29.16 36.00 46.46
C GLU L 93 -28.28 37.09 47.03
N GLU L 94 -27.50 36.74 48.06
CA GLU L 94 -26.63 37.70 48.73
C GLU L 94 -25.21 37.70 48.21
N ASN L 95 -24.75 36.59 47.63
CA ASN L 95 -23.36 36.45 47.20
C ASN L 95 -23.29 35.85 45.80
N GLN L 96 -24.07 36.39 44.88
CA GLN L 96 -24.07 35.93 43.50
C GLN L 96 -23.93 37.11 42.55
N TYR L 97 -23.18 36.92 41.47
CA TYR L 97 -22.97 37.99 40.46
C TYR L 97 -22.88 37.38 39.07
N ILE L 98 -23.12 38.17 38.03
CA ILE L 98 -22.94 37.67 36.63
C ILE L 98 -21.74 38.40 36.01
N ALA L 99 -20.78 37.65 35.48
CA ALA L 99 -19.56 38.24 34.87
C ALA L 99 -19.63 38.11 33.34
N TYR L 100 -18.82 38.89 32.62
CA TYR L 100 -18.82 38.86 31.14
C TYR L 100 -17.37 38.96 30.63
N VAL L 101 -16.88 37.91 29.94
CA VAL L 101 -15.46 37.89 29.47
C VAL L 101 -15.42 37.91 27.94
N ALA L 102 -14.42 38.56 27.35
CA ALA L 102 -14.27 38.64 25.88
C ALA L 102 -12.97 37.96 25.44
N TYR L 103 -13.00 37.14 24.39
CA TYR L 103 -11.81 36.38 23.97
C TYR L 103 -11.41 36.74 22.54
N PRO L 104 -10.13 37.07 22.27
CA PRO L 104 -9.67 37.36 20.90
C PRO L 104 -9.87 36.16 19.98
N LEU L 105 -9.98 36.38 18.67
CA LEU L 105 -10.27 35.27 17.72
C LEU L 105 -9.03 34.41 17.48
N ASP L 106 -7.83 35.00 17.55
CA ASP L 106 -6.62 34.24 17.23
C ASP L 106 -6.26 33.19 18.26
N LEU L 107 -7.08 32.92 19.26
CA LEU L 107 -6.72 31.97 20.31
C LEU L 107 -7.17 30.55 20.02
N PHE L 108 -7.94 30.32 18.96
CA PHE L 108 -8.60 29.04 18.74
C PHE L 108 -8.15 28.41 17.43
N GLU L 109 -8.22 27.08 17.38
CA GLU L 109 -7.89 26.32 16.19
C GLU L 109 -9.16 26.07 15.38
N GLU L 110 -9.05 26.21 14.05
CA GLU L 110 -10.22 26.13 13.19
C GLU L 110 -10.74 24.70 13.11
N GLY L 111 -12.06 24.55 13.26
CA GLY L 111 -12.70 23.26 13.07
C GLY L 111 -12.59 22.30 14.22
N SER L 112 -12.26 22.77 15.42
CA SER L 112 -12.06 21.91 16.58
C SER L 112 -12.94 22.39 17.72
N VAL L 113 -13.87 21.53 18.16
CA VAL L 113 -14.66 21.84 19.34
C VAL L 113 -13.87 21.52 20.61
N THR L 114 -13.00 20.51 20.54
CA THR L 114 -12.19 20.13 21.70
C THR L 114 -11.32 21.27 22.17
N ASN L 115 -10.70 22.00 21.24
CA ASN L 115 -9.83 23.10 21.62
C ASN L 115 -10.60 24.21 22.31
N MET L 116 -11.75 24.59 21.77
CA MET L 116 -12.55 25.64 22.40
C MET L 116 -12.99 25.22 23.79
N PHE L 117 -13.47 23.99 23.93
CA PHE L 117 -13.92 23.53 25.24
C PHE L 117 -12.78 23.47 26.25
N THR L 118 -11.61 22.99 25.83
CA THR L 118 -10.49 22.90 26.76
C THR L 118 -9.88 24.25 27.07
N SER L 119 -10.11 25.27 26.23
CA SER L 119 -9.62 26.60 26.55
C SER L 119 -10.57 27.35 27.48
N ILE L 120 -11.87 27.36 27.16
CA ILE L 120 -12.80 28.18 27.93
C ILE L 120 -12.99 27.62 29.32
N VAL L 121 -13.18 26.31 29.44
CA VAL L 121 -13.36 25.66 30.74
C VAL L 121 -12.34 24.51 30.83
N GLY L 122 -11.21 24.79 31.50
CA GLY L 122 -10.18 23.74 31.65
C GLY L 122 -9.76 23.57 33.10
N ASN L 123 -9.48 24.66 33.82
CA ASN L 123 -8.94 24.52 35.20
C ASN L 123 -9.50 25.61 36.14
N VAL L 124 -10.47 26.41 35.70
CA VAL L 124 -10.95 27.56 36.53
C VAL L 124 -12.04 27.09 37.51
N PHE L 125 -12.67 25.95 37.24
CA PHE L 125 -13.76 25.41 38.09
C PHE L 125 -13.22 24.77 39.37
N GLY L 126 -11.92 24.89 39.64
CA GLY L 126 -11.33 24.19 40.81
C GLY L 126 -10.34 25.04 41.59
N PHE L 127 -10.53 26.36 41.59
CA PHE L 127 -9.62 27.26 42.34
C PHE L 127 -10.05 27.34 43.80
N LYS L 128 -9.10 27.51 44.71
CA LYS L 128 -9.42 27.53 46.17
C LYS L 128 -9.91 28.92 46.59
N ALA L 129 -10.38 29.74 45.66
CA ALA L 129 -10.87 31.10 45.98
C ALA L 129 -12.34 31.25 45.59
N LEU L 130 -12.93 30.22 44.97
CA LEU L 130 -14.37 30.23 44.61
C LEU L 130 -15.06 29.08 45.34
N ARG L 131 -16.39 29.06 45.38
CA ARG L 131 -17.12 27.95 46.02
C ARG L 131 -18.08 27.32 44.99
N ALA L 132 -18.29 27.99 43.85
CA ALA L 132 -19.19 27.46 42.80
C ALA L 132 -19.08 28.27 41.51
N LEU L 133 -19.40 27.65 40.36
CA LEU L 133 -19.35 28.32 39.07
C LEU L 133 -20.33 27.63 38.12
N ARG L 134 -20.80 28.37 37.12
CA ARG L 134 -21.77 27.83 36.17
C ARG L 134 -21.73 28.65 34.90
N LEU L 135 -21.55 27.99 33.76
CA LEU L 135 -21.56 28.64 32.46
C LEU L 135 -22.99 28.68 31.92
N GLU L 136 -23.36 29.80 31.31
CA GLU L 136 -24.75 30.02 30.91
C GLU L 136 -24.93 30.16 29.41
N ASP L 137 -24.10 30.96 28.74
CA ASP L 137 -24.32 31.19 27.28
C ASP L 137 -23.00 31.52 26.58
N LEU L 138 -22.98 31.42 25.26
CA LEU L 138 -21.76 31.75 24.46
C LEU L 138 -22.20 32.42 23.16
N ARG L 139 -21.39 33.35 22.64
CA ARG L 139 -21.71 34.00 21.33
C ARG L 139 -20.60 33.68 20.33
N ILE L 140 -20.93 32.90 19.30
CA ILE L 140 -19.91 32.48 18.29
C ILE L 140 -19.98 33.45 17.10
N PRO L 141 -18.89 34.16 16.76
CA PRO L 141 -18.87 35.08 15.62
C PRO L 141 -19.08 34.32 14.30
N PRO L 142 -19.61 34.96 13.24
CA PRO L 142 -19.81 34.32 11.94
C PRO L 142 -18.52 34.07 11.14
N ALA L 143 -17.35 34.19 11.79
CA ALA L 143 -16.05 33.97 11.11
C ALA L 143 -15.39 32.72 11.67
N TYR L 144 -15.89 32.20 12.80
CA TYR L 144 -15.36 30.94 13.36
C TYR L 144 -16.27 29.79 12.94
N SER L 145 -17.55 30.08 12.70
CA SER L 145 -18.54 29.04 12.32
C SER L 145 -18.32 28.57 10.88
N LYS L 146 -17.87 29.47 10.00
CA LYS L 146 -17.74 29.12 8.56
C LYS L 146 -16.62 28.09 8.35
N THR L 147 -15.85 27.77 9.39
CA THR L 147 -14.81 26.77 9.27
C THR L 147 -15.29 25.37 9.65
N PHE L 148 -16.54 25.22 10.06
CA PHE L 148 -17.12 23.93 10.39
C PHE L 148 -17.98 23.42 9.25
N GLN L 149 -18.37 22.15 9.36
CA GLN L 149 -19.21 21.55 8.33
C GLN L 149 -20.68 21.58 8.69
N GLY L 150 -21.01 21.31 9.95
CA GLY L 150 -22.39 21.34 10.40
C GLY L 150 -23.08 20.01 10.22
N PRO L 151 -24.41 20.01 10.24
CA PRO L 151 -25.15 18.78 10.05
C PRO L 151 -24.88 18.19 8.68
N PRO L 152 -24.91 16.86 8.54
CA PRO L 152 -24.65 16.26 7.23
C PRO L 152 -25.67 16.66 6.17
N HIS L 153 -26.96 16.55 6.46
CA HIS L 153 -28.00 16.83 5.49
C HIS L 153 -28.87 18.02 5.87
N GLY L 154 -29.51 17.99 7.04
CA GLY L 154 -30.36 19.08 7.49
C GLY L 154 -31.80 18.61 7.68
N ILE L 155 -32.74 19.50 7.36
CA ILE L 155 -34.16 19.24 7.55
C ILE L 155 -34.86 19.01 6.21
N GLN L 156 -34.71 19.94 5.27
CA GLN L 156 -35.40 19.81 3.98
C GLN L 156 -34.91 18.61 3.19
N VAL L 157 -33.59 18.38 3.18
CA VAL L 157 -33.03 17.29 2.39
C VAL L 157 -33.51 15.95 2.92
N GLU L 158 -33.60 15.80 4.23
CA GLU L 158 -34.07 14.55 4.81
C GLU L 158 -35.53 14.28 4.44
N ARG L 159 -36.37 15.33 4.48
CA ARG L 159 -37.76 15.18 4.10
C ARG L 159 -37.89 14.80 2.63
N ASP L 160 -37.06 15.40 1.77
CA ASP L 160 -37.07 15.03 0.36
C ASP L 160 -36.64 13.58 0.19
N LYS L 161 -35.65 13.14 0.96
CA LYS L 161 -35.18 11.75 0.84
C LYS L 161 -36.25 10.77 1.27
N LEU L 162 -36.98 11.07 2.35
CA LEU L 162 -37.98 10.15 2.86
C LEU L 162 -39.34 10.30 2.19
N ASN L 163 -39.61 11.43 1.53
CA ASN L 163 -40.87 11.69 0.85
C ASN L 163 -42.05 11.62 1.82
N LYS L 164 -42.02 12.50 2.81
CA LYS L 164 -43.07 12.60 3.82
C LYS L 164 -43.28 14.06 4.15
N TYR L 165 -44.49 14.57 3.92
CA TYR L 165 -44.78 15.97 4.13
C TYR L 165 -46.07 16.14 4.92
N GLY L 166 -46.11 17.19 5.74
CA GLY L 166 -47.33 17.69 6.33
C GLY L 166 -47.56 17.28 7.78
N ARG L 167 -46.90 16.24 8.28
CA ARG L 167 -47.20 15.74 9.61
C ARG L 167 -45.93 15.29 10.31
N PRO L 168 -45.93 15.30 11.64
CA PRO L 168 -44.77 14.77 12.38
C PRO L 168 -44.60 13.28 12.16
N LEU L 169 -43.36 12.82 12.29
CA LEU L 169 -43.05 11.41 12.12
C LEU L 169 -43.26 10.64 13.42
N LEU L 170 -43.37 9.33 13.29
CA LEU L 170 -43.67 8.45 14.42
C LEU L 170 -42.56 7.43 14.58
N GLY L 171 -42.44 6.90 15.81
CA GLY L 171 -41.43 5.90 16.10
C GLY L 171 -41.73 5.19 17.39
N CYS L 172 -40.94 4.15 17.68
CA CYS L 172 -41.13 3.38 18.90
C CYS L 172 -39.81 2.75 19.31
N THR L 173 -39.67 2.38 20.58
CA THR L 173 -38.43 1.78 21.06
C THR L 173 -38.66 0.42 21.68
N ILE L 174 -37.76 -0.52 21.42
CA ILE L 174 -37.89 -1.83 22.02
C ILE L 174 -37.82 -1.71 23.54
N LYS L 175 -38.90 -2.07 24.22
CA LYS L 175 -38.95 -1.94 25.67
C LYS L 175 -38.09 -3.01 26.36
N PRO L 176 -38.19 -3.12 27.71
CA PRO L 176 -37.30 -4.08 28.36
C PRO L 176 -37.58 -5.50 27.96
N LYS L 177 -37.00 -5.94 26.85
CA LYS L 177 -37.16 -7.32 26.44
C LYS L 177 -35.78 -7.84 26.10
N LEU L 178 -34.81 -7.61 26.99
CA LEU L 178 -33.44 -8.05 26.76
C LEU L 178 -33.29 -9.56 26.83
N GLY L 179 -32.07 -10.07 26.79
CA GLY L 179 -31.90 -11.50 26.79
C GLY L 179 -32.64 -12.23 25.69
N LEU L 180 -33.10 -11.53 24.67
CA LEU L 180 -33.82 -12.13 23.55
C LEU L 180 -32.85 -12.52 22.45
N SER L 181 -33.14 -13.62 21.76
CA SER L 181 -32.34 -14.00 20.62
C SER L 181 -32.61 -13.07 19.45
N ALA L 182 -31.76 -13.17 18.42
CA ALA L 182 -31.87 -12.27 17.28
C ALA L 182 -33.17 -12.47 16.52
N LYS L 183 -33.60 -13.73 16.35
CA LYS L 183 -34.81 -14.01 15.58
C LYS L 183 -36.03 -13.39 16.24
N ASN L 184 -36.13 -13.51 17.57
CA ASN L 184 -37.25 -12.90 18.28
C ASN L 184 -37.22 -11.39 18.19
N TYR L 185 -36.03 -10.80 18.16
CA TYR L 185 -35.89 -9.37 17.96
C TYR L 185 -36.42 -8.95 16.59
N GLY L 186 -36.02 -9.68 15.55
CA GLY L 186 -36.47 -9.36 14.21
C GLY L 186 -37.96 -9.53 14.02
N ARG L 187 -38.54 -10.54 14.66
CA ARG L 187 -39.99 -10.75 14.55
C ARG L 187 -40.76 -9.56 15.11
N ALA L 188 -40.36 -9.09 16.30
CA ALA L 188 -41.03 -7.93 16.89
C ALA L 188 -40.83 -6.69 16.04
N VAL L 189 -39.61 -6.49 15.50
CA VAL L 189 -39.37 -5.34 14.65
C VAL L 189 -40.28 -5.38 13.43
N TYR L 190 -40.42 -6.55 12.80
CA TYR L 190 -41.28 -6.67 11.63
C TYR L 190 -42.73 -6.38 11.98
N GLU L 191 -43.21 -6.93 13.10
CA GLU L 191 -44.59 -6.67 13.50
C GLU L 191 -44.85 -5.18 13.69
N CYS L 192 -43.97 -4.51 14.44
CA CYS L 192 -44.16 -3.09 14.69
C CYS L 192 -44.12 -2.28 13.40
N LEU L 193 -43.18 -2.62 12.50
CA LEU L 193 -43.08 -1.87 11.25
C LEU L 193 -44.31 -2.09 10.36
N ARG L 194 -44.81 -3.32 10.30
CA ARG L 194 -46.02 -3.59 9.53
C ARG L 194 -47.25 -2.93 10.15
N GLY L 195 -47.21 -2.64 11.45
CA GLY L 195 -48.35 -1.98 12.09
C GLY L 195 -48.68 -0.64 11.44
N GLY L 196 -47.68 0.13 11.06
CA GLY L 196 -47.93 1.41 10.43
C GLY L 196 -46.99 2.54 10.85
N LEU L 197 -46.03 2.25 11.72
CA LEU L 197 -45.09 3.26 12.18
C LEU L 197 -44.06 3.57 11.09
N ASP L 198 -43.12 4.44 11.43
CA ASP L 198 -42.07 4.85 10.51
C ASP L 198 -40.68 4.38 10.93
N PHE L 199 -40.26 4.68 12.15
CA PHE L 199 -38.94 4.35 12.65
C PHE L 199 -39.04 3.36 13.80
N THR L 200 -37.90 2.79 14.17
CA THR L 200 -37.86 1.84 15.27
C THR L 200 -36.47 1.94 15.89
N ASP L 202 -33.41 1.26 19.11
CA ASP L 202 -32.76 0.12 19.73
C ASP L 202 -32.71 0.36 21.23
N ASP L 203 -31.58 0.06 21.84
CA ASP L 203 -31.40 0.33 23.30
C ASP L 203 -29.96 0.79 23.52
N GLU L 204 -29.77 1.96 24.13
CA GLU L 204 -28.41 2.54 24.30
C GLU L 204 -27.46 1.53 24.96
N ASN L 205 -27.97 0.65 25.82
CA ASN L 205 -27.08 -0.28 26.56
C ASN L 205 -26.97 -1.62 25.82
N VAL L 206 -26.87 -1.59 24.50
CA VAL L 206 -26.80 -2.83 23.72
C VAL L 206 -25.79 -2.65 22.61
N ASN L 207 -24.57 -3.14 22.80
CA ASN L 207 -23.54 -3.07 21.76
C ASN L 207 -23.13 -4.44 21.27
N SER L 208 -22.60 -5.29 22.14
CA SER L 208 -22.24 -6.66 21.79
C SER L 208 -22.04 -7.43 23.09
N GLN L 209 -22.87 -8.44 23.33
CA GLN L 209 -22.88 -9.14 24.59
C GLN L 209 -22.96 -10.64 24.33
N PRO L 210 -22.63 -11.47 25.31
CA PRO L 210 -22.65 -12.92 25.07
C PRO L 210 -23.98 -13.47 24.59
N PHE L 211 -25.09 -12.86 25.01
CA PHE L 211 -26.40 -13.37 24.57
C PHE L 211 -26.77 -12.91 23.17
N MET L 212 -26.09 -11.92 22.62
CA MET L 212 -26.42 -11.44 21.27
C MET L 212 -25.25 -10.63 20.73
N ARG L 213 -24.64 -11.11 19.64
CA ARG L 213 -23.60 -10.37 18.95
C ARG L 213 -24.25 -9.46 17.89
N TRP L 214 -23.43 -8.62 17.26
CA TRP L 214 -23.99 -7.55 16.46
C TRP L 214 -24.24 -7.93 15.01
N ARG L 215 -23.41 -8.78 14.41
CA ARG L 215 -23.53 -9.04 12.98
C ARG L 215 -24.84 -9.73 12.64
N ASP L 216 -25.21 -10.77 13.40
CA ASP L 216 -26.46 -11.47 13.11
C ASP L 216 -27.68 -10.62 13.44
N ARG L 217 -27.61 -9.76 14.46
CA ARG L 217 -28.71 -8.83 14.70
C ARG L 217 -28.89 -7.88 13.52
N PHE L 218 -27.78 -7.36 12.98
CA PHE L 218 -27.86 -6.54 11.77
C PHE L 218 -28.51 -7.32 10.63
N LEU L 219 -28.10 -8.57 10.44
CA LEU L 219 -28.63 -9.37 9.34
C LEU L 219 -30.14 -9.55 9.47
N PHE L 220 -30.60 -9.91 10.67
CA PHE L 220 -32.03 -10.17 10.85
C PHE L 220 -32.85 -8.89 10.72
N VAL L 221 -32.36 -7.77 11.25
CA VAL L 221 -33.09 -6.52 11.11
C VAL L 221 -33.19 -6.11 9.64
N ALA L 222 -32.09 -6.26 8.89
CA ALA L 222 -32.13 -5.94 7.47
C ALA L 222 -33.08 -6.85 6.72
N GLU L 223 -33.15 -8.13 7.09
CA GLU L 223 -34.11 -9.03 6.46
C GLU L 223 -35.54 -8.60 6.75
N ALA L 224 -35.82 -8.17 7.97
CA ALA L 224 -37.19 -7.77 8.32
C ALA L 224 -37.61 -6.48 7.62
N ILE L 225 -36.69 -5.53 7.43
CA ILE L 225 -37.07 -4.22 6.91
C ILE L 225 -37.64 -4.35 5.50
N PHE L 226 -36.97 -5.11 4.63
CA PHE L 226 -37.44 -5.23 3.24
C PHE L 226 -38.80 -5.89 3.17
N LYS L 227 -38.99 -6.98 3.90
CA LYS L 227 -40.25 -7.71 3.82
C LYS L 227 -41.40 -6.89 4.39
N SER L 228 -41.13 -6.07 5.42
CA SER L 228 -42.16 -5.16 5.89
C SER L 228 -42.44 -4.05 4.88
N GLN L 229 -41.40 -3.58 4.18
CA GLN L 229 -41.56 -2.51 3.21
C GLN L 229 -42.35 -2.93 1.98
N ALA L 230 -42.23 -4.19 1.56
CA ALA L 230 -42.86 -4.62 0.31
C ALA L 230 -44.39 -4.54 0.37
N GLU L 231 -44.98 -4.87 1.51
CA GLU L 231 -46.42 -4.99 1.61
C GLU L 231 -47.15 -3.65 1.70
N THR L 232 -46.46 -2.56 2.04
CA THR L 232 -47.12 -1.28 2.27
C THR L 232 -46.74 -0.20 1.28
N GLY L 233 -45.61 -0.32 0.59
CA GLY L 233 -45.19 0.71 -0.34
C GLY L 233 -44.81 2.04 0.28
N GLU L 234 -44.14 2.00 1.43
CA GLU L 234 -43.64 3.20 2.08
C GLU L 234 -42.23 2.94 2.59
N ILE L 235 -41.46 4.00 2.76
CA ILE L 235 -40.07 3.88 3.17
C ILE L 235 -40.00 3.72 4.69
N LYS L 236 -39.28 2.70 5.14
CA LYS L 236 -39.15 2.38 6.56
C LYS L 236 -37.67 2.22 6.91
N GLY L 237 -37.36 2.43 8.19
CA GLY L 237 -35.99 2.38 8.65
C GLY L 237 -35.91 1.94 10.10
N HIS L 238 -34.67 1.80 10.58
CA HIS L 238 -34.41 1.35 11.93
C HIS L 238 -33.01 1.80 12.33
N TYR L 239 -32.88 2.38 13.52
CA TYR L 239 -31.60 2.90 13.99
C TYR L 239 -30.72 1.76 14.48
N LEU L 240 -29.48 1.72 14.03
CA LEU L 240 -28.52 0.71 14.42
C LEU L 240 -27.40 1.36 15.23
N ASN L 241 -27.17 0.84 16.44
CA ASN L 241 -26.18 1.43 17.33
C ASN L 241 -24.77 1.16 16.83
N ALA L 242 -23.94 2.20 16.81
CA ALA L 242 -22.59 2.11 16.28
C ALA L 242 -21.51 2.47 17.30
N THR L 243 -21.90 2.68 18.56
CA THR L 243 -20.92 3.09 19.61
C THR L 243 -20.03 1.89 19.95
N ALA L 244 -18.72 2.10 20.11
CA ALA L 244 -17.78 0.98 20.36
C ALA L 244 -16.65 1.41 21.29
N GLY L 245 -15.58 0.60 21.40
CA GLY L 245 -14.47 0.90 22.33
C GLY L 245 -13.29 1.56 21.64
N THR L 246 -13.04 1.21 20.37
CA THR L 246 -11.95 1.87 19.60
C THR L 246 -12.55 2.50 18.34
N CYS L 247 -11.72 3.09 17.48
CA CYS L 247 -12.22 3.79 16.26
C CYS L 247 -12.27 2.81 15.09
N GLU L 248 -11.65 1.64 15.22
CA GLU L 248 -11.62 0.64 14.12
C GLU L 248 -12.90 -0.18 14.13
N GLU L 249 -13.48 -0.43 15.30
CA GLU L 249 -14.74 -1.16 15.42
C GLU L 249 -15.91 -0.31 14.94
N MET L 250 -15.92 0.98 15.32
CA MET L 250 -17.00 1.86 14.91
C MET L 250 -17.03 2.00 13.39
N MET L 251 -15.85 2.17 12.78
CA MET L 251 -15.81 2.29 11.33
C MET L 251 -16.25 1.00 10.65
N LYS L 252 -15.88 -0.16 11.22
CA LYS L 252 -16.30 -1.42 10.63
C LYS L 252 -17.82 -1.59 10.67
N ARG L 253 -18.43 -1.26 11.80
CA ARG L 253 -19.88 -1.35 11.89
C ARG L 253 -20.58 -0.40 10.94
N ALA L 254 -20.07 0.84 10.82
CA ALA L 254 -20.66 1.78 9.88
C ALA L 254 -20.54 1.27 8.44
N GLN L 255 -19.39 0.71 8.09
CA GLN L 255 -19.20 0.21 6.73
C GLN L 255 -20.13 -0.96 6.43
N PHE L 256 -20.32 -1.87 7.37
CA PHE L 256 -21.26 -2.96 7.14
C PHE L 256 -22.68 -2.45 7.00
N ALA L 257 -23.07 -1.48 7.84
CA ALA L 257 -24.40 -0.91 7.74
C ALA L 257 -24.62 -0.28 6.37
N ARG L 258 -23.61 0.42 5.86
CA ARG L 258 -23.73 0.94 4.50
C ARG L 258 -23.82 -0.17 3.46
N GLU L 259 -23.05 -1.25 3.64
CA GLU L 259 -23.06 -2.33 2.67
C GLU L 259 -24.43 -2.99 2.56
N LEU L 260 -25.13 -3.17 3.68
CA LEU L 260 -26.46 -3.74 3.62
C LEU L 260 -27.51 -2.79 3.02
N GLY L 261 -27.15 -1.53 2.83
CA GLY L 261 -28.10 -0.57 2.27
C GLY L 261 -29.11 -0.01 3.25
N MET L 262 -28.71 0.20 4.51
CA MET L 262 -29.59 0.80 5.49
C MET L 262 -29.51 2.33 5.43
N PRO L 263 -30.57 3.03 5.84
CA PRO L 263 -30.61 4.48 5.69
C PRO L 263 -30.14 5.32 6.88
N ILE L 264 -29.91 4.76 8.06
CA ILE L 264 -29.68 5.57 9.25
C ILE L 264 -28.90 4.78 10.28
N VAL L 265 -28.09 5.49 11.07
CA VAL L 265 -27.32 4.93 12.18
C VAL L 265 -27.55 5.80 13.41
N MET L 266 -26.85 5.47 14.50
CA MET L 266 -27.06 6.14 15.78
C MET L 266 -25.76 6.13 16.58
N HIS L 267 -25.53 7.19 17.34
CA HIS L 267 -24.30 7.33 18.10
C HIS L 267 -24.58 8.04 19.42
N ASP L 268 -23.69 7.82 20.38
CA ASP L 268 -23.72 8.47 21.69
C ASP L 268 -22.51 9.39 21.80
N TYR L 269 -22.73 10.66 22.09
CA TYR L 269 -21.68 11.65 21.94
C TYR L 269 -21.16 12.24 23.25
N LEU L 270 -21.81 11.97 24.38
CA LEU L 270 -21.30 12.48 25.64
C LEU L 270 -20.33 11.52 26.32
N THR L 271 -20.56 10.22 26.15
CA THR L 271 -19.69 9.19 26.78
C THR L 271 -18.70 8.63 25.74
N GLY L 272 -18.91 8.94 24.46
CA GLY L 272 -17.99 8.49 23.39
C GLY L 272 -16.92 9.52 23.10
N GLY L 273 -17.29 10.80 23.01
CA GLY L 273 -16.31 11.88 22.81
C GLY L 273 -16.65 12.75 21.61
N PHE L 274 -15.98 13.90 21.48
CA PHE L 274 -16.22 14.77 20.33
C PHE L 274 -15.44 14.32 19.10
N THR L 275 -14.24 13.78 19.27
CA THR L 275 -13.41 13.42 18.13
C THR L 275 -14.05 12.33 17.28
N ALA L 276 -14.50 11.25 17.94
CA ALA L 276 -15.17 10.18 17.23
C ALA L 276 -16.46 10.65 16.58
N ASN L 277 -17.20 11.54 17.25
CA ASN L 277 -18.42 12.07 16.68
C ASN L 277 -18.13 12.86 15.40
N THR L 278 -17.08 13.68 15.41
CA THR L 278 -16.72 14.43 14.22
C THR L 278 -16.30 13.51 13.08
N THR L 279 -15.53 12.48 13.39
CA THR L 279 -15.13 11.53 12.35
C THR L 279 -16.35 10.83 11.75
N LEU L 280 -17.27 10.39 12.59
CA LEU L 280 -18.48 9.73 12.10
C LEU L 280 -19.32 10.67 11.26
N ALA L 281 -19.42 11.94 11.66
CA ALA L 281 -20.18 12.91 10.87
C ALA L 281 -19.55 13.11 9.49
N HIS L 282 -18.22 13.20 9.43
CA HIS L 282 -17.56 13.33 8.13
C HIS L 282 -17.84 12.12 7.25
N TYR L 283 -17.74 10.91 7.82
CA TYR L 283 -18.01 9.71 7.04
C TYR L 283 -19.46 9.68 6.54
N CYS L 284 -20.41 10.04 7.41
CA CYS L 284 -21.82 10.03 7.03
C CYS L 284 -22.09 11.02 5.92
N ARG L 285 -21.49 12.20 5.98
CA ARG L 285 -21.64 13.15 4.88
C ARG L 285 -21.05 12.60 3.59
N ASP L 286 -19.90 11.93 3.69
CA ASP L 286 -19.25 11.42 2.49
C ASP L 286 -20.05 10.31 1.83
N ASN L 287 -20.68 9.43 2.59
CA ASN L 287 -21.29 8.23 2.04
C ASN L 287 -22.82 8.27 1.99
N GLY L 288 -23.45 9.34 2.45
CA GLY L 288 -24.88 9.48 2.30
C GLY L 288 -25.72 8.69 3.29
N LEU L 289 -25.58 8.99 4.58
CA LEU L 289 -26.36 8.36 5.62
C LEU L 289 -26.93 9.42 6.55
N LEU L 290 -27.86 9.01 7.40
CA LEU L 290 -28.44 9.89 8.38
C LEU L 290 -27.92 9.55 9.78
N LEU L 291 -27.79 10.56 10.63
CA LEU L 291 -27.22 10.41 11.96
C LEU L 291 -28.25 10.76 13.02
N HIS L 292 -28.40 9.89 14.00
CA HIS L 292 -29.28 10.10 15.15
C HIS L 292 -28.43 10.17 16.41
N ILE L 293 -28.65 11.20 17.22
CA ILE L 293 -27.81 11.48 18.38
C ILE L 293 -28.62 11.27 19.64
N HIS L 294 -28.08 10.46 20.56
CA HIS L 294 -28.71 10.17 21.84
C HIS L 294 -27.86 10.73 22.95
N ARG L 295 -28.48 11.44 23.88
CA ARG L 295 -27.77 12.09 24.98
C ARG L 295 -27.90 11.23 26.24
N ALA L 296 -26.77 10.77 26.76
CA ALA L 296 -26.73 9.99 27.99
C ALA L 296 -25.71 10.60 28.92
N MET L 297 -25.94 10.46 30.23
CA MET L 297 -25.09 10.96 31.30
C MET L 297 -25.19 12.48 31.41
N HIS L 298 -26.02 13.12 30.60
CA HIS L 298 -26.13 14.58 30.62
C HIS L 298 -26.59 15.10 31.97
N ALA L 299 -27.36 14.32 32.73
CA ALA L 299 -27.90 14.81 33.98
C ALA L 299 -26.84 15.01 35.05
N VAL L 300 -25.64 14.46 34.85
CA VAL L 300 -24.56 14.64 35.82
C VAL L 300 -23.97 16.04 35.77
N ILE L 301 -24.33 16.84 34.76
CA ILE L 301 -23.71 18.14 34.53
C ILE L 301 -24.72 19.28 34.68
N ASP L 302 -25.90 19.13 34.09
CA ASP L 302 -26.79 20.27 33.87
C ASP L 302 -28.02 20.26 34.76
N ARG L 303 -27.97 19.57 35.90
CA ARG L 303 -29.13 19.51 36.77
C ARG L 303 -29.13 20.58 37.85
N GLN L 304 -28.07 20.65 38.65
CA GLN L 304 -28.05 21.61 39.76
C GLN L 304 -27.95 23.04 39.24
N ARG L 305 -28.48 23.97 40.01
CA ARG L 305 -28.64 25.35 39.59
C ARG L 305 -27.43 26.23 39.87
N ASN L 306 -26.50 25.79 40.72
CA ASN L 306 -25.36 26.63 41.07
C ASN L 306 -24.02 26.03 40.69
N HIS L 307 -23.99 24.97 39.88
CA HIS L 307 -22.74 24.37 39.46
C HIS L 307 -22.99 23.49 38.24
N GLY L 308 -22.13 23.62 37.22
CA GLY L 308 -22.20 22.81 36.04
C GLY L 308 -22.25 23.65 34.78
N ILE L 309 -22.84 23.07 33.73
CA ILE L 309 -22.99 23.72 32.43
C ILE L 309 -24.42 23.53 31.97
N HIS L 310 -25.06 24.59 31.50
CA HIS L 310 -26.43 24.50 31.02
C HIS L 310 -26.49 23.75 29.70
N PHE L 311 -27.65 23.15 29.43
CA PHE L 311 -27.81 22.33 28.23
C PHE L 311 -27.82 23.13 26.94
N ARG L 312 -28.19 24.41 27.00
CA ARG L 312 -28.26 25.22 25.79
C ARG L 312 -26.89 25.46 25.18
N VAL L 313 -25.81 25.23 25.92
CA VAL L 313 -24.47 25.34 25.35
C VAL L 313 -24.09 24.04 24.65
N LEU L 314 -24.41 22.90 25.27
CA LEU L 314 -24.18 21.61 24.62
C LEU L 314 -24.99 21.48 23.33
N ALA L 315 -26.17 22.08 23.28
CA ALA L 315 -26.94 22.06 22.04
C ALA L 315 -26.21 22.77 20.91
N LYS L 316 -25.66 23.96 21.19
CA LYS L 316 -24.88 24.68 20.18
C LYS L 316 -23.65 23.89 19.77
N ALA L 317 -22.97 23.26 20.74
CA ALA L 317 -21.81 22.45 20.41
C ALA L 317 -22.18 21.29 19.50
N LEU L 318 -23.30 20.63 19.77
CA LEU L 318 -23.74 19.53 18.91
C LEU L 318 -24.11 20.02 17.52
N ARG L 319 -24.70 21.21 17.40
CA ARG L 319 -25.13 21.69 16.06
C ARG L 319 -23.90 21.89 15.15
N MET L 320 -22.79 22.40 15.69
CA MET L 320 -21.59 22.71 14.87
C MET L 320 -20.78 21.42 14.59
N SER L 321 -20.66 20.53 15.57
CA SER L 321 -19.97 19.23 15.34
C SER L 321 -20.73 18.42 14.29
N GLY L 322 -22.07 18.35 14.38
CA GLY L 322 -22.78 17.64 13.33
C GLY L 322 -23.78 16.63 13.83
N GLY L 323 -25.02 16.71 13.34
CA GLY L 323 -26.06 15.76 13.70
C GLY L 323 -27.38 16.10 13.04
N ASP L 324 -28.32 15.15 13.04
CA ASP L 324 -29.62 15.36 12.40
C ASP L 324 -30.79 15.30 13.37
N HIS L 325 -30.78 14.37 14.32
CA HIS L 325 -31.79 14.28 15.35
C HIS L 325 -31.13 14.45 16.72
N ILE L 326 -31.89 14.96 17.68
CA ILE L 326 -31.39 15.11 19.04
C ILE L 326 -32.57 15.05 20.01
N HIS L 327 -32.32 14.47 21.18
CA HIS L 327 -33.36 14.36 22.21
C HIS L 327 -33.53 15.69 22.92
N SER L 328 -34.75 16.03 23.31
CA SER L 328 -34.95 17.37 23.92
C SER L 328 -35.91 17.28 25.11
N GLY L 329 -36.56 16.14 25.31
CA GLY L 329 -37.45 15.95 26.47
C GLY L 329 -38.85 16.47 26.23
N THR L 330 -39.81 16.07 27.08
CA THR L 330 -41.22 16.53 26.96
C THR L 330 -41.40 17.85 27.70
N VAL L 331 -42.33 18.70 27.25
CA VAL L 331 -42.55 20.03 27.88
C VAL L 331 -44.01 20.17 28.29
N VAL L 332 -44.86 19.21 27.91
CA VAL L 332 -46.32 19.32 28.21
C VAL L 332 -46.52 19.51 29.71
N GLY L 333 -45.97 18.62 30.55
CA GLY L 333 -46.18 18.72 32.01
C GLY L 333 -45.32 19.78 32.66
N LYS L 334 -45.08 20.91 31.98
CA LYS L 334 -44.28 22.02 32.56
C LYS L 334 -45.22 23.18 32.93
N LEU L 335 -44.99 23.81 34.09
CA LEU L 335 -45.88 24.91 34.56
C LEU L 335 -45.51 26.21 33.86
N GLU L 336 -46.34 27.26 34.00
CA GLU L 336 -45.94 28.53 33.42
C GLU L 336 -44.63 29.02 34.05
N GLY L 337 -44.03 30.02 33.42
CA GLY L 337 -42.70 30.46 33.80
C GLY L 337 -41.65 29.55 33.22
N GLU L 338 -41.71 28.27 33.59
CA GLU L 338 -40.88 27.26 32.93
C GLU L 338 -41.46 26.96 31.55
N ARG L 339 -40.75 26.08 30.82
CA ARG L 339 -41.05 25.67 29.44
C ARG L 339 -40.76 26.81 28.48
N GLU L 340 -40.53 28.01 29.02
CA GLU L 340 -40.03 29.11 28.20
C GLU L 340 -38.59 28.87 27.81
N VAL L 341 -37.79 28.33 28.73
CA VAL L 341 -36.42 27.97 28.42
C VAL L 341 -36.38 26.90 27.34
N THR L 342 -37.24 25.90 27.45
CA THR L 342 -37.27 24.83 26.46
C THR L 342 -37.70 25.37 25.10
N LEU L 343 -38.72 26.23 25.07
CA LEU L 343 -39.13 26.81 23.80
C LEU L 343 -38.03 27.68 23.21
N GLY L 344 -37.24 28.34 24.05
CA GLY L 344 -36.14 29.15 23.54
C GLY L 344 -35.02 28.31 22.94
N PHE L 345 -34.61 27.25 23.65
CA PHE L 345 -33.49 26.49 23.13
C PHE L 345 -33.90 25.50 22.05
N VAL L 346 -35.20 25.29 21.84
CA VAL L 346 -35.63 24.64 20.60
C VAL L 346 -35.46 25.58 19.41
N ASP L 347 -35.84 26.85 19.59
CA ASP L 347 -35.64 27.84 18.54
C ASP L 347 -34.16 28.01 18.22
N LEU L 348 -33.31 27.93 19.25
CA LEU L 348 -31.86 27.98 19.00
C LEU L 348 -31.41 26.81 18.13
N LEU L 349 -32.15 25.71 18.12
CA LEU L 349 -31.79 24.56 17.32
C LEU L 349 -32.37 24.60 15.92
N ARG L 350 -33.56 25.17 15.74
CA ARG L 350 -34.24 25.10 14.45
C ARG L 350 -34.12 26.34 13.58
N ASP L 351 -34.05 27.53 14.18
CA ASP L 351 -34.19 28.77 13.43
C ASP L 351 -32.86 29.19 12.78
N ASP L 352 -32.84 30.41 12.25
CA ASP L 352 -31.69 30.98 11.58
C ASP L 352 -31.23 32.31 12.16
N TYR L 353 -32.08 33.02 12.88
CA TYR L 353 -31.72 34.31 13.48
C TYR L 353 -32.53 34.49 14.75
N ILE L 354 -31.85 34.56 15.89
CA ILE L 354 -32.50 34.63 17.19
C ILE L 354 -32.10 35.93 17.86
N GLU L 355 -33.09 36.67 18.35
CA GLU L 355 -32.85 37.95 19.01
C GLU L 355 -32.71 37.76 20.52
N LYS L 356 -32.26 38.82 21.19
CA LYS L 356 -32.03 38.78 22.62
C LYS L 356 -33.35 38.81 23.38
N ASP L 357 -33.45 37.96 24.41
CA ASP L 357 -34.65 37.89 25.23
C ASP L 357 -34.25 37.31 26.58
N ARG L 358 -34.25 38.14 27.62
CA ARG L 358 -33.85 37.67 28.95
C ARG L 358 -34.93 36.82 29.60
N SER L 359 -36.21 37.06 29.27
CA SER L 359 -37.29 36.30 29.89
C SER L 359 -37.26 34.83 29.45
N ARG L 360 -36.69 34.55 28.29
CA ARG L 360 -36.57 33.19 27.79
C ARG L 360 -35.17 32.61 27.99
N GLY L 361 -34.31 33.31 28.75
CA GLY L 361 -32.98 32.80 29.01
C GLY L 361 -32.00 32.95 27.87
N ILE L 362 -32.13 33.98 27.04
CA ILE L 362 -31.22 34.26 25.95
C ILE L 362 -30.40 35.49 26.31
N TYR L 363 -29.08 35.36 26.27
CA TYR L 363 -28.18 36.42 26.71
C TYR L 363 -27.55 37.20 25.56
N PHE L 364 -27.38 36.58 24.39
CA PHE L 364 -26.73 37.23 23.25
C PHE L 364 -27.54 36.99 21.99
N THR L 365 -27.42 37.90 21.02
CA THR L 365 -28.11 37.70 19.71
C THR L 365 -27.27 36.74 18.86
N GLN L 366 -27.89 35.74 18.24
CA GLN L 366 -27.11 34.71 17.51
C GLN L 366 -27.47 34.67 16.02
N ASP L 367 -26.47 34.75 15.13
CA ASP L 367 -26.72 34.61 13.67
C ASP L 367 -26.00 33.35 13.20
N TRP L 368 -26.64 32.57 12.31
CA TRP L 368 -26.09 31.30 11.87
C TRP L 368 -25.64 31.28 10.42
N VAL L 369 -25.81 32.39 9.68
CA VAL L 369 -25.43 32.55 8.28
C VAL L 369 -25.61 31.27 7.46
N SER L 370 -26.87 30.84 7.29
CA SER L 370 -27.22 29.76 6.37
C SER L 370 -26.58 28.43 6.78
N MET L 371 -26.96 27.96 7.97
CA MET L 371 -26.65 26.62 8.40
C MET L 371 -27.94 25.83 8.58
N PRO L 372 -27.95 24.54 8.25
CA PRO L 372 -29.19 23.75 8.34
C PRO L 372 -29.62 23.55 9.80
N GLY L 373 -30.84 23.05 9.95
CA GLY L 373 -31.42 22.84 11.26
C GLY L 373 -31.34 21.40 11.73
N VAL L 374 -31.88 21.18 12.92
CA VAL L 374 -31.88 19.86 13.57
C VAL L 374 -33.29 19.56 14.07
N LEU L 375 -33.74 18.33 13.84
CA LEU L 375 -35.09 17.93 14.26
C LEU L 375 -35.07 17.53 15.73
N PRO L 376 -35.94 18.11 16.57
CA PRO L 376 -36.00 17.69 17.97
C PRO L 376 -36.87 16.45 18.14
N VAL L 377 -36.59 15.73 19.24
CA VAL L 377 -37.25 14.46 19.54
C VAL L 377 -37.81 14.53 20.95
N ALA L 378 -39.06 14.11 21.12
CA ALA L 378 -39.72 14.06 22.42
C ALA L 378 -40.13 12.63 22.72
N SER L 379 -39.91 12.19 23.98
CA SER L 379 -40.21 10.80 24.37
C SER L 379 -40.34 10.69 25.90
N GLY L 380 -40.69 9.51 26.41
CA GLY L 380 -40.75 9.30 27.88
C GLY L 380 -42.15 9.25 28.45
N GLY L 381 -42.82 8.09 28.37
CA GLY L 381 -44.15 7.93 28.99
C GLY L 381 -45.22 8.80 28.34
N ILE L 382 -45.81 8.32 27.23
CA ILE L 382 -46.88 9.09 26.51
C ILE L 382 -47.87 8.10 25.90
N HIS L 383 -49.17 8.44 25.88
CA HIS L 383 -50.19 7.59 25.28
C HIS L 383 -51.05 8.44 24.36
N VAL L 384 -52.19 7.87 23.94
CA VAL L 384 -52.97 8.46 22.84
C VAL L 384 -53.57 9.80 23.24
N TRP L 385 -53.96 9.96 24.49
CA TRP L 385 -54.68 11.16 24.91
C TRP L 385 -53.81 12.42 24.87
N HIS L 386 -52.50 12.29 24.71
CA HIS L 386 -51.60 13.44 24.69
C HIS L 386 -51.35 13.98 23.28
N MET L 387 -51.97 13.38 22.26
CA MET L 387 -51.60 13.72 20.88
C MET L 387 -51.89 15.17 20.50
N PRO L 388 -53.08 15.73 20.73
CA PRO L 388 -53.32 17.12 20.31
C PRO L 388 -52.41 18.13 20.99
N ALA L 389 -52.06 17.91 22.26
CA ALA L 389 -51.18 18.85 22.94
C ALA L 389 -49.80 18.89 22.30
N LEU L 390 -49.21 17.71 22.05
CA LEU L 390 -47.91 17.66 21.41
C LEU L 390 -47.96 18.20 19.99
N THR L 391 -49.07 17.97 19.29
CA THR L 391 -49.21 18.52 17.95
C THR L 391 -49.28 20.04 17.98
N GLU L 392 -49.93 20.61 19.00
CA GLU L 392 -50.11 22.05 19.06
C GLU L 392 -48.88 22.78 19.62
N ILE L 393 -48.04 22.09 20.39
CA ILE L 393 -46.88 22.75 20.98
C ILE L 393 -45.73 22.80 19.98
N PHE L 394 -45.25 21.64 19.54
CA PHE L 394 -44.06 21.59 18.69
C PHE L 394 -44.36 22.01 17.25
N GLY L 395 -45.51 21.60 16.72
CA GLY L 395 -45.77 21.75 15.31
C GLY L 395 -45.37 20.51 14.55
N ASP L 396 -45.49 20.59 13.23
CA ASP L 396 -45.18 19.44 12.38
C ASP L 396 -43.73 19.45 11.92
N ASP L 397 -42.80 19.57 12.87
CA ASP L 397 -41.37 19.51 12.59
C ASP L 397 -40.64 18.79 13.70
N SER L 398 -41.16 17.63 14.13
CA SER L 398 -40.55 16.90 15.23
C SER L 398 -40.78 15.41 15.03
N VAL L 399 -40.23 14.62 15.95
CA VAL L 399 -40.40 13.17 15.98
C VAL L 399 -40.96 12.79 17.34
N LEU L 400 -42.03 12.00 17.34
CA LEU L 400 -42.68 11.54 18.57
C LEU L 400 -42.37 10.06 18.78
N GLN L 401 -41.81 9.73 19.92
CA GLN L 401 -41.40 8.36 20.24
C GLN L 401 -42.30 7.81 21.34
N PHE L 402 -42.86 6.63 21.08
CA PHE L 402 -43.75 5.97 22.02
C PHE L 402 -43.07 4.73 22.59
N GLY L 403 -43.26 4.50 23.88
CA GLY L 403 -42.67 3.35 24.55
C GLY L 403 -43.69 2.28 24.87
N GLY L 404 -44.12 2.25 26.14
CA GLY L 404 -45.11 1.28 26.55
C GLY L 404 -46.50 1.52 26.00
N GLY L 405 -46.71 2.64 25.31
CA GLY L 405 -47.99 2.91 24.67
C GLY L 405 -48.23 2.18 23.38
N THR L 406 -47.26 1.40 22.92
CA THR L 406 -47.40 0.58 21.72
C THR L 406 -47.35 -0.90 22.01
N LEU L 407 -46.42 -1.35 22.84
CA LEU L 407 -46.30 -2.77 23.16
C LEU L 407 -47.24 -3.22 24.25
N GLY L 408 -48.00 -2.31 24.86
CA GLY L 408 -48.92 -2.63 25.92
C GLY L 408 -50.35 -2.91 25.49
N HIS L 409 -50.64 -2.90 24.21
CA HIS L 409 -52.01 -3.12 23.75
C HIS L 409 -52.45 -4.53 24.09
N PRO L 410 -53.74 -4.76 24.49
CA PRO L 410 -54.20 -6.09 24.89
C PRO L 410 -54.41 -7.05 23.72
N TRP L 411 -54.16 -6.60 22.50
CA TRP L 411 -54.43 -7.45 21.31
C TRP L 411 -53.12 -7.79 20.60
N GLY L 412 -52.02 -7.12 20.97
CA GLY L 412 -50.71 -7.43 20.37
C GLY L 412 -49.93 -6.22 19.92
N ASN L 413 -48.86 -6.41 19.15
CA ASN L 413 -48.01 -5.32 18.72
C ASN L 413 -48.54 -4.64 17.47
N ALA L 414 -48.98 -5.41 16.48
CA ALA L 414 -49.45 -4.84 15.23
C ALA L 414 -50.67 -3.93 15.40
N PRO L 415 -51.73 -4.33 16.11
CA PRO L 415 -52.84 -3.39 16.32
C PRO L 415 -52.48 -2.18 17.15
N GLY L 416 -51.39 -2.23 17.91
CA GLY L 416 -51.03 -1.09 18.74
C GLY L 416 -50.67 0.15 17.94
N ALA L 417 -50.02 -0.02 16.80
CA ALA L 417 -49.62 1.13 15.98
C ALA L 417 -50.79 1.76 15.24
N VAL L 418 -51.82 0.97 14.92
CA VAL L 418 -52.96 1.49 14.18
C VAL L 418 -53.67 2.58 14.97
N ALA L 419 -53.80 2.39 16.28
CA ALA L 419 -54.45 3.38 17.12
C ALA L 419 -53.70 4.71 17.08
N ASN L 420 -52.37 4.66 17.22
CA ASN L 420 -51.58 5.88 17.19
C ASN L 420 -51.68 6.57 15.83
N ARG L 421 -51.61 5.78 14.75
CA ARG L 421 -51.71 6.37 13.42
C ARG L 421 -53.06 7.06 13.23
N VAL L 422 -54.14 6.40 13.63
CA VAL L 422 -55.48 6.98 13.47
C VAL L 422 -55.61 8.25 14.28
N ALA L 423 -55.14 8.23 15.53
CA ALA L 423 -55.24 9.42 16.37
C ALA L 423 -54.47 10.59 15.79
N LEU L 424 -53.26 10.33 15.29
CA LEU L 424 -52.46 11.41 14.71
C LEU L 424 -53.13 11.99 13.48
N GLU L 425 -53.65 11.13 12.59
CA GLU L 425 -54.32 11.63 11.40
C GLU L 425 -55.55 12.45 11.77
N ALA L 426 -56.32 12.00 12.76
CA ALA L 426 -57.49 12.75 13.19
C ALA L 426 -57.11 14.11 13.74
N CYS L 427 -56.06 14.17 14.55
CA CYS L 427 -55.62 15.46 15.09
C CYS L 427 -55.17 16.41 13.99
N VAL L 428 -54.42 15.91 13.01
CA VAL L 428 -53.97 16.78 11.92
C VAL L 428 -55.16 17.28 11.11
N GLN L 429 -56.12 16.40 10.81
CA GLN L 429 -57.30 16.82 10.07
C GLN L 429 -58.08 17.86 10.83
N ALA L 430 -58.23 17.68 12.14
CA ALA L 430 -58.95 18.67 12.95
C ALA L 430 -58.24 20.01 12.93
N ARG L 431 -56.90 20.00 13.01
CA ARG L 431 -56.17 21.27 12.97
C ARG L 431 -56.33 21.96 11.62
N ASN L 432 -56.37 21.19 10.53
CA ASN L 432 -56.48 21.79 9.20
C ASN L 432 -57.87 22.30 8.87
N GLU L 433 -58.76 22.41 9.85
CA GLU L 433 -60.13 22.86 9.61
C GLU L 433 -60.51 24.12 10.38
N GLY L 434 -59.67 24.61 11.28
CA GLY L 434 -59.97 25.78 12.06
C GLY L 434 -60.35 25.49 13.51
N ARG L 435 -60.66 24.24 13.84
CA ARG L 435 -60.96 23.90 15.22
C ARG L 435 -59.73 24.09 16.09
N ASP L 436 -59.95 24.49 17.34
CA ASP L 436 -58.84 24.71 18.26
C ASP L 436 -58.44 23.39 18.91
N LEU L 437 -57.13 23.09 18.87
CA LEU L 437 -56.64 21.83 19.41
C LEU L 437 -56.37 21.88 20.90
N ALA L 438 -56.54 23.03 21.54
CA ALA L 438 -56.23 23.14 22.97
C ALA L 438 -57.48 22.99 23.84
N ARG L 439 -58.61 23.57 23.42
CA ARG L 439 -59.82 23.51 24.22
C ARG L 439 -60.63 22.26 23.94
N GLU L 440 -60.82 21.94 22.66
CA GLU L 440 -61.61 20.76 22.30
C GLU L 440 -60.97 19.49 22.84
N GLY L 441 -59.77 19.18 22.38
CA GLY L 441 -58.95 18.16 23.03
C GLY L 441 -59.57 16.79 23.13
N ASN L 442 -60.06 16.46 24.34
CA ASN L 442 -60.59 15.14 24.62
C ASN L 442 -61.77 14.78 23.72
N ASP L 443 -62.43 15.79 23.13
CA ASP L 443 -63.66 15.53 22.40
C ASP L 443 -63.39 14.91 21.03
N ILE L 444 -62.36 15.36 20.33
CA ILE L 444 -62.12 14.89 18.97
C ILE L 444 -61.72 13.42 18.97
N ILE L 445 -60.97 12.98 19.99
CA ILE L 445 -60.53 11.59 20.04
C ILE L 445 -61.73 10.65 20.12
N ARG L 446 -62.74 11.03 20.90
CA ARG L 446 -63.90 10.17 21.09
C ARG L 446 -64.64 9.92 19.78
N GLU L 447 -64.81 10.97 18.97
CA GLU L 447 -65.51 10.81 17.70
C GLU L 447 -64.77 9.86 16.77
N ALA L 448 -63.44 9.99 16.69
CA ALA L 448 -62.67 9.10 15.85
C ALA L 448 -62.69 7.68 16.39
N SER L 449 -62.83 7.51 17.70
CA SER L 449 -62.88 6.18 18.29
C SER L 449 -64.14 5.41 17.91
N LYS L 450 -65.14 6.08 17.34
CA LYS L 450 -66.43 5.43 17.08
C LYS L 450 -66.36 4.41 15.96
N TRP L 451 -65.56 4.66 14.92
CA TRP L 451 -65.56 3.80 13.74
C TRP L 451 -64.23 3.08 13.56
N SER L 452 -63.51 2.87 14.68
CA SER L 452 -62.22 2.14 14.64
C SER L 452 -62.08 1.32 15.94
N PRO L 453 -62.21 -0.02 15.89
CA PRO L 453 -62.18 -0.84 17.11
C PRO L 453 -60.82 -0.84 17.85
N GLU L 454 -59.73 -0.58 17.13
CA GLU L 454 -58.38 -0.56 17.76
C GLU L 454 -58.21 0.73 18.56
N LEU L 455 -58.73 1.86 18.06
CA LEU L 455 -58.69 3.12 18.86
C LEU L 455 -59.51 2.85 20.11
N ALA L 456 -60.65 2.18 19.98
CA ALA L 456 -61.42 1.76 21.18
C ALA L 456 -60.58 0.67 21.84
N ALA L 457 -60.97 0.18 23.02
CA ALA L 457 -60.11 -0.79 23.74
C ALA L 457 -58.87 -0.05 24.25
N ALA L 458 -58.18 0.66 23.36
CA ALA L 458 -57.03 1.50 23.78
C ALA L 458 -57.55 2.66 24.62
N CYS L 459 -58.69 3.23 24.24
CA CYS L 459 -59.24 4.33 25.04
C CYS L 459 -59.84 3.82 26.35
N GLU L 460 -59.97 2.51 26.52
CA GLU L 460 -60.54 1.95 27.75
C GLU L 460 -59.50 1.62 28.79
N VAL L 461 -58.23 1.48 28.41
CA VAL L 461 -57.16 1.19 29.35
C VAL L 461 -56.45 2.45 29.80
N TRP L 462 -56.25 3.41 28.90
CA TRP L 462 -55.67 4.69 29.23
C TRP L 462 -56.77 5.73 29.35
N LYS L 463 -56.91 6.33 30.53
CA LYS L 463 -58.02 7.22 30.83
C LYS L 463 -57.77 8.62 30.28
N GLU L 464 -58.77 9.48 30.41
CA GLU L 464 -58.70 10.84 29.90
C GLU L 464 -57.74 11.68 30.75
N ILE L 465 -57.64 12.96 30.41
CA ILE L 465 -56.71 13.85 31.10
C ILE L 465 -57.35 14.41 32.37
N LYS L 466 -58.47 15.11 32.22
CA LYS L 466 -59.12 15.73 33.37
C LYS L 466 -60.59 16.03 33.07
N MET M 1 57.11 -16.18 -9.31
CA MET M 1 56.09 -15.10 -9.46
C MET M 1 56.40 -13.96 -8.50
N GLN M 2 55.87 -12.77 -8.76
CA GLN M 2 56.04 -11.63 -7.82
C GLN M 2 54.65 -11.21 -7.32
N VAL M 3 54.60 -10.35 -6.28
CA VAL M 3 53.29 -9.94 -5.69
C VAL M 3 53.12 -8.43 -5.84
N TRP M 4 51.94 -7.98 -6.28
CA TRP M 4 51.65 -6.52 -6.45
C TRP M 4 51.43 -5.87 -5.08
N ASN M 5 52.23 -4.84 -4.76
CA ASN M 5 52.13 -4.19 -3.42
C ASN M 5 50.74 -3.58 -3.23
N PRO M 6 50.00 -3.96 -2.16
CA PRO M 6 48.67 -3.39 -1.90
C PRO M 6 48.66 -2.21 -0.96
N ILE M 7 49.81 -1.84 -0.40
CA ILE M 7 49.90 -0.84 0.67
C ILE M 7 50.39 0.47 0.08
N ASP M 8 49.57 1.52 0.20
CA ASP M 8 49.94 2.88 -0.17
C ASP M 8 50.35 2.97 -1.65
N ASN M 9 49.41 2.60 -2.53
CA ASN M 9 49.65 2.60 -3.97
C ASN M 9 48.46 3.24 -4.69
N PRO M 10 48.32 4.56 -4.59
CA PRO M 10 47.23 5.24 -5.29
C PRO M 10 47.53 5.40 -6.77
N LYS M 11 46.46 5.54 -7.55
CA LYS M 11 46.54 5.76 -8.98
C LYS M 11 45.63 6.91 -9.38
N PHE M 12 45.96 7.54 -10.51
CA PHE M 12 45.31 8.78 -10.94
C PHE M 12 44.82 8.67 -12.37
N GLU M 13 44.12 7.58 -12.67
CA GLU M 13 43.46 7.37 -13.95
C GLU M 13 44.43 7.28 -15.13
N THR M 14 44.15 8.01 -16.21
CA THR M 14 44.84 7.81 -17.47
C THR M 14 46.33 8.14 -17.35
N LEU M 15 47.15 7.34 -18.03
CA LEU M 15 48.59 7.52 -18.10
C LEU M 15 49.26 7.51 -16.73
N SER M 16 48.74 6.69 -15.81
CA SER M 16 49.32 6.54 -14.49
C SER M 16 50.10 5.24 -14.33
N TYR M 17 49.98 4.35 -15.31
CA TYR M 17 50.68 3.03 -15.25
C TYR M 17 51.96 3.11 -16.07
N LEU M 18 52.02 4.02 -17.05
CA LEU M 18 53.24 4.19 -17.88
C LEU M 18 54.30 4.92 -17.06
N PRO M 19 55.61 4.82 -17.41
CA PRO M 19 56.66 5.52 -16.69
C PRO M 19 56.40 7.02 -16.60
N PRO M 20 56.97 7.76 -15.61
CA PRO M 20 56.70 9.19 -15.44
C PRO M 20 56.79 9.99 -16.76
N LEU M 21 56.02 11.07 -16.88
CA LEU M 21 56.00 11.85 -18.15
C LEU M 21 57.04 12.97 -18.10
N THR M 22 57.62 13.33 -19.26
CA THR M 22 58.61 14.43 -19.32
C THR M 22 57.99 15.66 -19.99
N ASP M 23 58.68 16.79 -19.99
CA ASP M 23 58.12 18.05 -20.56
C ASP M 23 57.93 17.89 -22.07
N ASN M 24 58.81 17.15 -22.74
CA ASN M 24 58.62 16.89 -24.19
C ASN M 24 57.30 16.14 -24.38
N GLN M 25 57.12 15.04 -23.65
CA GLN M 25 55.83 14.29 -23.73
C GLN M 25 54.68 15.25 -23.47
N ILE M 26 54.79 16.08 -22.44
CA ILE M 26 53.69 17.04 -22.10
C ILE M 26 53.40 17.93 -23.32
N ALA M 27 54.42 18.58 -23.88
CA ALA M 27 54.15 19.46 -25.00
C ALA M 27 54.11 18.66 -26.27
N ARG M 28 53.35 17.58 -26.24
CA ARG M 28 53.20 16.76 -27.42
C ARG M 28 51.73 16.46 -27.51
N GLU M 29 51.10 16.27 -26.34
CA GLU M 29 49.64 16.03 -26.31
C GLU M 29 48.93 17.36 -26.52
N ILE M 30 49.41 18.42 -25.87
CA ILE M 30 48.80 19.78 -26.05
C ILE M 30 48.70 20.06 -27.55
N ASP M 31 49.68 19.61 -28.33
CA ASP M 31 49.68 19.85 -29.80
C ASP M 31 48.63 18.94 -30.45
N TYR M 32 48.59 17.67 -30.07
CA TYR M 32 47.57 16.76 -30.58
C TYR M 32 46.18 17.32 -30.29
N MET M 33 45.99 17.91 -29.11
CA MET M 33 44.71 18.55 -28.79
C MET M 33 44.42 19.71 -29.72
N LEU M 34 45.43 20.54 -30.00
CA LEU M 34 45.23 21.71 -30.84
C LEU M 34 44.97 21.35 -32.28
N ARG M 35 45.56 20.25 -32.77
CA ARG M 35 45.38 19.86 -34.16
C ARG M 35 43.93 19.49 -34.46
N ASN M 36 43.17 19.08 -33.45
CA ASN M 36 41.77 18.73 -33.62
C ASN M 36 40.82 19.84 -33.20
N LYS M 37 41.33 21.05 -32.95
CA LYS M 37 40.53 22.22 -32.61
C LYS M 37 39.69 21.99 -31.35
N TRP M 38 40.40 21.81 -30.23
CA TRP M 38 39.77 21.68 -28.92
C TRP M 38 40.29 22.79 -27.99
N ILE M 39 39.60 23.00 -26.90
CA ILE M 39 39.78 24.16 -26.03
C ILE M 39 40.42 23.69 -24.72
N PRO M 40 41.58 24.19 -24.35
CA PRO M 40 42.22 23.78 -23.09
C PRO M 40 41.63 24.48 -21.87
N CYS M 41 41.99 23.99 -20.68
CA CYS M 41 41.51 24.59 -19.40
C CYS M 41 42.27 23.92 -18.25
N LEU M 42 42.42 24.62 -17.11
CA LEU M 42 43.19 24.07 -15.96
C LEU M 42 42.31 23.96 -14.72
N GLU M 43 42.62 23.03 -13.81
CA GLU M 43 41.82 22.83 -12.57
C GLU M 43 42.74 22.44 -11.41
N PHE M 44 42.39 22.82 -10.18
CA PHE M 44 43.24 22.51 -9.00
C PHE M 44 42.38 22.09 -7.80
N ASP M 45 42.95 21.27 -6.90
CA ASP M 45 42.23 20.81 -5.72
C ASP M 45 43.22 20.19 -4.73
N PRO M 46 43.00 20.32 -3.42
CA PRO M 46 43.95 19.80 -2.44
C PRO M 46 43.71 18.37 -1.96
N SER M 47 42.75 17.64 -2.52
CA SER M 47 42.50 16.27 -2.06
C SER M 47 41.86 15.47 -3.17
N GLY M 48 41.88 14.14 -3.00
CA GLY M 48 41.35 13.24 -4.02
C GLY M 48 40.51 12.10 -3.46
N THR M 49 39.78 12.34 -2.39
CA THR M 49 38.97 11.31 -1.76
C THR M 49 37.62 11.19 -2.45
N ILE M 50 37.05 9.99 -2.40
CA ILE M 50 35.77 9.67 -3.03
C ILE M 50 34.80 9.20 -1.95
N THR M 51 33.59 9.75 -1.96
CA THR M 51 32.58 9.43 -0.96
C THR M 51 31.29 9.03 -1.66
N THR M 52 30.57 8.09 -1.05
CA THR M 52 29.34 7.54 -1.59
C THR M 52 28.18 7.87 -0.64
N LEU M 53 26.98 7.45 -1.02
CA LEU M 53 25.75 7.63 -0.25
C LEU M 53 25.09 6.28 -0.01
N PRO M 54 24.25 6.17 1.04
CA PRO M 54 23.65 4.88 1.39
C PRO M 54 22.95 4.17 0.24
N GLY M 55 21.91 4.77 -0.34
CA GLY M 55 21.10 4.07 -1.29
C GLY M 55 20.76 4.83 -2.56
N GLN M 56 21.69 5.65 -3.05
CA GLN M 56 21.48 6.42 -4.27
C GLN M 56 22.43 5.94 -5.36
N PRO M 57 21.97 5.15 -6.32
CA PRO M 57 22.85 4.74 -7.42
C PRO M 57 23.32 5.93 -8.24
N GLY M 58 24.58 5.89 -8.66
CA GLY M 58 25.12 6.90 -9.54
C GLY M 58 25.43 8.23 -8.90
N TYR M 59 25.64 8.27 -7.58
CA TYR M 59 26.03 9.48 -6.90
C TYR M 59 27.36 9.26 -6.20
N TYR M 60 28.33 10.14 -6.47
CA TYR M 60 29.63 10.11 -5.82
C TYR M 60 30.06 11.53 -5.48
N GLY M 61 30.88 11.65 -4.45
CA GLY M 61 31.40 12.94 -4.01
C GLY M 61 32.88 13.05 -4.32
N GLY M 62 33.28 14.26 -4.71
CA GLY M 62 34.67 14.50 -5.03
C GLY M 62 34.97 14.46 -6.52
N ARG M 63 34.03 14.93 -7.35
CA ARG M 63 34.23 14.86 -8.82
C ARG M 63 34.51 16.26 -9.38
N TYR M 64 34.09 17.30 -8.68
CA TYR M 64 34.27 18.70 -9.17
C TYR M 64 35.55 19.30 -8.58
N TRP M 65 36.25 20.14 -9.34
CA TRP M 65 37.47 20.82 -8.83
C TRP M 65 37.25 22.34 -8.91
N THR M 66 38.33 23.13 -8.89
CA THR M 66 38.19 24.58 -9.05
C THR M 66 38.88 25.04 -10.33
N MET M 67 38.19 25.89 -11.09
CA MET M 67 38.69 26.36 -12.38
C MET M 67 39.70 27.49 -12.17
N TRP M 68 40.82 27.43 -12.90
CA TRP M 68 41.90 28.44 -12.75
C TRP M 68 41.39 29.84 -13.10
N LYS M 69 41.25 30.13 -14.40
CA LYS M 69 40.69 31.45 -14.83
C LYS M 69 39.46 31.19 -15.70
N LEU M 70 39.64 31.13 -17.03
CA LEU M 70 38.52 30.82 -17.96
C LEU M 70 39.07 29.97 -19.11
N PRO M 71 38.26 29.13 -19.82
CA PRO M 71 38.75 28.36 -20.96
C PRO M 71 39.47 29.23 -21.99
N MET M 72 40.59 28.76 -22.53
CA MET M 72 41.40 29.56 -23.49
C MET M 72 40.80 29.45 -24.89
N PHE M 73 39.76 30.24 -25.18
CA PHE M 73 39.13 30.23 -26.53
C PHE M 73 40.05 30.96 -27.52
N GLY M 74 40.03 30.54 -28.79
CA GLY M 74 40.87 31.19 -29.81
C GLY M 74 42.36 31.08 -29.52
N CYS M 75 42.82 29.91 -29.10
CA CYS M 75 44.27 29.69 -28.81
C CYS M 75 44.87 28.84 -29.91
N ASN M 76 45.98 29.29 -30.50
CA ASN M 76 46.60 28.57 -31.61
C ASN M 76 48.06 28.20 -31.37
N ASN M 77 48.61 28.55 -30.21
CA ASN M 77 50.00 28.13 -29.90
C ASN M 77 50.04 27.40 -28.55
N ALA M 78 50.98 26.45 -28.39
CA ALA M 78 51.10 25.67 -27.14
C ALA M 78 51.83 26.49 -26.06
N GLY M 79 52.97 27.10 -26.42
CA GLY M 79 53.76 27.87 -25.45
C GLY M 79 52.90 28.52 -24.38
N TYR M 80 51.89 29.31 -24.80
CA TYR M 80 51.03 30.04 -23.83
C TYR M 80 50.54 29.11 -22.71
N VAL M 81 50.06 27.91 -23.07
CA VAL M 81 49.51 26.98 -22.05
C VAL M 81 50.58 26.65 -21.01
N LEU M 82 51.81 26.40 -21.45
CA LEU M 82 52.90 26.01 -20.51
C LEU M 82 53.19 27.13 -19.53
N ARG M 83 53.22 28.38 -19.99
CA ARG M 83 53.44 29.54 -19.08
C ARG M 83 52.35 29.55 -18.01
N GLU M 84 51.08 29.40 -18.41
CA GLU M 84 49.95 29.47 -17.45
C GLU M 84 50.12 28.40 -16.36
N ILE M 85 50.70 27.25 -16.71
CA ILE M 85 50.88 26.15 -15.73
C ILE M 85 51.86 26.61 -14.65
N GLU M 86 52.96 27.26 -15.06
CA GLU M 86 53.99 27.72 -14.10
C GLU M 86 53.37 28.76 -13.17
N HIS M 87 52.52 29.64 -13.70
CA HIS M 87 51.84 30.59 -12.83
C HIS M 87 51.02 29.87 -11.77
N CYS M 88 50.24 28.87 -12.18
CA CYS M 88 49.42 28.13 -11.22
C CYS M 88 50.28 27.40 -10.20
N LYS M 89 51.39 26.80 -10.65
CA LYS M 89 52.28 26.11 -9.71
C LYS M 89 52.86 27.07 -8.69
N ASN M 90 53.25 28.26 -9.12
CA ASN M 90 53.75 29.25 -8.18
C ASN M 90 52.68 29.69 -7.20
N ALA M 91 51.44 29.86 -7.67
CA ALA M 91 50.38 30.38 -6.82
C ALA M 91 50.09 29.44 -5.66
N TYR M 92 49.68 28.21 -5.96
CA TYR M 92 49.34 27.22 -4.93
C TYR M 92 50.29 26.04 -4.99
N PRO M 93 51.28 25.94 -4.10
CA PRO M 93 52.24 24.84 -4.18
C PRO M 93 51.87 23.59 -3.40
N GLY M 94 50.64 23.49 -2.89
CA GLY M 94 50.24 22.31 -2.15
C GLY M 94 48.99 21.66 -2.68
N CYS M 95 48.81 21.63 -4.00
CA CYS M 95 47.59 21.10 -4.60
C CYS M 95 47.94 20.34 -5.88
N PHE M 96 47.00 19.52 -6.32
CA PHE M 96 47.10 18.84 -7.60
C PHE M 96 46.70 19.78 -8.73
N ILE M 97 47.17 19.48 -9.94
CA ILE M 97 46.86 20.30 -11.11
C ILE M 97 46.53 19.36 -12.27
N ARG M 98 45.47 19.69 -13.01
CA ARG M 98 44.98 18.86 -14.10
C ARG M 98 44.81 19.70 -15.35
N VAL M 99 44.87 19.04 -16.52
CA VAL M 99 44.70 19.68 -17.82
C VAL M 99 43.57 19.00 -18.55
N LEU M 100 42.64 19.78 -19.08
CA LEU M 100 41.44 19.25 -19.73
C LEU M 100 41.36 19.71 -21.18
N GLY M 101 40.31 19.25 -21.87
CA GLY M 101 40.06 19.66 -23.27
C GLY M 101 38.56 19.64 -23.49
N PHE M 102 38.04 20.25 -24.55
CA PHE M 102 36.56 20.35 -24.70
C PHE M 102 36.11 20.29 -26.17
N ASP M 103 35.01 19.60 -26.45
CA ASP M 103 34.44 19.56 -27.83
C ASP M 103 33.05 20.19 -27.77
N ASN M 104 32.82 21.27 -28.52
CA ASN M 104 31.53 22.00 -28.44
C ASN M 104 30.49 21.37 -29.38
N ILE M 105 30.90 20.43 -30.23
CA ILE M 105 29.96 19.82 -31.22
C ILE M 105 29.21 18.65 -30.56
N ARG M 106 29.90 17.83 -29.78
CA ARG M 106 29.23 16.72 -29.06
C ARG M 106 29.00 17.12 -27.60
N GLN M 107 29.54 18.27 -27.18
CA GLN M 107 29.39 18.73 -25.77
C GLN M 107 29.94 17.65 -24.83
N VAL M 108 31.27 17.49 -24.79
CA VAL M 108 31.91 16.46 -23.93
C VAL M 108 33.41 16.76 -23.82
N GLN M 109 34.06 16.30 -22.74
CA GLN M 109 35.53 16.47 -22.62
C GLN M 109 36.22 15.45 -23.52
N CYS M 110 37.55 15.53 -23.66
CA CYS M 110 38.27 14.63 -24.62
C CYS M 110 39.51 14.00 -23.97
N CYS M 111 40.15 14.67 -23.00
CA CYS M 111 41.30 14.11 -22.32
C CYS M 111 41.47 14.79 -20.97
N ALA M 112 42.30 14.18 -20.12
CA ALA M 112 42.61 14.71 -18.80
C ALA M 112 43.80 13.95 -18.23
N PHE M 113 44.74 14.67 -17.64
CA PHE M 113 45.88 14.04 -16.99
C PHE M 113 46.47 15.00 -15.97
N ILE M 114 47.28 14.45 -15.05
CA ILE M 114 47.87 15.19 -13.95
C ILE M 114 49.27 15.63 -14.34
N VAL M 115 49.67 16.83 -13.89
CA VAL M 115 50.97 17.38 -14.20
C VAL M 115 51.75 17.82 -12.97
N HIS M 116 51.15 17.84 -11.78
CA HIS M 116 51.85 18.24 -10.59
C HIS M 116 51.26 17.55 -9.37
N LYS M 117 52.12 17.14 -8.45
CA LYS M 117 51.73 16.48 -7.21
C LYS M 117 52.40 17.17 -6.04
N PRO M 118 51.76 17.18 -4.87
CA PRO M 118 52.32 17.82 -3.67
C PRO M 118 53.61 17.17 -3.20
N MET N 1 37.53 -15.32 44.34
CA MET N 1 37.27 -15.30 42.88
C MET N 1 38.18 -14.26 42.22
N GLN N 2 38.47 -14.44 40.93
CA GLN N 2 39.27 -13.43 40.18
C GLN N 2 38.37 -12.78 39.13
N VAL N 3 38.84 -11.70 38.50
CA VAL N 3 37.99 -10.97 37.51
C VAL N 3 38.67 -10.99 36.13
N TRP N 4 37.92 -11.38 35.08
CA TRP N 4 38.47 -11.39 33.70
C TRP N 4 38.73 -9.95 33.25
N ASN N 5 39.91 -9.67 32.70
CA ASN N 5 40.27 -8.30 32.34
C ASN N 5 39.54 -7.86 31.08
N PRO N 6 38.81 -6.73 31.11
CA PRO N 6 38.03 -6.32 29.93
C PRO N 6 38.75 -5.29 29.05
N ILE N 7 39.91 -4.82 29.47
CA ILE N 7 40.57 -3.70 28.80
C ILE N 7 41.72 -4.23 27.95
N ASP N 8 41.64 -3.97 26.63
CA ASP N 8 42.70 -4.28 25.68
C ASP N 8 43.04 -5.77 25.68
N ASN N 9 42.03 -6.59 25.36
CA ASN N 9 42.18 -8.04 25.34
C ASN N 9 41.55 -8.60 24.07
N PRO N 10 42.19 -8.40 22.93
CA PRO N 10 41.65 -8.96 21.67
C PRO N 10 41.94 -10.45 21.55
N LYS N 11 41.12 -11.11 20.74
CA LYS N 11 41.26 -12.53 20.47
C LYS N 11 41.15 -12.78 18.97
N PHE N 12 41.75 -13.87 18.52
CA PHE N 12 41.91 -14.15 17.09
C PHE N 12 41.40 -15.55 16.75
N GLU N 13 40.19 -15.86 17.22
CA GLU N 13 39.49 -17.09 16.88
C GLU N 13 40.19 -18.35 17.38
N THR N 14 40.35 -19.34 16.51
CA THR N 14 40.77 -20.67 16.92
C THR N 14 42.18 -20.66 17.50
N LEU N 15 42.38 -21.46 18.55
CA LEU N 15 43.68 -21.65 19.20
C LEU N 15 44.25 -20.35 19.74
N SER N 16 43.39 -19.45 20.21
CA SER N 16 43.83 -18.19 20.81
C SER N 16 43.73 -18.19 22.32
N TYR N 17 43.10 -19.21 22.89
CA TYR N 17 42.93 -19.32 24.37
C TYR N 17 44.00 -20.24 24.93
N LEU N 18 44.54 -21.14 24.11
CA LEU N 18 45.61 -22.07 24.57
C LEU N 18 46.92 -21.28 24.66
N PRO N 19 47.93 -21.77 25.42
CA PRO N 19 49.22 -21.09 25.53
C PRO N 19 49.87 -20.87 24.15
N PRO N 20 50.78 -19.89 23.98
CA PRO N 20 51.38 -19.59 22.66
C PRO N 20 51.86 -20.85 21.93
N LEU N 21 51.84 -20.83 20.60
CA LEU N 21 52.23 -22.04 19.81
C LEU N 21 53.72 -22.00 19.48
N THR N 22 54.37 -23.17 19.39
CA THR N 22 55.80 -23.26 19.05
C THR N 22 55.96 -23.77 17.62
N ASP N 23 57.18 -23.75 17.07
CA ASP N 23 57.40 -24.18 15.66
C ASP N 23 57.11 -25.67 15.52
N ASN N 24 57.40 -26.46 16.55
CA ASN N 24 57.05 -27.91 16.50
C ASN N 24 55.54 -28.04 16.36
N GLN N 25 54.77 -27.37 17.23
CA GLN N 25 53.30 -27.39 17.12
C GLN N 25 52.90 -26.97 15.71
N ILE N 26 53.50 -25.90 15.20
CA ILE N 26 53.13 -25.39 13.84
C ILE N 26 53.36 -26.52 12.82
N ALA N 27 54.56 -27.12 12.79
CA ALA N 27 54.80 -28.16 11.80
C ALA N 27 54.27 -29.46 12.31
N ARG N 28 53.03 -29.44 12.76
CA ARG N 28 52.41 -30.66 13.22
C ARG N 28 51.02 -30.64 12.63
N GLU N 29 50.44 -29.44 12.56
CA GLU N 29 49.10 -29.30 11.93
C GLU N 29 49.26 -29.35 10.42
N ILE N 30 50.28 -28.67 9.89
CA ILE N 30 50.56 -28.71 8.42
C ILE N 30 50.59 -30.17 7.97
N ASP N 31 51.11 -31.07 8.80
CA ASP N 31 51.19 -32.51 8.45
C ASP N 31 49.79 -33.13 8.54
N TYR N 32 49.05 -32.83 9.61
CA TYR N 32 47.68 -33.30 9.71
C TYR N 32 46.86 -32.87 8.51
N MET N 33 47.07 -31.63 8.04
CA MET N 33 46.40 -31.16 6.84
C MET N 33 46.79 -31.99 5.62
N LEU N 34 48.08 -32.28 5.48
CA LEU N 34 48.56 -33.01 4.31
C LEU N 34 48.09 -34.47 4.32
N ARG N 35 47.94 -35.06 5.49
CA ARG N 35 47.53 -36.47 5.56
C ARG N 35 46.12 -36.66 5.01
N ASN N 36 45.29 -35.62 5.03
CA ASN N 36 43.93 -35.69 4.52
C ASN N 36 43.79 -35.12 3.12
N LYS N 37 44.91 -34.80 2.47
CA LYS N 37 44.88 -34.30 1.07
C LYS N 37 44.13 -32.96 1.00
N TRP N 38 44.73 -31.89 1.54
CA TRP N 38 44.11 -30.54 1.42
C TRP N 38 45.14 -29.56 0.86
N ILE N 39 44.70 -28.46 0.23
CA ILE N 39 45.64 -27.52 -0.43
C ILE N 39 45.91 -26.32 0.49
N PRO N 40 47.16 -26.07 0.92
CA PRO N 40 47.49 -24.91 1.76
C PRO N 40 47.46 -23.61 0.97
N CYS N 41 47.52 -22.49 1.71
CA CYS N 41 47.50 -21.13 1.08
C CYS N 41 47.79 -20.09 2.17
N LEU N 42 48.34 -18.93 1.82
CA LEU N 42 48.69 -17.90 2.83
C LEU N 42 47.95 -16.59 2.54
N GLU N 43 47.70 -15.78 3.59
CA GLU N 43 46.97 -14.49 3.43
C GLU N 43 47.54 -13.45 4.40
N PHE N 44 47.50 -12.17 4.01
CA PHE N 44 48.06 -11.09 4.88
C PHE N 44 47.15 -9.86 4.86
N ASP N 45 47.18 -9.07 5.94
CA ASP N 45 46.38 -7.86 6.05
C ASP N 45 46.87 -7.01 7.22
N PRO N 46 46.79 -5.68 7.13
CA PRO N 46 47.31 -4.82 8.20
C PRO N 46 46.32 -4.43 9.29
N SER N 47 45.10 -4.95 9.29
CA SER N 47 44.12 -4.57 10.31
C SER N 47 43.10 -5.67 10.49
N GLY N 48 42.38 -5.61 11.61
CA GLY N 48 41.40 -6.62 11.94
C GLY N 48 40.08 -6.08 12.47
N THR N 49 39.65 -4.92 11.97
CA THR N 49 38.42 -4.31 12.44
C THR N 49 37.21 -4.88 11.69
N ILE N 50 36.06 -4.87 12.36
CA ILE N 50 34.81 -5.41 11.84
C ILE N 50 33.78 -4.29 11.80
N THR N 51 33.09 -4.16 10.67
CA THR N 51 32.12 -3.10 10.46
C THR N 51 30.80 -3.70 9.99
N THR N 52 29.71 -3.10 10.42
CA THR N 52 28.36 -3.56 10.12
C THR N 52 27.62 -2.51 9.30
N LEU N 53 26.38 -2.80 8.95
CA LEU N 53 25.51 -1.92 8.18
C LEU N 53 24.20 -1.72 8.94
N PRO N 54 23.48 -0.62 8.68
CA PRO N 54 22.26 -0.31 9.43
C PRO N 54 21.24 -1.44 9.51
N GLY N 55 20.72 -1.88 8.35
CA GLY N 55 19.61 -2.81 8.37
C GLY N 55 19.73 -3.98 7.42
N GLN N 56 20.95 -4.49 7.22
CA GLN N 56 21.17 -5.64 6.34
C GLN N 56 21.65 -6.83 7.15
N PRO N 57 20.79 -7.81 7.45
CA PRO N 57 21.25 -9.00 8.17
C PRO N 57 22.29 -9.77 7.36
N GLY N 58 23.28 -10.30 8.06
CA GLY N 58 24.27 -11.15 7.43
C GLY N 58 25.30 -10.45 6.59
N TYR N 59 25.54 -9.17 6.81
CA TYR N 59 26.58 -8.42 6.12
C TYR N 59 27.57 -7.87 7.12
N TYR N 60 28.85 -8.16 6.90
CA TYR N 60 29.92 -7.61 7.74
C TYR N 60 31.09 -7.23 6.85
N GLY N 61 31.86 -6.25 7.31
CA GLY N 61 33.03 -5.77 6.60
C GLY N 61 34.31 -6.21 7.29
N GLY N 62 35.32 -6.56 6.50
CA GLY N 62 36.60 -6.97 7.05
C GLY N 62 36.77 -8.48 7.08
N ARG N 63 36.25 -9.18 6.08
CA ARG N 63 36.31 -10.67 6.10
C ARG N 63 37.32 -11.15 5.06
N TYR N 64 37.58 -10.34 4.02
CA TYR N 64 38.51 -10.75 2.94
C TYR N 64 39.92 -10.24 3.23
N TRP N 65 40.96 -10.99 2.87
CA TRP N 65 42.36 -10.54 3.04
C TRP N 65 43.04 -10.50 1.66
N THR N 66 44.37 -10.52 1.61
CA THR N 66 45.08 -10.56 0.34
C THR N 66 45.87 -11.86 0.21
N MET N 67 45.76 -12.50 -0.96
CA MET N 67 46.40 -13.79 -1.20
C MET N 67 47.87 -13.59 -1.54
N TRP N 68 48.74 -14.42 -0.94
CA TRP N 68 50.21 -14.29 -1.15
C TRP N 68 50.57 -14.50 -2.62
N LYS N 69 50.59 -15.75 -3.08
CA LYS N 69 50.85 -16.04 -4.52
C LYS N 69 49.67 -16.82 -5.09
N LEU N 70 49.73 -18.16 -5.06
CA LEU N 70 48.60 -19.00 -5.53
C LEU N 70 48.55 -20.26 -4.66
N PRO N 71 47.38 -20.95 -4.51
CA PRO N 71 47.30 -22.19 -3.72
C PRO N 71 48.37 -23.21 -4.14
N MET N 72 49.02 -23.84 -3.17
CA MET N 72 50.12 -24.81 -3.48
C MET N 72 49.52 -26.16 -3.89
N PHE N 73 49.04 -26.26 -5.14
CA PHE N 73 48.47 -27.53 -5.65
C PHE N 73 49.60 -28.55 -5.83
N GLY N 74 49.34 -29.82 -5.51
CA GLY N 74 50.36 -30.87 -5.69
C GLY N 74 51.56 -30.73 -4.77
N CYS N 75 51.33 -30.43 -3.48
CA CYS N 75 52.42 -30.33 -2.52
C CYS N 75 52.37 -31.51 -1.57
N ASN N 76 53.48 -32.22 -1.44
CA ASN N 76 53.55 -33.42 -0.62
C ASN N 76 54.54 -33.34 0.52
N ASN N 77 55.24 -32.21 0.67
CA ASN N 77 56.16 -32.04 1.83
C ASN N 77 55.81 -30.77 2.61
N ALA N 78 56.07 -30.75 3.92
CA ALA N 78 55.76 -29.57 4.76
C ALA N 78 56.86 -28.52 4.61
N GLY N 79 58.13 -28.92 4.72
CA GLY N 79 59.26 -27.96 4.63
C GLY N 79 58.95 -26.79 3.72
N TYR N 80 58.55 -27.06 2.47
CA TYR N 80 58.28 -25.98 1.49
C TYR N 80 57.39 -24.89 2.09
N VAL N 81 56.31 -25.28 2.77
CA VAL N 81 55.35 -24.29 3.35
C VAL N 81 56.08 -23.37 4.33
N LEU N 82 56.94 -23.93 5.18
CA LEU N 82 57.63 -23.12 6.21
C LEU N 82 58.55 -22.09 5.55
N ARG N 83 59.27 -22.46 4.49
CA ARG N 83 60.12 -21.49 3.76
C ARG N 83 59.27 -20.33 3.26
N GLU N 84 58.13 -20.63 2.62
CA GLU N 84 57.28 -19.57 2.03
C GLU N 84 56.83 -18.59 3.12
N ILE N 85 56.65 -19.05 4.35
CA ILE N 85 56.20 -18.18 5.46
C ILE N 85 57.31 -17.16 5.75
N GLU N 86 58.56 -17.62 5.79
CA GLU N 86 59.71 -16.72 6.10
C GLU N 86 59.82 -15.67 5.00
N HIS N 87 59.59 -16.06 3.74
CA HIS N 87 59.60 -15.07 2.67
C HIS N 87 58.56 -14.00 2.91
N CYS N 88 57.33 -14.41 3.25
CA CYS N 88 56.26 -13.44 3.50
C CYS N 88 56.59 -12.55 4.69
N LYS N 89 57.14 -13.13 5.76
CA LYS N 89 57.52 -12.33 6.93
C LYS N 89 58.57 -11.30 6.57
N ASN N 90 59.55 -11.67 5.76
CA ASN N 90 60.56 -10.71 5.34
C ASN N 90 59.95 -9.61 4.47
N ALA N 91 59.02 -9.97 3.60
CA ALA N 91 58.46 -8.99 2.66
C ALA N 91 57.73 -7.87 3.39
N TYR N 92 56.70 -8.22 4.15
CA TYR N 92 55.88 -7.24 4.86
C TYR N 92 55.99 -7.47 6.36
N PRO N 93 56.77 -6.68 7.10
CA PRO N 93 56.94 -6.91 8.53
C PRO N 93 55.95 -6.20 9.42
N GLY N 94 54.90 -5.59 8.87
CA GLY N 94 53.92 -4.90 9.70
C GLY N 94 52.49 -5.36 9.48
N CYS N 95 52.29 -6.66 9.26
CA CYS N 95 50.98 -7.20 8.94
C CYS N 95 50.79 -8.55 9.63
N PHE N 96 49.54 -8.97 9.73
CA PHE N 96 49.19 -10.29 10.20
C PHE N 96 49.36 -11.31 9.08
N ILE N 97 49.54 -12.57 9.46
CA ILE N 97 49.72 -13.66 8.49
C ILE N 97 48.88 -14.85 8.94
N ARG N 98 48.16 -15.46 8.02
CA ARG N 98 47.26 -16.57 8.30
C ARG N 98 47.56 -17.74 7.38
N VAL N 99 47.20 -18.94 7.83
CA VAL N 99 47.39 -20.18 7.07
C VAL N 99 46.03 -20.85 6.92
N LEU N 100 45.69 -21.24 5.70
CA LEU N 100 44.38 -21.82 5.39
C LEU N 100 44.54 -23.23 4.81
N GLY N 101 43.40 -23.85 4.53
CA GLY N 101 43.37 -25.19 3.91
C GLY N 101 42.12 -25.29 3.05
N PHE N 102 42.04 -26.23 2.11
CA PHE N 102 40.88 -26.24 1.19
C PHE N 102 40.46 -27.67 0.82
N ASP N 103 39.14 -27.93 0.77
CA ASP N 103 38.63 -29.26 0.33
C ASP N 103 37.81 -29.04 -0.95
N ASN N 104 38.17 -29.70 -2.05
CA ASN N 104 37.50 -29.45 -3.35
C ASN N 104 36.27 -30.34 -3.52
N ILE N 105 36.06 -31.30 -2.61
CA ILE N 105 34.92 -32.25 -2.75
C ILE N 105 33.65 -31.62 -2.17
N ARG N 106 33.76 -30.93 -1.04
CA ARG N 106 32.58 -30.23 -0.45
C ARG N 106 32.71 -28.72 -0.70
N GLN N 107 33.80 -28.29 -1.35
CA GLN N 107 34.01 -26.86 -1.64
C GLN N 107 33.89 -26.04 -0.34
N VAL N 108 34.90 -26.14 0.52
CA VAL N 108 34.86 -25.43 1.83
C VAL N 108 36.26 -25.42 2.45
N GLN N 109 36.56 -24.44 3.31
CA GLN N 109 37.86 -24.40 4.02
C GLN N 109 37.83 -25.44 5.15
N CYS N 110 38.96 -25.66 5.84
CA CYS N 110 39.02 -26.73 6.87
C CYS N 110 39.69 -26.24 8.16
N CYS N 111 40.62 -25.28 8.07
CA CYS N 111 41.27 -24.75 9.25
C CYS N 111 41.84 -23.38 8.93
N ALA N 112 42.21 -22.65 9.99
CA ALA N 112 42.80 -21.33 9.87
C ALA N 112 43.36 -20.91 11.22
N PHE N 113 44.56 -20.35 11.22
CA PHE N 113 45.17 -19.85 12.45
C PHE N 113 46.25 -18.82 12.11
N ILE N 114 46.61 -18.03 13.10
CA ILE N 114 47.56 -16.92 12.95
C ILE N 114 48.95 -17.40 13.33
N VAL N 115 49.96 -16.90 12.62
CA VAL N 115 51.34 -17.29 12.87
C VAL N 115 52.28 -16.10 13.07
N HIS N 116 51.83 -14.87 12.84
CA HIS N 116 52.67 -13.70 13.04
C HIS N 116 51.82 -12.50 13.41
N LYS N 117 52.33 -11.69 14.33
CA LYS N 117 51.67 -10.47 14.78
C LYS N 117 52.65 -9.31 14.72
N PRO N 118 52.17 -8.09 14.46
CA PRO N 118 53.03 -6.91 14.38
C PRO N 118 53.74 -6.60 15.69
N MET O 1 23.55 39.76 38.39
CA MET O 1 23.31 38.33 38.09
C MET O 1 24.62 37.66 37.67
N GLN O 2 24.72 36.34 37.83
CA GLN O 2 25.93 35.60 37.38
C GLN O 2 25.54 34.67 36.22
N VAL O 3 26.52 34.09 35.53
CA VAL O 3 26.22 33.22 34.35
C VAL O 3 26.73 31.81 34.61
N TRP O 4 25.88 30.79 34.39
CA TRP O 4 26.29 29.37 34.57
C TRP O 4 27.25 28.97 33.44
N ASN O 5 28.39 28.36 33.78
CA ASN O 5 29.41 28.02 32.75
C ASN O 5 28.93 26.88 31.85
N PRO O 6 29.01 27.02 30.51
CA PRO O 6 28.64 25.95 29.59
C PRO O 6 29.86 25.23 29.00
N ILE O 7 31.06 25.48 29.53
CA ILE O 7 32.29 24.91 28.90
C ILE O 7 32.95 23.89 29.83
N ASP O 8 32.84 22.60 29.52
CA ASP O 8 33.51 21.53 30.26
C ASP O 8 32.94 21.40 31.68
N ASN O 9 31.64 21.11 31.75
CA ASN O 9 30.93 20.98 33.02
C ASN O 9 30.06 19.73 33.00
N PRO O 10 30.66 18.55 33.05
CA PRO O 10 29.87 17.32 33.08
C PRO O 10 29.26 17.07 34.46
N LYS O 11 28.17 16.28 34.45
CA LYS O 11 27.48 15.89 35.67
C LYS O 11 27.21 14.40 35.64
N PHE O 12 27.06 13.82 36.83
CA PHE O 12 26.98 12.37 37.00
C PHE O 12 25.76 11.98 37.82
N GLU O 13 24.60 12.53 37.45
CA GLU O 13 23.32 12.17 38.03
C GLU O 13 23.20 12.51 39.51
N THR O 14 22.74 11.55 40.32
CA THR O 14 22.34 11.84 41.69
C THR O 14 23.52 12.30 42.53
N LEU O 15 23.27 13.27 43.41
CA LEU O 15 24.25 13.78 44.36
C LEU O 15 25.48 14.37 43.68
N SER O 16 25.27 14.96 42.49
CA SER O 16 26.39 15.56 41.72
C SER O 16 26.26 17.09 41.75
N TYR O 17 25.24 17.59 42.45
CA TYR O 17 25.03 19.06 42.54
C TYR O 17 25.38 19.52 43.97
N LEU O 18 25.42 18.58 44.92
CA LEU O 18 25.78 18.92 46.32
C LEU O 18 27.30 18.96 46.46
N PRO O 19 27.87 19.60 47.50
CA PRO O 19 29.32 19.64 47.70
C PRO O 19 29.93 18.22 47.73
N PRO O 20 31.23 18.05 47.41
CA PRO O 20 31.84 16.71 47.35
C PRO O 20 31.52 15.84 48.58
N LEU O 21 31.44 14.51 48.40
CA LEU O 21 31.05 13.61 49.52
C LEU O 21 32.29 13.19 50.31
N THR O 22 32.13 12.92 51.61
CA THR O 22 33.26 12.49 52.46
C THR O 22 33.07 11.01 52.84
N ASP O 23 34.12 10.37 53.39
CA ASP O 23 34.04 8.94 53.76
C ASP O 23 32.92 8.72 54.78
N ASN O 24 32.74 9.64 55.72
CA ASN O 24 31.62 9.52 56.69
C ASN O 24 30.31 9.50 55.92
N GLN O 25 30.07 10.50 55.07
CA GLN O 25 28.84 10.53 54.24
C GLN O 25 28.70 9.17 53.53
N ILE O 26 29.78 8.67 52.94
CA ILE O 26 29.72 7.38 52.18
C ILE O 26 29.23 6.28 53.14
N ALA O 27 29.90 6.10 54.29
CA ALA O 27 29.48 5.01 55.16
C ALA O 27 28.32 5.47 55.99
N ARG O 28 27.33 6.03 55.33
CA ARG O 28 26.13 6.45 56.03
C ARG O 28 24.99 6.00 55.17
N GLU O 29 25.19 6.04 53.85
CA GLU O 29 24.14 5.56 52.91
C GLU O 29 24.20 4.03 52.86
N ILE O 30 25.40 3.46 52.86
CA ILE O 30 25.55 1.97 52.87
C ILE O 30 24.73 1.42 54.04
N ASP O 31 24.69 2.15 55.16
CA ASP O 31 23.92 1.69 56.35
C ASP O 31 22.43 1.86 56.09
N TYR O 32 22.03 3.00 55.54
CA TYR O 32 20.63 3.18 55.16
C TYR O 32 20.17 2.09 54.21
N MET O 33 21.02 1.70 53.27
CA MET O 33 20.70 0.59 52.38
C MET O 33 20.52 -0.70 53.15
N LEU O 34 21.41 -0.98 54.10
CA LEU O 34 21.35 -2.24 54.84
C LEU O 34 20.15 -2.29 55.76
N ARG O 35 19.71 -1.15 56.30
CA ARG O 35 18.59 -1.15 57.22
C ARG O 35 17.30 -1.58 56.53
N ASN O 36 17.21 -1.42 55.21
CA ASN O 36 16.03 -1.82 54.46
C ASN O 36 16.20 -3.15 53.76
N LYS O 37 17.25 -3.90 54.07
CA LYS O 37 17.50 -5.24 53.53
C LYS O 37 17.60 -5.22 52.01
N TRP O 38 18.64 -4.53 51.52
CA TRP O 38 18.95 -4.50 50.09
C TRP O 38 20.36 -5.05 49.87
N ILE O 39 20.66 -5.37 48.62
CA ILE O 39 21.87 -6.12 48.25
C ILE O 39 22.82 -5.19 47.51
N PRO O 40 24.04 -4.99 48.00
CA PRO O 40 25.00 -4.11 47.32
C PRO O 40 25.68 -4.79 46.14
N CYS O 41 26.38 -3.99 45.34
CA CYS O 41 27.11 -4.51 44.14
C CYS O 41 27.97 -3.37 43.58
N LEU O 42 29.06 -3.70 42.88
CA LEU O 42 29.98 -2.66 42.35
C LEU O 42 30.10 -2.77 40.83
N GLU O 43 30.38 -1.66 40.13
CA GLU O 43 30.51 -1.67 38.65
C GLU O 43 31.61 -0.68 38.22
N PHE O 44 32.29 -0.96 37.11
CA PHE O 44 33.39 -0.08 36.63
C PHE O 44 33.35 0.07 35.11
N ASP O 45 33.86 1.19 34.60
CA ASP O 45 33.89 1.46 33.16
C ASP O 45 34.81 2.64 32.86
N PRO O 46 35.50 2.64 31.72
CA PRO O 46 36.44 3.73 31.42
C PRO O 46 35.89 4.93 30.66
N SER O 47 34.59 4.99 30.40
CA SER O 47 34.03 6.12 29.65
C SER O 47 32.57 6.31 30.00
N GLY O 48 32.05 7.49 29.66
CA GLY O 48 30.68 7.83 29.98
C GLY O 48 29.92 8.51 28.85
N THR O 49 30.20 8.12 27.61
CA THR O 49 29.55 8.74 26.47
C THR O 49 28.21 8.06 26.18
N ILE O 50 27.29 8.84 25.60
CA ILE O 50 25.95 8.38 25.28
C ILE O 50 25.74 8.52 23.78
N THR O 51 25.21 7.46 23.16
CA THR O 51 25.00 7.42 21.72
C THR O 51 23.56 7.01 21.43
N THR O 52 23.01 7.59 20.36
CA THR O 52 21.63 7.37 19.96
C THR O 52 21.59 6.70 18.59
N LEU O 53 20.40 6.42 18.10
CA LEU O 53 20.15 5.80 16.80
C LEU O 53 19.22 6.68 15.98
N PRO O 54 19.24 6.55 14.64
CA PRO O 54 18.43 7.44 13.79
C PRO O 54 16.96 7.51 14.15
N GLY O 55 16.24 6.39 14.09
CA GLY O 55 14.81 6.43 14.23
C GLY O 55 14.21 5.40 15.17
N GLN O 56 14.91 5.06 16.24
CA GLN O 56 14.42 4.09 17.21
C GLN O 56 14.16 4.77 18.55
N PRO O 57 12.91 5.06 18.89
CA PRO O 57 12.64 5.65 20.21
C PRO O 57 13.02 4.71 21.34
N GLY O 58 13.56 5.28 22.41
CA GLY O 58 13.87 4.51 23.59
C GLY O 58 15.10 3.63 23.51
N TYR O 59 16.03 3.93 22.62
CA TYR O 59 17.28 3.19 22.51
C TYR O 59 18.44 4.15 22.72
N TYR O 60 19.33 3.80 23.65
CA TYR O 60 20.54 4.57 23.90
C TYR O 60 21.69 3.62 24.14
N GLY O 61 22.90 4.08 23.83
CA GLY O 61 24.11 3.30 24.02
C GLY O 61 24.93 3.86 25.17
N GLY O 62 25.55 2.96 25.93
CA GLY O 62 26.37 3.36 27.05
C GLY O 62 25.66 3.28 28.38
N ARG O 63 24.80 2.27 28.55
CA ARG O 63 24.01 2.19 29.82
C ARG O 63 24.53 1.02 30.67
N TYR O 64 25.18 0.04 30.05
CA TYR O 64 25.67 -1.15 30.78
C TYR O 64 27.15 -0.95 31.17
N TRP O 65 27.55 -1.47 32.34
CA TRP O 65 28.97 -1.39 32.78
C TRP O 65 29.50 -2.80 32.98
N THR O 66 30.59 -2.97 33.74
CA THR O 66 31.11 -4.30 34.04
C THR O 66 31.01 -4.59 35.53
N MET O 67 30.52 -5.78 35.87
CA MET O 67 30.31 -6.18 37.26
C MET O 67 31.62 -6.61 37.89
N TRP O 68 31.90 -6.16 39.12
CA TRP O 68 33.17 -6.48 39.81
C TRP O 68 33.29 -7.99 40.04
N LYS O 69 32.57 -8.53 41.03
CA LYS O 69 32.58 -10.00 41.26
C LYS O 69 31.14 -10.52 41.17
N LEU O 70 30.45 -10.63 42.30
CA LEU O 70 29.03 -11.06 42.31
C LEU O 70 28.29 -10.28 43.41
N PRO O 71 26.95 -10.09 43.35
CA PRO O 71 26.23 -9.31 44.36
C PRO O 71 26.48 -9.87 45.77
N MET O 72 26.79 -9.00 46.74
CA MET O 72 27.12 -9.45 48.11
C MET O 72 25.84 -9.92 48.81
N PHE O 73 25.51 -11.21 48.64
CA PHE O 73 24.27 -11.77 49.28
C PHE O 73 24.54 -12.05 50.75
N GLY O 74 23.53 -11.86 51.60
CA GLY O 74 23.65 -12.10 53.03
C GLY O 74 24.75 -11.33 53.72
N CYS O 75 24.84 -10.04 53.45
CA CYS O 75 25.84 -9.17 54.08
C CYS O 75 25.16 -8.30 55.11
N ASN O 76 25.68 -8.32 56.34
CA ASN O 76 25.07 -7.60 57.45
C ASN O 76 25.98 -6.54 58.06
N ASN O 77 27.19 -6.37 57.53
CA ASN O 77 28.07 -5.27 58.03
C ASN O 77 28.53 -4.38 56.87
N ALA O 78 28.79 -3.10 57.14
CA ALA O 78 29.24 -2.15 56.09
C ALA O 78 30.72 -2.33 55.83
N GLY O 79 31.54 -2.39 56.89
CA GLY O 79 33.00 -2.52 56.74
C GLY O 79 33.39 -3.29 55.49
N TYR O 80 32.89 -4.52 55.35
CA TYR O 80 33.25 -5.38 54.19
C TYR O 80 33.15 -4.61 52.88
N VAL O 81 32.05 -3.88 52.65
CA VAL O 81 31.83 -3.15 51.37
C VAL O 81 32.99 -2.18 51.14
N LEU O 82 33.40 -1.45 52.19
CA LEU O 82 34.46 -0.42 52.04
C LEU O 82 35.79 -1.08 51.62
N ARG O 83 36.13 -2.22 52.22
CA ARG O 83 37.37 -2.93 51.82
C ARG O 83 37.31 -3.30 50.34
N GLU O 84 36.18 -3.85 49.88
CA GLU O 84 36.06 -4.29 48.47
C GLU O 84 36.28 -3.10 47.52
N ILE O 85 35.92 -1.89 47.94
CA ILE O 85 36.09 -0.69 47.08
C ILE O 85 37.59 -0.43 46.91
N GLU O 86 38.35 -0.54 47.99
CA GLU O 86 39.82 -0.27 47.94
C GLU O 86 40.47 -1.30 47.01
N HIS O 87 40.03 -2.57 47.07
CA HIS O 87 40.57 -3.56 46.14
C HIS O 87 40.32 -3.14 44.70
N CYS O 88 39.09 -2.73 44.39
CA CYS O 88 38.78 -2.33 43.02
C CYS O 88 39.59 -1.10 42.60
N LYS O 89 39.75 -0.14 43.51
CA LYS O 89 40.54 1.05 43.18
C LYS O 89 41.99 0.68 42.89
N ASN O 90 42.55 -0.24 43.66
CA ASN O 90 43.92 -0.67 43.40
C ASN O 90 44.02 -1.40 42.06
N ALA O 91 43.02 -2.23 41.73
CA ALA O 91 43.09 -3.04 40.52
C ALA O 91 43.14 -2.17 39.26
N TYR O 92 42.11 -1.35 39.05
CA TYR O 92 42.03 -0.49 37.86
C TYR O 92 42.02 0.97 38.27
N PRO O 93 43.15 1.68 38.14
CA PRO O 93 43.20 3.08 38.59
C PRO O 93 42.81 4.10 37.53
N GLY O 94 42.28 3.69 36.39
CA GLY O 94 41.89 4.64 35.37
C GLY O 94 40.44 4.51 34.92
N CYS O 95 39.53 4.22 35.85
CA CYS O 95 38.14 3.98 35.51
C CYS O 95 37.24 4.58 36.59
N PHE O 96 35.98 4.76 36.24
CA PHE O 96 34.95 5.17 37.19
C PHE O 96 34.48 3.96 37.99
N ILE O 97 33.93 4.24 39.18
CA ILE O 97 33.42 3.19 40.06
C ILE O 97 32.08 3.63 40.61
N ARG O 98 31.11 2.71 40.62
CA ARG O 98 29.75 3.00 41.04
C ARG O 98 29.29 1.98 42.07
N VAL O 99 28.33 2.37 42.91
CA VAL O 99 27.76 1.52 43.94
C VAL O 99 26.26 1.44 43.72
N LEU O 100 25.71 0.22 43.72
CA LEU O 100 24.31 -0.02 43.43
C LEU O 100 23.63 -0.70 44.60
N GLY O 101 22.31 -0.92 44.45
CA GLY O 101 21.52 -1.64 45.47
C GLY O 101 20.41 -2.38 44.74
N PHE O 102 19.76 -3.37 45.37
CA PHE O 102 18.76 -4.19 44.63
C PHE O 102 17.56 -4.56 45.51
N ASP O 103 16.34 -4.45 44.97
CA ASP O 103 15.12 -4.88 45.71
C ASP O 103 14.56 -6.10 44.99
N ASN O 104 14.69 -7.27 45.61
CA ASN O 104 14.24 -8.54 44.95
C ASN O 104 12.72 -8.70 44.95
N ILE O 105 11.99 -7.84 45.67
CA ILE O 105 10.51 -8.03 45.79
C ILE O 105 9.80 -7.30 44.65
N ARG O 106 10.36 -6.19 44.17
CA ARG O 106 9.76 -5.44 43.03
C ARG O 106 10.66 -5.56 41.80
N GLN O 107 11.86 -6.11 41.97
CA GLN O 107 12.79 -6.27 40.85
C GLN O 107 13.15 -4.92 40.23
N VAL O 108 13.86 -4.11 41.01
CA VAL O 108 14.30 -2.76 40.53
C VAL O 108 15.48 -2.31 41.39
N GLN O 109 16.36 -1.48 40.85
CA GLN O 109 17.47 -0.91 41.67
C GLN O 109 16.89 0.14 42.62
N CYS O 110 17.69 0.62 43.58
CA CYS O 110 17.15 1.57 44.60
C CYS O 110 18.02 2.83 44.71
N CYS O 111 19.33 2.74 44.44
CA CYS O 111 20.20 3.89 44.50
C CYS O 111 21.44 3.62 43.66
N ALA O 112 22.19 4.70 43.38
CA ALA O 112 23.43 4.62 42.61
C ALA O 112 24.16 5.94 42.74
N PHE O 113 25.47 5.87 42.95
CA PHE O 113 26.29 7.08 43.01
C PHE O 113 27.74 6.72 42.73
N ILE O 114 28.54 7.74 42.39
CA ILE O 114 29.94 7.58 42.00
C ILE O 114 30.83 7.79 43.21
N VAL O 115 31.91 7.04 43.30
CA VAL O 115 32.84 7.14 44.42
C VAL O 115 34.29 7.34 43.98
N HIS O 116 34.60 7.25 42.70
CA HIS O 116 35.97 7.45 42.25
C HIS O 116 35.97 7.98 40.82
N LYS O 117 36.88 8.90 40.54
CA LYS O 117 37.04 9.49 39.22
C LYS O 117 38.51 9.43 38.81
N PRO O 118 38.78 9.30 37.51
CA PRO O 118 40.16 9.23 37.01
C PRO O 118 40.96 10.49 37.29
N MET P 1 43.16 38.93 -15.26
CA MET P 1 42.14 38.55 -14.25
C MET P 1 42.83 37.99 -13.01
N GLN P 2 42.15 38.02 -11.86
CA GLN P 2 42.71 37.42 -10.62
C GLN P 2 41.81 36.24 -10.21
N VAL P 3 42.25 35.42 -9.25
CA VAL P 3 41.48 34.22 -8.84
C VAL P 3 41.09 34.32 -7.37
N TRP P 4 39.81 34.12 -7.06
CA TRP P 4 39.33 34.15 -5.64
C TRP P 4 39.93 32.96 -4.89
N ASN P 5 40.51 33.20 -3.71
CA ASN P 5 41.19 32.13 -2.98
C ASN P 5 40.18 31.18 -2.34
N PRO P 6 40.26 29.87 -2.60
CA PRO P 6 39.27 28.94 -2.06
C PRO P 6 39.69 28.24 -0.77
N ILE P 7 40.94 28.45 -0.34
CA ILE P 7 41.47 27.71 0.85
C ILE P 7 41.35 28.57 2.11
N ASP P 8 40.87 27.98 3.22
CA ASP P 8 40.75 28.71 4.51
C ASP P 8 40.23 30.13 4.30
N ASN P 9 38.94 30.27 3.99
CA ASN P 9 38.35 31.61 3.76
C ASN P 9 36.90 31.63 4.25
N PRO P 10 36.65 31.58 5.57
CA PRO P 10 35.28 31.55 6.11
C PRO P 10 34.61 32.93 6.14
N LYS P 11 33.28 32.97 6.09
CA LYS P 11 32.54 34.26 6.14
C LYS P 11 31.53 34.20 7.29
N PHE P 12 31.10 35.36 7.81
CA PHE P 12 30.23 35.36 9.02
C PHE P 12 28.94 36.13 8.76
N GLU P 13 28.34 35.97 7.57
CA GLU P 13 27.04 36.62 7.25
C GLU P 13 27.18 38.13 7.04
N THR P 14 26.16 38.91 7.42
CA THR P 14 26.13 40.38 7.17
C THR P 14 27.42 41.09 7.58
N LEU P 15 27.86 42.08 6.78
CA LEU P 15 29.06 42.89 7.11
C LEU P 15 30.29 42.00 7.32
N SER P 16 30.55 41.08 6.40
CA SER P 16 31.77 40.22 6.50
C SER P 16 32.57 40.39 5.20
N TYR P 17 32.07 41.21 4.28
CA TYR P 17 32.76 41.44 2.99
C TYR P 17 33.34 42.85 2.96
N LEU P 18 32.88 43.73 3.86
CA LEU P 18 33.40 45.12 3.92
C LEU P 18 34.68 45.13 4.77
N PRO P 19 35.54 46.17 4.66
CA PRO P 19 36.76 46.26 5.47
C PRO P 19 36.46 46.13 6.97
N PRO P 20 37.42 45.69 7.82
CA PRO P 20 37.17 45.48 9.25
C PRO P 20 36.44 46.66 9.92
N LEU P 21 35.63 46.39 10.93
CA LEU P 21 34.81 47.47 11.58
C LEU P 21 35.63 48.12 12.69
N THR P 22 35.41 49.42 12.94
CA THR P 22 36.11 50.14 14.04
C THR P 22 35.13 50.41 15.18
N ASP P 23 35.63 50.91 16.31
CA ASP P 23 34.76 51.16 17.50
C ASP P 23 33.71 52.22 17.17
N ASN P 24 34.10 53.26 16.42
CA ASN P 24 33.13 54.31 16.01
C ASN P 24 31.98 53.63 15.23
N GLN P 25 32.31 52.89 14.18
CA GLN P 25 31.27 52.18 13.39
C GLN P 25 30.38 51.38 14.32
N ILE P 26 30.98 50.57 15.21
CA ILE P 26 30.18 49.72 16.13
C ILE P 26 29.24 50.59 16.95
N ALA P 27 29.75 51.69 17.51
CA ALA P 27 28.93 52.57 18.37
C ALA P 27 28.08 53.51 17.52
N ARG P 28 27.62 53.05 16.36
CA ARG P 28 26.74 53.89 15.48
C ARG P 28 25.56 53.02 15.07
N GLU P 29 25.78 51.72 14.87
CA GLU P 29 24.65 50.80 14.55
C GLU P 29 23.82 50.63 15.83
N ILE P 30 24.48 50.62 16.99
CA ILE P 30 23.75 50.49 18.28
C ILE P 30 22.79 51.67 18.42
N ASP P 31 23.15 52.83 17.87
CA ASP P 31 22.29 54.05 18.00
C ASP P 31 21.13 53.95 17.01
N TYR P 32 21.37 53.40 15.82
CA TYR P 32 20.28 53.19 14.83
C TYR P 32 19.20 52.30 15.46
N MET P 33 19.62 51.17 16.03
CA MET P 33 18.66 50.23 16.68
C MET P 33 17.86 50.95 17.76
N LEU P 34 18.54 51.74 18.61
CA LEU P 34 17.85 52.43 19.72
C LEU P 34 16.82 53.42 19.17
N ARG P 35 17.19 54.20 18.15
CA ARG P 35 16.28 55.24 17.60
C ARG P 35 15.03 54.59 16.98
N ASN P 36 15.12 53.31 16.60
CA ASN P 36 13.95 52.58 16.04
C ASN P 36 13.19 51.89 17.18
N LYS P 37 13.77 51.87 18.38
CA LYS P 37 13.12 51.25 19.57
C LYS P 37 13.20 49.72 19.48
N TRP P 38 14.40 49.15 19.66
CA TRP P 38 14.56 47.67 19.66
C TRP P 38 15.33 47.23 20.91
N ILE P 39 15.14 45.99 21.36
CA ILE P 39 15.79 45.51 22.62
C ILE P 39 17.13 44.83 22.29
N PRO P 40 18.25 45.25 22.89
CA PRO P 40 19.57 44.64 22.64
C PRO P 40 19.83 43.35 23.43
N CYS P 41 20.80 42.54 22.99
CA CYS P 41 21.13 41.25 23.66
C CYS P 41 22.47 40.72 23.14
N LEU P 42 23.13 39.84 23.89
CA LEU P 42 24.47 39.31 23.50
C LEU P 42 24.47 37.78 23.51
N GLU P 43 25.35 37.14 22.73
CA GLU P 43 25.42 35.65 22.66
C GLU P 43 26.87 35.20 22.42
N PHE P 44 27.26 34.03 22.92
CA PHE P 44 28.64 33.51 22.75
C PHE P 44 28.61 32.02 22.40
N ASP P 45 29.65 31.53 21.71
CA ASP P 45 29.73 30.10 21.31
C ASP P 45 31.15 29.76 20.87
N PRO P 46 31.69 28.56 21.19
CA PRO P 46 33.07 28.20 20.84
C PRO P 46 33.27 27.62 19.43
N SER P 47 32.23 27.57 18.59
CA SER P 47 32.40 26.95 17.28
C SER P 47 31.32 27.44 16.33
N GLY P 48 31.55 27.24 15.04
CA GLY P 48 30.62 27.69 14.02
C GLY P 48 30.35 26.68 12.92
N THR P 49 30.32 25.40 13.26
CA THR P 49 30.10 24.36 12.26
C THR P 49 28.61 24.15 12.04
N ILE P 50 28.27 23.70 10.82
CA ILE P 50 26.89 23.46 10.41
C ILE P 50 26.74 22.00 10.02
N THR P 51 25.69 21.36 10.52
CA THR P 51 25.45 19.94 10.30
C THR P 51 24.03 19.74 9.78
N THR P 52 23.87 18.77 8.89
CA THR P 52 22.59 18.47 8.25
C THR P 52 22.15 17.07 8.64
N LEU P 53 20.98 16.66 8.13
CA LEU P 53 20.39 15.35 8.36
C LEU P 53 20.10 14.68 7.03
N PRO P 54 20.00 13.34 7.00
CA PRO P 54 19.82 12.62 5.74
C PRO P 54 18.66 13.12 4.88
N GLY P 55 17.43 13.04 5.40
CA GLY P 55 16.28 13.31 4.56
C GLY P 55 15.22 14.21 5.18
N GLN P 56 15.65 15.20 5.97
CA GLN P 56 14.72 16.14 6.59
C GLN P 56 14.93 17.54 6.03
N PRO P 57 14.08 18.01 5.12
CA PRO P 57 14.23 19.38 4.62
C PRO P 57 14.04 20.40 5.74
N GLY P 58 14.85 21.46 5.68
CA GLY P 58 14.71 22.56 6.62
C GLY P 58 15.21 22.31 8.02
N TYR P 59 16.12 21.35 8.20
CA TYR P 59 16.73 21.09 9.50
C TYR P 59 18.23 21.26 9.39
N TYR P 60 18.80 22.09 10.27
CA TYR P 60 20.23 22.29 10.34
C TYR P 60 20.66 22.36 11.80
N GLY P 61 21.89 21.98 12.07
CA GLY P 61 22.46 22.01 13.41
C GLY P 61 23.49 23.12 13.54
N GLY P 62 23.50 23.76 14.70
CA GLY P 62 24.45 24.82 14.95
C GLY P 62 23.86 26.21 14.76
N ARG P 63 22.58 26.39 15.12
CA ARG P 63 21.92 27.70 14.88
C ARG P 63 21.71 28.43 16.22
N TYR P 64 21.69 27.69 17.34
CA TYR P 64 21.45 28.30 18.67
C TYR P 64 22.79 28.58 19.36
N TRP P 65 22.86 29.67 20.15
CA TRP P 65 24.09 29.98 20.93
C TRP P 65 23.73 30.00 22.42
N THR P 66 24.55 30.64 23.26
CA THR P 66 24.23 30.76 24.71
C THR P 66 24.03 32.24 25.07
N MET P 67 22.97 32.57 25.81
CA MET P 67 22.67 33.98 26.17
C MET P 67 23.59 34.45 27.30
N TRP P 68 24.00 35.73 27.27
CA TRP P 68 24.91 36.29 28.30
C TRP P 68 24.17 36.41 29.62
N LYS P 69 23.24 37.36 29.72
CA LYS P 69 22.42 37.51 30.96
C LYS P 69 20.93 37.49 30.56
N LEU P 70 20.34 38.66 30.34
CA LEU P 70 18.92 38.75 29.88
C LEU P 70 18.79 39.93 28.91
N PRO P 71 17.78 39.96 28.01
CA PRO P 71 17.58 41.10 27.11
C PRO P 71 17.53 42.43 27.88
N MET P 72 18.23 43.46 27.41
CA MET P 72 18.29 44.75 28.14
C MET P 72 17.03 45.58 27.86
N PHE P 73 15.94 45.30 28.59
CA PHE P 73 14.68 46.05 28.42
C PHE P 73 14.82 47.44 29.05
N GLY P 74 14.23 48.46 28.42
CA GLY P 74 14.26 49.83 28.99
C GLY P 74 15.63 50.48 28.95
N CYS P 75 16.46 50.14 27.95
CA CYS P 75 17.81 50.77 27.81
C CYS P 75 17.67 51.99 26.89
N ASN P 76 18.44 53.05 27.14
CA ASN P 76 18.28 54.29 26.34
C ASN P 76 19.64 54.94 26.07
N ASN P 77 20.74 54.27 26.45
CA ASN P 77 22.10 54.81 26.15
C ASN P 77 22.99 53.69 25.61
N ALA P 78 23.87 54.01 24.66
CA ALA P 78 24.76 52.99 24.06
C ALA P 78 25.88 52.64 25.04
N GLY P 79 26.45 53.63 25.73
CA GLY P 79 27.57 53.38 26.65
C GLY P 79 27.40 52.09 27.43
N TYR P 80 26.22 51.88 28.03
CA TYR P 80 25.99 50.68 28.87
C TYR P 80 26.30 49.40 28.07
N VAL P 81 25.83 49.32 26.82
CA VAL P 81 26.02 48.10 25.99
C VAL P 81 27.52 47.83 25.83
N LEU P 82 28.31 48.88 25.63
CA LEU P 82 29.77 48.70 25.37
C LEU P 82 30.46 48.06 26.57
N ARG P 83 30.13 48.51 27.78
CA ARG P 83 30.75 47.94 29.01
C ARG P 83 30.48 46.44 29.09
N GLU P 84 29.23 46.03 28.87
CA GLU P 84 28.86 44.59 28.97
C GLU P 84 29.73 43.74 28.03
N ILE P 85 30.09 44.28 26.86
CA ILE P 85 30.88 43.50 25.86
C ILE P 85 32.24 43.17 26.47
N GLU P 86 32.86 44.13 27.16
CA GLU P 86 34.21 43.93 27.74
C GLU P 86 34.15 42.83 28.80
N HIS P 87 33.15 42.88 29.68
CA HIS P 87 32.97 41.83 30.72
C HIS P 87 33.03 40.45 30.08
N CYS P 88 32.22 40.22 29.03
CA CYS P 88 32.16 38.90 28.37
C CYS P 88 33.54 38.54 27.80
N LYS P 89 34.16 39.46 27.06
CA LYS P 89 35.45 39.17 26.40
C LYS P 89 36.45 38.62 27.42
N ASN P 90 36.48 39.19 28.63
CA ASN P 90 37.47 38.76 29.65
C ASN P 90 37.10 37.38 30.18
N ALA P 91 35.84 37.19 30.58
CA ALA P 91 35.39 35.90 31.14
C ALA P 91 35.65 34.75 30.15
N TYR P 92 35.29 34.96 28.88
CA TYR P 92 35.46 33.89 27.85
C TYR P 92 36.34 34.42 26.72
N PRO P 93 37.68 34.34 26.85
CA PRO P 93 38.58 34.89 25.83
C PRO P 93 38.90 33.89 24.72
N GLY P 94 38.03 32.89 24.52
CA GLY P 94 38.24 31.88 23.46
C GLY P 94 36.97 31.55 22.72
N CYS P 95 36.03 32.51 22.60
CA CYS P 95 34.74 32.24 21.94
C CYS P 95 34.39 33.39 20.99
N PHE P 96 33.29 33.27 20.25
CA PHE P 96 32.84 34.37 19.36
C PHE P 96 31.74 35.14 20.09
N ILE P 97 31.62 36.45 19.81
CA ILE P 97 30.60 37.29 20.49
C ILE P 97 29.72 37.95 19.42
N ARG P 98 28.40 37.88 19.57
CA ARG P 98 27.48 38.44 18.54
C ARG P 98 26.48 39.40 19.18
N VAL P 99 26.14 40.49 18.49
CA VAL P 99 25.15 41.49 19.01
C VAL P 99 23.85 41.34 18.23
N LEU P 100 22.69 41.34 18.90
CA LEU P 100 21.39 41.12 18.22
C LEU P 100 20.36 42.15 18.68
N GLY P 101 19.27 42.31 17.92
CA GLY P 101 18.18 43.24 18.31
C GLY P 101 16.84 42.52 18.23
N PHE P 102 15.76 43.15 18.71
CA PHE P 102 14.45 42.44 18.74
C PHE P 102 13.28 43.39 18.48
N ASP P 103 12.33 42.97 17.63
CA ASP P 103 11.10 43.77 17.38
C ASP P 103 9.92 43.02 17.99
N ASN P 104 9.38 43.53 19.09
CA ASN P 104 8.27 42.83 19.82
C ASN P 104 6.93 42.95 19.09
N ILE P 105 6.84 43.79 18.05
CA ILE P 105 5.52 44.03 17.38
C ILE P 105 5.32 42.99 16.26
N ARG P 106 6.40 42.56 15.60
CA ARG P 106 6.29 41.53 14.53
C ARG P 106 6.92 40.22 15.01
N GLN P 107 7.60 40.23 16.16
CA GLN P 107 8.24 39.04 16.69
C GLN P 107 9.29 38.48 15.72
N VAL P 108 10.36 39.26 15.53
CA VAL P 108 11.45 38.84 14.63
C VAL P 108 12.70 39.63 15.01
N GLN P 109 13.90 39.08 14.78
CA GLN P 109 15.15 39.85 15.03
C GLN P 109 15.30 40.91 13.94
N CYS P 110 16.27 41.82 14.08
CA CYS P 110 16.40 42.95 13.12
C CYS P 110 17.82 43.08 12.58
N CYS P 111 18.80 42.68 13.39
CA CYS P 111 20.23 42.79 12.99
C CYS P 111 21.03 41.71 13.72
N ALA P 112 22.29 41.52 13.33
CA ALA P 112 23.17 40.53 13.98
C ALA P 112 24.58 40.65 13.39
N PHE P 113 25.59 40.82 14.24
CA PHE P 113 26.98 41.00 13.72
C PHE P 113 27.99 40.54 14.78
N ILE P 114 29.13 39.98 14.32
CA ILE P 114 30.19 39.49 15.25
C ILE P 114 31.02 40.70 15.69
N VAL P 115 31.62 40.63 16.88
CA VAL P 115 32.40 41.77 17.43
C VAL P 115 33.69 41.23 18.05
N HIS P 116 33.86 39.90 18.07
CA HIS P 116 35.06 39.32 18.72
C HIS P 116 35.39 37.95 18.13
N LYS P 117 36.65 37.72 17.75
CA LYS P 117 37.08 36.43 17.22
C LYS P 117 38.24 35.90 18.05
N PRO P 118 38.36 34.57 18.18
CA PRO P 118 39.43 33.96 18.96
C PRO P 118 40.82 34.26 18.40
#